data_9C87
#
_entry.id   9C87
#
_cell.length_a   1.00
_cell.length_b   1.00
_cell.length_c   1.00
_cell.angle_alpha   90.00
_cell.angle_beta   90.00
_cell.angle_gamma   90.00
#
_symmetry.space_group_name_H-M   'P 1'
#
loop_
_entity.id
_entity.type
_entity.pdbx_description
1 polymer 'ATP-dependent Clp protease ATP-binding subunit ClpX'
2 polymer 'Dihydrofolate reductase'
3 polymer 'ATP-dependent Clp protease proteolytic subunit'
4 non-polymer "ADENOSINE-5'-TRIPHOSPHATE"
5 non-polymer 'MAGNESIUM ION'
6 non-polymer "ADENOSINE-5'-DIPHOSPHATE"
7 non-polymer METHOTREXATE
#
loop_
_entity_poly.entity_id
_entity_poly.type
_entity_poly.pdbx_seq_one_letter_code
_entity_poly.pdbx_strand_id
1 'polypeptide(L)'
;MGSSHHHHHHDYDIPTTENLYFQGSSALPTPHEIRNHLDDYVIGQEQAKKVLAVAVYNHYKRLRNGDTSNGVELGKSNIL
LIGPTGSGKTLLAETLARLLDVPFTMADATTLTEAGYVGEDVENIIQKLLQKSDYDVQKAQRGIVYIDEIDKISRKSDNP
SITRDVSGEGVQQALLKLIEGTVAAVPPQGGRKHPQQEFLQVDTSKILFICGGAFAGLDKVISHRVETGSGIGFGATVKA
KSDKASEGELLAQVEPEDLIKFGLIPEFIGRLPVVATLNELSEEALIQILKEPKNALTKQYQALFNLEGVDLEFRDEALD
AIAKKAMARKTGARGLRSIVEAALLDTMYDLPSMEDVEKVVIDESVIDGQSEPLLIYGKPEAQQASGEG
;
A,B,C,D,E,F
2 'polypeptide(L)'
;MHHHHHHENLYFQGISLIAALAVDRVIGMENAMPWNLPADLAWFKRNTLDKPVIMGRHTWESIGRPLPGRKNIILSSQPG
TDDRVTWVKSVDEAIAACGDVPEIMVIGGGRVYEQFLPKAQKLYLTHIDAEVEGDTHFPDYEPDDWESVFSEFHDADAQN
SHSYCFEILERRGSHLGLIEVEKPLYCGSGSWSHPQFEKAANDENYALAA
;
S
3 'polypeptide(L)'
;LVPMVIEQTSRGERSFDIYSRLLKERVIFLTGQVEDHMANLIVAQMLFLEAENPEKDIYLYINSPGGVITAGMSIYDTMQ
FIKPDVSTICMGQAASMGAFLLTAGAKGKRFCLPNSRVMIHQPLGGYQGQATDIEIHAREILKVKGRMNELMALHTGQSL
EQIERDTERDRFLSAPEAVEYGLVDSILTHRNENLYFQSLEHHHHHH
;
h,i,j,k,l,m,n,p,q,r,s,t,u,v
#
loop_
_chem_comp.id
_chem_comp.type
_chem_comp.name
_chem_comp.formula
ADP non-polymer ADENOSINE-5'-DIPHOSPHATE 'C10 H15 N5 O10 P2'
ATP non-polymer ADENOSINE-5'-TRIPHOSPHATE 'C10 H16 N5 O13 P3'
MG non-polymer 'MAGNESIUM ION' 'Mg 2'
MTX non-polymer METHOTREXATE 'C20 H22 N8 O5'
#
# COMPACT_ATOMS: atom_id res chain seq x y z
N SER A 26 45.19 -66.27 17.72
CA SER A 26 44.77 -65.05 17.04
C SER A 26 43.61 -64.40 17.76
N ALA A 27 43.33 -63.13 17.43
CA ALA A 27 42.26 -62.35 18.03
C ALA A 27 42.36 -62.35 19.56
N LEU A 28 43.59 -62.29 20.06
CA LEU A 28 43.82 -62.28 21.50
C LEU A 28 43.12 -61.12 22.21
N PRO A 29 43.16 -59.88 21.72
CA PRO A 29 42.47 -58.80 22.44
C PRO A 29 40.97 -58.78 22.13
N THR A 30 40.18 -58.55 23.16
CA THR A 30 38.73 -58.50 23.08
C THR A 30 38.26 -57.04 23.06
N PRO A 31 37.00 -56.78 22.70
CA PRO A 31 36.53 -55.39 22.69
C PRO A 31 36.59 -54.73 24.05
N HIS A 32 36.18 -55.44 25.10
CA HIS A 32 36.24 -54.88 26.46
C HIS A 32 37.66 -54.50 26.84
N GLU A 33 38.63 -55.38 26.52
CA GLU A 33 40.03 -55.12 26.85
C GLU A 33 40.51 -53.81 26.23
N ILE A 34 40.32 -53.64 24.92
CA ILE A 34 40.76 -52.42 24.26
C ILE A 34 39.97 -51.22 24.77
N ARG A 35 38.70 -51.40 25.13
CA ARG A 35 37.91 -50.31 25.65
C ARG A 35 38.51 -49.74 26.93
N ASN A 36 39.12 -50.61 27.76
CA ASN A 36 39.76 -50.12 28.97
C ASN A 36 40.99 -49.29 28.64
N HIS A 37 41.61 -49.53 27.48
CA HIS A 37 42.77 -48.76 27.08
C HIS A 37 42.35 -47.44 26.44
N LEU A 38 41.21 -47.43 25.74
CA LEU A 38 40.72 -46.20 25.12
C LEU A 38 40.14 -45.26 26.17
N ASP A 39 39.63 -45.80 27.27
CA ASP A 39 39.07 -44.96 28.32
C ASP A 39 40.15 -44.25 29.12
N ASP A 40 41.39 -44.74 29.07
CA ASP A 40 42.50 -44.09 29.77
C ASP A 40 42.81 -42.73 29.17
N TYR A 41 42.51 -42.53 27.88
CA TYR A 41 42.79 -41.29 27.17
C TYR A 41 41.54 -40.48 26.84
N VAL A 42 40.42 -41.13 26.54
CA VAL A 42 39.18 -40.45 26.19
C VAL A 42 38.13 -40.74 27.26
N ILE A 43 37.40 -39.70 27.65
CA ILE A 43 36.34 -39.79 28.66
C ILE A 43 35.01 -39.57 27.95
N GLY A 44 34.23 -40.64 27.79
CA GLY A 44 32.94 -40.56 27.14
C GLY A 44 32.94 -41.19 25.77
N GLN A 45 32.02 -40.75 24.91
CA GLN A 45 31.84 -41.27 23.56
C GLN A 45 31.82 -42.80 23.58
N GLU A 46 30.83 -43.33 24.29
CA GLU A 46 30.70 -44.78 24.43
C GLU A 46 30.36 -45.43 23.10
N GLN A 47 29.39 -44.85 22.37
CA GLN A 47 29.02 -45.41 21.07
C GLN A 47 30.21 -45.44 20.12
N ALA A 48 30.96 -44.34 20.07
CA ALA A 48 32.16 -44.29 19.22
C ALA A 48 33.16 -45.36 19.62
N LYS A 49 33.40 -45.51 20.92
CA LYS A 49 34.34 -46.51 21.40
C LYS A 49 33.90 -47.92 21.02
N LYS A 50 32.62 -48.22 21.21
CA LYS A 50 32.10 -49.54 20.88
C LYS A 50 32.19 -49.81 19.38
N VAL A 51 31.74 -48.85 18.56
CA VAL A 51 31.82 -48.99 17.11
C VAL A 51 33.26 -49.27 16.68
N LEU A 52 34.19 -48.45 17.16
CA LEU A 52 35.60 -48.66 16.84
C LEU A 52 36.10 -50.00 17.38
N ALA A 53 35.51 -50.48 18.48
CA ALA A 53 35.95 -51.74 19.07
C ALA A 53 35.50 -52.93 18.24
N VAL A 54 34.19 -52.99 17.94
CA VAL A 54 33.66 -54.11 17.15
C VAL A 54 34.31 -54.16 15.78
N ALA A 55 34.45 -53.01 15.12
CA ALA A 55 35.07 -53.00 13.79
C ALA A 55 36.53 -53.45 13.88
N VAL A 56 37.24 -53.02 14.92
CA VAL A 56 38.62 -53.46 15.11
C VAL A 56 38.66 -54.97 15.28
N TYR A 57 37.74 -55.50 16.09
CA TYR A 57 37.70 -56.95 16.30
C TYR A 57 37.28 -57.68 15.03
N ASN A 58 36.40 -57.06 14.24
CA ASN A 58 36.00 -57.66 12.96
C ASN A 58 37.21 -57.90 12.09
N HIS A 59 38.08 -56.88 11.95
CA HIS A 59 39.29 -57.03 11.16
C HIS A 59 40.16 -58.16 11.71
N TYR A 60 40.25 -58.28 13.04
CA TYR A 60 41.01 -59.37 13.63
C TYR A 60 40.39 -60.71 13.30
N LYS A 61 39.06 -60.80 13.38
CA LYS A 61 38.39 -62.04 13.03
C LYS A 61 38.58 -62.35 11.55
N ARG A 62 38.57 -61.30 10.71
CA ARG A 62 38.82 -61.49 9.29
C ARG A 62 40.24 -61.97 9.05
N LEU A 63 41.18 -61.45 9.83
CA LEU A 63 42.59 -61.81 9.72
C LEU A 63 42.81 -63.31 9.91
N ARG A 64 41.95 -63.97 10.69
CA ARG A 64 42.11 -65.41 10.95
C ARG A 64 42.20 -66.21 9.66
N ASN A 65 41.37 -65.88 8.65
CA ASN A 65 41.42 -66.53 7.34
C ASN A 65 41.54 -65.49 6.24
N GLY A 66 42.25 -64.40 6.53
CA GLY A 66 42.53 -63.31 5.62
C GLY A 66 41.39 -62.34 5.41
N ASP A 67 40.33 -62.76 4.71
CA ASP A 67 39.16 -61.92 4.47
C ASP A 67 37.87 -62.71 4.67
N THR A 68 37.80 -63.53 5.73
CA THR A 68 36.65 -64.40 6.01
C THR A 68 36.16 -65.07 4.72
N SER A 69 37.10 -65.77 4.08
CA SER A 69 36.81 -66.39 2.79
C SER A 69 35.87 -67.59 2.91
N ASN A 70 35.79 -68.21 4.09
CA ASN A 70 34.85 -69.32 4.31
C ASN A 70 33.45 -68.94 3.84
N GLY A 71 32.94 -69.68 2.87
CA GLY A 71 31.64 -69.42 2.26
C GLY A 71 31.32 -67.97 2.01
N VAL A 72 30.19 -67.51 2.54
CA VAL A 72 29.75 -66.11 2.43
C VAL A 72 30.89 -65.17 2.76
N GLU A 73 31.13 -64.20 1.88
CA GLU A 73 32.19 -63.22 2.07
C GLU A 73 31.65 -62.00 2.81
N LEU A 74 32.34 -61.62 3.88
CA LEU A 74 31.93 -60.47 4.68
C LEU A 74 32.20 -59.15 3.97
N GLY A 75 31.34 -58.16 4.25
CA GLY A 75 31.52 -56.84 3.73
C GLY A 75 32.52 -56.07 4.58
N LYS A 76 32.87 -54.86 4.15
CA LYS A 76 33.80 -54.07 4.93
C LYS A 76 33.09 -53.43 6.11
N SER A 77 33.88 -52.88 7.03
CA SER A 77 33.40 -52.20 8.23
C SER A 77 33.85 -50.74 8.25
N ASN A 78 33.81 -50.07 7.11
CA ASN A 78 34.22 -48.67 7.03
C ASN A 78 33.37 -47.81 7.96
N ILE A 79 34.04 -47.06 8.84
CA ILE A 79 33.39 -46.20 9.82
C ILE A 79 33.41 -44.75 9.33
N LEU A 80 32.41 -43.98 9.81
CA LEU A 80 32.28 -42.56 9.48
C LEU A 80 32.16 -41.83 10.82
N LEU A 81 33.27 -41.26 11.27
CA LEU A 81 33.30 -40.54 12.54
C LEU A 81 32.80 -39.11 12.35
N ILE A 82 31.70 -38.79 13.00
CA ILE A 82 31.10 -37.45 12.96
C ILE A 82 31.06 -36.93 14.39
N GLY A 83 31.90 -35.95 14.70
CA GLY A 83 31.97 -35.38 16.02
C GLY A 83 32.33 -33.91 15.99
N PRO A 84 31.87 -33.11 17.00
CA PRO A 84 32.22 -31.69 17.00
C PRO A 84 33.70 -31.47 17.27
N THR A 85 34.14 -30.21 17.19
CA THR A 85 35.54 -29.90 17.41
C THR A 85 35.91 -30.12 18.88
N GLY A 86 37.09 -30.70 19.10
CA GLY A 86 37.55 -30.97 20.45
C GLY A 86 36.83 -32.11 21.12
N SER A 87 36.20 -32.99 20.35
CA SER A 87 35.48 -34.12 20.92
C SER A 87 36.38 -35.31 21.21
N GLY A 88 37.42 -35.51 20.40
CA GLY A 88 38.36 -36.60 20.57
C GLY A 88 38.52 -37.48 19.34
N LYS A 89 38.06 -36.99 18.18
CA LYS A 89 38.15 -37.76 16.95
C LYS A 89 39.58 -38.15 16.64
N THR A 90 40.47 -37.16 16.46
CA THR A 90 41.85 -37.46 16.14
C THR A 90 42.56 -38.14 17.32
N LEU A 91 42.20 -37.74 18.55
CA LEU A 91 42.80 -38.35 19.73
C LEU A 91 42.63 -39.87 19.73
N LEU A 92 41.45 -40.34 19.33
CA LEU A 92 41.19 -41.78 19.29
C LEU A 92 42.18 -42.50 18.39
N ALA A 93 42.52 -41.91 17.25
CA ALA A 93 43.44 -42.55 16.32
C ALA A 93 44.84 -42.70 16.93
N GLU A 94 45.33 -41.67 17.62
CA GLU A 94 46.67 -41.74 18.20
C GLU A 94 46.74 -42.77 19.32
N THR A 95 45.79 -42.74 20.25
CA THR A 95 45.82 -43.69 21.36
C THR A 95 45.61 -45.12 20.87
N LEU A 96 44.79 -45.30 19.83
CA LEU A 96 44.54 -46.64 19.30
C LEU A 96 45.80 -47.23 18.70
N ALA A 97 46.61 -46.41 18.01
CA ALA A 97 47.84 -46.90 17.39
C ALA A 97 48.81 -47.46 18.42
N ARG A 98 48.83 -46.89 19.63
CA ARG A 98 49.75 -47.36 20.66
C ARG A 98 49.51 -48.83 20.99
N LEU A 99 48.24 -49.21 21.15
CA LEU A 99 47.89 -50.60 21.47
C LEU A 99 47.82 -51.50 20.23
N LEU A 100 47.80 -50.92 19.03
CA LEU A 100 47.69 -51.72 17.82
C LEU A 100 49.04 -52.31 17.42
N ASP A 101 48.97 -53.38 16.62
CA ASP A 101 50.13 -54.08 16.09
C ASP A 101 50.22 -53.98 14.57
N VAL A 102 49.10 -53.94 13.88
CA VAL A 102 49.06 -53.83 12.42
C VAL A 102 49.47 -52.40 12.06
N PRO A 103 49.95 -52.15 10.84
CA PRO A 103 50.36 -50.77 10.51
C PRO A 103 49.18 -49.84 10.41
N PHE A 104 49.34 -48.65 10.98
CA PHE A 104 48.31 -47.62 11.01
C PHE A 104 48.92 -46.30 10.55
N THR A 105 48.31 -45.69 9.53
CA THR A 105 48.78 -44.43 8.95
C THR A 105 47.63 -43.43 8.93
N MET A 106 47.91 -42.21 9.38
CA MET A 106 46.92 -41.15 9.43
C MET A 106 47.15 -40.22 8.24
N ALA A 107 46.06 -39.88 7.54
CA ALA A 107 46.10 -39.02 6.37
C ALA A 107 45.00 -37.97 6.48
N ASP A 108 45.28 -36.78 5.94
CA ASP A 108 44.34 -35.67 5.94
C ASP A 108 43.76 -35.52 4.54
N ALA A 109 42.43 -35.46 4.45
CA ALA A 109 41.74 -35.33 3.19
C ALA A 109 41.94 -33.99 2.51
N THR A 110 42.47 -32.98 3.20
CA THR A 110 42.63 -31.66 2.58
C THR A 110 43.90 -31.52 1.76
N THR A 111 44.83 -32.48 1.84
CA THR A 111 46.06 -32.43 1.06
C THR A 111 46.02 -33.34 -0.17
N LEU A 112 44.90 -34.01 -0.43
CA LEU A 112 44.80 -34.91 -1.56
C LEU A 112 44.22 -34.19 -2.77
N THR A 113 44.87 -34.37 -3.92
CA THR A 113 44.43 -33.79 -5.18
C THR A 113 44.29 -34.90 -6.22
N GLU A 114 43.48 -34.63 -7.24
CA GLU A 114 43.30 -35.60 -8.31
C GLU A 114 44.63 -35.91 -8.98
N ALA A 115 44.68 -37.03 -9.69
CA ALA A 115 45.90 -37.44 -10.36
C ALA A 115 46.24 -36.51 -11.51
N GLY A 116 47.53 -36.22 -11.66
CA GLY A 116 48.02 -35.36 -12.71
C GLY A 116 48.42 -33.98 -12.21
N TYR A 117 47.64 -33.44 -11.28
CA TYR A 117 47.91 -32.12 -10.73
C TYR A 117 49.21 -32.13 -9.92
N VAL A 118 49.66 -30.92 -9.56
CA VAL A 118 50.90 -30.77 -8.81
C VAL A 118 50.75 -31.20 -7.35
N GLY A 119 49.52 -31.36 -6.86
CA GLY A 119 49.32 -31.76 -5.49
C GLY A 119 49.48 -33.27 -5.31
N GLU A 120 49.49 -33.67 -4.04
CA GLU A 120 49.62 -35.08 -3.69
C GLU A 120 48.48 -35.89 -4.30
N ASP A 121 48.74 -37.19 -4.46
CA ASP A 121 47.81 -38.14 -5.04
C ASP A 121 47.45 -39.19 -3.98
N VAL A 122 46.20 -39.67 -4.06
CA VAL A 122 45.71 -40.67 -3.10
C VAL A 122 46.60 -41.90 -3.04
N GLU A 123 47.30 -42.21 -4.14
CA GLU A 123 48.20 -43.36 -4.17
C GLU A 123 49.27 -43.30 -3.09
N ASN A 124 49.71 -42.09 -2.71
CA ASN A 124 50.77 -41.98 -1.70
C ASN A 124 50.31 -42.45 -0.33
N ILE A 125 48.99 -42.52 -0.09
CA ILE A 125 48.49 -43.01 1.19
C ILE A 125 49.02 -44.41 1.46
N ILE A 126 48.98 -45.27 0.44
CA ILE A 126 49.49 -46.63 0.59
C ILE A 126 51.00 -46.61 0.83
N GLN A 127 51.71 -45.65 0.23
CA GLN A 127 53.15 -45.57 0.44
C GLN A 127 53.48 -45.33 1.90
N LYS A 128 52.78 -44.39 2.53
CA LYS A 128 52.95 -44.14 3.96
C LYS A 128 52.73 -45.42 4.75
N LEU A 129 51.66 -46.15 4.43
CA LEU A 129 51.35 -47.41 5.10
C LEU A 129 52.49 -48.41 4.95
N LEU A 130 53.12 -48.44 3.77
CA LEU A 130 54.23 -49.38 3.54
C LEU A 130 55.37 -49.13 4.52
N GLN A 131 55.63 -47.86 4.84
CA GLN A 131 56.70 -47.54 5.79
C GLN A 131 56.41 -48.21 7.14
N LYS A 132 55.18 -48.07 7.63
CA LYS A 132 54.80 -48.74 8.86
C LYS A 132 54.87 -50.25 8.71
N SER A 133 54.43 -50.75 7.55
CA SER A 133 54.43 -52.17 7.23
C SER A 133 55.82 -52.71 6.90
N ASP A 134 56.82 -51.84 6.73
CA ASP A 134 58.17 -52.25 6.38
C ASP A 134 58.22 -52.89 4.99
N TYR A 135 57.37 -52.40 4.08
CA TYR A 135 57.29 -52.88 2.69
C TYR A 135 56.78 -54.31 2.58
N ASP A 136 56.11 -54.82 3.63
CA ASP A 136 55.57 -56.17 3.63
C ASP A 136 54.14 -56.12 3.09
N VAL A 137 53.97 -56.58 1.84
CA VAL A 137 52.67 -56.61 1.16
C VAL A 137 51.58 -57.18 2.05
N GLN A 138 51.87 -58.29 2.75
CA GLN A 138 50.88 -58.92 3.61
C GLN A 138 50.44 -57.96 4.71
N LYS A 139 51.39 -57.53 5.55
CA LYS A 139 51.08 -56.58 6.62
C LYS A 139 50.49 -55.30 6.05
N ALA A 140 50.93 -54.89 4.87
CA ALA A 140 50.43 -53.66 4.24
C ALA A 140 48.92 -53.73 3.99
N GLN A 141 48.46 -54.82 3.38
CA GLN A 141 47.03 -54.93 3.08
C GLN A 141 46.18 -55.24 4.30
N ARG A 142 46.77 -55.39 5.49
CA ARG A 142 46.04 -55.63 6.72
C ARG A 142 46.07 -54.43 7.66
N GLY A 143 46.55 -53.29 7.18
CA GLY A 143 46.60 -52.07 7.96
C GLY A 143 45.27 -51.34 7.98
N ILE A 144 45.26 -50.21 8.69
CA ILE A 144 44.08 -49.36 8.83
C ILE A 144 44.46 -47.97 8.37
N VAL A 145 43.56 -47.33 7.62
CA VAL A 145 43.77 -46.00 7.06
C VAL A 145 42.75 -45.04 7.65
N TYR A 146 43.22 -44.10 8.47
CA TYR A 146 42.37 -43.09 9.09
C TYR A 146 42.47 -41.82 8.26
N ILE A 147 41.38 -41.44 7.61
CA ILE A 147 41.33 -40.25 6.78
C ILE A 147 40.61 -39.16 7.57
N ASP A 148 41.38 -38.22 8.11
CA ASP A 148 40.83 -37.12 8.88
C ASP A 148 40.38 -35.99 7.94
N GLU A 149 39.46 -35.17 8.45
CA GLU A 149 38.96 -34.00 7.73
C GLU A 149 38.19 -34.39 6.46
N ILE A 150 37.45 -35.50 6.53
CA ILE A 150 36.68 -35.95 5.37
C ILE A 150 35.55 -34.98 5.02
N ASP A 151 35.16 -34.09 5.93
CA ASP A 151 34.09 -33.12 5.70
C ASP A 151 34.54 -31.90 4.91
N LYS A 152 35.82 -31.81 4.55
CA LYS A 152 36.35 -30.65 3.85
C LYS A 152 36.31 -30.78 2.34
N ILE A 153 35.99 -31.95 1.79
CA ILE A 153 35.94 -32.16 0.35
C ILE A 153 34.49 -32.32 -0.13
N SER A 154 33.53 -31.85 0.66
CA SER A 154 32.11 -31.86 0.30
C SER A 154 31.90 -30.68 -0.64
N ARG A 155 32.07 -30.95 -1.94
CA ARG A 155 31.96 -29.95 -3.01
C ARG A 155 30.78 -29.00 -2.82
N LYS A 156 31.09 -27.71 -2.79
CA LYS A 156 30.11 -26.63 -2.64
C LYS A 156 29.90 -25.81 -3.89
N SER A 157 30.68 -26.03 -4.95
CA SER A 157 30.56 -25.25 -6.18
C SER A 157 29.17 -25.36 -6.77
N ASP A 158 28.74 -24.26 -7.41
CA ASP A 158 27.39 -24.19 -8.01
C ASP A 158 27.46 -24.56 -9.49
N ASN A 159 27.73 -25.85 -9.72
CA ASN A 159 27.82 -26.49 -11.02
C ASN A 159 28.50 -25.64 -12.10
N PRO A 160 29.71 -25.13 -11.85
CA PRO A 160 30.36 -24.31 -12.90
C PRO A 160 30.66 -25.10 -14.17
N SER A 161 31.31 -26.26 -14.03
CA SER A 161 31.68 -27.18 -15.11
C SER A 161 32.86 -26.69 -15.95
N ILE A 162 33.38 -25.49 -15.69
CA ILE A 162 34.53 -25.01 -16.46
C ILE A 162 35.80 -25.71 -16.01
N THR A 163 36.10 -25.62 -14.72
CA THR A 163 37.26 -26.23 -14.09
C THR A 163 36.79 -27.41 -13.25
N ARG A 164 37.74 -28.04 -12.54
CA ARG A 164 37.44 -29.18 -11.69
C ARG A 164 37.76 -28.85 -10.24
N ASP A 165 37.14 -29.62 -9.35
CA ASP A 165 37.30 -29.47 -7.91
C ASP A 165 38.40 -30.40 -7.42
N VAL A 166 39.65 -29.94 -7.59
CA VAL A 166 40.81 -30.72 -7.18
C VAL A 166 40.77 -31.09 -5.70
N SER A 167 40.04 -30.34 -4.88
CA SER A 167 39.89 -30.61 -3.45
C SER A 167 38.42 -30.81 -3.10
N GLY A 168 37.67 -31.41 -4.02
CA GLY A 168 36.24 -31.65 -3.84
C GLY A 168 35.79 -33.01 -4.33
N GLU A 169 34.71 -33.01 -5.13
CA GLU A 169 34.15 -34.24 -5.68
C GLU A 169 35.19 -35.05 -6.43
N GLY A 170 36.01 -34.39 -7.26
CA GLY A 170 37.07 -35.03 -8.03
C GLY A 170 37.88 -36.05 -7.26
N VAL A 171 38.27 -35.71 -6.04
CA VAL A 171 39.05 -36.64 -5.22
C VAL A 171 38.20 -37.83 -4.80
N GLN A 172 36.95 -37.56 -4.40
CA GLN A 172 36.03 -38.63 -3.99
C GLN A 172 35.95 -39.74 -5.04
N GLN A 173 35.84 -39.35 -6.32
CA GLN A 173 35.77 -40.33 -7.41
C GLN A 173 36.94 -41.30 -7.36
N ALA A 174 38.13 -40.81 -7.00
CA ALA A 174 39.31 -41.67 -6.93
C ALA A 174 39.32 -42.45 -5.62
N LEU A 175 38.99 -41.80 -4.50
CA LEU A 175 38.96 -42.50 -3.22
C LEU A 175 37.85 -43.53 -3.17
N LEU A 176 36.73 -43.28 -3.85
CA LEU A 176 35.61 -44.22 -3.83
C LEU A 176 35.99 -45.52 -4.54
N LYS A 177 36.62 -45.43 -5.71
CA LYS A 177 37.02 -46.63 -6.43
C LYS A 177 38.08 -47.41 -5.65
N LEU A 178 38.85 -46.72 -4.81
CA LEU A 178 39.89 -47.38 -4.03
C LEU A 178 39.31 -48.16 -2.84
N ILE A 179 38.25 -47.64 -2.22
CA ILE A 179 37.69 -48.32 -1.05
C ILE A 179 36.86 -49.53 -1.45
N GLU A 180 36.08 -49.43 -2.53
CA GLU A 180 35.25 -50.56 -2.98
C GLU A 180 36.06 -51.80 -3.29
N GLY A 181 37.36 -51.66 -3.56
CA GLY A 181 38.26 -52.76 -3.89
C GLY A 181 38.71 -52.67 -5.33
N THR A 182 39.93 -52.19 -5.51
CA THR A 182 40.56 -52.03 -6.82
C THR A 182 42.05 -52.15 -6.64
N VAL A 183 42.75 -52.53 -7.71
CA VAL A 183 44.20 -52.63 -7.62
C VAL A 183 44.76 -51.22 -7.58
N ALA A 184 45.79 -51.02 -6.75
CA ALA A 184 46.38 -49.71 -6.53
C ALA A 184 47.82 -49.65 -7.03
N ALA A 185 48.17 -48.48 -7.57
CA ALA A 185 49.51 -48.21 -8.07
C ALA A 185 50.37 -47.80 -6.88
N VAL A 186 51.30 -48.68 -6.48
CA VAL A 186 52.14 -48.43 -5.32
C VAL A 186 53.61 -48.58 -5.69
N PRO A 187 54.21 -47.59 -6.37
CA PRO A 187 55.65 -47.62 -6.67
C PRO A 187 56.46 -47.95 -5.43
N PRO A 188 57.48 -48.88 -5.52
CA PRO A 188 58.30 -49.18 -4.33
C PRO A 188 58.93 -47.94 -3.71
N GLN A 189 59.39 -48.08 -2.47
CA GLN A 189 59.94 -46.98 -1.67
C GLN A 189 60.83 -46.00 -2.44
N GLY A 190 61.83 -46.48 -3.15
CA GLY A 190 62.68 -45.60 -3.94
C GLY A 190 64.04 -45.26 -3.37
N GLY A 191 64.65 -46.15 -2.57
CA GLY A 191 65.98 -45.86 -2.03
C GLY A 191 66.96 -45.42 -3.10
N ARG A 192 66.95 -46.12 -4.24
CA ARG A 192 67.77 -45.76 -5.38
C ARG A 192 66.99 -44.72 -6.20
N LYS A 193 67.61 -44.20 -7.25
CA LYS A 193 66.99 -43.16 -8.09
C LYS A 193 65.56 -43.51 -8.52
N HIS A 194 65.31 -44.76 -8.88
CA HIS A 194 63.99 -45.21 -9.33
C HIS A 194 63.59 -46.49 -8.60
N PRO A 195 62.29 -46.71 -8.36
CA PRO A 195 61.87 -47.97 -7.71
C PRO A 195 61.54 -49.09 -8.68
N GLN A 196 61.85 -48.92 -9.97
CA GLN A 196 61.54 -49.84 -11.06
C GLN A 196 60.06 -50.00 -11.31
N GLN A 197 59.25 -49.05 -10.81
CA GLN A 197 57.80 -48.99 -11.00
C GLN A 197 57.12 -50.36 -10.92
N GLU A 198 57.40 -51.08 -9.83
CA GLU A 198 56.80 -52.39 -9.68
C GLU A 198 55.29 -52.27 -9.54
N PHE A 199 54.82 -51.17 -8.94
CA PHE A 199 53.41 -50.84 -8.75
C PHE A 199 52.59 -52.05 -8.28
N LEU A 200 53.15 -52.82 -7.36
CA LEU A 200 52.49 -54.01 -6.81
C LEU A 200 51.04 -53.74 -6.45
N GLN A 201 50.14 -54.55 -7.01
CA GLN A 201 48.72 -54.39 -6.75
C GLN A 201 48.41 -54.68 -5.29
N VAL A 202 47.59 -53.82 -4.68
CA VAL A 202 47.20 -53.98 -3.29
C VAL A 202 45.68 -53.98 -3.25
N ASP A 203 45.10 -55.03 -2.67
CA ASP A 203 43.66 -55.13 -2.56
C ASP A 203 43.19 -54.31 -1.36
N THR A 204 42.19 -53.47 -1.58
CA THR A 204 41.62 -52.64 -0.53
C THR A 204 40.30 -53.17 0.00
N SER A 205 39.92 -54.39 -0.37
CA SER A 205 38.68 -54.98 0.12
C SER A 205 38.83 -55.43 1.56
N LYS A 206 40.03 -55.84 1.96
CA LYS A 206 40.29 -56.30 3.32
C LYS A 206 40.83 -55.19 4.22
N ILE A 207 41.15 -54.02 3.65
CA ILE A 207 41.66 -52.92 4.46
C ILE A 207 40.48 -52.20 5.10
N LEU A 208 40.69 -51.68 6.30
CA LEU A 208 39.68 -50.95 7.04
C LEU A 208 39.94 -49.45 6.91
N PHE A 209 38.91 -48.69 6.57
CA PHE A 209 39.00 -47.25 6.41
C PHE A 209 38.15 -46.57 7.47
N ILE A 210 38.71 -45.51 8.06
CA ILE A 210 38.04 -44.73 9.11
C ILE A 210 38.09 -43.28 8.67
N CYS A 211 37.00 -42.79 8.10
CA CYS A 211 36.91 -41.40 7.64
C CYS A 211 36.25 -40.58 8.72
N GLY A 212 36.92 -39.48 9.12
CA GLY A 212 36.40 -38.62 10.17
C GLY A 212 36.53 -37.15 9.78
N GLY A 213 35.92 -36.32 10.61
CA GLY A 213 35.94 -34.88 10.42
C GLY A 213 34.67 -34.28 11.01
N ALA A 214 34.80 -33.04 11.49
CA ALA A 214 33.70 -32.31 12.09
C ALA A 214 32.92 -31.62 10.97
N PHE A 215 31.75 -32.17 10.64
CA PHE A 215 30.92 -31.63 9.56
C PHE A 215 30.21 -30.38 10.10
N ALA A 216 30.97 -29.29 10.17
CA ALA A 216 30.44 -28.02 10.65
C ALA A 216 29.36 -27.54 9.68
N GLY A 217 28.13 -27.45 10.16
CA GLY A 217 26.99 -27.02 9.38
C GLY A 217 25.96 -28.11 9.17
N LEU A 218 26.37 -29.37 9.27
CA LEU A 218 25.43 -30.49 9.10
C LEU A 218 24.26 -30.40 10.05
N ASP A 219 24.46 -29.86 11.26
CA ASP A 219 23.38 -29.72 12.23
C ASP A 219 22.21 -28.94 11.63
N LYS A 220 22.50 -27.88 10.87
CA LYS A 220 21.43 -27.12 10.25
C LYS A 220 20.71 -27.96 9.20
N VAL A 221 21.47 -28.73 8.43
CA VAL A 221 20.87 -29.61 7.42
C VAL A 221 19.94 -30.61 8.09
N ILE A 222 20.43 -31.30 9.12
CA ILE A 222 19.63 -32.28 9.85
C ILE A 222 18.41 -31.62 10.49
N SER A 223 18.56 -30.36 10.91
CA SER A 223 17.45 -29.65 11.56
C SER A 223 16.24 -29.56 10.62
N HIS A 224 16.48 -29.19 9.36
CA HIS A 224 15.39 -29.03 8.40
C HIS A 224 14.62 -30.33 8.19
N ARG A 225 15.33 -31.45 8.08
CA ARG A 225 14.66 -32.73 7.88
C ARG A 225 13.79 -33.09 9.07
N VAL A 226 14.28 -32.80 10.27
CA VAL A 226 13.55 -33.09 11.50
C VAL A 226 12.86 -31.86 12.08
N GLU A 227 12.90 -30.73 11.36
CA GLU A 227 12.27 -29.50 11.85
C GLU A 227 10.77 -29.69 12.04
N THR A 228 10.32 -29.59 13.28
CA THR A 228 8.90 -29.70 13.59
C THR A 228 8.11 -28.62 12.86
N GLY A 229 8.70 -27.44 12.70
CA GLY A 229 8.07 -26.30 12.06
C GLY A 229 7.39 -25.42 13.08
N SER A 230 7.66 -24.12 13.01
CA SER A 230 7.12 -23.14 13.94
C SER A 230 6.23 -22.14 13.20
N GLY A 231 5.33 -21.54 13.97
CA GLY A 231 4.40 -20.54 13.48
C GLY A 231 4.52 -19.26 14.29
N ILE A 232 3.46 -18.45 14.30
CA ILE A 232 3.46 -17.19 15.04
C ILE A 232 2.32 -17.10 16.05
N GLY A 233 1.23 -17.86 15.89
CA GLY A 233 0.11 -17.74 16.81
C GLY A 233 0.30 -18.33 18.19
N PHE A 234 -0.82 -18.68 18.83
CA PHE A 234 -0.80 -19.23 20.18
C PHE A 234 -0.55 -20.74 20.21
N GLY A 235 -0.82 -21.45 19.13
CA GLY A 235 -0.63 -22.88 19.06
C GLY A 235 0.62 -23.33 18.36
N ALA A 236 1.55 -22.43 18.07
CA ALA A 236 2.77 -22.79 17.39
C ALA A 236 3.78 -23.37 18.38
N THR A 237 4.89 -23.88 17.85
CA THR A 237 5.97 -24.47 18.63
C THR A 237 7.15 -23.50 18.57
N VAL A 238 7.18 -22.56 19.50
CA VAL A 238 8.24 -21.55 19.60
C VAL A 238 9.08 -21.88 20.84
N LYS A 239 10.39 -21.99 20.63
CA LYS A 239 11.34 -22.31 21.69
C LYS A 239 12.47 -21.30 21.69
N ALA A 240 12.95 -20.93 22.87
CA ALA A 240 14.03 -19.99 22.98
C ALA A 240 15.36 -20.69 22.68
N LYS A 241 16.42 -19.90 22.52
CA LYS A 241 17.74 -20.46 22.19
C LYS A 241 18.19 -21.48 23.23
N SER A 242 17.88 -21.24 24.51
CA SER A 242 18.25 -22.20 25.54
C SER A 242 17.46 -23.50 25.39
N ASP A 243 16.21 -23.39 24.92
CA ASP A 243 15.33 -24.55 24.74
C ASP A 243 15.55 -25.28 23.43
N LYS A 244 16.53 -24.89 22.61
CA LYS A 244 16.76 -25.58 21.34
C LYS A 244 17.56 -26.86 21.60
N ALA A 245 17.88 -27.55 20.51
CA ALA A 245 18.64 -28.79 20.56
C ALA A 245 20.09 -28.53 20.18
N SER A 246 20.98 -29.31 20.80
CA SER A 246 22.41 -29.19 20.53
C SER A 246 22.76 -29.97 19.28
N GLU A 247 23.93 -29.65 18.70
CA GLU A 247 24.37 -30.34 17.51
C GLU A 247 24.55 -31.83 17.79
N GLY A 248 25.00 -32.18 19.00
CA GLY A 248 25.15 -33.58 19.36
C GLY A 248 23.84 -34.35 19.22
N GLU A 249 22.75 -33.77 19.75
CA GLU A 249 21.44 -34.43 19.66
C GLU A 249 20.98 -34.52 18.21
N LEU A 250 21.20 -33.46 17.42
CA LEU A 250 20.81 -33.49 16.02
C LEU A 250 21.63 -34.53 15.25
N LEU A 251 22.93 -34.58 15.52
CA LEU A 251 23.80 -35.55 14.85
C LEU A 251 23.32 -36.97 15.09
N ALA A 252 22.80 -37.26 16.28
CA ALA A 252 22.33 -38.61 16.59
C ALA A 252 21.20 -39.04 15.64
N GLN A 253 20.39 -38.09 15.19
CA GLN A 253 19.30 -38.38 14.26
C GLN A 253 19.73 -38.24 12.80
N VAL A 254 21.03 -38.16 12.52
CA VAL A 254 21.53 -38.03 11.16
C VAL A 254 21.08 -39.23 10.31
N GLU A 255 21.01 -39.01 9.01
CA GLU A 255 20.63 -40.00 8.03
C GLU A 255 21.52 -39.79 6.81
N PRO A 256 21.66 -40.81 5.96
CA PRO A 256 22.54 -40.63 4.78
C PRO A 256 22.15 -39.48 3.88
N GLU A 257 20.85 -39.25 3.66
CA GLU A 257 20.40 -38.14 2.83
C GLU A 257 21.01 -36.81 3.26
N ASP A 258 21.22 -36.62 4.57
CA ASP A 258 21.82 -35.37 5.06
C ASP A 258 23.21 -35.18 4.51
N LEU A 259 24.01 -36.25 4.44
CA LEU A 259 25.36 -36.15 3.94
C LEU A 259 25.38 -35.77 2.45
N ILE A 260 24.37 -36.17 1.69
CA ILE A 260 24.33 -35.85 0.28
C ILE A 260 24.12 -34.35 0.08
N LYS A 261 23.19 -33.77 0.84
CA LYS A 261 22.96 -32.32 0.77
C LYS A 261 24.24 -31.57 1.10
N PHE A 262 25.03 -32.08 2.04
CA PHE A 262 26.29 -31.44 2.42
C PHE A 262 27.27 -31.36 1.27
N GLY A 263 27.11 -32.20 0.24
CA GLY A 263 27.98 -32.18 -0.93
C GLY A 263 28.82 -33.44 -1.11
N LEU A 264 28.30 -34.58 -0.64
CA LEU A 264 29.00 -35.86 -0.74
C LEU A 264 28.25 -36.80 -1.68
N ILE A 265 29.01 -37.54 -2.48
CA ILE A 265 28.43 -38.51 -3.43
C ILE A 265 27.60 -39.53 -2.65
N PRO A 266 26.38 -39.89 -3.08
CA PRO A 266 25.63 -40.91 -2.33
C PRO A 266 26.32 -42.26 -2.26
N GLU A 267 27.06 -42.63 -3.31
CA GLU A 267 27.77 -43.90 -3.32
C GLU A 267 28.87 -43.94 -2.25
N PHE A 268 29.48 -42.78 -1.97
CA PHE A 268 30.55 -42.72 -0.98
C PHE A 268 30.03 -43.07 0.41
N ILE A 269 28.93 -42.43 0.83
CA ILE A 269 28.37 -42.69 2.15
C ILE A 269 27.83 -44.11 2.22
N GLY A 270 27.35 -44.66 1.10
CA GLY A 270 26.85 -46.02 1.10
C GLY A 270 27.95 -47.02 1.40
N ARG A 271 29.17 -46.74 0.96
CA ARG A 271 30.31 -47.61 1.25
C ARG A 271 30.62 -47.65 2.73
N LEU A 272 30.24 -46.62 3.49
CA LEU A 272 30.47 -46.53 4.92
C LEU A 272 29.15 -46.81 5.64
N PRO A 273 28.85 -48.07 5.98
CA PRO A 273 27.55 -48.36 6.62
C PRO A 273 27.41 -47.84 8.03
N VAL A 274 28.45 -47.95 8.86
CA VAL A 274 28.36 -47.56 10.26
C VAL A 274 28.80 -46.11 10.41
N VAL A 275 27.91 -45.29 10.96
CA VAL A 275 28.14 -43.87 11.22
C VAL A 275 28.12 -43.69 12.73
N ALA A 276 29.21 -43.17 13.28
CA ALA A 276 29.34 -42.95 14.72
C ALA A 276 29.23 -41.46 14.99
N THR A 277 28.21 -41.09 15.76
CA THR A 277 27.92 -39.70 16.11
C THR A 277 28.35 -39.46 17.55
N LEU A 278 29.32 -38.57 17.75
CA LEU A 278 29.79 -38.26 19.09
C LEU A 278 28.79 -37.35 19.80
N ASN A 279 29.01 -37.16 21.09
CA ASN A 279 28.16 -36.35 21.96
C ASN A 279 28.97 -35.18 22.51
N GLU A 280 28.39 -33.98 22.41
CA GLU A 280 29.03 -32.78 22.93
C GLU A 280 29.38 -32.95 24.40
N LEU A 281 30.64 -32.73 24.73
CA LEU A 281 31.12 -32.91 26.09
C LEU A 281 30.39 -31.98 27.06
N SER A 282 30.17 -32.50 28.27
CA SER A 282 29.48 -31.81 29.35
C SER A 282 30.49 -31.38 30.41
N GLU A 283 30.00 -30.58 31.35
CA GLU A 283 30.83 -30.07 32.45
C GLU A 283 31.52 -31.21 33.20
N GLU A 284 30.76 -32.25 33.55
CA GLU A 284 31.34 -33.39 34.25
C GLU A 284 32.46 -34.03 33.44
N ALA A 285 32.20 -34.27 32.15
CA ALA A 285 33.20 -34.86 31.27
C ALA A 285 34.46 -34.00 31.21
N LEU A 286 34.30 -32.68 31.16
CA LEU A 286 35.45 -31.79 31.10
C LEU A 286 36.27 -31.83 32.39
N ILE A 287 35.60 -31.90 33.54
CA ILE A 287 36.32 -31.94 34.81
C ILE A 287 37.18 -33.20 34.89
N GLN A 288 36.66 -34.32 34.41
CA GLN A 288 37.43 -35.56 34.43
C GLN A 288 38.65 -35.47 33.53
N ILE A 289 38.46 -34.93 32.32
CA ILE A 289 39.54 -34.80 31.34
C ILE A 289 40.72 -33.99 31.90
N LEU A 290 40.44 -33.04 32.79
CA LEU A 290 41.50 -32.22 33.35
C LEU A 290 42.44 -32.99 34.29
N LYS A 291 41.95 -34.04 34.96
CA LYS A 291 42.72 -34.78 35.95
C LYS A 291 42.86 -36.28 35.68
N GLU A 292 41.83 -36.93 35.16
CA GLU A 292 41.88 -38.39 35.00
C GLU A 292 42.82 -38.87 33.90
N PRO A 293 42.72 -38.40 32.65
CA PRO A 293 43.58 -38.92 31.57
C PRO A 293 45.07 -38.97 31.89
N LYS A 294 45.75 -39.92 31.23
CA LYS A 294 47.19 -40.13 31.38
C LYS A 294 47.98 -38.86 31.13
N ASN A 295 47.58 -38.06 30.16
CA ASN A 295 48.27 -36.85 29.73
C ASN A 295 47.33 -35.66 29.70
N ALA A 296 46.54 -35.53 30.77
CA ALA A 296 45.59 -34.43 30.87
C ALA A 296 46.32 -33.09 30.91
N LEU A 297 45.55 -32.03 30.66
CA LEU A 297 46.11 -30.68 30.65
C LEU A 297 46.79 -30.34 31.97
N THR A 298 46.09 -30.56 33.09
CA THR A 298 46.67 -30.30 34.41
C THR A 298 48.01 -31.03 34.58
N LYS A 299 48.07 -32.29 34.14
CA LYS A 299 49.31 -33.05 34.25
C LYS A 299 50.37 -32.48 33.34
N GLN A 300 49.98 -31.97 32.17
CA GLN A 300 50.93 -31.39 31.24
C GLN A 300 51.60 -30.16 31.86
N TYR A 301 50.80 -29.23 32.38
CA TYR A 301 51.37 -28.05 33.01
C TYR A 301 52.07 -28.42 34.32
N GLN A 302 51.54 -29.40 35.04
CA GLN A 302 52.16 -29.83 36.28
C GLN A 302 53.55 -30.40 36.01
N ALA A 303 53.70 -31.15 34.91
CA ALA A 303 54.97 -31.74 34.57
C ALA A 303 56.04 -30.67 34.32
N LEU A 304 55.72 -29.69 33.46
CA LEU A 304 56.70 -28.64 33.18
C LEU A 304 56.90 -27.75 34.40
N PHE A 305 55.87 -27.55 35.22
CA PHE A 305 56.04 -26.77 36.43
C PHE A 305 56.99 -27.48 37.38
N ASN A 306 56.93 -28.81 37.41
CA ASN A 306 57.82 -29.61 38.24
C ASN A 306 59.19 -29.74 37.60
N LEU A 307 59.26 -29.66 36.27
CA LEU A 307 60.55 -29.72 35.59
C LEU A 307 61.43 -28.55 36.00
N GLU A 308 60.81 -27.42 36.34
CA GLU A 308 61.52 -26.24 36.80
C GLU A 308 61.83 -26.30 38.28
N GLY A 309 61.07 -27.10 39.04
CA GLY A 309 61.26 -27.26 40.47
C GLY A 309 60.19 -26.63 41.34
N VAL A 310 58.94 -26.60 40.86
CA VAL A 310 57.83 -26.04 41.62
C VAL A 310 56.64 -26.98 41.53
N ASP A 311 55.99 -27.19 42.67
CA ASP A 311 54.79 -28.03 42.78
C ASP A 311 53.54 -27.18 42.59
N LEU A 312 52.60 -27.69 41.80
CA LEU A 312 51.33 -27.01 41.54
C LEU A 312 50.18 -27.91 41.95
N GLU A 313 49.18 -27.31 42.61
CA GLU A 313 47.98 -27.98 43.08
C GLU A 313 46.76 -27.30 42.51
N PHE A 314 45.86 -28.08 41.91
CA PHE A 314 44.63 -27.57 41.31
C PHE A 314 43.45 -28.09 42.13
N ARG A 315 42.80 -27.19 42.86
CA ARG A 315 41.65 -27.55 43.67
C ARG A 315 40.48 -27.95 42.78
N ASP A 316 39.67 -28.89 43.27
CA ASP A 316 38.51 -29.35 42.52
C ASP A 316 37.51 -28.23 42.27
N GLU A 317 37.46 -27.24 43.17
CA GLU A 317 36.54 -26.11 42.98
C GLU A 317 36.88 -25.33 41.73
N ALA A 318 38.18 -25.08 41.49
CA ALA A 318 38.59 -24.33 40.31
C ALA A 318 38.31 -25.10 39.03
N LEU A 319 38.51 -26.42 39.05
CA LEU A 319 38.30 -27.25 37.87
C LEU A 319 36.93 -27.05 37.24
N ASP A 320 35.87 -27.05 38.06
CA ASP A 320 34.53 -26.86 37.50
C ASP A 320 34.37 -25.48 36.87
N ALA A 321 35.03 -24.45 37.44
CA ALA A 321 34.95 -23.11 36.88
C ALA A 321 35.48 -23.10 35.45
N ILE A 322 36.66 -23.68 35.23
CA ILE A 322 37.29 -23.75 33.91
C ILE A 322 36.33 -24.36 32.90
N ALA A 323 35.65 -25.44 33.27
CA ALA A 323 34.74 -26.11 32.34
C ALA A 323 33.60 -25.19 31.92
N LYS A 324 33.05 -24.42 32.86
CA LYS A 324 31.97 -23.49 32.53
C LYS A 324 32.41 -22.51 31.45
N LYS A 325 33.64 -22.02 31.54
CA LYS A 325 34.15 -21.08 30.55
C LYS A 325 34.38 -21.79 29.21
N ALA A 326 34.94 -22.99 29.24
CA ALA A 326 35.21 -23.73 28.01
C ALA A 326 33.93 -24.02 27.23
N MET A 327 32.82 -24.27 27.93
CA MET A 327 31.56 -24.54 27.25
C MET A 327 31.08 -23.35 26.42
N ALA A 328 31.56 -22.14 26.72
CA ALA A 328 31.18 -20.95 25.98
C ALA A 328 32.08 -20.70 24.78
N ARG A 329 33.33 -21.17 24.84
CA ARG A 329 34.24 -20.98 23.70
C ARG A 329 33.78 -21.78 22.48
N LYS A 330 33.03 -22.87 22.70
CA LYS A 330 32.51 -23.71 21.62
C LYS A 330 33.64 -24.37 20.82
N THR A 331 34.75 -24.69 21.48
CA THR A 331 35.88 -25.35 20.84
C THR A 331 36.22 -26.69 21.49
N GLY A 332 35.30 -27.24 22.27
CA GLY A 332 35.53 -28.52 22.91
C GLY A 332 36.64 -28.45 23.96
N ALA A 333 37.37 -29.55 24.08
CA ALA A 333 38.47 -29.64 25.04
C ALA A 333 39.58 -28.63 24.75
N ARG A 334 39.69 -28.15 23.51
CA ARG A 334 40.74 -27.18 23.19
C ARG A 334 40.55 -25.87 23.94
N GLY A 335 39.30 -25.51 24.23
CA GLY A 335 39.02 -24.30 24.98
C GLY A 335 39.72 -24.26 26.33
N LEU A 336 39.89 -25.42 26.95
CA LEU A 336 40.51 -25.52 28.27
C LEU A 336 41.89 -24.86 28.31
N ARG A 337 42.71 -25.08 27.27
CA ARG A 337 44.05 -24.52 27.29
C ARG A 337 44.04 -23.00 27.30
N SER A 338 43.02 -22.38 26.69
CA SER A 338 42.92 -20.93 26.70
C SER A 338 42.74 -20.40 28.12
N ILE A 339 41.79 -20.99 28.85
CA ILE A 339 41.51 -20.59 30.22
C ILE A 339 42.73 -20.76 31.11
N VAL A 340 43.43 -21.88 30.98
CA VAL A 340 44.58 -22.15 31.84
C VAL A 340 45.73 -21.20 31.52
N GLU A 341 46.11 -21.09 30.24
CA GLU A 341 47.20 -20.21 29.86
C GLU A 341 46.97 -18.77 30.33
N ALA A 342 45.72 -18.30 30.24
CA ALA A 342 45.41 -16.95 30.70
C ALA A 342 45.59 -16.83 32.21
N ALA A 343 44.99 -17.76 32.97
CA ALA A 343 45.07 -17.75 34.42
C ALA A 343 46.51 -17.75 34.92
N LEU A 344 47.38 -18.51 34.27
CA LEU A 344 48.77 -18.66 34.69
C LEU A 344 49.75 -17.80 33.89
N LEU A 345 49.27 -17.00 32.92
CA LEU A 345 50.16 -16.15 32.14
C LEU A 345 51.03 -15.28 33.04
N ASP A 346 50.40 -14.45 33.88
CA ASP A 346 51.14 -13.60 34.81
C ASP A 346 52.03 -14.43 35.73
N THR A 347 51.49 -15.54 36.27
CA THR A 347 52.25 -16.39 37.17
C THR A 347 53.47 -16.98 36.47
N MET A 348 53.27 -17.53 35.26
CA MET A 348 54.37 -18.14 34.52
C MET A 348 55.42 -17.13 34.07
N TYR A 349 55.08 -15.84 34.04
CA TYR A 349 56.03 -14.83 33.59
C TYR A 349 57.00 -14.42 34.69
N ASP A 350 56.51 -14.24 35.92
CA ASP A 350 57.36 -13.83 37.04
C ASP A 350 57.88 -14.98 37.87
N LEU A 351 57.24 -16.15 37.84
CA LEU A 351 57.69 -17.31 38.60
C LEU A 351 59.15 -17.69 38.37
N PRO A 352 59.65 -17.78 37.12
CA PRO A 352 61.06 -18.15 36.94
C PRO A 352 62.08 -17.19 37.56
N SER A 353 61.69 -15.99 37.95
CA SER A 353 62.61 -15.01 38.53
C SER A 353 62.58 -15.01 40.05
N MET A 354 61.39 -15.15 40.66
CA MET A 354 61.29 -15.16 42.11
C MET A 354 61.84 -16.46 42.69
N GLU A 355 62.41 -16.35 43.87
CA GLU A 355 63.01 -17.46 44.61
C GLU A 355 62.23 -17.65 45.91
N ASP A 356 62.62 -18.67 46.68
CA ASP A 356 61.96 -19.00 47.95
C ASP A 356 60.48 -19.30 47.73
N VAL A 357 60.22 -20.21 46.79
CA VAL A 357 58.87 -20.63 46.43
C VAL A 357 58.86 -22.15 46.42
N GLU A 358 57.88 -22.74 47.11
CA GLU A 358 57.75 -24.18 47.25
C GLU A 358 56.55 -24.76 46.50
N LYS A 359 55.35 -24.23 46.73
CA LYS A 359 54.16 -24.74 46.07
C LYS A 359 53.20 -23.60 45.78
N VAL A 360 52.29 -23.86 44.83
CA VAL A 360 51.26 -22.92 44.41
C VAL A 360 49.91 -23.64 44.44
N VAL A 361 48.88 -22.95 44.92
CA VAL A 361 47.53 -23.48 45.00
C VAL A 361 46.61 -22.56 44.23
N ILE A 362 45.79 -23.13 43.35
CA ILE A 362 44.85 -22.37 42.52
C ILE A 362 43.45 -22.56 43.08
N ASP A 363 42.77 -21.45 43.34
CA ASP A 363 41.40 -21.41 43.84
C ASP A 363 40.47 -20.90 42.76
N GLU A 364 39.17 -21.20 42.95
CA GLU A 364 38.13 -20.78 42.02
C GLU A 364 38.20 -19.29 41.68
N SER A 365 38.52 -18.45 42.67
CA SER A 365 38.59 -17.01 42.46
C SER A 365 39.60 -16.65 41.37
N VAL A 366 40.74 -17.35 41.33
CA VAL A 366 41.76 -17.07 40.31
C VAL A 366 41.17 -17.23 38.92
N ILE A 367 40.40 -18.29 38.69
CA ILE A 367 39.79 -18.51 37.37
C ILE A 367 38.90 -17.33 37.02
N ASP A 368 38.09 -16.87 37.97
CA ASP A 368 37.24 -15.71 37.73
C ASP A 368 38.06 -14.47 37.41
N GLY A 369 39.25 -14.36 38.00
CA GLY A 369 40.15 -13.24 37.76
C GLY A 369 40.18 -12.19 38.83
N GLN A 370 39.57 -12.44 40.00
CA GLN A 370 39.55 -11.47 41.10
C GLN A 370 40.63 -11.73 42.15
N SER A 371 41.35 -12.84 42.06
CA SER A 371 42.39 -13.21 43.01
C SER A 371 43.65 -13.63 42.27
N GLU A 372 44.76 -13.66 43.00
CA GLU A 372 46.07 -14.03 42.49
C GLU A 372 46.56 -15.27 43.24
N PRO A 373 47.01 -16.35 42.52
CA PRO A 373 47.45 -17.57 43.24
C PRO A 373 48.45 -17.38 44.38
N LEU A 374 48.09 -17.87 45.56
CA LEU A 374 48.99 -17.79 46.70
C LEU A 374 50.19 -18.70 46.48
N LEU A 375 51.32 -18.32 47.08
CA LEU A 375 52.57 -19.06 46.97
C LEU A 375 53.01 -19.53 48.35
N ILE A 376 53.42 -20.79 48.44
CA ILE A 376 53.89 -21.37 49.70
C ILE A 376 55.39 -21.09 49.75
N TYR A 377 55.75 -19.92 50.28
CA TYR A 377 57.14 -19.54 50.38
C TYR A 377 57.90 -20.49 51.30
N GLY A 378 58.97 -21.07 50.79
CA GLY A 378 59.78 -21.99 51.55
C GLY A 378 61.15 -22.23 50.94
N ALA B 27 72.66 -20.58 31.09
CA ALA B 27 71.37 -21.24 31.27
C ALA B 27 70.31 -20.57 30.42
N LEU B 28 69.12 -21.16 30.40
CA LEU B 28 68.01 -20.62 29.62
C LEU B 28 67.69 -19.19 30.08
N PRO B 29 67.17 -18.34 29.19
CA PRO B 29 66.85 -16.98 29.60
C PRO B 29 65.47 -16.89 30.23
N THR B 30 65.35 -15.98 31.19
CA THR B 30 64.08 -15.80 31.89
C THR B 30 63.18 -14.85 31.10
N PRO B 31 61.86 -14.88 31.37
CA PRO B 31 60.96 -13.97 30.64
C PRO B 31 61.33 -12.49 30.79
N HIS B 32 61.78 -12.09 31.97
CA HIS B 32 62.17 -10.69 32.18
C HIS B 32 63.26 -10.27 31.21
N GLU B 33 64.25 -11.13 31.00
CA GLU B 33 65.31 -10.82 30.03
C GLU B 33 64.73 -10.62 28.65
N ILE B 34 63.86 -11.53 28.22
CA ILE B 34 63.21 -11.43 26.92
C ILE B 34 62.46 -10.10 26.80
N ARG B 35 61.70 -9.75 27.84
CA ARG B 35 60.94 -8.50 27.83
C ARG B 35 61.84 -7.30 27.61
N ASN B 36 63.05 -7.32 28.19
CA ASN B 36 63.98 -6.20 27.98
C ASN B 36 64.35 -6.10 26.51
N HIS B 37 64.63 -7.25 25.88
CA HIS B 37 64.94 -7.27 24.45
C HIS B 37 63.76 -6.75 23.64
N LEU B 38 62.54 -7.03 24.09
CA LEU B 38 61.34 -6.60 23.39
C LEU B 38 60.97 -5.16 23.67
N ASP B 39 61.54 -4.55 24.72
CA ASP B 39 61.25 -3.15 25.01
C ASP B 39 62.22 -2.22 24.32
N ASP B 40 63.38 -2.74 23.88
CA ASP B 40 64.32 -1.94 23.12
C ASP B 40 63.74 -1.51 21.78
N TYR B 41 62.87 -2.34 21.21
CA TYR B 41 62.24 -2.10 19.91
C TYR B 41 60.79 -1.67 20.01
N VAL B 42 60.00 -2.27 20.91
CA VAL B 42 58.59 -1.94 21.06
C VAL B 42 58.40 -1.14 22.34
N ILE B 43 57.35 -0.30 22.33
CA ILE B 43 57.03 0.57 23.46
C ILE B 43 55.52 0.63 23.63
N GLY B 44 55.03 0.26 24.81
CA GLY B 44 53.62 0.35 25.13
C GLY B 44 52.76 -0.88 25.03
N GLN B 45 53.33 -2.06 24.81
CA GLN B 45 52.55 -3.30 24.74
C GLN B 45 53.13 -4.25 25.79
N GLU B 46 52.58 -4.18 27.01
CA GLU B 46 53.03 -5.03 28.11
C GLU B 46 52.48 -6.45 28.02
N GLN B 47 51.20 -6.59 27.67
CA GLN B 47 50.57 -7.91 27.63
C GLN B 47 51.21 -8.82 26.59
N ALA B 48 51.37 -8.32 25.37
CA ALA B 48 51.96 -9.15 24.31
C ALA B 48 53.38 -9.58 24.64
N LYS B 49 54.14 -8.73 25.34
CA LYS B 49 55.51 -9.11 25.70
C LYS B 49 55.53 -10.29 26.67
N LYS B 50 54.51 -10.41 27.52
CA LYS B 50 54.47 -11.52 28.47
C LYS B 50 54.06 -12.82 27.76
N VAL B 51 53.00 -12.75 26.95
CA VAL B 51 52.52 -13.92 26.22
C VAL B 51 53.63 -14.56 25.41
N LEU B 52 54.36 -13.73 24.65
CA LEU B 52 55.46 -14.26 23.85
C LEU B 52 56.62 -14.74 24.71
N ALA B 53 56.86 -14.06 25.84
CA ALA B 53 57.98 -14.45 26.70
C ALA B 53 57.73 -15.82 27.33
N VAL B 54 56.56 -16.03 27.93
CA VAL B 54 56.25 -17.32 28.53
C VAL B 54 56.23 -18.41 27.46
N ALA B 55 55.69 -18.09 26.29
CA ALA B 55 55.64 -19.05 25.19
C ALA B 55 57.04 -19.52 24.81
N VAL B 56 57.98 -18.57 24.69
CA VAL B 56 59.35 -18.94 24.35
C VAL B 56 59.98 -19.72 25.50
N TYR B 57 59.71 -19.30 26.74
CA TYR B 57 60.21 -20.01 27.90
C TYR B 57 59.78 -21.47 27.88
N ASN B 58 58.48 -21.69 27.63
CA ASN B 58 57.94 -23.05 27.54
C ASN B 58 58.64 -23.84 26.43
N HIS B 59 58.74 -23.22 25.25
CA HIS B 59 59.38 -23.87 24.12
C HIS B 59 60.82 -24.25 24.43
N TYR B 60 61.56 -23.35 25.09
CA TYR B 60 62.95 -23.64 25.41
C TYR B 60 63.07 -24.84 26.34
N LYS B 61 62.22 -24.93 27.37
CA LYS B 61 62.28 -26.08 28.25
C LYS B 61 61.70 -27.33 27.59
N ARG B 62 60.71 -27.15 26.72
CA ARG B 62 60.12 -28.27 25.99
C ARG B 62 61.09 -28.90 25.00
N LEU B 63 62.20 -28.21 24.68
CA LEU B 63 63.20 -28.72 23.76
C LEU B 63 64.29 -29.46 24.53
N ARG B 64 64.78 -28.84 25.61
CA ARG B 64 65.79 -29.49 26.46
C ARG B 64 65.29 -30.86 26.94
N ASN B 65 64.02 -30.92 27.34
CA ASN B 65 63.40 -32.17 27.80
C ASN B 65 62.79 -32.91 26.62
N GLY B 66 63.67 -33.30 25.69
CA GLY B 66 63.23 -34.00 24.49
C GLY B 66 63.02 -35.49 24.68
N ASP B 67 63.67 -36.09 25.69
CA ASP B 67 63.51 -37.52 25.91
C ASP B 67 62.12 -37.90 26.41
N THR B 68 61.36 -36.92 26.94
CA THR B 68 60.00 -37.15 27.45
C THR B 68 59.96 -38.35 28.41
N SER B 69 60.76 -38.24 29.47
CA SER B 69 60.88 -39.30 30.48
C SER B 69 59.72 -39.22 31.48
N ASN B 70 58.50 -39.35 30.95
CA ASN B 70 57.29 -39.32 31.76
C ASN B 70 56.11 -39.71 30.88
N GLY B 71 55.10 -40.33 31.50
CA GLY B 71 53.92 -40.75 30.77
C GLY B 71 53.20 -39.63 30.07
N VAL B 72 53.27 -38.41 30.62
CA VAL B 72 52.57 -37.27 30.02
C VAL B 72 53.17 -36.95 28.65
N GLU B 73 52.31 -36.44 27.76
CA GLU B 73 52.68 -36.03 26.41
C GLU B 73 52.46 -34.51 26.35
N LEU B 74 53.49 -33.76 26.69
CA LEU B 74 53.43 -32.30 26.70
C LEU B 74 52.96 -31.75 25.36
N GLY B 75 51.90 -30.95 25.40
CA GLY B 75 51.35 -30.33 24.21
C GLY B 75 51.93 -28.94 24.00
N LYS B 76 51.32 -28.21 23.06
CA LYS B 76 51.73 -26.86 22.75
C LYS B 76 50.53 -25.94 22.65
N SER B 77 50.74 -24.67 22.97
CA SER B 77 49.72 -23.64 22.92
C SER B 77 50.10 -22.62 21.86
N ASN B 78 49.17 -22.35 20.94
CA ASN B 78 49.40 -21.41 19.85
C ASN B 78 48.78 -20.07 20.17
N ILE B 79 49.54 -19.00 19.91
CA ILE B 79 49.12 -17.64 20.18
C ILE B 79 48.52 -17.04 18.90
N LEU B 80 47.66 -16.05 19.08
CA LEU B 80 47.00 -15.34 17.97
C LEU B 80 46.96 -13.86 18.38
N LEU B 81 47.95 -13.11 17.93
CA LEU B 81 48.05 -11.69 18.24
C LEU B 81 47.03 -10.92 17.41
N ILE B 82 46.08 -10.27 18.08
CA ILE B 82 45.06 -9.46 17.43
C ILE B 82 45.26 -8.03 17.91
N GLY B 83 45.68 -7.15 17.00
CA GLY B 83 45.89 -5.76 17.30
C GLY B 83 45.46 -4.88 16.16
N PRO B 84 45.23 -3.59 16.41
CA PRO B 84 44.83 -2.70 15.32
C PRO B 84 46.04 -2.36 14.45
N THR B 85 45.75 -1.71 13.32
CA THR B 85 46.80 -1.31 12.38
C THR B 85 47.86 -0.46 13.08
N GLY B 86 49.11 -0.65 12.66
CA GLY B 86 50.22 0.10 13.23
C GLY B 86 50.39 -0.03 14.73
N SER B 87 50.42 -1.26 15.23
CA SER B 87 50.55 -1.54 16.66
C SER B 87 51.82 -2.30 17.03
N GLY B 88 52.40 -3.07 16.10
CA GLY B 88 53.63 -3.80 16.35
C GLY B 88 53.51 -5.30 16.27
N LYS B 89 52.47 -5.81 15.60
CA LYS B 89 52.32 -7.25 15.45
C LYS B 89 53.51 -7.85 14.71
N THR B 90 53.72 -7.41 13.46
CA THR B 90 54.85 -7.88 12.67
C THR B 90 56.18 -7.45 13.29
N LEU B 91 56.19 -6.32 14.00
CA LEU B 91 57.41 -5.83 14.61
C LEU B 91 57.95 -6.80 15.65
N LEU B 92 57.08 -7.26 16.55
CA LEU B 92 57.52 -8.18 17.60
C LEU B 92 58.12 -9.45 17.02
N ALA B 93 57.44 -10.05 16.04
CA ALA B 93 57.94 -11.26 15.39
C ALA B 93 59.38 -11.09 14.91
N GLU B 94 59.68 -9.96 14.27
CA GLU B 94 61.04 -9.71 13.80
C GLU B 94 62.02 -9.62 14.96
N THR B 95 61.65 -8.91 16.02
CA THR B 95 62.52 -8.76 17.18
C THR B 95 62.87 -10.10 17.80
N LEU B 96 61.92 -11.04 17.81
CA LEU B 96 62.15 -12.35 18.40
C LEU B 96 63.32 -13.07 17.72
N ALA B 97 63.35 -13.03 16.38
CA ALA B 97 64.41 -13.68 15.62
C ALA B 97 65.80 -13.18 16.00
N ARG B 98 65.91 -11.96 16.54
CA ARG B 98 67.21 -11.40 16.90
C ARG B 98 67.82 -12.13 18.09
N LEU B 99 67.03 -12.42 19.12
CA LEU B 99 67.53 -13.03 20.35
C LEU B 99 67.47 -14.56 20.32
N LEU B 100 66.37 -15.17 19.86
CA LEU B 100 66.30 -16.61 19.87
C LEU B 100 67.33 -17.24 18.93
N ASP B 101 67.60 -18.53 19.16
CA ASP B 101 68.58 -19.30 18.41
C ASP B 101 67.98 -20.31 17.45
N VAL B 102 66.85 -20.93 17.79
CA VAL B 102 66.24 -21.96 16.95
C VAL B 102 65.76 -21.37 15.63
N PRO B 103 65.55 -22.18 14.59
CA PRO B 103 65.07 -21.63 13.30
C PRO B 103 63.73 -20.92 13.43
N PHE B 104 63.67 -19.70 12.88
CA PHE B 104 62.46 -18.90 12.84
C PHE B 104 62.15 -18.57 11.39
N THR B 105 60.87 -18.50 11.06
CA THR B 105 60.42 -18.22 9.70
C THR B 105 59.23 -17.27 9.73
N MET B 106 59.03 -16.57 8.62
CA MET B 106 57.93 -15.65 8.43
C MET B 106 57.16 -16.06 7.17
N ALA B 107 55.85 -15.85 7.19
CA ALA B 107 55.00 -16.20 6.07
C ALA B 107 54.00 -15.08 5.82
N ASP B 108 53.19 -15.27 4.77
CA ASP B 108 52.14 -14.33 4.38
C ASP B 108 50.96 -15.17 3.94
N ALA B 109 49.88 -15.15 4.72
CA ALA B 109 48.72 -15.97 4.39
C ALA B 109 48.01 -15.53 3.12
N THR B 110 48.26 -14.31 2.64
CA THR B 110 47.63 -13.88 1.40
C THR B 110 48.15 -14.67 0.20
N THR B 111 49.39 -15.15 0.29
CA THR B 111 49.98 -15.93 -0.80
C THR B 111 49.58 -17.39 -0.75
N LEU B 112 49.31 -17.92 0.45
CA LEU B 112 48.94 -19.33 0.58
C LEU B 112 47.62 -19.62 -0.11
N THR B 113 47.55 -20.79 -0.73
CA THR B 113 46.37 -21.25 -1.44
C THR B 113 46.13 -22.72 -1.11
N GLU B 114 44.93 -23.20 -1.38
CA GLU B 114 44.61 -24.59 -1.13
C GLU B 114 45.49 -25.49 -1.99
N ALA B 115 45.55 -26.77 -1.61
CA ALA B 115 46.39 -27.72 -2.32
C ALA B 115 45.82 -28.01 -3.71
N GLY B 116 46.72 -28.09 -4.69
CA GLY B 116 46.34 -28.39 -6.06
C GLY B 116 46.23 -27.21 -6.99
N TYR B 117 46.68 -26.03 -6.59
CA TYR B 117 46.61 -24.83 -7.41
C TYR B 117 47.99 -24.23 -7.62
N VAL B 118 48.07 -23.32 -8.61
CA VAL B 118 49.31 -22.64 -8.94
C VAL B 118 49.86 -21.88 -7.74
N GLY B 119 48.99 -21.37 -6.87
CA GLY B 119 49.42 -20.62 -5.71
C GLY B 119 50.24 -21.48 -4.76
N GLU B 120 50.91 -20.78 -3.85
CA GLU B 120 51.77 -21.43 -2.87
C GLU B 120 50.99 -22.43 -2.02
N ASP B 121 51.71 -23.39 -1.47
CA ASP B 121 51.17 -24.45 -0.63
C ASP B 121 51.66 -24.26 0.80
N VAL B 122 50.87 -24.76 1.75
CA VAL B 122 51.23 -24.67 3.17
C VAL B 122 52.56 -25.36 3.43
N GLU B 123 52.88 -26.41 2.67
CA GLU B 123 54.14 -27.11 2.86
C GLU B 123 55.35 -26.24 2.55
N ASN B 124 55.19 -25.20 1.73
CA ASN B 124 56.30 -24.30 1.43
C ASN B 124 56.86 -23.66 2.69
N ILE B 125 56.01 -23.44 3.69
CA ILE B 125 56.43 -22.86 4.96
C ILE B 125 57.59 -23.68 5.54
N ILE B 126 57.39 -25.00 5.63
CA ILE B 126 58.44 -25.88 6.14
C ILE B 126 59.68 -25.78 5.26
N GLN B 127 59.47 -25.64 3.94
CA GLN B 127 60.59 -25.47 3.02
C GLN B 127 61.43 -24.25 3.41
N LYS B 128 60.77 -23.12 3.66
CA LYS B 128 61.48 -21.92 4.07
C LYS B 128 62.08 -22.10 5.45
N LEU B 129 61.45 -22.92 6.31
CA LEU B 129 61.99 -23.18 7.63
C LEU B 129 63.24 -24.04 7.53
N LEU B 130 63.24 -25.01 6.61
CA LEU B 130 64.40 -25.86 6.43
C LEU B 130 65.60 -25.05 5.97
N GLN B 131 65.37 -24.03 5.13
CA GLN B 131 66.48 -23.20 4.66
C GLN B 131 67.12 -22.43 5.80
N LYS B 132 66.30 -21.97 6.75
CA LYS B 132 66.83 -21.25 7.91
C LYS B 132 67.34 -22.19 9.00
N SER B 133 66.99 -23.47 8.93
CA SER B 133 67.43 -24.47 9.90
C SER B 133 68.75 -25.12 9.52
N ASP B 134 69.25 -24.92 8.30
CA ASP B 134 70.49 -25.51 7.83
C ASP B 134 70.37 -27.03 7.69
N TYR B 135 69.18 -27.51 7.35
CA TYR B 135 68.86 -28.93 7.19
C TYR B 135 68.89 -29.71 8.49
N ASP B 136 69.03 -29.04 9.64
CA ASP B 136 69.04 -29.71 10.93
C ASP B 136 67.59 -30.01 11.28
N VAL B 137 67.12 -31.19 10.83
CA VAL B 137 65.75 -31.65 11.06
C VAL B 137 65.34 -31.50 12.52
N GLN B 138 66.23 -31.85 13.44
CA GLN B 138 65.92 -31.75 14.86
C GLN B 138 65.61 -30.31 15.24
N LYS B 139 66.44 -29.37 14.78
CA LYS B 139 66.18 -27.95 15.04
C LYS B 139 64.90 -27.50 14.36
N ALA B 140 64.65 -27.99 13.15
CA ALA B 140 63.45 -27.61 12.42
C ALA B 140 62.20 -28.19 13.07
N GLN B 141 62.29 -29.39 13.64
CA GLN B 141 61.14 -30.00 14.30
C GLN B 141 60.71 -29.21 15.54
N ARG B 142 61.57 -28.34 16.07
CA ARG B 142 61.27 -27.49 17.22
C ARG B 142 61.63 -26.07 16.80
N GLY B 143 60.66 -25.38 16.19
CA GLY B 143 60.84 -24.04 15.71
C GLY B 143 59.60 -23.21 15.97
N ILE B 144 59.66 -21.94 15.56
CA ILE B 144 58.56 -21.01 15.73
C ILE B 144 58.31 -20.32 14.40
N VAL B 145 57.06 -20.34 13.97
CA VAL B 145 56.61 -19.74 12.71
C VAL B 145 55.73 -18.54 13.04
N TYR B 146 55.68 -17.57 12.13
CA TYR B 146 54.86 -16.38 12.30
C TYR B 146 54.10 -16.11 11.00
N ILE B 147 52.90 -16.65 10.91
CA ILE B 147 52.03 -16.47 9.74
C ILE B 147 51.35 -15.11 9.88
N ASP B 148 51.75 -14.16 9.04
CA ASP B 148 51.17 -12.83 9.08
C ASP B 148 49.91 -12.77 8.21
N GLU B 149 49.16 -11.68 8.38
CA GLU B 149 47.92 -11.43 7.63
C GLU B 149 46.94 -12.59 7.72
N ILE B 150 46.88 -13.23 8.89
CA ILE B 150 45.95 -14.34 9.09
C ILE B 150 44.49 -13.92 9.07
N ASP B 151 44.20 -12.62 9.06
CA ASP B 151 42.82 -12.14 9.03
C ASP B 151 42.26 -12.00 7.63
N LYS B 152 43.12 -12.01 6.60
CA LYS B 152 42.63 -11.87 5.22
C LYS B 152 42.12 -13.18 4.65
N ILE B 153 42.48 -14.32 5.24
CA ILE B 153 42.00 -15.62 4.78
C ILE B 153 40.63 -15.97 5.32
N SER B 154 39.99 -15.07 6.07
CA SER B 154 38.70 -15.36 6.66
C SER B 154 37.62 -15.46 5.60
N ARG B 155 36.83 -16.53 5.67
CA ARG B 155 35.74 -16.76 4.73
C ARG B 155 34.74 -15.61 4.75
N LYS B 156 33.98 -15.51 3.66
CA LYS B 156 32.97 -14.47 3.49
C LYS B 156 32.09 -14.30 4.72
N SER B 157 31.52 -15.39 5.23
CA SER B 157 30.66 -15.34 6.40
C SER B 157 30.37 -16.77 6.84
N ASP B 158 29.70 -16.89 8.00
CA ASP B 158 29.36 -18.22 8.51
C ASP B 158 28.49 -19.00 7.54
N ASN B 159 27.70 -18.29 6.70
CA ASN B 159 26.88 -18.93 5.69
C ASN B 159 27.76 -19.80 4.79
N PRO B 160 27.20 -20.86 4.17
CA PRO B 160 28.04 -21.70 3.32
C PRO B 160 28.55 -20.93 2.11
N SER B 161 29.69 -21.36 1.61
CA SER B 161 30.33 -20.73 0.45
C SER B 161 29.81 -21.36 -0.83
N ILE B 162 29.29 -20.52 -1.72
CA ILE B 162 28.76 -21.03 -2.98
C ILE B 162 29.88 -21.51 -3.89
N THR B 163 31.06 -20.91 -3.80
CA THR B 163 32.22 -21.27 -4.61
C THR B 163 33.38 -21.69 -3.73
N ARG B 164 34.28 -22.48 -4.32
CA ARG B 164 35.46 -22.96 -3.62
C ARG B 164 36.40 -21.79 -3.34
N ASP B 165 36.51 -21.40 -2.06
CA ASP B 165 37.37 -20.29 -1.66
C ASP B 165 38.79 -20.82 -1.46
N VAL B 166 39.47 -21.01 -2.60
CA VAL B 166 40.85 -21.50 -2.64
C VAL B 166 41.73 -20.76 -1.63
N SER B 167 41.61 -19.43 -1.59
CA SER B 167 42.42 -18.61 -0.70
C SER B 167 41.81 -18.45 0.70
N GLY B 168 40.55 -18.84 0.88
CA GLY B 168 39.89 -18.71 2.17
C GLY B 168 39.98 -19.98 2.99
N GLU B 169 38.81 -20.60 3.24
CA GLU B 169 38.71 -21.84 4.01
C GLU B 169 39.78 -22.86 3.66
N GLY B 170 40.01 -23.06 2.35
CA GLY B 170 41.03 -23.99 1.89
C GLY B 170 42.36 -23.85 2.63
N VAL B 171 42.81 -22.61 2.82
CA VAL B 171 44.06 -22.38 3.53
C VAL B 171 43.89 -22.74 5.01
N GLN B 172 42.78 -22.34 5.61
CA GLN B 172 42.52 -22.63 7.01
C GLN B 172 42.43 -24.13 7.25
N GLN B 173 41.58 -24.81 6.47
CA GLN B 173 41.41 -26.26 6.62
C GLN B 173 42.72 -27.00 6.36
N ALA B 174 43.57 -26.46 5.48
CA ALA B 174 44.85 -27.10 5.19
C ALA B 174 45.83 -26.93 6.34
N LEU B 175 45.71 -25.85 7.12
CA LEU B 175 46.62 -25.59 8.23
C LEU B 175 46.24 -26.33 9.50
N LEU B 176 44.96 -26.70 9.66
CA LEU B 176 44.47 -27.43 10.83
C LEU B 176 45.40 -28.55 11.29
N LYS B 177 45.84 -29.39 10.36
CA LYS B 177 46.72 -30.51 10.73
C LYS B 177 48.10 -30.04 11.16
N LEU B 178 48.59 -28.92 10.60
CA LEU B 178 49.90 -28.42 10.98
C LEU B 178 49.96 -27.98 12.44
N ILE B 179 48.88 -27.37 12.93
CA ILE B 179 48.86 -26.86 14.30
C ILE B 179 48.70 -27.99 15.32
N GLU B 180 47.82 -28.95 15.05
CA GLU B 180 47.60 -30.04 16.00
C GLU B 180 48.68 -31.11 15.91
N GLY B 181 49.31 -31.26 14.74
CA GLY B 181 50.37 -32.23 14.53
C GLY B 181 50.11 -33.12 13.33
N THR B 182 51.14 -33.26 12.50
CA THR B 182 51.10 -34.06 11.28
C THR B 182 52.53 -34.10 10.74
N VAL B 183 52.74 -34.92 9.71
CA VAL B 183 54.04 -35.03 9.08
C VAL B 183 53.92 -34.51 7.66
N ALA B 184 54.24 -33.24 7.50
CA ALA B 184 54.18 -32.58 6.20
C ALA B 184 55.28 -33.11 5.27
N ALA B 185 54.95 -33.24 3.99
CA ALA B 185 55.91 -33.69 2.98
C ALA B 185 56.50 -32.43 2.36
N VAL B 186 57.73 -32.12 2.73
CA VAL B 186 58.42 -30.92 2.25
C VAL B 186 59.07 -31.26 0.91
N PRO B 187 59.05 -30.37 -0.09
CA PRO B 187 59.71 -30.66 -1.37
C PRO B 187 61.16 -31.05 -1.17
N PRO B 188 61.66 -32.07 -1.88
CA PRO B 188 63.05 -32.49 -1.68
C PRO B 188 63.98 -31.57 -2.45
N GLN B 189 65.27 -31.90 -2.41
CA GLN B 189 66.34 -31.14 -3.07
C GLN B 189 66.26 -29.66 -2.70
N GLY B 190 66.17 -29.40 -1.39
CA GLY B 190 66.04 -28.06 -0.85
C GLY B 190 66.85 -27.86 0.41
N GLY B 191 66.67 -26.71 1.05
CA GLY B 191 67.43 -26.36 2.23
C GLY B 191 68.91 -26.34 1.94
N ARG B 192 69.67 -27.26 2.53
CA ARG B 192 71.10 -27.37 2.29
C ARG B 192 71.46 -28.72 1.68
N LYS B 193 70.61 -29.22 0.78
CA LYS B 193 70.89 -30.49 0.09
C LYS B 193 70.33 -30.39 -1.32
N HIS B 194 71.22 -30.25 -2.31
CA HIS B 194 70.79 -30.22 -3.70
C HIS B 194 70.48 -31.61 -4.26
N PRO B 195 71.36 -32.62 -4.06
CA PRO B 195 71.08 -33.98 -4.60
C PRO B 195 70.22 -34.93 -3.76
N GLN B 196 68.90 -34.71 -3.77
CA GLN B 196 68.00 -35.58 -3.03
C GLN B 196 66.69 -35.77 -3.79
N GLN B 197 66.18 -37.00 -3.75
CA GLN B 197 64.93 -37.39 -4.39
C GLN B 197 63.86 -37.87 -3.43
N GLU B 198 64.22 -38.33 -2.24
CA GLU B 198 63.29 -38.87 -1.27
C GLU B 198 62.77 -37.75 -0.38
N PHE B 199 61.46 -37.49 -0.48
CA PHE B 199 60.79 -36.45 0.28
C PHE B 199 61.15 -36.52 1.76
N LEU B 200 61.65 -35.41 2.30
CA LEU B 200 62.02 -35.35 3.71
C LEU B 200 60.77 -35.20 4.56
N GLN B 201 60.72 -35.95 5.66
CA GLN B 201 59.59 -35.91 6.58
C GLN B 201 59.96 -35.09 7.81
N VAL B 202 59.03 -34.25 8.25
CA VAL B 202 59.21 -33.40 9.43
C VAL B 202 57.90 -33.35 10.19
N ASP B 203 58.01 -33.45 11.52
CA ASP B 203 56.85 -33.44 12.39
C ASP B 203 56.52 -32.01 12.79
N THR B 204 55.23 -31.67 12.74
CA THR B 204 54.74 -30.35 13.10
C THR B 204 53.96 -30.38 14.42
N SER B 205 54.33 -31.29 15.32
CA SER B 205 53.71 -31.43 16.63
C SER B 205 54.43 -30.64 17.71
N LYS B 206 55.65 -30.15 17.43
CA LYS B 206 56.45 -29.40 18.39
C LYS B 206 56.87 -28.03 17.83
N ILE B 207 56.13 -27.50 16.86
CA ILE B 207 56.42 -26.21 16.24
C ILE B 207 55.32 -25.25 16.63
N LEU B 208 55.69 -24.20 17.35
CA LEU B 208 54.75 -23.19 17.84
C LEU B 208 54.43 -22.20 16.73
N PHE B 209 53.22 -22.28 16.17
CA PHE B 209 52.78 -21.36 15.12
C PHE B 209 52.09 -20.18 15.78
N ILE B 210 52.69 -18.99 15.64
CA ILE B 210 52.17 -17.76 16.20
C ILE B 210 51.49 -16.99 15.07
N CYS B 211 50.16 -16.97 15.05
CA CYS B 211 49.47 -16.26 13.99
C CYS B 211 49.42 -14.77 14.32
N GLY B 212 48.83 -14.00 13.42
CA GLY B 212 48.73 -12.56 13.61
C GLY B 212 47.92 -11.88 12.52
N GLY B 213 47.04 -10.98 12.92
CA GLY B 213 46.19 -10.27 11.97
C GLY B 213 45.74 -8.95 12.55
N ALA B 214 45.08 -8.17 11.69
CA ALA B 214 44.56 -6.86 12.06
C ALA B 214 43.08 -6.88 12.36
N PHE B 215 42.34 -7.79 11.73
CA PHE B 215 40.90 -7.99 11.92
C PHE B 215 40.12 -6.68 11.93
N ALA B 216 40.22 -5.93 10.83
CA ALA B 216 39.50 -4.68 10.72
C ALA B 216 38.02 -4.99 10.49
N GLY B 217 37.16 -4.42 11.33
CA GLY B 217 35.74 -4.65 11.28
C GLY B 217 35.23 -5.52 12.41
N LEU B 218 36.13 -6.09 13.22
CA LEU B 218 35.74 -6.95 14.32
C LEU B 218 35.04 -6.16 15.42
N ASP B 219 35.50 -4.93 15.67
CA ASP B 219 34.90 -4.07 16.70
C ASP B 219 33.39 -4.00 16.59
N LYS B 220 32.85 -4.01 15.37
CA LYS B 220 31.40 -3.99 15.22
C LYS B 220 30.79 -5.31 15.68
N VAL B 221 31.41 -6.42 15.30
CA VAL B 221 30.94 -7.74 15.74
C VAL B 221 30.95 -7.82 17.26
N ILE B 222 32.04 -7.37 17.88
CA ILE B 222 32.16 -7.41 19.33
C ILE B 222 31.06 -6.57 19.98
N SER B 223 30.75 -5.41 19.40
CA SER B 223 29.73 -4.55 19.98
C SER B 223 28.36 -5.22 19.99
N HIS B 224 28.06 -6.00 18.95
CA HIS B 224 26.77 -6.69 18.91
C HIS B 224 26.59 -7.67 20.07
N ARG B 225 27.69 -8.10 20.70
CA ARG B 225 27.65 -8.99 21.85
C ARG B 225 27.84 -8.25 23.18
N VAL B 226 28.89 -7.44 23.27
CA VAL B 226 29.18 -6.69 24.50
C VAL B 226 28.16 -5.57 24.73
N GLU B 227 27.51 -5.08 23.68
CA GLU B 227 26.53 -4.00 23.76
C GLU B 227 25.22 -4.49 23.20
N THR B 228 24.18 -4.50 24.04
CA THR B 228 22.84 -4.94 23.66
C THR B 228 21.84 -3.91 24.15
N GLY B 229 20.63 -3.96 23.60
CA GLY B 229 19.60 -3.01 23.94
C GLY B 229 19.54 -1.81 23.02
N SER B 230 20.55 -1.60 22.16
CA SER B 230 20.57 -0.48 21.25
C SER B 230 19.35 -0.51 20.34
N GLY B 231 18.50 0.50 20.49
CA GLY B 231 17.29 0.59 19.71
C GLY B 231 16.64 1.94 19.93
N ILE B 232 15.43 2.09 19.40
CA ILE B 232 14.67 3.32 19.51
C ILE B 232 13.57 3.10 20.54
N GLY B 233 13.48 4.00 21.52
CA GLY B 233 12.48 3.91 22.55
C GLY B 233 12.98 4.58 23.81
N PHE B 234 12.19 4.45 24.87
CA PHE B 234 12.55 4.99 26.17
C PHE B 234 13.40 4.04 26.99
N GLY B 235 13.30 2.74 26.73
CA GLY B 235 14.05 1.71 27.42
C GLY B 235 15.29 1.24 26.69
N ALA B 236 15.57 1.78 25.51
CA ALA B 236 16.71 1.39 24.72
C ALA B 236 17.98 2.02 25.31
N THR B 237 19.11 1.84 24.63
CA THR B 237 20.40 2.34 25.06
C THR B 237 21.04 3.18 23.97
N VAL B 238 21.58 4.33 24.36
CA VAL B 238 22.21 5.28 23.45
C VAL B 238 23.41 5.87 24.17
N LYS B 239 24.52 6.00 23.44
CA LYS B 239 25.79 6.49 23.99
C LYS B 239 26.33 7.71 23.26
N ALA B 240 26.08 7.87 21.96
CA ALA B 240 26.51 9.00 21.14
C ALA B 240 27.98 8.94 20.74
N LYS B 241 28.69 7.85 21.02
CA LYS B 241 30.11 7.63 20.72
C LYS B 241 31.03 8.38 21.67
N SER B 242 30.50 9.18 22.60
CA SER B 242 31.34 9.89 23.56
C SER B 242 31.72 8.99 24.72
N ASP B 243 30.74 8.25 25.25
CA ASP B 243 30.96 7.32 26.35
C ASP B 243 31.25 5.90 25.85
N LYS B 244 31.03 5.61 24.57
CA LYS B 244 31.29 4.29 24.02
C LYS B 244 32.74 3.89 24.21
N ALA B 245 32.95 2.59 24.39
CA ALA B 245 34.29 2.06 24.58
C ALA B 245 35.09 2.16 23.28
N SER B 246 36.40 2.19 23.43
CA SER B 246 37.30 2.30 22.29
C SER B 246 37.57 0.91 21.70
N GLU B 247 38.18 0.91 20.51
CA GLU B 247 38.49 -0.35 19.82
C GLU B 247 39.33 -1.26 20.69
N GLY B 248 40.37 -0.71 21.33
CA GLY B 248 41.21 -1.51 22.21
C GLY B 248 40.43 -2.20 23.30
N GLU B 249 39.55 -1.45 23.97
CA GLU B 249 38.70 -2.02 25.01
C GLU B 249 37.86 -3.17 24.47
N LEU B 250 37.19 -2.93 23.33
CA LEU B 250 36.36 -3.96 22.72
C LEU B 250 37.17 -5.19 22.35
N LEU B 251 38.37 -4.98 21.78
CA LEU B 251 39.20 -6.11 21.37
C LEU B 251 39.67 -6.94 22.55
N ALA B 252 39.73 -6.37 23.75
CA ALA B 252 40.16 -7.13 24.91
C ALA B 252 39.07 -8.05 25.44
N GLN B 253 37.84 -7.96 24.92
CA GLN B 253 36.73 -8.82 25.31
C GLN B 253 36.39 -9.83 24.22
N VAL B 254 37.24 -9.97 23.20
CA VAL B 254 36.97 -10.89 22.11
C VAL B 254 36.92 -12.33 22.62
N GLU B 255 35.98 -13.09 22.06
CA GLU B 255 35.76 -14.49 22.37
C GLU B 255 35.64 -15.24 21.05
N PRO B 256 35.86 -16.57 21.06
CA PRO B 256 35.75 -17.34 19.81
C PRO B 256 34.44 -17.15 19.05
N GLU B 257 33.31 -17.03 19.77
CA GLU B 257 32.03 -16.82 19.11
C GLU B 257 32.05 -15.61 18.18
N ASP B 258 32.81 -14.56 18.55
CA ASP B 258 32.91 -13.39 17.71
C ASP B 258 33.69 -13.69 16.43
N LEU B 259 34.86 -14.32 16.58
CA LEU B 259 35.70 -14.66 15.43
C LEU B 259 34.96 -15.47 14.39
N ILE B 260 34.00 -16.30 14.80
CA ILE B 260 33.25 -17.11 13.84
C ILE B 260 32.47 -16.22 12.89
N LYS B 261 31.88 -15.15 13.41
CA LYS B 261 31.16 -14.20 12.57
C LYS B 261 32.09 -13.54 11.57
N PHE B 262 33.31 -13.21 12.02
CA PHE B 262 34.31 -12.58 11.16
C PHE B 262 34.70 -13.45 9.97
N GLY B 263 34.43 -14.76 10.02
CA GLY B 263 34.77 -15.66 8.94
C GLY B 263 35.93 -16.60 9.24
N LEU B 264 36.03 -17.04 10.49
CA LEU B 264 37.05 -17.98 10.93
C LEU B 264 36.33 -19.24 11.39
N ILE B 265 36.60 -20.35 10.70
CA ILE B 265 35.94 -21.62 11.01
C ILE B 265 36.24 -22.01 12.46
N PRO B 266 35.29 -22.59 13.20
CA PRO B 266 35.56 -22.92 14.61
C PRO B 266 36.74 -23.86 14.80
N GLU B 267 37.02 -24.73 13.84
CA GLU B 267 38.15 -25.64 13.97
C GLU B 267 39.46 -24.87 14.04
N PHE B 268 39.57 -23.77 13.29
CA PHE B 268 40.79 -22.97 13.27
C PHE B 268 41.06 -22.31 14.62
N ILE B 269 40.02 -21.71 15.23
CA ILE B 269 40.20 -21.03 16.50
C ILE B 269 40.60 -22.03 17.59
N GLY B 270 40.03 -23.24 17.54
CA GLY B 270 40.36 -24.23 18.56
C GLY B 270 41.84 -24.59 18.57
N ARG B 271 42.48 -24.54 17.40
CA ARG B 271 43.91 -24.81 17.31
C ARG B 271 44.75 -23.64 17.84
N LEU B 272 44.13 -22.50 18.15
CA LEU B 272 44.80 -21.31 18.66
C LEU B 272 44.20 -21.00 20.02
N PRO B 273 44.57 -21.77 21.06
CA PRO B 273 43.97 -21.51 22.40
C PRO B 273 44.30 -20.15 22.97
N VAL B 274 45.57 -19.74 22.99
CA VAL B 274 45.92 -18.45 23.56
C VAL B 274 45.53 -17.35 22.58
N VAL B 275 44.94 -16.28 23.11
CA VAL B 275 44.49 -15.13 22.34
C VAL B 275 44.99 -13.88 23.04
N ALA B 276 46.02 -13.25 22.49
CA ALA B 276 46.59 -12.02 23.03
C ALA B 276 46.05 -10.84 22.22
N THR B 277 45.51 -9.85 22.91
CA THR B 277 44.93 -8.67 22.30
C THR B 277 45.76 -7.44 22.59
N LEU B 278 46.07 -6.67 21.53
CA LEU B 278 46.83 -5.45 21.66
C LEU B 278 45.88 -4.27 21.85
N ASN B 279 46.41 -3.18 22.40
CA ASN B 279 45.65 -1.97 22.65
C ASN B 279 46.13 -0.86 21.73
N GLU B 280 45.19 -0.06 21.22
CA GLU B 280 45.52 1.06 20.36
C GLU B 280 46.48 2.00 21.07
N LEU B 281 47.60 2.31 20.41
CA LEU B 281 48.60 3.21 20.96
C LEU B 281 47.96 4.52 21.42
N SER B 282 48.57 5.14 22.43
CA SER B 282 48.12 6.40 22.99
C SER B 282 49.06 7.52 22.59
N GLU B 283 48.57 8.76 22.74
CA GLU B 283 49.38 9.93 22.43
C GLU B 283 50.71 9.90 23.19
N GLU B 284 50.65 9.55 24.48
CA GLU B 284 51.86 9.44 25.28
C GLU B 284 52.81 8.40 24.71
N ALA B 285 52.27 7.22 24.36
CA ALA B 285 53.10 6.16 23.82
C ALA B 285 53.75 6.55 22.50
N LEU B 286 53.03 7.27 21.65
CA LEU B 286 53.59 7.68 20.37
C LEU B 286 54.81 8.57 20.56
N ILE B 287 54.79 9.43 21.58
CA ILE B 287 55.94 10.28 21.85
C ILE B 287 57.15 9.45 22.21
N GLN B 288 56.94 8.38 22.98
CA GLN B 288 58.05 7.50 23.37
C GLN B 288 58.61 6.75 22.18
N ILE B 289 57.77 6.41 21.20
CA ILE B 289 58.22 5.65 20.04
C ILE B 289 59.18 6.46 19.17
N LEU B 290 59.12 7.78 19.24
CA LEU B 290 59.98 8.61 18.40
C LEU B 290 61.42 8.71 18.89
N LYS B 291 61.69 8.50 20.20
CA LYS B 291 63.06 8.59 20.71
C LYS B 291 63.55 7.36 21.48
N GLU B 292 62.67 6.68 22.23
CA GLU B 292 63.13 5.54 23.02
C GLU B 292 63.57 4.35 22.19
N PRO B 293 62.80 3.85 21.21
CA PRO B 293 63.22 2.65 20.46
C PRO B 293 64.61 2.74 19.85
N LYS B 294 65.20 1.55 19.65
CA LYS B 294 66.54 1.42 19.07
C LYS B 294 66.62 2.08 17.69
N ASN B 295 65.62 1.84 16.84
CA ASN B 295 65.58 2.34 15.47
C ASN B 295 64.37 3.22 15.25
N ALA B 296 64.11 4.09 16.23
CA ALA B 296 63.01 5.05 16.17
C ALA B 296 63.04 5.84 14.87
N LEU B 297 61.84 6.28 14.44
CA LEU B 297 61.68 7.04 13.22
C LEU B 297 62.61 8.26 13.18
N THR B 298 62.60 9.05 14.25
CA THR B 298 63.45 10.25 14.33
C THR B 298 64.91 9.91 14.08
N LYS B 299 65.42 8.86 14.72
CA LYS B 299 66.81 8.46 14.54
C LYS B 299 67.12 8.16 13.08
N GLN B 300 66.18 7.52 12.38
CA GLN B 300 66.39 7.21 10.96
C GLN B 300 66.62 8.48 10.16
N TYR B 301 65.79 9.50 10.38
CA TYR B 301 65.96 10.76 9.66
C TYR B 301 67.25 11.46 10.05
N GLN B 302 67.57 11.47 11.35
CA GLN B 302 68.80 12.09 11.83
C GLN B 302 70.02 11.51 11.11
N ALA B 303 70.02 10.20 10.87
CA ALA B 303 71.13 9.56 10.18
C ALA B 303 71.31 10.14 8.79
N LEU B 304 70.20 10.39 8.08
CA LEU B 304 70.27 10.98 6.75
C LEU B 304 70.93 12.35 6.81
N PHE B 305 70.36 13.25 7.62
CA PHE B 305 70.95 14.58 7.78
C PHE B 305 72.39 14.51 8.27
N ASN B 306 72.74 13.48 9.04
CA ASN B 306 74.08 13.38 9.61
C ASN B 306 75.09 12.83 8.62
N LEU B 307 74.70 11.87 7.77
CA LEU B 307 75.65 11.34 6.81
C LEU B 307 76.05 12.39 5.78
N GLU B 308 75.16 13.34 5.49
CA GLU B 308 75.49 14.40 4.54
C GLU B 308 76.26 15.54 5.19
N GLY B 309 76.28 15.63 6.52
CA GLY B 309 77.03 16.65 7.23
C GLY B 309 76.25 17.68 8.01
N VAL B 310 75.07 17.33 8.51
CA VAL B 310 74.24 18.27 9.28
C VAL B 310 73.62 17.54 10.47
N ASP B 311 73.52 18.24 11.60
CA ASP B 311 72.90 17.68 12.79
C ASP B 311 71.41 17.98 12.77
N LEU B 312 70.64 17.12 13.44
CA LEU B 312 69.20 17.28 13.52
C LEU B 312 68.70 16.90 14.91
N GLU B 313 67.79 17.72 15.43
CA GLU B 313 67.20 17.47 16.75
C GLU B 313 65.75 17.93 16.71
N PHE B 314 64.92 17.32 17.55
CA PHE B 314 63.50 17.63 17.65
C PHE B 314 63.18 18.02 19.08
N ARG B 315 62.51 19.16 19.24
CA ARG B 315 62.14 19.64 20.56
C ARG B 315 61.01 18.78 21.14
N ASP B 316 60.96 18.72 22.47
CA ASP B 316 59.93 17.92 23.14
C ASP B 316 58.53 18.34 22.74
N GLU B 317 58.29 19.65 22.58
CA GLU B 317 56.98 20.12 22.18
C GLU B 317 56.59 19.62 20.80
N ALA B 318 57.57 19.48 19.90
CA ALA B 318 57.30 18.99 18.55
C ALA B 318 56.69 17.59 18.59
N LEU B 319 57.29 16.70 19.38
CA LEU B 319 56.80 15.33 19.49
C LEU B 319 55.35 15.28 19.93
N ASP B 320 54.96 16.16 20.86
CA ASP B 320 53.58 16.15 21.35
C ASP B 320 52.60 16.48 20.23
N ALA B 321 52.91 17.48 19.41
CA ALA B 321 52.03 17.84 18.30
C ALA B 321 51.88 16.68 17.32
N ILE B 322 53.00 16.07 16.94
CA ILE B 322 53.00 14.92 16.03
C ILE B 322 52.07 13.83 16.51
N ALA B 323 52.10 13.54 17.83
CA ALA B 323 51.26 12.49 18.40
C ALA B 323 49.78 12.78 18.17
N LYS B 324 49.36 14.03 18.39
CA LYS B 324 47.95 14.37 18.21
C LYS B 324 47.52 14.21 16.76
N LYS B 325 48.36 14.64 15.82
CA LYS B 325 48.01 14.52 14.41
C LYS B 325 47.96 13.06 13.96
N ALA B 326 48.88 12.24 14.45
CA ALA B 326 48.90 10.84 14.07
C ALA B 326 47.61 10.13 14.48
N MET B 327 47.10 10.45 15.68
CA MET B 327 45.86 9.84 16.15
C MET B 327 44.72 10.06 15.16
N ALA B 328 44.70 11.21 14.48
CA ALA B 328 43.65 11.51 13.51
C ALA B 328 43.73 10.60 12.30
N ARG B 329 44.93 10.19 11.90
CA ARG B 329 45.08 9.35 10.73
C ARG B 329 44.56 7.94 10.96
N LYS B 330 44.58 7.46 12.21
CA LYS B 330 44.08 6.14 12.57
C LYS B 330 44.93 5.02 11.96
N THR B 331 46.22 5.27 11.77
CA THR B 331 47.14 4.30 11.17
C THR B 331 48.27 3.90 12.12
N GLY B 332 48.17 4.23 13.40
CA GLY B 332 49.22 3.85 14.32
C GLY B 332 50.51 4.61 14.08
N ALA B 333 51.63 3.93 14.37
CA ALA B 333 52.95 4.53 14.19
C ALA B 333 53.21 4.90 12.73
N ARG B 334 52.56 4.22 11.78
CA ARG B 334 52.76 4.55 10.38
C ARG B 334 52.37 5.98 10.07
N GLY B 335 51.30 6.46 10.71
CA GLY B 335 50.86 7.84 10.54
C GLY B 335 51.95 8.86 10.80
N LEU B 336 52.87 8.56 11.72
CA LEU B 336 53.94 9.48 12.08
C LEU B 336 54.77 9.87 10.86
N ARG B 337 55.21 8.89 10.06
CA ARG B 337 56.04 9.16 8.89
C ARG B 337 55.40 10.19 7.97
N SER B 338 54.08 10.14 7.81
CA SER B 338 53.40 11.12 6.96
C SER B 338 53.55 12.53 7.52
N ILE B 339 53.31 12.68 8.82
CA ILE B 339 53.40 13.98 9.48
C ILE B 339 54.82 14.55 9.36
N VAL B 340 55.82 13.72 9.65
CA VAL B 340 57.21 14.19 9.61
C VAL B 340 57.62 14.54 8.19
N GLU B 341 57.32 13.66 7.23
CA GLU B 341 57.68 13.92 5.83
C GLU B 341 57.09 15.22 5.33
N ALA B 342 55.83 15.51 5.70
CA ALA B 342 55.18 16.73 5.25
C ALA B 342 55.83 17.97 5.86
N ALA B 343 56.13 17.93 7.15
CA ALA B 343 56.70 19.09 7.84
C ALA B 343 58.03 19.52 7.24
N LEU B 344 58.88 18.57 6.85
CA LEU B 344 60.21 18.87 6.31
C LEU B 344 60.35 18.51 4.84
N LEU B 345 59.23 18.37 4.11
CA LEU B 345 59.30 18.05 2.68
C LEU B 345 60.11 19.11 1.94
N ASP B 346 59.64 20.37 1.97
CA ASP B 346 60.36 21.46 1.32
C ASP B 346 61.78 21.58 1.85
N THR B 347 61.95 21.39 3.16
CA THR B 347 63.27 21.49 3.78
C THR B 347 64.25 20.48 3.20
N MET B 348 63.80 19.23 3.04
CA MET B 348 64.69 18.19 2.51
C MET B 348 64.95 18.34 1.02
N TYR B 349 64.24 19.23 0.32
CA TYR B 349 64.45 19.43 -1.11
C TYR B 349 65.48 20.50 -1.40
N ASP B 350 65.52 21.57 -0.61
CA ASP B 350 66.43 22.69 -0.81
C ASP B 350 67.66 22.63 0.07
N LEU B 351 67.56 22.03 1.26
CA LEU B 351 68.71 21.97 2.15
C LEU B 351 69.94 21.27 1.55
N PRO B 352 69.82 20.18 0.78
CA PRO B 352 71.03 19.57 0.19
C PRO B 352 71.90 20.53 -0.61
N SER B 353 71.31 21.58 -1.18
CA SER B 353 72.06 22.57 -1.95
C SER B 353 72.61 23.67 -1.06
N MET B 354 71.98 23.94 0.08
CA MET B 354 72.44 24.97 0.98
C MET B 354 73.85 24.68 1.49
N GLU B 355 74.61 25.74 1.71
CA GLU B 355 75.98 25.67 2.19
C GLU B 355 76.09 26.40 3.53
N ASP B 356 77.24 26.21 4.19
CA ASP B 356 77.51 26.82 5.49
C ASP B 356 76.41 26.52 6.51
N VAL B 357 75.93 25.28 6.49
CA VAL B 357 74.88 24.81 7.40
C VAL B 357 75.46 23.68 8.24
N GLU B 358 75.23 23.74 9.55
CA GLU B 358 75.75 22.76 10.50
C GLU B 358 74.67 22.01 11.27
N LYS B 359 73.51 22.60 11.52
CA LYS B 359 72.48 21.93 12.30
C LYS B 359 71.11 22.52 11.97
N VAL B 360 70.08 21.71 12.22
CA VAL B 360 68.69 22.09 12.00
C VAL B 360 67.91 21.77 13.28
N VAL B 361 66.93 22.61 13.57
CA VAL B 361 66.11 22.48 14.78
C VAL B 361 64.66 22.73 14.39
N ILE B 362 63.80 21.74 14.63
CA ILE B 362 62.37 21.82 14.32
C ILE B 362 61.62 22.03 15.62
N ASP B 363 60.69 23.00 15.61
CA ASP B 363 59.86 23.33 16.77
C ASP B 363 58.40 23.00 16.48
N GLU B 364 57.58 23.13 17.52
CA GLU B 364 56.15 22.84 17.39
C GLU B 364 55.49 23.69 16.31
N SER B 365 55.91 24.95 16.17
CA SER B 365 55.33 25.83 15.16
C SER B 365 55.50 25.27 13.76
N VAL B 366 56.66 24.70 13.46
CA VAL B 366 56.92 24.14 12.14
C VAL B 366 55.95 23.02 11.82
N ILE B 367 55.52 22.26 12.82
CA ILE B 367 54.61 21.14 12.58
C ILE B 367 53.26 21.62 12.06
N ASP B 368 52.84 22.83 12.45
CA ASP B 368 51.56 23.38 12.00
C ASP B 368 51.68 24.30 10.79
N GLY B 369 52.91 24.65 10.38
CA GLY B 369 53.12 25.49 9.22
C GLY B 369 53.18 26.98 9.48
N GLN B 370 52.78 27.44 10.68
CA GLN B 370 52.82 28.87 10.97
C GLN B 370 54.23 29.45 10.86
N SER B 371 55.26 28.64 11.13
CA SER B 371 56.65 29.05 11.09
C SER B 371 57.43 28.09 10.19
N GLU B 372 58.71 28.42 9.99
CA GLU B 372 59.61 27.65 9.15
C GLU B 372 60.84 27.22 9.97
N PRO B 373 61.42 26.06 9.68
CA PRO B 373 62.58 25.59 10.46
C PRO B 373 63.73 26.58 10.49
N LEU B 374 64.29 26.79 11.69
CA LEU B 374 65.42 27.68 11.89
C LEU B 374 66.69 26.87 11.69
N LEU B 375 67.41 27.16 10.62
CA LEU B 375 68.66 26.44 10.31
C LEU B 375 69.85 27.23 10.86
N ILE B 376 70.65 26.55 11.68
CA ILE B 376 71.83 27.16 12.30
C ILE B 376 72.97 27.10 11.29
N TYR B 377 73.38 28.26 10.77
CA TYR B 377 74.48 28.31 9.83
C TYR B 377 75.81 28.14 10.55
N GLY B 378 76.79 27.59 9.83
CA GLY B 378 78.11 27.37 10.38
C GLY B 378 78.84 26.23 9.71
N ALA C 27 79.26 11.90 -7.81
CA ALA C 27 78.43 12.89 -7.13
C ALA C 27 76.95 12.60 -7.37
N LEU C 28 76.23 12.31 -6.29
CA LEU C 28 74.81 12.03 -6.39
C LEU C 28 74.06 13.24 -6.96
N PRO C 29 72.97 13.03 -7.68
CA PRO C 29 72.24 14.17 -8.26
C PRO C 29 71.45 14.91 -7.19
N THR C 30 71.70 16.21 -7.08
CA THR C 30 70.99 17.03 -6.11
C THR C 30 69.51 17.12 -6.47
N PRO C 31 68.63 17.34 -5.48
CA PRO C 31 67.19 17.45 -5.83
C PRO C 31 66.88 18.56 -6.81
N HIS C 32 67.54 19.72 -6.68
CA HIS C 32 67.34 20.81 -7.62
C HIS C 32 67.58 20.36 -9.04
N GLU C 33 68.74 19.72 -9.28
CA GLU C 33 69.08 19.19 -10.59
C GLU C 33 67.99 18.24 -11.09
N ILE C 34 67.56 17.33 -10.22
CA ILE C 34 66.52 16.36 -10.57
C ILE C 34 65.24 17.07 -11.03
N ARG C 35 64.82 18.10 -10.28
CA ARG C 35 63.59 18.82 -10.60
C ARG C 35 63.58 19.35 -12.04
N ASN C 36 64.66 20.03 -12.47
CA ASN C 36 64.65 20.57 -13.82
C ASN C 36 64.55 19.48 -14.87
N HIS C 37 64.99 18.26 -14.56
CA HIS C 37 64.83 17.17 -15.51
C HIS C 37 63.35 16.81 -15.63
N LEU C 38 62.58 17.08 -14.58
CA LEU C 38 61.13 16.87 -14.58
C LEU C 38 60.37 18.08 -15.09
N ASP C 39 61.06 19.21 -15.29
CA ASP C 39 60.46 20.44 -15.80
C ASP C 39 60.51 20.50 -17.31
N ASP C 40 61.45 19.78 -17.92
CA ASP C 40 61.56 19.76 -19.38
C ASP C 40 60.34 19.10 -20.01
N TYR C 41 59.70 18.17 -19.29
CA TYR C 41 58.53 17.46 -19.79
C TYR C 41 57.23 17.83 -19.09
N VAL C 42 57.30 18.40 -17.88
CA VAL C 42 56.11 18.79 -17.13
C VAL C 42 56.19 20.27 -16.80
N ILE C 43 55.07 20.96 -16.94
CA ILE C 43 54.96 22.39 -16.67
C ILE C 43 54.10 22.58 -15.43
N GLY C 44 54.75 22.71 -14.26
CA GLY C 44 54.05 22.94 -13.01
C GLY C 44 54.25 21.80 -12.02
N GLN C 45 53.26 21.63 -11.14
CA GLN C 45 53.27 20.62 -10.08
C GLN C 45 54.59 20.62 -9.32
N GLU C 46 54.88 21.77 -8.71
CA GLU C 46 56.11 21.93 -7.93
C GLU C 46 56.11 21.01 -6.71
N GLN C 47 54.96 20.87 -6.05
CA GLN C 47 54.88 20.03 -4.86
C GLN C 47 55.19 18.57 -5.20
N ALA C 48 54.49 18.01 -6.19
CA ALA C 48 54.72 16.62 -6.58
C ALA C 48 56.16 16.40 -7.02
N LYS C 49 56.75 17.37 -7.73
CA LYS C 49 58.12 17.22 -8.18
C LYS C 49 59.08 17.14 -7.00
N LYS C 50 58.81 17.91 -5.94
CA LYS C 50 59.68 17.87 -4.77
C LYS C 50 59.63 16.50 -4.09
N VAL C 51 58.43 15.95 -3.94
CA VAL C 51 58.24 14.63 -3.33
C VAL C 51 59.11 13.59 -4.02
N LEU C 52 59.03 13.54 -5.36
CA LEU C 52 59.80 12.54 -6.10
C LEU C 52 61.29 12.81 -6.05
N ALA C 53 61.70 14.08 -6.00
CA ALA C 53 63.12 14.38 -5.93
C ALA C 53 63.68 14.01 -4.56
N VAL C 54 62.97 14.41 -3.49
CA VAL C 54 63.37 14.06 -2.13
C VAL C 54 63.50 12.54 -1.99
N ALA C 55 62.45 11.82 -2.41
CA ALA C 55 62.44 10.36 -2.31
C ALA C 55 63.61 9.73 -3.05
N VAL C 56 63.92 10.22 -4.26
CA VAL C 56 65.03 9.64 -5.01
C VAL C 56 66.35 10.00 -4.34
N TYR C 57 66.45 11.22 -3.80
CA TYR C 57 67.66 11.60 -3.10
C TYR C 57 67.85 10.72 -1.86
N ASN C 58 66.81 10.63 -1.03
CA ASN C 58 66.85 9.77 0.15
C ASN C 58 67.12 8.32 -0.24
N HIS C 59 66.51 7.86 -1.34
CA HIS C 59 66.70 6.48 -1.78
C HIS C 59 68.16 6.21 -2.11
N TYR C 60 68.82 7.13 -2.82
CA TYR C 60 70.22 6.94 -3.13
C TYR C 60 71.06 6.94 -1.86
N LYS C 61 70.74 7.83 -0.93
CA LYS C 61 71.43 7.85 0.36
C LYS C 61 71.25 6.53 1.10
N ARG C 62 70.03 5.98 1.06
CA ARG C 62 69.74 4.73 1.75
C ARG C 62 70.57 3.58 1.19
N LEU C 63 70.66 3.47 -0.13
CA LEU C 63 71.44 2.40 -0.73
C LEU C 63 72.93 2.70 -0.77
N ARG C 64 73.33 3.95 -0.51
CA ARG C 64 74.74 4.30 -0.47
C ARG C 64 75.33 4.02 0.90
N ASN C 65 74.54 4.21 1.95
CA ASN C 65 74.96 3.95 3.33
C ASN C 65 74.57 2.54 3.73
N GLY C 66 75.10 1.57 2.97
CA GLY C 66 74.84 0.16 3.18
C GLY C 66 75.84 -0.54 4.06
N ASP C 67 76.86 0.17 4.55
CA ASP C 67 77.84 -0.42 5.45
C ASP C 67 77.35 -0.46 6.89
N THR C 68 76.16 0.07 7.17
CA THR C 68 75.58 0.10 8.51
C THR C 68 76.49 0.87 9.47
N SER C 69 76.95 2.05 9.00
CA SER C 69 77.78 2.93 9.82
C SER C 69 77.12 3.19 11.17
N ASN C 70 75.83 3.51 11.15
CA ASN C 70 75.04 3.76 12.34
C ASN C 70 74.09 2.58 12.56
N GLY C 71 74.13 2.00 13.75
CA GLY C 71 73.31 0.87 14.15
C GLY C 71 71.87 0.89 13.67
N VAL C 72 71.22 2.05 13.78
CA VAL C 72 69.82 2.20 13.37
C VAL C 72 69.60 1.68 11.96
N GLU C 73 68.44 1.06 11.75
CA GLU C 73 68.04 0.53 10.46
C GLU C 73 67.22 1.58 9.72
N LEU C 74 67.72 2.04 8.58
CA LEU C 74 67.00 3.05 7.80
C LEU C 74 65.76 2.43 7.16
N GLY C 75 64.68 3.21 7.15
CA GLY C 75 63.42 2.79 6.56
C GLY C 75 63.06 3.61 5.34
N LYS C 76 62.21 3.07 4.48
CA LYS C 76 61.78 3.75 3.26
C LYS C 76 60.42 4.42 3.46
N SER C 77 60.17 5.43 2.63
CA SER C 77 58.94 6.21 2.64
C SER C 77 58.28 6.10 1.28
N ASN C 78 57.14 5.41 1.22
CA ASN C 78 56.44 5.24 -0.05
C ASN C 78 55.56 6.45 -0.35
N ILE C 79 55.37 6.71 -1.63
CA ILE C 79 54.61 7.87 -2.11
C ILE C 79 53.32 7.39 -2.76
N LEU C 80 52.33 8.29 -2.77
CA LEU C 80 51.03 8.05 -3.40
C LEU C 80 50.72 9.33 -4.18
N LEU C 81 50.78 9.24 -5.50
CA LEU C 81 50.57 10.39 -6.38
C LEU C 81 49.11 10.45 -6.81
N ILE C 82 48.31 11.28 -6.13
CA ILE C 82 46.92 11.47 -6.49
C ILE C 82 46.86 12.64 -7.46
N GLY C 83 46.02 12.53 -8.47
CA GLY C 83 45.89 13.58 -9.45
C GLY C 83 44.76 13.31 -10.44
N PRO C 84 44.16 14.34 -11.03
CA PRO C 84 43.11 14.10 -12.01
C PRO C 84 43.70 13.74 -13.36
N THR C 85 42.83 13.25 -14.25
CA THR C 85 43.26 12.81 -15.57
C THR C 85 43.91 13.94 -16.34
N GLY C 86 44.91 13.58 -17.14
CA GLY C 86 45.63 14.56 -17.94
C GLY C 86 46.48 15.52 -17.15
N SER C 87 46.93 15.11 -15.95
CA SER C 87 47.73 15.98 -15.09
C SER C 87 49.22 15.76 -15.26
N GLY C 88 49.66 14.51 -15.46
CA GLY C 88 51.07 14.20 -15.62
C GLY C 88 51.58 13.07 -14.77
N LYS C 89 50.68 12.33 -14.11
CA LYS C 89 51.09 11.22 -13.24
C LYS C 89 51.94 10.20 -14.01
N THR C 90 51.35 9.59 -15.05
CA THR C 90 52.11 8.61 -15.83
C THR C 90 53.33 9.25 -16.48
N LEU C 91 53.23 10.52 -16.87
CA LEU C 91 54.36 11.21 -17.49
C LEU C 91 55.54 11.31 -16.53
N LEU C 92 55.27 11.57 -15.25
CA LEU C 92 56.33 11.70 -14.26
C LEU C 92 57.17 10.43 -14.15
N ALA C 93 56.50 9.26 -14.14
CA ALA C 93 57.23 8.01 -14.03
C ALA C 93 58.15 7.79 -15.23
N GLU C 94 57.64 8.04 -16.43
CA GLU C 94 58.46 7.89 -17.63
C GLU C 94 59.59 8.90 -17.69
N THR C 95 59.46 10.03 -16.98
CA THR C 95 60.50 11.05 -16.97
C THR C 95 61.60 10.74 -15.97
N LEU C 96 61.25 10.06 -14.87
CA LEU C 96 62.24 9.75 -13.83
C LEU C 96 63.18 8.64 -14.27
N ALA C 97 62.65 7.58 -14.90
CA ALA C 97 63.48 6.47 -15.32
C ALA C 97 64.61 6.89 -16.25
N ARG C 98 64.41 7.94 -17.04
CA ARG C 98 65.43 8.38 -17.99
C ARG C 98 66.73 8.81 -17.31
N LEU C 99 66.64 9.53 -16.18
CA LEU C 99 67.83 10.06 -15.53
C LEU C 99 68.42 9.16 -14.45
N LEU C 100 67.62 8.34 -13.80
CA LEU C 100 68.15 7.49 -12.74
C LEU C 100 68.95 6.31 -13.32
N ASP C 101 69.69 5.65 -12.44
CA ASP C 101 70.53 4.50 -12.80
C ASP C 101 70.02 3.18 -12.25
N VAL C 102 69.35 3.17 -11.10
CA VAL C 102 68.85 1.94 -10.49
C VAL C 102 67.75 1.36 -11.37
N PRO C 103 67.51 0.05 -11.34
CA PRO C 103 66.44 -0.51 -12.18
C PRO C 103 65.08 0.09 -11.84
N PHE C 104 64.31 0.38 -12.89
CA PHE C 104 62.97 0.95 -12.77
C PHE C 104 62.02 0.18 -13.67
N THR C 105 60.77 0.06 -13.23
CA THR C 105 59.76 -0.64 -14.00
C THR C 105 58.39 -0.07 -13.65
N MET C 106 57.47 -0.21 -14.59
CA MET C 106 56.09 0.24 -14.45
C MET C 106 55.19 -0.98 -14.32
N ALA C 107 53.94 -0.75 -13.95
CA ALA C 107 52.99 -1.83 -13.78
C ALA C 107 51.58 -1.28 -13.78
N ASP C 108 50.61 -2.19 -13.70
CA ASP C 108 49.20 -1.88 -13.68
C ASP C 108 48.57 -2.68 -12.54
N ALA C 109 47.59 -2.07 -11.86
CA ALA C 109 46.92 -2.71 -10.74
C ALA C 109 45.55 -3.27 -11.09
N THR C 110 45.02 -2.98 -12.28
CA THR C 110 43.74 -3.55 -12.67
C THR C 110 43.89 -4.96 -13.21
N THR C 111 45.11 -5.36 -13.57
CA THR C 111 45.39 -6.71 -14.07
C THR C 111 45.79 -7.67 -12.97
N LEU C 112 46.26 -7.16 -11.83
CA LEU C 112 46.72 -8.03 -10.76
C LEU C 112 45.56 -8.75 -10.09
N THR C 113 45.83 -9.97 -9.65
CA THR C 113 44.85 -10.82 -8.99
C THR C 113 45.53 -11.60 -7.88
N GLU C 114 44.74 -12.02 -6.90
CA GLU C 114 45.23 -12.80 -5.79
C GLU C 114 45.89 -14.09 -6.27
N ALA C 115 46.68 -14.70 -5.40
CA ALA C 115 47.37 -15.94 -5.74
C ALA C 115 46.38 -17.08 -5.85
N GLY C 116 46.63 -17.98 -6.79
CA GLY C 116 45.74 -19.11 -7.01
C GLY C 116 44.59 -18.86 -7.94
N TYR C 117 44.65 -17.81 -8.76
CA TYR C 117 43.59 -17.47 -9.70
C TYR C 117 44.16 -17.29 -11.09
N VAL C 118 43.29 -17.46 -12.09
CA VAL C 118 43.67 -17.34 -13.50
C VAL C 118 44.35 -16.01 -13.80
N GLY C 119 43.98 -14.95 -13.08
CA GLY C 119 44.57 -13.64 -13.31
C GLY C 119 46.05 -13.55 -13.01
N GLU C 120 46.58 -12.34 -13.07
CA GLU C 120 47.99 -12.10 -12.81
C GLU C 120 48.26 -12.22 -11.31
N ASP C 121 49.53 -12.07 -10.94
CA ASP C 121 50.00 -12.20 -9.57
C ASP C 121 50.90 -11.01 -9.24
N VAL C 122 51.15 -10.83 -7.94
CA VAL C 122 51.95 -9.71 -7.46
C VAL C 122 53.44 -9.98 -7.51
N GLU C 123 53.87 -11.16 -7.96
CA GLU C 123 55.29 -11.48 -8.06
C GLU C 123 55.87 -11.15 -9.42
N ASN C 124 55.04 -11.06 -10.46
CA ASN C 124 55.54 -10.71 -11.79
C ASN C 124 56.17 -9.31 -11.79
N ILE C 125 55.77 -8.45 -10.86
CA ILE C 125 56.33 -7.12 -10.75
C ILE C 125 57.84 -7.20 -10.51
N ILE C 126 58.28 -8.19 -9.74
CA ILE C 126 59.70 -8.34 -9.46
C ILE C 126 60.42 -8.89 -10.68
N GLN C 127 59.75 -9.75 -11.46
CA GLN C 127 60.37 -10.27 -12.68
C GLN C 127 60.74 -9.15 -13.62
N LYS C 128 59.80 -8.21 -13.84
CA LYS C 128 60.08 -7.05 -14.69
C LYS C 128 61.24 -6.24 -14.15
N LEU C 129 61.21 -5.93 -12.84
CA LEU C 129 62.29 -5.19 -12.22
C LEU C 129 63.62 -5.91 -12.36
N LEU C 130 63.61 -7.24 -12.31
CA LEU C 130 64.84 -8.00 -12.45
C LEU C 130 65.41 -7.89 -13.85
N GLN C 131 64.55 -8.07 -14.87
CA GLN C 131 65.01 -7.95 -16.25
C GLN C 131 65.66 -6.60 -16.51
N LYS C 132 65.06 -5.51 -16.00
CA LYS C 132 65.66 -4.19 -16.16
C LYS C 132 67.00 -4.13 -15.44
N SER C 133 67.09 -4.77 -14.28
CA SER C 133 68.30 -4.84 -13.47
C SER C 133 69.34 -5.80 -14.03
N ASP C 134 69.03 -6.49 -15.14
CA ASP C 134 69.93 -7.49 -15.72
C ASP C 134 70.10 -8.67 -14.77
N TYR C 135 68.99 -9.05 -14.12
CA TYR C 135 68.95 -10.17 -13.18
C TYR C 135 69.98 -10.02 -12.06
N ASP C 136 70.27 -8.77 -11.68
CA ASP C 136 71.20 -8.46 -10.60
C ASP C 136 70.33 -8.23 -9.36
N VAL C 137 70.15 -9.31 -8.59
CA VAL C 137 69.32 -9.30 -7.38
C VAL C 137 69.66 -8.12 -6.47
N GLN C 138 70.95 -7.86 -6.26
CA GLN C 138 71.34 -6.76 -5.38
C GLN C 138 70.83 -5.42 -5.90
N LYS C 139 70.95 -5.19 -7.21
CA LYS C 139 70.44 -3.96 -7.80
C LYS C 139 68.92 -3.87 -7.68
N ALA C 140 68.23 -4.97 -8.02
CA ALA C 140 66.77 -4.99 -7.97
C ALA C 140 66.26 -4.79 -6.55
N GLN C 141 67.02 -5.20 -5.53
CA GLN C 141 66.56 -5.03 -4.17
C GLN C 141 66.57 -3.57 -3.73
N ARG C 142 67.26 -2.69 -4.48
CA ARG C 142 67.31 -1.26 -4.17
C ARG C 142 66.74 -0.45 -5.34
N GLY C 143 65.71 -0.98 -6.01
CA GLY C 143 65.10 -0.32 -7.13
C GLY C 143 63.84 0.43 -6.75
N ILE C 144 63.21 1.00 -7.78
CA ILE C 144 61.98 1.77 -7.67
C ILE C 144 60.92 1.07 -8.49
N VAL C 145 59.66 1.18 -8.06
CA VAL C 145 58.52 0.58 -8.74
C VAL C 145 57.41 1.60 -8.79
N TYR C 146 56.54 1.48 -9.81
CA TYR C 146 55.42 2.39 -10.02
C TYR C 146 54.18 1.54 -10.30
N ILE C 147 53.22 1.56 -9.38
CA ILE C 147 51.96 0.83 -9.51
C ILE C 147 50.92 1.85 -9.94
N ASP C 148 50.60 1.86 -11.23
CA ASP C 148 49.61 2.78 -11.77
C ASP C 148 48.19 2.23 -11.62
N GLU C 149 47.23 3.15 -11.63
CA GLU C 149 45.81 2.81 -11.52
C GLU C 149 45.50 2.12 -10.20
N ILE C 150 46.04 2.66 -9.10
CA ILE C 150 45.80 2.10 -7.77
C ILE C 150 44.42 2.46 -7.22
N ASP C 151 43.63 3.24 -7.96
CA ASP C 151 42.29 3.62 -7.51
C ASP C 151 41.19 2.71 -8.03
N LYS C 152 41.51 1.76 -8.91
CA LYS C 152 40.52 0.84 -9.44
C LYS C 152 40.33 -0.39 -8.58
N ILE C 153 41.22 -0.61 -7.60
CA ILE C 153 41.16 -1.76 -6.71
C ILE C 153 40.47 -1.42 -5.39
N SER C 154 39.80 -0.28 -5.30
CA SER C 154 39.15 0.10 -4.06
C SER C 154 38.02 -0.87 -3.71
N ARG C 155 37.81 -1.04 -2.41
CA ARG C 155 36.77 -1.96 -1.92
C ARG C 155 35.40 -1.28 -1.95
N LYS C 156 34.40 -2.01 -2.45
CA LYS C 156 33.03 -1.52 -2.48
C LYS C 156 32.45 -1.69 -1.08
N SER C 157 32.82 -0.75 -0.20
CA SER C 157 32.39 -0.78 1.20
C SER C 157 30.87 -0.90 1.36
N ASP C 158 30.10 -0.37 0.41
CA ASP C 158 28.65 -0.45 0.51
C ASP C 158 28.12 -1.86 0.36
N ASN C 159 28.90 -2.78 -0.31
CA ASN C 159 28.46 -4.16 -0.51
C ASN C 159 28.80 -5.02 0.71
N PRO C 160 28.00 -6.03 1.03
CA PRO C 160 28.32 -6.89 2.17
C PRO C 160 29.46 -7.83 1.83
N SER C 161 30.17 -8.27 2.87
CA SER C 161 31.30 -9.17 2.70
C SER C 161 30.76 -10.57 2.42
N ILE C 162 30.44 -10.79 1.13
CA ILE C 162 29.91 -12.06 0.66
C ILE C 162 30.79 -12.73 -0.38
N THR C 163 31.85 -12.08 -0.85
CA THR C 163 32.74 -12.69 -1.83
C THR C 163 34.10 -11.99 -1.74
N ARG C 164 35.15 -12.75 -2.02
CA ARG C 164 36.51 -12.21 -1.98
C ARG C 164 36.79 -11.42 -3.25
N ASP C 165 37.03 -10.12 -3.10
CA ASP C 165 37.34 -9.24 -4.23
C ASP C 165 38.82 -9.38 -4.58
N VAL C 166 39.14 -10.43 -5.33
CA VAL C 166 40.53 -10.66 -5.74
C VAL C 166 41.07 -9.52 -6.61
N SER C 167 40.18 -8.74 -7.23
CA SER C 167 40.59 -7.61 -8.06
C SER C 167 40.64 -6.31 -7.26
N GLY C 168 39.85 -6.20 -6.20
CA GLY C 168 39.82 -5.02 -5.36
C GLY C 168 40.57 -5.21 -4.06
N GLU C 169 39.85 -5.43 -2.96
CA GLU C 169 40.46 -5.63 -1.65
C GLU C 169 41.52 -6.73 -1.67
N GLY C 170 41.31 -7.76 -2.50
CA GLY C 170 42.26 -8.86 -2.54
C GLY C 170 43.65 -8.43 -2.97
N VAL C 171 43.75 -7.47 -3.88
CA VAL C 171 45.06 -7.01 -4.31
C VAL C 171 45.69 -6.14 -3.22
N GLN C 172 44.88 -5.40 -2.46
CA GLN C 172 45.42 -4.59 -1.39
C GLN C 172 46.01 -5.45 -0.28
N GLN C 173 45.31 -6.54 0.06
CA GLN C 173 45.75 -7.44 1.12
C GLN C 173 47.05 -8.15 0.79
N ALA C 174 47.42 -8.25 -0.49
CA ALA C 174 48.65 -8.94 -0.89
C ALA C 174 49.86 -8.03 -0.90
N LEU C 175 49.66 -6.72 -1.11
CA LEU C 175 50.77 -5.78 -1.15
C LEU C 175 51.16 -5.24 0.22
N LEU C 176 50.33 -5.45 1.24
CA LEU C 176 50.64 -4.97 2.59
C LEU C 176 52.03 -5.43 3.05
N LYS C 177 52.36 -6.70 2.77
CA LYS C 177 53.66 -7.23 3.14
C LYS C 177 54.74 -6.90 2.12
N LEU C 178 54.36 -6.61 0.88
CA LEU C 178 55.34 -6.30 -0.16
C LEU C 178 55.92 -4.91 0.06
N ILE C 179 55.07 -3.90 0.20
CA ILE C 179 55.51 -2.52 0.39
C ILE C 179 56.31 -2.35 1.68
N GLU C 180 56.15 -3.25 2.65
CA GLU C 180 56.86 -3.20 3.92
C GLU C 180 58.08 -4.10 3.95
N GLY C 181 57.97 -5.29 3.35
CA GLY C 181 59.06 -6.25 3.29
C GLY C 181 58.58 -7.67 3.41
N THR C 182 59.06 -8.53 2.53
CA THR C 182 58.68 -9.94 2.48
C THR C 182 59.74 -10.67 1.68
N VAL C 183 59.47 -11.94 1.36
CA VAL C 183 60.37 -12.77 0.56
C VAL C 183 59.53 -13.31 -0.59
N ALA C 184 59.57 -12.62 -1.72
CA ALA C 184 58.83 -13.01 -2.91
C ALA C 184 59.55 -14.14 -3.65
N ALA C 185 58.76 -14.99 -4.31
CA ALA C 185 59.28 -16.08 -5.12
C ALA C 185 58.98 -15.77 -6.58
N VAL C 186 60.02 -15.72 -7.40
CA VAL C 186 59.92 -15.41 -8.82
C VAL C 186 60.16 -16.70 -9.61
N PRO C 187 59.33 -17.03 -10.61
CA PRO C 187 59.58 -18.26 -11.39
C PRO C 187 60.95 -18.21 -12.03
N PRO C 188 61.83 -19.20 -11.78
CA PRO C 188 63.16 -19.09 -12.41
C PRO C 188 63.21 -19.50 -13.88
N GLN C 189 62.76 -18.58 -14.73
CA GLN C 189 62.79 -18.77 -16.17
C GLN C 189 63.47 -17.58 -16.82
N GLY C 190 64.35 -17.85 -17.78
CA GLY C 190 65.07 -16.82 -18.50
C GLY C 190 66.33 -16.41 -17.78
N GLY C 191 66.99 -15.40 -18.34
CA GLY C 191 68.19 -14.80 -17.78
C GLY C 191 69.20 -15.76 -17.19
N ARG C 192 69.58 -15.48 -15.94
CA ARG C 192 70.48 -16.32 -15.15
C ARG C 192 69.66 -16.69 -13.91
N LYS C 193 69.00 -17.84 -13.98
CA LYS C 193 68.09 -18.34 -12.96
C LYS C 193 68.38 -19.81 -12.65
N HIS C 194 69.67 -20.13 -12.46
CA HIS C 194 70.16 -21.48 -12.18
C HIS C 194 69.27 -22.33 -11.27
N PRO C 195 68.80 -21.84 -10.09
CA PRO C 195 67.89 -22.64 -9.24
C PRO C 195 66.75 -23.33 -9.99
N GLN C 196 66.69 -24.67 -9.92
CA GLN C 196 65.61 -25.39 -10.57
C GLN C 196 64.26 -25.06 -9.92
N GLN C 197 64.18 -25.19 -8.59
CA GLN C 197 62.97 -24.88 -7.85
C GLN C 197 63.26 -24.10 -6.56
N GLU C 198 64.52 -23.70 -6.32
CA GLU C 198 64.88 -22.92 -5.14
C GLU C 198 64.63 -21.44 -5.47
N PHE C 199 63.35 -21.08 -5.50
CA PHE C 199 62.89 -19.75 -5.86
C PHE C 199 63.67 -18.65 -5.13
N LEU C 200 64.30 -17.80 -5.94
CA LEU C 200 65.10 -16.68 -5.43
C LEU C 200 64.33 -15.85 -4.41
N GLN C 201 64.97 -15.59 -3.27
CA GLN C 201 64.39 -14.80 -2.20
C GLN C 201 64.90 -13.37 -2.37
N VAL C 202 63.99 -12.46 -2.70
CA VAL C 202 64.31 -11.06 -2.92
C VAL C 202 63.64 -10.24 -1.83
N ASP C 203 64.43 -9.78 -0.86
CA ASP C 203 63.89 -8.93 0.20
C ASP C 203 63.38 -7.64 -0.41
N THR C 204 62.18 -7.22 0.01
CA THR C 204 61.54 -6.02 -0.50
C THR C 204 61.35 -4.96 0.58
N SER C 205 62.30 -4.88 1.52
CA SER C 205 62.25 -3.88 2.58
C SER C 205 63.00 -2.60 2.20
N LYS C 206 63.62 -2.56 1.01
CA LYS C 206 64.39 -1.41 0.55
C LYS C 206 63.97 -0.96 -0.85
N ILE C 207 62.79 -1.38 -1.32
CA ILE C 207 62.32 -1.04 -2.66
C ILE C 207 61.26 0.03 -2.55
N LEU C 208 61.54 1.21 -3.11
CA LEU C 208 60.62 2.32 -3.12
C LEU C 208 59.44 2.05 -4.05
N PHE C 209 58.23 2.12 -3.52
CA PHE C 209 57.01 1.92 -4.30
C PHE C 209 56.32 3.27 -4.42
N ILE C 210 55.87 3.60 -5.63
CA ILE C 210 55.20 4.86 -5.91
C ILE C 210 53.87 4.51 -6.59
N CYS C 211 52.80 4.45 -5.81
CA CYS C 211 51.49 4.15 -6.36
C CYS C 211 50.94 5.38 -7.08
N GLY C 212 49.85 5.17 -7.82
CA GLY C 212 49.23 6.25 -8.55
C GLY C 212 47.81 5.91 -8.98
N GLY C 213 46.92 6.90 -8.85
CA GLY C 213 45.52 6.71 -9.20
C GLY C 213 44.84 8.04 -9.37
N ALA C 214 43.66 7.99 -9.98
CA ALA C 214 42.87 9.20 -10.22
C ALA C 214 41.84 9.46 -9.13
N PHE C 215 41.41 8.41 -8.42
CA PHE C 215 40.44 8.49 -7.33
C PHE C 215 39.25 9.38 -7.68
N ALA C 216 38.56 8.99 -8.75
CA ALA C 216 37.40 9.76 -9.19
C ALA C 216 36.25 9.53 -8.21
N GLY C 217 35.78 10.62 -7.59
CA GLY C 217 34.72 10.61 -6.62
C GLY C 217 35.17 10.96 -5.23
N LEU C 218 36.47 10.90 -4.95
CA LEU C 218 36.99 11.24 -3.64
C LEU C 218 36.69 12.69 -3.27
N ASP C 219 36.67 13.58 -4.27
CA ASP C 219 36.38 14.99 -4.03
C ASP C 219 35.08 15.18 -3.26
N LYS C 220 34.04 14.44 -3.64
CA LYS C 220 32.76 14.57 -2.94
C LYS C 220 32.87 14.11 -1.49
N VAL C 221 33.56 12.99 -1.25
CA VAL C 221 33.75 12.48 0.11
C VAL C 221 34.36 13.56 1.00
N ILE C 222 35.36 14.28 0.48
CA ILE C 222 36.00 15.34 1.25
C ILE C 222 35.05 16.49 1.49
N SER C 223 34.26 16.84 0.47
CA SER C 223 33.32 17.96 0.58
C SER C 223 32.29 17.71 1.68
N HIS C 224 31.81 16.47 1.81
CA HIS C 224 30.80 16.17 2.82
C HIS C 224 31.38 16.14 4.23
N ARG C 225 32.69 16.28 4.40
CA ARG C 225 33.34 16.25 5.71
C ARG C 225 33.84 17.61 6.18
N VAL C 226 34.35 18.44 5.27
CA VAL C 226 34.93 19.73 5.62
C VAL C 226 33.98 20.90 5.39
N GLU C 227 33.09 20.80 4.41
CA GLU C 227 32.19 21.91 4.11
C GLU C 227 31.15 22.10 5.20
N THR C 228 30.36 21.07 5.47
CA THR C 228 29.27 21.12 6.46
C THR C 228 28.37 22.34 6.20
N GLY C 229 27.78 22.33 5.01
CA GLY C 229 26.93 23.40 4.54
C GLY C 229 25.54 22.97 4.12
N SER C 230 24.98 21.99 4.83
CA SER C 230 23.66 21.44 4.54
C SER C 230 22.71 21.75 5.68
N GLY C 231 21.43 21.46 5.43
CA GLY C 231 20.36 21.71 6.38
C GLY C 231 19.30 22.56 5.70
N ILE C 232 18.06 22.42 6.16
CA ILE C 232 16.92 23.13 5.59
C ILE C 232 16.23 24.06 6.59
N GLY C 233 16.34 23.83 7.89
CA GLY C 233 15.63 24.66 8.83
C GLY C 233 16.16 26.07 9.00
N PHE C 234 15.75 26.73 10.08
CA PHE C 234 16.15 28.11 10.36
C PHE C 234 17.50 28.22 11.04
N GLY C 235 17.96 27.16 11.72
CA GLY C 235 19.23 27.19 12.42
C GLY C 235 20.31 26.41 11.70
N ALA C 236 20.18 26.28 10.38
CA ALA C 236 21.14 25.59 9.55
C ALA C 236 22.06 26.60 8.87
N THR C 237 23.13 26.07 8.25
CA THR C 237 24.12 26.86 7.54
C THR C 237 24.10 26.40 6.09
N VAL C 238 23.56 27.23 5.21
CA VAL C 238 23.45 26.92 3.79
C VAL C 238 24.65 27.53 3.06
N LYS C 239 25.15 26.80 2.06
CA LYS C 239 26.28 27.22 1.25
C LYS C 239 25.83 27.38 -0.19
N ALA C 240 26.26 28.48 -0.82
CA ALA C 240 25.93 28.75 -2.20
C ALA C 240 26.84 27.95 -3.13
N LYS C 241 26.47 27.90 -4.41
CA LYS C 241 27.26 27.13 -5.36
C LYS C 241 28.58 27.85 -5.67
N SER C 242 28.56 29.18 -5.72
CA SER C 242 29.79 29.92 -5.96
C SER C 242 30.80 29.69 -4.84
N ASP C 243 30.31 29.55 -3.61
CA ASP C 243 31.17 29.34 -2.44
C ASP C 243 31.82 27.95 -2.43
N LYS C 244 31.35 27.02 -3.26
CA LYS C 244 31.93 25.68 -3.25
C LYS C 244 33.36 25.71 -3.78
N ALA C 245 34.23 24.94 -3.13
CA ALA C 245 35.63 24.86 -3.50
C ALA C 245 35.81 24.00 -4.75
N SER C 246 36.93 24.20 -5.43
CA SER C 246 37.24 23.45 -6.64
C SER C 246 37.74 22.05 -6.28
N GLU C 247 37.87 21.22 -7.31
CA GLU C 247 38.32 19.84 -7.10
C GLU C 247 39.73 19.80 -6.53
N GLY C 248 40.65 20.58 -7.12
CA GLY C 248 42.02 20.58 -6.62
C GLY C 248 42.13 21.09 -5.19
N GLU C 249 41.36 22.11 -4.84
CA GLU C 249 41.38 22.63 -3.48
C GLU C 249 40.95 21.59 -2.47
N LEU C 250 40.00 20.73 -2.86
CA LEU C 250 39.52 19.68 -1.97
C LEU C 250 40.63 18.69 -1.62
N LEU C 251 41.40 18.26 -2.62
CA LEU C 251 42.46 17.30 -2.39
C LEU C 251 43.51 17.82 -1.40
N ALA C 252 43.71 19.14 -1.35
CA ALA C 252 44.69 19.69 -0.41
C ALA C 252 44.33 19.38 1.04
N GLN C 253 43.04 19.16 1.32
CA GLN C 253 42.56 18.81 2.65
C GLN C 253 42.32 17.31 2.81
N VAL C 254 42.81 16.49 1.88
CA VAL C 254 42.60 15.05 1.97
C VAL C 254 43.34 14.48 3.17
N GLU C 255 42.73 13.50 3.81
CA GLU C 255 43.28 12.82 4.97
C GLU C 255 43.03 11.33 4.82
N PRO C 256 43.77 10.49 5.55
CA PRO C 256 43.55 9.04 5.45
C PRO C 256 42.11 8.60 5.66
N GLU C 257 41.40 9.19 6.63
CA GLU C 257 40.01 8.81 6.89
C GLU C 257 39.14 9.03 5.65
N ASP C 258 39.48 10.00 4.81
CA ASP C 258 38.72 10.21 3.59
C ASP C 258 38.89 9.05 2.62
N LEU C 259 40.14 8.58 2.46
CA LEU C 259 40.42 7.46 1.58
C LEU C 259 39.79 6.17 2.07
N ILE C 260 39.56 6.05 3.38
CA ILE C 260 38.98 4.82 3.91
C ILE C 260 37.54 4.66 3.43
N LYS C 261 36.84 5.76 3.21
CA LYS C 261 35.48 5.67 2.70
C LYS C 261 35.46 5.34 1.21
N PHE C 262 36.57 5.56 0.51
CA PHE C 262 36.66 5.23 -0.90
C PHE C 262 36.70 3.73 -1.13
N GLY C 263 37.30 2.99 -0.19
CA GLY C 263 37.44 1.55 -0.31
C GLY C 263 38.78 1.04 0.18
N LEU C 264 39.77 1.93 0.29
CA LEU C 264 41.08 1.53 0.75
C LEU C 264 41.02 1.15 2.23
N ILE C 265 41.70 0.07 2.59
CA ILE C 265 41.71 -0.44 3.95
C ILE C 265 42.81 0.26 4.75
N PRO C 266 42.62 0.53 6.05
CA PRO C 266 43.68 1.23 6.81
C PRO C 266 45.02 0.53 6.78
N GLU C 267 45.06 -0.79 6.64
CA GLU C 267 46.33 -1.50 6.58
C GLU C 267 47.09 -1.19 5.30
N PHE C 268 46.40 -0.69 4.27
CA PHE C 268 47.02 -0.33 2.99
C PHE C 268 47.45 1.13 2.98
N ILE C 269 46.63 2.02 3.54
CA ILE C 269 46.95 3.44 3.57
C ILE C 269 48.16 3.71 4.45
N GLY C 270 48.45 2.82 5.41
CA GLY C 270 49.61 3.02 6.26
C GLY C 270 50.93 2.69 5.59
N ARG C 271 50.89 1.85 4.55
CA ARG C 271 52.09 1.51 3.81
C ARG C 271 52.57 2.67 2.95
N LEU C 272 51.69 3.64 2.66
CA LEU C 272 51.96 4.81 1.85
C LEU C 272 51.91 6.05 2.74
N PRO C 273 52.97 6.33 3.51
CA PRO C 273 52.92 7.50 4.41
C PRO C 273 52.78 8.82 3.66
N VAL C 274 53.63 9.08 2.67
CA VAL C 274 53.53 10.32 1.92
C VAL C 274 52.41 10.20 0.91
N VAL C 275 51.61 11.26 0.80
CA VAL C 275 50.46 11.31 -0.10
C VAL C 275 50.53 12.64 -0.84
N ALA C 276 51.04 12.62 -2.06
CA ALA C 276 51.11 13.84 -2.85
C ALA C 276 49.76 14.14 -3.49
N THR C 277 49.61 15.37 -3.97
CA THR C 277 48.37 15.81 -4.60
C THR C 277 48.68 16.74 -5.76
N LEU C 278 48.17 16.40 -6.93
CA LEU C 278 48.37 17.21 -8.13
C LEU C 278 47.21 18.18 -8.27
N ASN C 279 47.47 19.29 -8.96
CA ASN C 279 46.50 20.33 -9.19
C ASN C 279 46.05 20.36 -10.64
N GLU C 280 44.73 20.47 -10.83
CA GLU C 280 44.15 20.56 -12.17
C GLU C 280 44.82 21.68 -12.96
N LEU C 281 45.27 21.34 -14.17
CA LEU C 281 45.95 22.33 -15.00
C LEU C 281 45.03 23.49 -15.34
N SER C 282 45.60 24.70 -15.33
CA SER C 282 44.89 25.92 -15.64
C SER C 282 45.01 26.23 -17.13
N GLU C 283 44.19 27.17 -17.60
CA GLU C 283 44.22 27.56 -19.00
C GLU C 283 45.60 28.13 -19.36
N GLU C 284 46.11 29.04 -18.53
CA GLU C 284 47.44 29.60 -18.78
C GLU C 284 48.50 28.51 -18.84
N ALA C 285 48.45 27.57 -17.89
CA ALA C 285 49.41 26.46 -17.86
C ALA C 285 49.35 25.65 -19.14
N LEU C 286 48.14 25.37 -19.64
CA LEU C 286 47.97 24.59 -20.85
C LEU C 286 48.73 25.21 -22.02
N ILE C 287 48.70 26.55 -22.14
CA ILE C 287 49.40 27.23 -23.22
C ILE C 287 50.88 26.87 -23.19
N GLN C 288 51.47 26.83 -22.00
CA GLN C 288 52.89 26.47 -21.87
C GLN C 288 53.13 25.03 -22.29
N ILE C 289 52.17 24.14 -22.02
CA ILE C 289 52.32 22.73 -22.33
C ILE C 289 52.30 22.48 -23.83
N LEU C 290 51.73 23.38 -24.62
CA LEU C 290 51.65 23.18 -26.06
C LEU C 290 52.94 23.52 -26.79
N LYS C 291 53.82 24.34 -26.19
CA LYS C 291 55.08 24.71 -26.83
C LYS C 291 56.32 24.58 -25.96
N GLU C 292 56.21 24.56 -24.63
CA GLU C 292 57.39 24.45 -23.78
C GLU C 292 57.99 23.04 -23.68
N PRO C 293 57.20 21.99 -23.45
CA PRO C 293 57.80 20.65 -23.30
C PRO C 293 58.62 20.20 -24.50
N LYS C 294 59.63 19.37 -24.20
CA LYS C 294 60.50 18.81 -25.24
C LYS C 294 59.68 18.03 -26.27
N ASN C 295 58.63 17.35 -25.81
CA ASN C 295 57.76 16.53 -26.65
C ASN C 295 56.36 17.12 -26.70
N ALA C 296 56.30 18.45 -26.77
CA ALA C 296 55.04 19.18 -26.82
C ALA C 296 54.19 18.70 -27.99
N LEU C 297 52.87 18.80 -27.79
CA LEU C 297 51.91 18.37 -28.80
C LEU C 297 52.15 19.07 -30.13
N THR C 298 52.26 20.41 -30.10
CA THR C 298 52.49 21.17 -31.33
C THR C 298 53.76 20.70 -32.04
N LYS C 299 54.85 20.52 -31.30
CA LYS C 299 56.11 20.07 -31.90
C LYS C 299 55.95 18.74 -32.63
N GLN C 300 55.05 17.88 -32.16
CA GLN C 300 54.84 16.59 -32.83
C GLN C 300 54.29 16.79 -34.23
N TYR C 301 53.29 17.67 -34.38
CA TYR C 301 52.72 17.92 -35.69
C TYR C 301 53.70 18.68 -36.58
N GLN C 302 54.45 19.61 -36.00
CA GLN C 302 55.44 20.34 -36.78
C GLN C 302 56.52 19.41 -37.33
N ALA C 303 56.85 18.36 -36.58
CA ALA C 303 57.89 17.43 -37.01
C ALA C 303 57.43 16.57 -38.18
N LEU C 304 56.22 16.00 -38.09
CA LEU C 304 55.74 15.14 -39.17
C LEU C 304 55.45 15.92 -40.44
N PHE C 305 55.00 17.18 -40.32
CA PHE C 305 54.73 17.98 -41.51
C PHE C 305 55.99 18.17 -42.35
N ASN C 306 57.15 18.25 -41.70
CA ASN C 306 58.42 18.39 -42.42
C ASN C 306 58.65 17.21 -43.37
N LEU C 307 58.16 16.03 -43.01
CA LEU C 307 58.33 14.84 -43.84
C LEU C 307 57.85 15.05 -45.27
N GLU C 308 56.77 15.83 -45.44
CA GLU C 308 56.20 16.11 -46.75
C GLU C 308 56.53 17.53 -47.23
N GLY C 309 57.73 18.02 -46.89
CA GLY C 309 58.18 19.34 -47.26
C GLY C 309 57.21 20.48 -46.98
N VAL C 310 56.74 20.57 -45.73
CA VAL C 310 55.83 21.62 -45.32
C VAL C 310 56.25 22.11 -43.93
N ASP C 311 56.00 23.39 -43.69
CA ASP C 311 56.31 24.05 -42.42
C ASP C 311 55.00 24.38 -41.72
N LEU C 312 54.93 24.08 -40.42
CA LEU C 312 53.74 24.32 -39.61
C LEU C 312 54.06 25.35 -38.54
N GLU C 313 53.18 26.34 -38.40
CA GLU C 313 53.33 27.42 -37.44
C GLU C 313 52.01 27.62 -36.70
N PHE C 314 52.12 28.05 -35.44
CA PHE C 314 50.96 28.30 -34.60
C PHE C 314 51.07 29.68 -33.99
N ARG C 315 49.92 30.34 -33.82
CA ARG C 315 49.83 31.67 -33.25
C ARG C 315 49.45 31.59 -31.78
N ASP C 316 49.93 32.55 -30.99
CA ASP C 316 49.64 32.56 -29.56
C ASP C 316 48.15 32.66 -29.28
N GLU C 317 47.41 33.37 -30.14
CA GLU C 317 45.97 33.50 -29.93
C GLU C 317 45.27 32.15 -30.08
N ALA C 318 45.74 31.32 -31.01
CA ALA C 318 45.14 30.00 -31.22
C ALA C 318 45.22 29.16 -29.95
N LEU C 319 46.37 29.18 -29.28
CA LEU C 319 46.56 28.40 -28.06
C LEU C 319 45.54 28.77 -27.00
N ASP C 320 45.23 30.07 -26.87
CA ASP C 320 44.25 30.50 -25.87
C ASP C 320 42.90 29.83 -26.10
N ALA C 321 42.47 29.72 -27.36
CA ALA C 321 41.20 29.08 -27.66
C ALA C 321 41.27 27.58 -27.37
N ILE C 322 42.32 26.92 -27.88
CA ILE C 322 42.52 25.50 -27.66
C ILE C 322 42.51 25.17 -26.17
N ALA C 323 43.25 25.95 -25.38
CA ALA C 323 43.32 25.72 -23.95
C ALA C 323 41.95 25.93 -23.30
N LYS C 324 41.29 27.05 -23.64
CA LYS C 324 39.97 27.34 -23.08
C LYS C 324 38.98 26.23 -23.41
N LYS C 325 38.97 25.76 -24.66
CA LYS C 325 38.07 24.70 -25.05
C LYS C 325 38.41 23.40 -24.33
N ALA C 326 39.70 23.12 -24.14
CA ALA C 326 40.12 21.91 -23.46
C ALA C 326 39.56 21.85 -22.03
N MET C 327 39.52 22.99 -21.34
CA MET C 327 38.99 23.03 -19.99
C MET C 327 37.53 22.61 -19.90
N ALA C 328 36.81 22.56 -21.03
CA ALA C 328 35.42 22.14 -21.06
C ALA C 328 35.25 20.64 -21.24
N ARG C 329 36.27 19.96 -21.79
CA ARG C 329 36.20 18.53 -21.99
C ARG C 329 36.31 17.74 -20.70
N LYS C 330 36.90 18.34 -19.66
CA LYS C 330 37.06 17.67 -18.36
C LYS C 330 37.94 16.44 -18.46
N THR C 331 38.97 16.52 -19.31
CA THR C 331 39.92 15.42 -19.52
C THR C 331 41.36 15.86 -19.33
N GLY C 332 41.61 17.05 -18.79
CA GLY C 332 42.97 17.50 -18.58
C GLY C 332 43.64 17.87 -19.90
N ALA C 333 44.90 17.45 -20.03
CA ALA C 333 45.66 17.75 -21.24
C ALA C 333 45.39 16.78 -22.38
N ARG C 334 44.73 15.64 -22.13
CA ARG C 334 44.44 14.70 -23.19
C ARG C 334 43.47 15.30 -24.21
N GLY C 335 42.62 16.24 -23.78
CA GLY C 335 41.68 16.87 -24.69
C GLY C 335 42.34 17.68 -25.78
N LEU C 336 43.51 18.26 -25.50
CA LEU C 336 44.21 19.09 -26.47
C LEU C 336 44.42 18.37 -27.80
N ARG C 337 44.78 17.09 -27.75
CA ARG C 337 45.00 16.33 -28.97
C ARG C 337 43.74 16.29 -29.84
N SER C 338 42.57 16.18 -29.19
CA SER C 338 41.31 16.18 -29.93
C SER C 338 41.12 17.46 -30.72
N ILE C 339 41.44 18.60 -30.11
CA ILE C 339 41.27 19.90 -30.76
C ILE C 339 42.16 20.00 -31.98
N VAL C 340 43.46 19.74 -31.82
CA VAL C 340 44.40 19.84 -32.92
C VAL C 340 44.03 18.88 -34.05
N GLU C 341 43.66 17.64 -33.70
CA GLU C 341 43.29 16.68 -34.73
C GLU C 341 42.05 17.14 -35.49
N ALA C 342 40.99 17.50 -34.76
CA ALA C 342 39.76 17.97 -35.41
C ALA C 342 40.02 19.22 -36.26
N ALA C 343 40.80 20.16 -35.73
CA ALA C 343 41.10 21.39 -36.46
C ALA C 343 41.87 21.11 -37.74
N LEU C 344 42.83 20.19 -37.69
CA LEU C 344 43.66 19.84 -38.84
C LEU C 344 43.19 18.58 -39.56
N LEU C 345 42.04 18.02 -39.17
CA LEU C 345 41.52 16.82 -39.82
C LEU C 345 41.35 17.04 -41.32
N ASP C 346 40.53 18.03 -41.70
CA ASP C 346 40.33 18.34 -43.11
C ASP C 346 41.64 18.71 -43.79
N THR C 347 42.47 19.51 -43.09
CA THR C 347 43.75 19.93 -43.65
C THR C 347 44.63 18.75 -44.04
N MET C 348 44.68 17.72 -43.20
CA MET C 348 45.51 16.56 -43.51
C MET C 348 44.90 15.70 -44.60
N TYR C 349 43.58 15.77 -44.83
CA TYR C 349 42.96 14.96 -45.86
C TYR C 349 43.23 15.47 -47.27
N ASP C 350 43.48 16.78 -47.43
CA ASP C 350 43.73 17.38 -48.74
C ASP C 350 45.15 17.87 -48.93
N LEU C 351 45.90 18.16 -47.86
CA LEU C 351 47.25 18.66 -48.00
C LEU C 351 48.19 17.72 -48.76
N PRO C 352 48.21 16.41 -48.51
CA PRO C 352 49.14 15.56 -49.30
C PRO C 352 48.91 15.60 -50.79
N SER C 353 47.64 15.67 -51.22
CA SER C 353 47.36 15.73 -52.65
C SER C 353 47.88 17.03 -53.26
N MET C 354 47.79 18.14 -52.52
CA MET C 354 48.27 19.41 -53.02
C MET C 354 49.78 19.40 -53.23
N GLU C 355 50.25 20.33 -54.05
CA GLU C 355 51.66 20.48 -54.39
C GLU C 355 52.04 21.95 -54.33
N ASP C 356 53.34 22.21 -54.40
CA ASP C 356 53.89 23.57 -54.36
C ASP C 356 53.43 24.32 -53.11
N VAL C 357 53.62 23.69 -51.95
CA VAL C 357 53.27 24.27 -50.66
C VAL C 357 54.49 24.15 -49.77
N GLU C 358 54.84 25.24 -49.08
CA GLU C 358 56.00 25.31 -48.21
C GLU C 358 55.69 25.61 -46.74
N LYS C 359 54.65 26.38 -46.45
CA LYS C 359 54.34 26.74 -45.08
C LYS C 359 52.83 26.80 -44.88
N VAL C 360 52.43 26.71 -43.61
CA VAL C 360 51.04 26.75 -43.19
C VAL C 360 50.99 27.48 -41.85
N VAL C 361 50.00 28.37 -41.69
CA VAL C 361 49.85 29.18 -40.49
C VAL C 361 48.41 29.07 -40.01
N ILE C 362 48.24 28.56 -38.79
CA ILE C 362 46.94 28.39 -38.15
C ILE C 362 46.66 29.62 -37.30
N ASP C 363 45.38 30.00 -37.23
CA ASP C 363 44.95 31.17 -36.48
C ASP C 363 43.71 30.81 -35.66
N GLU C 364 43.40 31.69 -34.70
CA GLU C 364 42.27 31.51 -33.80
C GLU C 364 40.96 31.26 -34.53
N SER C 365 40.76 31.89 -35.69
CA SER C 365 39.49 31.69 -36.40
C SER C 365 39.35 30.27 -36.92
N VAL C 366 40.45 29.58 -37.18
CA VAL C 366 40.37 28.19 -37.65
C VAL C 366 39.83 27.30 -36.55
N ILE C 367 40.10 27.62 -35.28
CA ILE C 367 39.62 26.77 -34.18
C ILE C 367 38.10 26.86 -34.05
N ASP C 368 37.50 27.96 -34.49
CA ASP C 368 36.05 28.13 -34.41
C ASP C 368 35.32 27.54 -35.61
N GLY C 369 36.01 27.38 -36.74
CA GLY C 369 35.43 26.85 -37.95
C GLY C 369 34.92 27.90 -38.92
N GLN C 370 34.86 29.16 -38.50
CA GLN C 370 34.39 30.23 -39.40
C GLN C 370 35.32 30.39 -40.60
N SER C 371 36.63 30.24 -40.37
CA SER C 371 37.64 30.38 -41.41
C SER C 371 38.34 29.05 -41.65
N GLU C 372 39.16 29.04 -42.71
CA GLU C 372 39.93 27.88 -43.13
C GLU C 372 41.43 28.23 -43.09
N PRO C 373 42.29 27.29 -42.72
CA PRO C 373 43.73 27.62 -42.66
C PRO C 373 44.29 27.84 -44.06
N LEU C 374 44.97 28.98 -44.23
CA LEU C 374 45.55 29.33 -45.52
C LEU C 374 46.86 28.57 -45.74
N LEU C 375 47.21 28.43 -47.01
CA LEU C 375 48.42 27.74 -47.43
C LEU C 375 49.35 28.71 -48.14
N ILE C 376 50.62 28.71 -47.73
CA ILE C 376 51.63 29.60 -48.31
C ILE C 376 52.27 28.84 -49.46
N TYR C 377 51.68 28.98 -50.64
CA TYR C 377 52.19 28.31 -51.82
C TYR C 377 53.56 28.87 -52.21
N GLY C 378 54.35 28.03 -52.86
CA GLY C 378 55.69 28.39 -53.30
C GLY C 378 56.74 27.39 -52.86
N ALA D 27 56.90 6.24 -51.16
CA ALA D 27 55.72 6.92 -51.67
C ALA D 27 54.46 6.33 -51.05
N LEU D 28 54.11 6.81 -49.86
CA LEU D 28 52.93 6.32 -49.16
C LEU D 28 51.67 6.69 -49.95
N PRO D 29 50.57 5.98 -49.73
CA PRO D 29 49.34 6.30 -50.47
C PRO D 29 48.61 7.49 -49.84
N THR D 30 48.35 8.52 -50.66
CA THR D 30 47.64 9.71 -50.20
C THR D 30 46.28 9.31 -49.60
N PRO D 31 45.73 10.13 -48.71
CA PRO D 31 44.43 9.76 -48.13
C PRO D 31 43.32 9.75 -49.16
N HIS D 32 43.42 10.56 -50.21
CA HIS D 32 42.43 10.55 -51.28
C HIS D 32 42.33 9.16 -51.89
N GLU D 33 43.47 8.54 -52.19
CA GLU D 33 43.48 7.20 -52.74
C GLU D 33 42.84 6.21 -51.78
N ILE D 34 43.15 6.32 -50.49
CA ILE D 34 42.56 5.43 -49.50
C ILE D 34 41.05 5.63 -49.45
N ARG D 35 40.58 6.84 -49.74
CA ARG D 35 39.14 7.10 -49.76
C ARG D 35 38.49 6.43 -50.96
N ASN D 36 39.20 6.42 -52.10
CA ASN D 36 38.67 5.78 -53.29
C ASN D 36 38.47 4.28 -53.07
N HIS D 37 39.28 3.68 -52.19
CA HIS D 37 39.15 2.26 -51.87
C HIS D 37 38.18 2.01 -50.73
N LEU D 38 37.69 3.08 -50.08
CA LEU D 38 36.71 2.99 -49.01
C LEU D 38 35.33 3.45 -49.45
N ASP D 39 35.23 4.08 -50.63
CA ASP D 39 33.98 4.55 -51.19
C ASP D 39 33.35 3.51 -52.13
N ASP D 40 34.06 2.42 -52.40
CA ASP D 40 33.58 1.35 -53.26
C ASP D 40 32.76 0.31 -52.50
N TYR D 41 32.67 0.42 -51.17
CA TYR D 41 31.90 -0.49 -50.33
C TYR D 41 30.94 0.30 -49.45
N VAL D 42 31.31 1.54 -49.10
CA VAL D 42 30.49 2.43 -48.28
C VAL D 42 30.08 3.61 -49.14
N ILE D 43 28.86 4.11 -48.93
CA ILE D 43 28.31 5.22 -49.71
C ILE D 43 27.79 6.30 -48.76
N GLY D 44 28.36 7.50 -48.87
CA GLY D 44 27.94 8.65 -48.09
C GLY D 44 28.28 8.69 -46.63
N GLN D 45 29.56 8.49 -46.29
CA GLN D 45 30.05 8.58 -44.92
C GLN D 45 31.33 9.42 -44.89
N GLU D 46 31.30 10.54 -45.60
CA GLU D 46 32.44 11.47 -45.72
C GLU D 46 33.16 11.75 -44.41
N GLN D 47 32.41 11.98 -43.33
CA GLN D 47 33.04 12.25 -42.04
C GLN D 47 33.86 11.07 -41.55
N ALA D 48 33.28 9.87 -41.60
CA ALA D 48 33.97 8.68 -41.13
C ALA D 48 35.15 8.31 -42.00
N LYS D 49 35.19 8.72 -43.27
CA LYS D 49 36.29 8.36 -44.14
C LYS D 49 37.48 9.30 -44.03
N LYS D 50 37.25 10.58 -43.69
CA LYS D 50 38.38 11.49 -43.54
C LYS D 50 39.18 11.14 -42.29
N VAL D 51 38.50 10.85 -41.19
CA VAL D 51 39.17 10.48 -39.94
C VAL D 51 40.09 9.29 -40.15
N LEU D 52 39.54 8.19 -40.69
CA LEU D 52 40.33 6.99 -40.90
C LEU D 52 41.40 7.20 -41.95
N ALA D 53 41.11 8.00 -42.99
CA ALA D 53 42.11 8.23 -44.02
C ALA D 53 43.30 8.99 -43.46
N VAL D 54 43.07 10.02 -42.65
CA VAL D 54 44.15 10.76 -42.05
C VAL D 54 44.89 9.89 -41.04
N ALA D 55 44.14 9.24 -40.14
CA ALA D 55 44.70 8.34 -39.14
C ALA D 55 45.66 7.33 -39.75
N VAL D 56 45.17 6.58 -40.75
CA VAL D 56 46.00 5.59 -41.44
C VAL D 56 47.25 6.25 -42.00
N TYR D 57 47.09 7.42 -42.64
CA TYR D 57 48.23 8.14 -43.18
C TYR D 57 49.24 8.48 -42.09
N ASN D 58 48.76 9.09 -40.99
CA ASN D 58 49.65 9.42 -39.89
C ASN D 58 50.31 8.18 -39.32
N HIS D 59 49.52 7.12 -39.12
CA HIS D 59 50.05 5.85 -38.62
C HIS D 59 51.19 5.34 -39.50
N TYR D 60 50.93 5.21 -40.80
CA TYR D 60 51.93 4.76 -41.76
C TYR D 60 53.19 5.60 -41.69
N LYS D 61 53.04 6.92 -41.51
CA LYS D 61 54.20 7.79 -41.39
C LYS D 61 55.04 7.42 -40.18
N ARG D 62 54.39 7.27 -39.03
CA ARG D 62 55.07 6.87 -37.79
C ARG D 62 55.87 5.59 -38.00
N LEU D 63 55.38 4.66 -38.82
CA LEU D 63 56.10 3.43 -39.08
C LEU D 63 57.40 3.71 -39.82
N ARG D 64 57.32 4.46 -40.92
CA ARG D 64 58.52 4.83 -41.67
C ARG D 64 59.48 5.63 -40.79
N ASN D 65 58.92 6.41 -39.85
CA ASN D 65 59.69 7.23 -38.93
C ASN D 65 59.73 6.62 -37.53
N GLY D 66 59.67 5.30 -37.44
CA GLY D 66 59.70 4.63 -36.15
C GLY D 66 61.03 4.74 -35.44
N ASP D 67 62.10 5.04 -36.17
CA ASP D 67 63.40 5.23 -35.53
C ASP D 67 63.36 6.39 -34.55
N THR D 68 62.56 7.41 -34.86
CA THR D 68 62.37 8.60 -34.03
C THR D 68 63.70 9.19 -33.55
N SER D 69 64.64 9.33 -34.49
CA SER D 69 65.93 9.94 -34.19
C SER D 69 65.75 11.30 -33.53
N ASN D 70 64.79 12.08 -34.03
CA ASN D 70 64.47 13.38 -33.44
C ASN D 70 64.06 13.19 -31.98
N GLY D 71 64.63 14.02 -31.09
CA GLY D 71 64.32 13.95 -29.67
C GLY D 71 62.85 13.86 -29.32
N VAL D 72 61.97 14.44 -30.15
CA VAL D 72 60.55 14.37 -29.89
C VAL D 72 60.07 12.93 -29.99
N GLU D 73 59.01 12.61 -29.26
CA GLU D 73 58.40 11.28 -29.24
C GLU D 73 56.97 11.40 -29.73
N LEU D 74 56.79 11.29 -31.05
CA LEU D 74 55.47 11.36 -31.67
C LEU D 74 54.47 10.44 -31.00
N GLY D 75 53.29 10.98 -30.70
CA GLY D 75 52.23 10.22 -30.07
C GLY D 75 51.29 9.60 -31.09
N LYS D 76 50.17 9.09 -30.59
CA LYS D 76 49.15 8.47 -31.43
C LYS D 76 47.78 9.00 -31.03
N SER D 77 46.90 9.11 -32.02
CA SER D 77 45.54 9.60 -31.86
C SER D 77 44.56 8.46 -32.12
N ASN D 78 43.85 8.04 -31.08
CA ASN D 78 42.88 6.95 -31.21
C ASN D 78 41.53 7.52 -31.60
N ILE D 79 40.80 6.76 -32.42
CA ILE D 79 39.50 7.17 -32.93
C ILE D 79 38.39 6.53 -32.11
N LEU D 80 37.22 7.17 -32.12
CA LEU D 80 36.02 6.68 -31.46
C LEU D 80 34.88 6.81 -32.47
N LEU D 81 34.44 5.69 -33.02
CA LEU D 81 33.38 5.69 -34.02
C LEU D 81 32.02 5.60 -33.34
N ILE D 82 31.16 6.58 -33.62
CA ILE D 82 29.80 6.62 -33.10
C ILE D 82 28.87 6.67 -34.30
N GLY D 83 27.88 5.77 -34.34
CA GLY D 83 26.93 5.77 -35.42
C GLY D 83 25.64 5.06 -35.08
N PRO D 84 24.54 5.37 -35.78
CA PRO D 84 23.29 4.65 -35.50
C PRO D 84 23.44 3.17 -35.84
N THR D 85 22.43 2.40 -35.45
CA THR D 85 22.45 0.97 -35.73
C THR D 85 22.34 0.74 -37.24
N GLY D 86 22.94 -0.36 -37.70
CA GLY D 86 22.90 -0.70 -39.12
C GLY D 86 23.46 0.35 -40.03
N SER D 87 24.34 1.23 -39.53
CA SER D 87 24.89 2.32 -40.33
C SER D 87 26.17 1.97 -41.06
N GLY D 88 26.94 1.00 -40.58
CA GLY D 88 28.19 0.62 -41.23
C GLY D 88 29.43 0.75 -40.37
N LYS D 89 29.27 0.71 -39.05
CA LYS D 89 30.43 0.83 -38.16
C LYS D 89 31.37 -0.35 -38.33
N THR D 90 30.85 -1.56 -38.14
CA THR D 90 31.66 -2.76 -38.30
C THR D 90 32.02 -3.04 -39.76
N LEU D 91 31.40 -2.34 -40.71
CA LEU D 91 31.69 -2.55 -42.12
C LEU D 91 32.98 -1.84 -42.53
N LEU D 92 33.20 -0.62 -42.04
CA LEU D 92 34.40 0.12 -42.39
C LEU D 92 35.65 -0.59 -41.92
N ALA D 93 35.59 -1.28 -40.78
CA ALA D 93 36.76 -2.00 -40.29
C ALA D 93 37.11 -3.17 -41.22
N GLU D 94 36.10 -3.94 -41.62
CA GLU D 94 36.34 -5.06 -42.53
C GLU D 94 36.78 -4.59 -43.90
N THR D 95 36.39 -3.39 -44.30
CA THR D 95 36.77 -2.87 -45.62
C THR D 95 38.18 -2.33 -45.63
N LEU D 96 38.70 -1.87 -44.50
CA LEU D 96 40.04 -1.33 -44.46
C LEU D 96 41.09 -2.43 -44.58
N ALA D 97 40.86 -3.57 -43.93
CA ALA D 97 41.80 -4.69 -44.00
C ALA D 97 42.06 -5.14 -45.43
N ARG D 98 41.07 -4.98 -46.32
CA ARG D 98 41.23 -5.42 -47.71
C ARG D 98 42.39 -4.74 -48.42
N LEU D 99 42.83 -3.57 -47.95
CA LEU D 99 43.93 -2.83 -48.56
C LEU D 99 45.14 -2.65 -47.66
N LEU D 100 45.01 -2.84 -46.36
CA LEU D 100 46.13 -2.64 -45.45
C LEU D 100 47.26 -3.61 -45.73
N ASP D 101 48.48 -3.16 -45.42
CA ASP D 101 49.71 -3.93 -45.57
C ASP D 101 50.35 -4.21 -44.21
N VAL D 102 49.56 -4.12 -43.14
CA VAL D 102 50.04 -4.32 -41.76
C VAL D 102 49.00 -5.14 -41.01
N PRO D 103 49.41 -5.85 -39.96
CA PRO D 103 48.44 -6.69 -39.23
C PRO D 103 47.31 -5.87 -38.63
N PHE D 104 46.08 -6.36 -38.83
CA PHE D 104 44.88 -5.73 -38.33
C PHE D 104 43.93 -6.83 -37.87
N THR D 105 43.36 -6.67 -36.67
CA THR D 105 42.45 -7.65 -36.11
C THR D 105 41.26 -6.96 -35.47
N MET D 106 40.14 -7.66 -35.46
CA MET D 106 38.88 -7.19 -34.91
C MET D 106 38.57 -7.95 -33.63
N ALA D 107 37.68 -7.38 -32.82
CA ALA D 107 37.31 -8.00 -31.55
C ALA D 107 35.96 -7.43 -31.13
N ASP D 108 35.51 -7.87 -29.94
CA ASP D 108 34.24 -7.46 -29.37
C ASP D 108 34.43 -7.26 -27.88
N ALA D 109 33.75 -6.25 -27.32
CA ALA D 109 33.85 -5.96 -25.90
C ALA D 109 32.78 -6.65 -25.07
N THR D 110 31.80 -7.30 -25.69
CA THR D 110 30.78 -8.00 -24.93
C THR D 110 31.28 -9.35 -24.38
N THR D 111 32.49 -9.76 -24.75
CA THR D 111 33.11 -10.99 -24.28
C THR D 111 34.25 -10.75 -23.32
N LEU D 112 34.61 -9.50 -23.04
CA LEU D 112 35.73 -9.17 -22.17
C LEU D 112 35.27 -8.96 -20.74
N THR D 113 36.12 -9.36 -19.81
CA THR D 113 35.85 -9.25 -18.38
C THR D 113 37.16 -8.91 -17.68
N GLU D 114 37.03 -8.44 -16.44
CA GLU D 114 38.20 -8.07 -15.65
C GLU D 114 39.10 -9.28 -15.44
N ALA D 115 40.34 -8.99 -15.05
CA ALA D 115 41.33 -10.05 -14.85
C ALA D 115 40.98 -10.87 -13.61
N GLY D 116 41.22 -12.17 -13.70
CA GLY D 116 40.89 -13.07 -12.61
C GLY D 116 39.48 -13.59 -12.63
N TYR D 117 38.82 -13.61 -13.79
CA TYR D 117 37.45 -14.08 -13.92
C TYR D 117 37.38 -15.11 -15.05
N VAL D 118 36.23 -15.75 -15.16
CA VAL D 118 36.05 -16.80 -16.17
C VAL D 118 35.94 -16.24 -17.58
N GLY D 119 35.55 -14.99 -17.75
CA GLY D 119 35.42 -14.44 -19.07
C GLY D 119 36.75 -14.21 -19.76
N GLU D 120 36.76 -13.34 -20.77
CA GLU D 120 37.97 -13.03 -21.51
C GLU D 120 38.69 -11.85 -20.87
N ASP D 121 39.95 -11.70 -21.25
CA ASP D 121 40.82 -10.63 -20.75
C ASP D 121 41.15 -9.67 -21.88
N VAL D 122 41.55 -8.46 -21.50
CA VAL D 122 41.88 -7.44 -22.50
C VAL D 122 43.18 -7.77 -23.24
N GLU D 123 43.99 -8.69 -22.72
CA GLU D 123 45.22 -9.05 -23.41
C GLU D 123 44.98 -10.00 -24.57
N ASN D 124 43.80 -10.63 -24.62
CA ASN D 124 43.48 -11.52 -25.74
C ASN D 124 43.52 -10.76 -27.06
N ILE D 125 43.11 -9.49 -27.04
CA ILE D 125 43.12 -8.62 -28.22
C ILE D 125 44.48 -8.66 -28.89
N ILE D 126 45.55 -8.60 -28.10
CA ILE D 126 46.90 -8.61 -28.66
C ILE D 126 47.28 -10.00 -29.15
N GLN D 127 46.59 -11.04 -28.69
CA GLN D 127 46.89 -12.39 -29.15
C GLN D 127 46.40 -12.57 -30.58
N LYS D 128 45.18 -12.09 -30.87
CA LYS D 128 44.64 -12.18 -32.22
C LYS D 128 45.51 -11.40 -33.21
N LEU D 129 46.13 -10.32 -32.75
CA LEU D 129 46.98 -9.50 -33.62
C LEU D 129 48.25 -10.25 -34.02
N LEU D 130 48.71 -11.18 -33.19
CA LEU D 130 49.92 -11.94 -33.53
C LEU D 130 49.63 -13.02 -34.55
N GLN D 131 48.43 -13.62 -34.50
CA GLN D 131 48.05 -14.62 -35.50
C GLN D 131 48.13 -14.04 -36.91
N LYS D 132 47.76 -12.77 -37.05
CA LYS D 132 47.79 -12.05 -38.32
C LYS D 132 49.17 -11.45 -38.62
N SER D 133 50.05 -11.37 -37.63
CA SER D 133 51.38 -10.79 -37.78
C SER D 133 52.49 -11.84 -37.71
N ASP D 134 52.15 -13.11 -37.96
CA ASP D 134 53.08 -14.25 -37.95
C ASP D 134 53.95 -14.27 -36.70
N TYR D 135 53.33 -13.96 -35.56
CA TYR D 135 54.00 -13.95 -34.25
C TYR D 135 55.30 -13.16 -34.28
N ASP D 136 55.21 -11.94 -34.83
CA ASP D 136 56.34 -11.02 -34.95
C ASP D 136 55.97 -9.78 -34.16
N VAL D 137 56.47 -9.72 -32.91
CA VAL D 137 56.18 -8.61 -32.00
C VAL D 137 56.45 -7.27 -32.65
N GLN D 138 57.57 -7.14 -33.39
CA GLN D 138 57.90 -5.88 -34.06
C GLN D 138 56.76 -5.45 -34.98
N LYS D 139 56.30 -6.34 -35.85
CA LYS D 139 55.18 -6.02 -36.72
C LYS D 139 53.90 -5.81 -35.92
N ALA D 140 53.68 -6.64 -34.89
CA ALA D 140 52.49 -6.51 -34.06
C ALA D 140 52.47 -5.18 -33.32
N GLN D 141 53.64 -4.59 -33.05
CA GLN D 141 53.71 -3.31 -32.36
C GLN D 141 53.41 -2.12 -33.27
N ARG D 142 53.10 -2.36 -34.54
CA ARG D 142 52.78 -1.32 -35.51
C ARG D 142 51.56 -1.70 -36.31
N GLY D 143 50.54 -2.23 -35.62
CA GLY D 143 49.29 -2.64 -36.23
C GLY D 143 48.12 -1.81 -35.70
N ILE D 144 46.98 -1.96 -36.36
CA ILE D 144 45.76 -1.24 -36.00
C ILE D 144 44.77 -2.26 -35.43
N VAL D 145 43.94 -1.79 -34.50
CA VAL D 145 42.93 -2.60 -33.85
C VAL D 145 41.58 -1.91 -33.96
N TYR D 146 40.52 -2.71 -33.86
CA TYR D 146 39.14 -2.21 -33.92
C TYR D 146 38.31 -2.99 -32.91
N ILE D 147 37.92 -2.33 -31.81
CA ILE D 147 37.13 -2.94 -30.76
C ILE D 147 35.67 -2.59 -31.02
N ASP D 148 34.89 -3.58 -31.47
CA ASP D 148 33.48 -3.37 -31.76
C ASP D 148 32.65 -3.43 -30.49
N GLU D 149 31.47 -2.81 -30.55
CA GLU D 149 30.50 -2.80 -29.45
C GLU D 149 31.09 -2.20 -28.18
N ILE D 150 31.78 -1.08 -28.32
CA ILE D 150 32.37 -0.39 -27.17
C ILE D 150 31.30 0.31 -26.33
N ASP D 151 30.04 0.28 -26.78
CA ASP D 151 28.95 0.91 -26.04
C ASP D 151 28.26 -0.02 -25.05
N LYS D 152 28.60 -1.31 -25.05
CA LYS D 152 27.99 -2.27 -24.14
C LYS D 152 28.77 -2.44 -22.84
N ILE D 153 29.89 -1.74 -22.68
CA ILE D 153 30.70 -1.82 -21.46
C ILE D 153 30.57 -0.50 -20.70
N SER D 154 29.46 0.21 -20.91
CA SER D 154 29.21 1.49 -20.27
C SER D 154 28.33 1.29 -19.05
N ARG D 155 28.75 1.88 -17.93
CA ARG D 155 28.00 1.83 -16.68
C ARG D 155 26.53 2.15 -16.89
N LYS D 156 25.66 1.28 -16.37
CA LYS D 156 24.22 1.44 -16.51
C LYS D 156 23.70 2.46 -15.48
N SER D 157 24.19 3.69 -15.63
CA SER D 157 23.85 4.80 -14.74
C SER D 157 24.20 4.49 -13.29
N ASP D 158 25.20 3.62 -13.07
CA ASP D 158 25.63 3.24 -11.73
C ASP D 158 26.74 4.16 -11.22
N ASN D 159 26.48 5.46 -11.24
CA ASN D 159 27.46 6.43 -10.74
C ASN D 159 27.84 6.20 -9.28
N PRO D 160 26.93 5.76 -8.39
CA PRO D 160 27.34 5.52 -6.99
C PRO D 160 28.38 4.42 -6.82
N SER D 161 28.67 3.62 -7.86
CA SER D 161 29.63 2.52 -7.75
C SER D 161 29.16 1.52 -6.69
N ILE D 162 27.96 0.99 -6.91
CA ILE D 162 27.36 0.05 -5.97
C ILE D 162 28.16 -1.25 -5.93
N THR D 163 28.28 -1.92 -7.07
CA THR D 163 29.00 -3.19 -7.17
C THR D 163 30.08 -3.06 -8.25
N ARG D 164 30.83 -4.14 -8.48
CA ARG D 164 31.89 -4.18 -9.46
C ARG D 164 31.32 -4.65 -10.79
N ASP D 165 31.30 -3.75 -11.78
CA ASP D 165 30.79 -4.05 -13.11
C ASP D 165 31.95 -4.57 -13.95
N VAL D 166 32.28 -5.85 -13.73
CA VAL D 166 33.39 -6.48 -14.44
C VAL D 166 33.17 -6.49 -15.94
N SER D 167 31.92 -6.41 -16.41
CA SER D 167 31.63 -6.35 -17.83
C SER D 167 31.56 -4.92 -18.35
N GLY D 168 31.46 -3.93 -17.46
CA GLY D 168 31.39 -2.53 -17.81
C GLY D 168 32.62 -1.77 -17.39
N GLU D 169 32.48 -0.99 -16.31
CA GLU D 169 33.59 -0.22 -15.76
C GLU D 169 34.85 -1.06 -15.56
N GLY D 170 34.68 -2.32 -15.18
CA GLY D 170 35.84 -3.19 -14.95
C GLY D 170 36.69 -3.36 -16.20
N VAL D 171 36.05 -3.47 -17.37
CA VAL D 171 36.81 -3.63 -18.60
C VAL D 171 37.44 -2.31 -19.00
N GLN D 172 36.71 -1.20 -18.78
CA GLN D 172 37.26 0.11 -19.12
C GLN D 172 38.48 0.43 -18.29
N GLN D 173 38.49 0.02 -17.02
CA GLN D 173 39.62 0.27 -16.14
C GLN D 173 40.87 -0.51 -16.53
N ALA D 174 40.73 -1.54 -17.36
CA ALA D 174 41.87 -2.34 -17.79
C ALA D 174 42.50 -1.85 -19.08
N LEU D 175 41.75 -1.10 -19.89
CA LEU D 175 42.25 -0.56 -21.15
C LEU D 175 42.88 0.82 -21.02
N LEU D 176 42.74 1.48 -19.87
CA LEU D 176 43.30 2.82 -19.69
C LEU D 176 44.80 2.86 -19.98
N LYS D 177 45.51 1.75 -19.80
CA LYS D 177 46.94 1.70 -20.07
C LYS D 177 47.27 1.04 -21.40
N LEU D 178 46.34 0.29 -21.98
CA LEU D 178 46.59 -0.33 -23.28
C LEU D 178 46.51 0.69 -24.40
N ILE D 179 45.56 1.62 -24.31
CA ILE D 179 45.39 2.66 -25.32
C ILE D 179 46.52 3.68 -25.23
N GLU D 180 47.10 3.87 -24.03
CA GLU D 180 48.15 4.84 -23.79
C GLU D 180 49.54 4.24 -24.03
N GLY D 181 49.80 3.05 -23.50
CA GLY D 181 51.08 2.39 -23.62
C GLY D 181 51.50 1.76 -22.32
N THR D 182 51.89 0.48 -22.40
CA THR D 182 52.26 -0.31 -21.24
C THR D 182 52.80 -1.64 -21.74
N VAL D 183 53.53 -2.33 -20.88
CA VAL D 183 54.15 -3.61 -21.22
C VAL D 183 53.09 -4.67 -20.91
N ALA D 184 52.23 -4.91 -21.89
CA ALA D 184 51.16 -5.89 -21.78
C ALA D 184 51.72 -7.29 -21.53
N ALA D 185 50.92 -8.11 -20.86
CA ALA D 185 51.27 -9.49 -20.53
C ALA D 185 50.43 -10.36 -21.45
N VAL D 186 51.00 -10.63 -22.63
CA VAL D 186 50.38 -11.43 -23.69
C VAL D 186 50.02 -12.80 -23.13
N PRO D 187 48.93 -13.44 -23.56
CA PRO D 187 48.61 -14.77 -23.05
C PRO D 187 49.75 -15.73 -23.33
N PRO D 188 49.89 -16.81 -22.49
CA PRO D 188 51.02 -17.74 -22.65
C PRO D 188 51.39 -18.16 -24.07
N GLN D 189 50.44 -18.69 -24.85
CA GLN D 189 50.77 -19.03 -26.22
C GLN D 189 49.50 -19.32 -27.00
N GLY D 190 49.44 -18.78 -28.21
CA GLY D 190 48.35 -19.05 -29.13
C GLY D 190 48.88 -19.26 -30.53
N GLY D 191 50.10 -19.75 -30.63
CA GLY D 191 50.76 -19.97 -31.92
C GLY D 191 51.66 -21.18 -31.88
N ARG D 192 52.69 -21.14 -32.72
CA ARG D 192 53.68 -22.21 -32.77
C ARG D 192 54.35 -22.42 -31.41
N LYS D 193 54.58 -21.31 -30.69
CA LYS D 193 55.23 -21.33 -29.38
C LYS D 193 54.60 -22.38 -28.46
N HIS D 194 55.42 -23.33 -28.04
CA HIS D 194 55.05 -24.44 -27.16
C HIS D 194 54.91 -24.06 -25.69
N PRO D 195 55.84 -23.33 -25.07
CA PRO D 195 55.71 -23.06 -23.64
C PRO D 195 54.65 -22.02 -23.35
N GLN D 196 54.38 -21.85 -22.05
CA GLN D 196 53.38 -20.93 -21.53
C GLN D 196 53.96 -19.88 -20.59
N GLN D 197 54.91 -20.26 -19.74
CA GLN D 197 55.50 -19.32 -18.79
C GLN D 197 56.24 -18.17 -19.46
N GLU D 198 56.61 -18.32 -20.74
CA GLU D 198 57.33 -17.28 -21.49
C GLU D 198 56.71 -15.89 -21.29
N PHE D 199 55.37 -15.80 -21.33
CA PHE D 199 54.63 -14.55 -21.13
C PHE D 199 55.22 -13.39 -21.95
N LEU D 200 55.22 -13.57 -23.26
CA LEU D 200 55.74 -12.60 -24.23
C LEU D 200 55.37 -11.16 -23.87
N GLN D 201 56.38 -10.31 -23.83
CA GLN D 201 56.21 -8.89 -23.51
C GLN D 201 56.08 -8.07 -24.79
N VAL D 202 55.14 -7.13 -24.79
CA VAL D 202 54.90 -6.26 -25.94
C VAL D 202 54.51 -4.88 -25.44
N ASP D 203 54.90 -3.86 -26.20
CA ASP D 203 54.62 -2.47 -25.89
C ASP D 203 53.49 -1.99 -26.79
N THR D 204 52.54 -1.25 -26.20
CA THR D 204 51.39 -0.74 -26.93
C THR D 204 51.36 0.79 -26.97
N SER D 205 52.54 1.42 -27.05
CA SER D 205 52.60 2.88 -27.14
C SER D 205 52.61 3.39 -28.56
N LYS D 206 52.62 2.49 -29.56
CA LYS D 206 52.56 2.85 -30.97
C LYS D 206 51.55 1.99 -31.71
N ILE D 207 50.54 1.49 -31.00
CA ILE D 207 49.51 0.63 -31.57
C ILE D 207 48.19 1.37 -31.53
N LEU D 208 47.71 1.77 -32.71
CA LEU D 208 46.42 2.45 -32.79
C LEU D 208 45.32 1.51 -32.31
N PHE D 209 44.33 2.07 -31.62
CA PHE D 209 43.21 1.31 -31.08
C PHE D 209 41.91 2.04 -31.39
N ILE D 210 41.19 1.56 -32.39
CA ILE D 210 39.90 2.13 -32.76
C ILE D 210 38.82 1.45 -31.92
N CYS D 211 37.79 2.20 -31.55
CA CYS D 211 36.70 1.69 -30.74
C CYS D 211 35.40 2.22 -31.32
N GLY D 212 34.49 1.30 -31.68
CA GLY D 212 33.21 1.68 -32.25
C GLY D 212 32.06 1.12 -31.44
N GLY D 213 30.97 1.88 -31.41
CA GLY D 213 29.77 1.50 -30.71
C GLY D 213 28.57 2.20 -31.33
N ALA D 214 27.39 1.87 -30.79
CA ALA D 214 26.14 2.46 -31.26
C ALA D 214 25.55 3.48 -30.30
N PHE D 215 25.90 3.39 -29.02
CA PHE D 215 25.45 4.31 -27.96
C PHE D 215 23.96 4.65 -28.07
N ALA D 216 23.15 3.60 -27.99
CA ALA D 216 21.70 3.76 -28.07
C ALA D 216 21.22 4.53 -26.85
N GLY D 217 20.76 5.76 -27.06
CA GLY D 217 20.28 6.63 -26.01
C GLY D 217 21.08 7.93 -25.88
N LEU D 218 22.31 7.96 -26.37
CA LEU D 218 23.14 9.17 -26.29
C LEU D 218 22.48 10.35 -26.98
N ASP D 219 21.66 10.10 -28.00
CA ASP D 219 20.98 11.19 -28.71
C ASP D 219 20.12 12.01 -27.75
N LYS D 220 19.49 11.35 -26.79
CA LYS D 220 18.66 12.05 -25.81
C LYS D 220 19.54 12.89 -24.90
N VAL D 221 20.63 12.30 -24.39
CA VAL D 221 21.57 13.00 -23.51
C VAL D 221 22.06 14.28 -24.16
N ILE D 222 22.37 14.23 -25.45
CA ILE D 222 22.86 15.42 -26.15
C ILE D 222 21.80 16.51 -26.18
N SER D 223 20.57 16.14 -26.55
CA SER D 223 19.48 17.12 -26.61
C SER D 223 19.27 17.81 -25.27
N HIS D 224 19.23 17.04 -24.18
CA HIS D 224 19.02 17.59 -22.85
C HIS D 224 20.07 18.63 -22.49
N ARG D 225 21.30 18.48 -22.98
CA ARG D 225 22.38 19.40 -22.67
C ARG D 225 22.38 20.63 -23.59
N VAL D 226 22.04 20.45 -24.87
CA VAL D 226 22.08 21.53 -25.84
C VAL D 226 20.74 22.22 -26.05
N GLU D 227 19.66 21.73 -25.43
CA GLU D 227 18.35 22.34 -25.57
C GLU D 227 18.18 23.43 -24.52
N THR D 228 17.87 24.64 -24.97
CA THR D 228 17.69 25.78 -24.09
C THR D 228 16.45 25.55 -23.21
N GLY D 229 16.21 26.47 -22.27
CA GLY D 229 15.10 26.36 -21.34
C GLY D 229 15.57 26.20 -19.91
N SER D 230 15.38 27.26 -19.13
CA SER D 230 15.80 27.26 -17.73
C SER D 230 14.78 26.59 -16.82
N GLY D 231 13.49 26.72 -17.12
CA GLY D 231 12.47 26.14 -16.29
C GLY D 231 11.10 26.56 -16.76
N ILE D 232 10.11 26.27 -15.93
CA ILE D 232 8.71 26.54 -16.24
C ILE D 232 8.20 27.66 -15.34
N GLY D 233 7.29 28.47 -15.89
CA GLY D 233 6.68 29.57 -15.18
C GLY D 233 6.58 30.83 -16.02
N PHE D 234 5.93 31.85 -15.48
CA PHE D 234 5.77 33.12 -16.20
C PHE D 234 7.04 33.96 -16.23
N GLY D 235 8.05 33.62 -15.42
CA GLY D 235 9.29 34.36 -15.38
C GLY D 235 10.48 33.58 -15.88
N ALA D 236 10.23 32.54 -16.68
CA ALA D 236 11.28 31.70 -17.24
C ALA D 236 11.61 32.16 -18.66
N THR D 237 12.60 31.51 -19.25
CA THR D 237 13.07 31.80 -20.61
C THR D 237 12.91 30.51 -21.42
N VAL D 238 11.73 30.35 -22.03
CA VAL D 238 11.47 29.17 -22.83
C VAL D 238 12.47 29.09 -23.98
N LYS D 239 12.82 27.86 -24.35
CA LYS D 239 13.74 27.60 -25.46
C LYS D 239 13.38 28.42 -26.69
N ALA D 240 14.42 28.88 -27.40
CA ALA D 240 14.22 29.66 -28.61
C ALA D 240 13.32 28.94 -29.61
N LYS D 241 13.58 27.67 -29.86
CA LYS D 241 12.78 26.88 -30.79
C LYS D 241 13.04 25.41 -30.54
N SER D 242 11.98 24.60 -30.57
CA SER D 242 12.09 23.15 -30.39
C SER D 242 12.23 22.46 -31.74
N ASP D 243 13.33 22.78 -32.42
CA ASP D 243 13.58 22.20 -33.74
C ASP D 243 13.84 20.70 -33.63
N LYS D 244 13.35 19.95 -34.61
CA LYS D 244 13.53 18.51 -34.69
C LYS D 244 14.73 18.21 -35.57
N ALA D 245 15.66 17.39 -35.07
CA ALA D 245 16.87 17.04 -35.79
C ALA D 245 17.09 15.54 -35.73
N SER D 246 17.62 14.98 -36.82
CA SER D 246 17.90 13.56 -36.89
C SER D 246 18.98 13.16 -35.88
N GLU D 247 19.08 11.85 -35.65
CA GLU D 247 20.07 11.33 -34.72
C GLU D 247 21.48 11.77 -35.09
N GLY D 248 21.82 11.69 -36.38
CA GLY D 248 23.16 12.09 -36.81
C GLY D 248 23.48 13.54 -36.48
N GLU D 249 22.49 14.43 -36.64
CA GLU D 249 22.70 15.84 -36.32
C GLU D 249 23.09 16.01 -34.87
N LEU D 250 22.36 15.35 -33.96
CA LEU D 250 22.67 15.45 -32.54
C LEU D 250 24.07 14.92 -32.24
N LEU D 251 24.43 13.78 -32.82
CA LEU D 251 25.74 13.19 -32.58
C LEU D 251 26.89 14.09 -33.06
N ALA D 252 26.62 15.04 -33.96
CA ALA D 252 27.68 15.93 -34.42
C ALA D 252 28.11 16.92 -33.34
N GLN D 253 27.28 17.11 -32.31
CA GLN D 253 27.58 17.98 -31.19
C GLN D 253 28.05 17.22 -29.96
N VAL D 254 28.33 15.92 -30.11
CA VAL D 254 28.77 15.10 -28.97
C VAL D 254 30.10 15.62 -28.44
N GLU D 255 30.23 15.59 -27.12
CA GLU D 255 31.42 16.05 -26.41
C GLU D 255 31.69 15.06 -25.28
N PRO D 256 32.89 15.09 -24.66
CA PRO D 256 33.17 14.14 -23.57
C PRO D 256 32.16 14.18 -22.44
N GLU D 257 31.70 15.37 -22.03
CA GLU D 257 30.70 15.47 -20.98
C GLU D 257 29.45 14.68 -21.31
N ASP D 258 29.10 14.58 -22.60
CA ASP D 258 27.94 13.81 -23.00
C ASP D 258 28.14 12.32 -22.75
N LEU D 259 29.36 11.83 -23.00
CA LEU D 259 29.64 10.41 -22.82
C LEU D 259 29.77 10.04 -21.36
N ILE D 260 30.14 10.99 -20.49
CA ILE D 260 30.26 10.69 -19.07
C ILE D 260 28.91 10.34 -18.46
N LYS D 261 27.82 10.78 -19.09
CA LYS D 261 26.48 10.46 -18.60
C LYS D 261 25.99 9.11 -19.11
N PHE D 262 26.63 8.57 -20.15
CA PHE D 262 26.25 7.27 -20.71
C PHE D 262 26.88 6.10 -19.97
N GLY D 263 27.89 6.36 -19.12
CA GLY D 263 28.56 5.33 -18.35
C GLY D 263 30.00 5.10 -18.73
N LEU D 264 30.66 6.13 -19.26
CA LEU D 264 32.07 6.07 -19.64
C LEU D 264 32.86 6.95 -18.68
N ILE D 265 33.82 6.34 -17.98
CA ILE D 265 34.64 7.10 -17.04
C ILE D 265 35.47 8.12 -17.80
N PRO D 266 35.70 9.34 -17.27
CA PRO D 266 36.50 10.34 -18.01
C PRO D 266 37.89 9.86 -18.38
N GLU D 267 38.46 8.91 -17.64
CA GLU D 267 39.80 8.42 -17.96
C GLU D 267 39.82 7.73 -19.31
N PHE D 268 38.74 7.03 -19.66
CA PHE D 268 38.68 6.34 -20.93
C PHE D 268 38.50 7.31 -22.08
N ILE D 269 37.60 8.28 -21.93
CA ILE D 269 37.33 9.26 -22.98
C ILE D 269 38.59 10.06 -23.29
N GLY D 270 39.47 10.25 -22.30
CA GLY D 270 40.70 10.98 -22.54
C GLY D 270 41.64 10.25 -23.49
N ARG D 271 41.65 8.93 -23.43
CA ARG D 271 42.50 8.13 -24.30
C ARG D 271 42.09 8.21 -25.76
N LEU D 272 40.83 8.58 -26.04
CA LEU D 272 40.33 8.67 -27.41
C LEU D 272 40.09 10.14 -27.76
N PRO D 273 41.13 10.88 -28.17
CA PRO D 273 40.92 12.30 -28.52
C PRO D 273 39.97 12.51 -29.69
N VAL D 274 40.21 11.84 -30.81
CA VAL D 274 39.39 12.01 -32.00
C VAL D 274 38.09 11.26 -31.82
N VAL D 275 36.99 11.90 -32.23
CA VAL D 275 35.65 11.35 -32.11
C VAL D 275 34.93 11.60 -33.44
N ALA D 276 34.59 10.51 -34.12
CA ALA D 276 33.90 10.55 -35.40
C ALA D 276 32.41 10.30 -35.17
N THR D 277 31.61 10.63 -36.18
CA THR D 277 30.16 10.47 -36.07
C THR D 277 29.57 10.16 -37.44
N LEU D 278 28.68 9.18 -37.46
CA LEU D 278 28.00 8.72 -38.66
C LEU D 278 26.56 9.22 -38.65
N ASN D 279 25.97 9.29 -39.85
CA ASN D 279 24.60 9.73 -40.04
C ASN D 279 23.74 8.54 -40.49
N GLU D 280 22.51 8.51 -40.00
CA GLU D 280 21.59 7.43 -40.36
C GLU D 280 21.38 7.39 -41.87
N LEU D 281 21.22 6.18 -42.39
CA LEU D 281 21.02 6.01 -43.82
C LEU D 281 19.64 6.46 -44.24
N SER D 282 19.56 7.01 -45.46
CA SER D 282 18.32 7.49 -46.06
C SER D 282 17.91 6.56 -47.19
N GLU D 283 16.68 6.77 -47.67
CA GLU D 283 16.15 5.98 -48.78
C GLU D 283 17.09 6.05 -49.99
N GLU D 284 17.53 7.26 -50.34
CA GLU D 284 18.46 7.44 -51.45
C GLU D 284 19.73 6.62 -51.23
N ALA D 285 20.27 6.67 -50.02
CA ALA D 285 21.49 5.91 -49.72
C ALA D 285 21.28 4.42 -49.90
N LEU D 286 20.10 3.92 -49.52
CA LEU D 286 19.81 2.49 -49.67
C LEU D 286 19.83 2.09 -51.13
N ILE D 287 19.28 2.92 -52.01
CA ILE D 287 19.28 2.61 -53.43
C ILE D 287 20.70 2.58 -53.97
N GLN D 288 21.53 3.52 -53.54
CA GLN D 288 22.92 3.56 -53.97
C GLN D 288 23.68 2.33 -53.46
N ILE D 289 23.34 1.86 -52.26
CA ILE D 289 24.02 0.70 -51.68
C ILE D 289 23.72 -0.56 -52.47
N LEU D 290 22.54 -0.64 -53.09
CA LEU D 290 22.17 -1.83 -53.85
C LEU D 290 22.88 -1.91 -55.19
N LYS D 291 23.39 -0.81 -55.74
CA LYS D 291 24.05 -0.80 -57.05
C LYS D 291 25.53 -0.43 -57.02
N GLU D 292 25.90 0.65 -56.31
CA GLU D 292 27.29 1.10 -56.37
C GLU D 292 28.28 0.18 -55.65
N PRO D 293 28.07 -0.22 -54.39
CA PRO D 293 29.06 -1.08 -53.71
C PRO D 293 29.45 -2.33 -54.48
N LYS D 294 30.76 -2.64 -54.45
CA LYS D 294 31.27 -3.83 -55.12
C LYS D 294 30.64 -5.11 -54.60
N ASN D 295 30.19 -5.11 -53.34
CA ASN D 295 29.56 -6.26 -52.71
C ASN D 295 28.07 -6.03 -52.50
N ALA D 296 27.44 -5.32 -53.42
CA ALA D 296 26.02 -5.04 -53.32
C ALA D 296 25.20 -6.32 -53.52
N LEU D 297 23.99 -6.32 -52.97
CA LEU D 297 23.11 -7.47 -53.08
C LEU D 297 22.83 -7.80 -54.55
N THR D 298 22.53 -6.78 -55.35
CA THR D 298 22.30 -6.99 -56.78
C THR D 298 23.47 -7.70 -57.43
N LYS D 299 24.69 -7.20 -57.22
CA LYS D 299 25.87 -7.83 -57.78
C LYS D 299 26.07 -9.23 -57.21
N GLN D 300 25.61 -9.48 -55.99
CA GLN D 300 25.75 -10.80 -55.39
C GLN D 300 24.76 -11.79 -56.02
N TYR D 301 23.48 -11.42 -56.04
CA TYR D 301 22.48 -12.30 -56.63
C TYR D 301 22.68 -12.41 -58.14
N GLN D 302 23.12 -11.35 -58.80
CA GLN D 302 23.37 -11.41 -60.24
C GLN D 302 24.47 -12.41 -60.54
N ALA D 303 25.56 -12.36 -59.77
CA ALA D 303 26.65 -13.32 -59.95
C ALA D 303 26.15 -14.74 -59.77
N LEU D 304 25.20 -14.94 -58.84
CA LEU D 304 24.63 -16.26 -58.61
C LEU D 304 23.88 -16.74 -59.83
N PHE D 305 23.07 -15.88 -60.44
CA PHE D 305 22.30 -16.26 -61.61
C PHE D 305 23.20 -16.50 -62.82
N ASN D 306 24.40 -15.90 -62.84
CA ASN D 306 25.32 -16.14 -63.95
C ASN D 306 25.90 -17.55 -63.91
N LEU D 307 25.91 -18.18 -62.73
CA LEU D 307 26.41 -19.55 -62.62
C LEU D 307 25.61 -20.51 -63.48
N GLU D 308 24.31 -20.27 -63.61
CA GLU D 308 23.43 -21.12 -64.40
C GLU D 308 23.27 -20.62 -65.83
N GLY D 309 23.96 -19.55 -66.21
CA GLY D 309 23.88 -19.04 -67.57
C GLY D 309 22.65 -18.21 -67.86
N VAL D 310 22.19 -17.40 -66.91
CA VAL D 310 21.02 -16.55 -67.10
C VAL D 310 21.29 -15.18 -66.49
N ASP D 311 20.91 -14.13 -67.20
CA ASP D 311 21.07 -12.76 -66.74
C ASP D 311 20.03 -12.41 -65.69
N LEU D 312 20.40 -11.48 -64.80
CA LEU D 312 19.52 -11.00 -63.74
C LEU D 312 19.49 -9.48 -63.82
N GLU D 313 18.33 -8.94 -64.20
CA GLU D 313 18.12 -7.51 -64.33
C GLU D 313 17.21 -7.02 -63.22
N PHE D 314 17.52 -5.83 -62.69
CA PHE D 314 16.75 -5.21 -61.61
C PHE D 314 16.32 -3.82 -62.06
N ARG D 315 15.01 -3.62 -62.20
CA ARG D 315 14.48 -2.31 -62.59
C ARG D 315 14.77 -1.29 -61.50
N ASP D 316 15.22 -0.11 -61.92
CA ASP D 316 15.54 0.95 -60.96
C ASP D 316 14.32 1.34 -60.16
N GLU D 317 13.13 1.33 -60.78
CA GLU D 317 11.92 1.67 -60.06
C GLU D 317 11.63 0.68 -58.94
N ALA D 318 12.05 -0.58 -59.11
CA ALA D 318 11.83 -1.59 -58.08
C ALA D 318 12.67 -1.29 -56.84
N LEU D 319 13.92 -0.84 -57.03
CA LEU D 319 14.79 -0.52 -55.90
C LEU D 319 14.16 0.52 -54.98
N ASP D 320 13.45 1.49 -55.55
CA ASP D 320 12.81 2.52 -54.73
C ASP D 320 11.76 1.89 -53.81
N ALA D 321 11.05 0.88 -54.31
CA ALA D 321 10.04 0.21 -53.50
C ALA D 321 10.68 -0.49 -52.31
N ILE D 322 11.78 -1.21 -52.56
CA ILE D 322 12.47 -1.95 -51.51
C ILE D 322 12.95 -1.00 -50.42
N ALA D 323 13.52 0.14 -50.79
CA ALA D 323 13.99 1.11 -49.81
C ALA D 323 12.87 1.57 -48.90
N LYS D 324 11.71 1.90 -49.48
CA LYS D 324 10.56 2.32 -48.68
C LYS D 324 10.14 1.22 -47.72
N LYS D 325 10.13 -0.02 -48.19
CA LYS D 325 9.76 -1.16 -47.34
C LYS D 325 10.69 -1.25 -46.13
N ALA D 326 12.00 -1.18 -46.37
CA ALA D 326 12.98 -1.26 -45.29
C ALA D 326 12.73 -0.18 -44.24
N MET D 327 12.51 1.06 -44.67
CA MET D 327 12.25 2.14 -43.72
C MET D 327 10.94 1.89 -42.98
N ALA D 328 9.98 1.22 -43.62
CA ALA D 328 8.72 0.91 -42.96
C ALA D 328 8.87 -0.21 -41.95
N ARG D 329 9.82 -1.11 -42.17
CA ARG D 329 10.09 -2.24 -41.29
C ARG D 329 11.15 -1.96 -40.24
N LYS D 330 11.84 -0.82 -40.34
CA LYS D 330 12.90 -0.45 -39.39
C LYS D 330 13.97 -1.54 -39.32
N THR D 331 14.34 -2.08 -40.49
CA THR D 331 15.34 -3.12 -40.60
C THR D 331 16.66 -2.64 -41.17
N GLY D 332 16.71 -1.43 -41.74
CA GLY D 332 17.94 -0.91 -42.29
C GLY D 332 18.44 -1.71 -43.50
N ALA D 333 19.75 -1.63 -43.72
CA ALA D 333 20.36 -2.30 -44.85
C ALA D 333 20.25 -3.81 -44.76
N ARG D 334 20.31 -4.37 -43.56
CA ARG D 334 20.21 -5.83 -43.40
C ARG D 334 18.88 -6.35 -43.89
N GLY D 335 17.80 -5.60 -43.70
CA GLY D 335 16.49 -6.02 -44.16
C GLY D 335 16.37 -6.14 -45.66
N LEU D 336 17.23 -5.44 -46.41
CA LEU D 336 17.21 -5.49 -47.86
C LEU D 336 17.27 -6.91 -48.38
N ARG D 337 18.20 -7.71 -47.84
CA ARG D 337 18.34 -9.10 -48.26
C ARG D 337 17.04 -9.87 -48.03
N SER D 338 16.44 -9.69 -46.85
CA SER D 338 15.17 -10.36 -46.54
C SER D 338 14.10 -10.01 -47.56
N ILE D 339 13.97 -8.72 -47.87
CA ILE D 339 12.97 -8.26 -48.83
C ILE D 339 13.20 -8.92 -50.19
N VAL D 340 14.45 -8.92 -50.65
CA VAL D 340 14.75 -9.50 -51.96
C VAL D 340 14.51 -11.00 -51.97
N GLU D 341 14.89 -11.69 -50.89
CA GLU D 341 14.68 -13.13 -50.80
C GLU D 341 13.22 -13.49 -50.96
N ALA D 342 12.33 -12.74 -50.32
CA ALA D 342 10.89 -13.01 -50.43
C ALA D 342 10.39 -12.78 -51.85
N ALA D 343 11.00 -11.84 -52.57
CA ALA D 343 10.60 -11.52 -53.94
C ALA D 343 11.20 -12.46 -54.98
N LEU D 344 12.30 -13.12 -54.65
CA LEU D 344 13.00 -14.03 -55.56
C LEU D 344 13.02 -15.46 -55.06
N LEU D 345 12.20 -15.80 -54.05
CA LEU D 345 12.19 -17.15 -53.51
C LEU D 345 11.61 -18.15 -54.52
N ASP D 346 10.37 -17.91 -54.95
CA ASP D 346 9.73 -18.83 -55.90
C ASP D 346 10.47 -18.87 -57.23
N THR D 347 11.03 -17.73 -57.66
CA THR D 347 11.73 -17.68 -58.94
C THR D 347 12.87 -18.70 -59.01
N MET D 348 13.70 -18.75 -57.96
CA MET D 348 14.82 -19.69 -57.94
C MET D 348 14.40 -21.11 -57.62
N TYR D 349 13.13 -21.36 -57.27
CA TYR D 349 12.70 -22.72 -56.95
C TYR D 349 12.56 -23.57 -58.20
N ASP D 350 12.19 -22.95 -59.33
CA ASP D 350 12.03 -23.66 -60.60
C ASP D 350 13.09 -23.30 -61.64
N LEU D 351 13.75 -22.15 -61.50
CA LEU D 351 14.79 -21.72 -62.42
C LEU D 351 15.84 -22.78 -62.73
N PRO D 352 16.48 -23.43 -61.75
CA PRO D 352 17.50 -24.43 -62.10
C PRO D 352 16.94 -25.69 -62.75
N SER D 353 15.64 -25.96 -62.59
CA SER D 353 15.03 -27.15 -63.18
C SER D 353 14.49 -26.93 -64.58
N MET D 354 14.50 -25.69 -65.09
CA MET D 354 14.03 -25.38 -66.43
C MET D 354 15.20 -25.04 -67.33
N GLU D 355 14.88 -24.83 -68.62
CA GLU D 355 15.88 -24.52 -69.64
C GLU D 355 15.29 -23.49 -70.60
N ASP D 356 16.09 -23.10 -71.59
CA ASP D 356 15.69 -22.14 -72.61
C ASP D 356 15.26 -20.79 -72.04
N VAL D 357 15.82 -20.41 -70.89
CA VAL D 357 15.53 -19.13 -70.24
C VAL D 357 16.81 -18.30 -70.30
N GLU D 358 16.80 -17.29 -71.17
CA GLU D 358 17.98 -16.46 -71.37
C GLU D 358 18.11 -15.34 -70.34
N LYS D 359 17.00 -14.74 -69.90
CA LYS D 359 17.11 -13.63 -68.96
C LYS D 359 15.78 -13.41 -68.24
N VAL D 360 15.88 -12.74 -67.09
CA VAL D 360 14.75 -12.40 -66.23
C VAL D 360 14.81 -10.90 -66.01
N VAL D 361 13.64 -10.28 -65.82
CA VAL D 361 13.52 -8.84 -65.64
C VAL D 361 12.61 -8.57 -64.44
N ILE D 362 13.21 -8.31 -63.28
CA ILE D 362 12.46 -7.99 -62.07
C ILE D 362 11.89 -6.58 -62.20
N ASP D 363 10.73 -6.36 -61.58
CA ASP D 363 10.06 -5.06 -61.63
C ASP D 363 9.38 -4.78 -60.30
N GLU D 364 8.93 -3.53 -60.16
CA GLU D 364 8.29 -3.07 -58.93
C GLU D 364 7.11 -3.95 -58.53
N SER D 365 6.31 -4.39 -59.51
CA SER D 365 5.15 -5.21 -59.20
C SER D 365 5.52 -6.50 -58.49
N VAL D 366 6.68 -7.08 -58.82
CA VAL D 366 7.12 -8.30 -58.14
C VAL D 366 7.25 -8.07 -56.65
N ILE D 367 7.86 -6.95 -56.25
CA ILE D 367 8.05 -6.66 -54.83
C ILE D 367 6.71 -6.50 -54.15
N ASP D 368 5.72 -5.91 -54.83
CA ASP D 368 4.40 -5.75 -54.24
C ASP D 368 3.70 -7.09 -54.08
N GLY D 369 4.03 -8.06 -54.92
CA GLY D 369 3.42 -9.38 -54.87
C GLY D 369 2.16 -9.53 -55.69
N GLN D 370 1.91 -8.63 -56.63
CA GLN D 370 0.75 -8.69 -57.50
C GLN D 370 1.08 -9.23 -58.89
N SER D 371 2.27 -9.81 -59.07
CA SER D 371 2.67 -10.33 -60.37
C SER D 371 3.81 -11.31 -60.15
N GLU D 372 4.26 -11.92 -61.25
CA GLU D 372 5.34 -12.89 -61.28
C GLU D 372 6.45 -12.38 -62.19
N PRO D 373 7.74 -12.65 -61.88
CA PRO D 373 8.80 -12.15 -62.76
C PRO D 373 8.75 -12.83 -64.12
N LEU D 374 8.84 -12.02 -65.18
CA LEU D 374 8.83 -12.56 -66.54
C LEU D 374 10.16 -13.21 -66.86
N LEU D 375 10.11 -14.45 -67.35
CA LEU D 375 11.30 -15.22 -67.71
C LEU D 375 11.41 -15.26 -69.23
N ILE D 376 12.18 -14.31 -69.77
CA ILE D 376 12.37 -14.26 -71.23
C ILE D 376 13.07 -15.53 -71.69
N TYR D 377 12.57 -16.11 -72.77
CA TYR D 377 13.12 -17.32 -73.35
C TYR D 377 13.95 -17.00 -74.59
N GLY D 378 14.96 -17.83 -74.82
CA GLY D 378 15.83 -17.64 -75.96
C GLY D 378 16.99 -18.64 -75.99
N SER E 26 30.35 -33.50 -58.90
CA SER E 26 29.08 -33.96 -58.38
C SER E 26 28.08 -32.82 -58.24
N ALA E 27 27.45 -32.47 -59.36
CA ALA E 27 26.46 -31.39 -59.39
C ALA E 27 25.41 -31.55 -58.30
N LEU E 28 25.26 -30.51 -57.48
CA LEU E 28 24.30 -30.53 -56.39
C LEU E 28 22.89 -30.77 -56.92
N PRO E 29 22.02 -31.42 -56.14
CA PRO E 29 20.67 -31.69 -56.63
C PRO E 29 19.80 -30.44 -56.61
N THR E 30 19.00 -30.29 -57.68
CA THR E 30 18.11 -29.15 -57.81
C THR E 30 17.13 -29.12 -56.64
N PRO E 31 16.58 -27.94 -56.30
CA PRO E 31 15.66 -27.87 -55.15
C PRO E 31 14.46 -28.81 -55.27
N HIS E 32 13.92 -28.99 -56.49
CA HIS E 32 12.81 -29.92 -56.69
C HIS E 32 13.15 -31.29 -56.11
N GLU E 33 14.28 -31.85 -56.51
CA GLU E 33 14.74 -33.13 -55.99
C GLU E 33 14.82 -33.11 -54.47
N ILE E 34 15.42 -32.05 -53.92
CA ILE E 34 15.55 -31.92 -52.47
C ILE E 34 14.16 -31.91 -51.82
N ARG E 35 13.19 -31.26 -52.47
CA ARG E 35 11.85 -31.21 -51.90
C ARG E 35 11.18 -32.58 -52.00
N ASN E 36 11.19 -33.17 -53.20
CA ASN E 36 10.64 -34.52 -53.39
C ASN E 36 11.21 -35.50 -52.38
N HIS E 37 12.51 -35.40 -52.11
CA HIS E 37 13.15 -36.27 -51.13
C HIS E 37 12.66 -35.95 -49.72
N LEU E 38 12.69 -34.67 -49.36
CA LEU E 38 12.23 -34.24 -48.04
C LEU E 38 10.77 -34.63 -47.81
N ASP E 39 9.96 -34.62 -48.87
CA ASP E 39 8.55 -34.98 -48.73
C ASP E 39 8.39 -36.43 -48.27
N ASP E 40 9.25 -37.32 -48.79
CA ASP E 40 9.22 -38.74 -48.42
C ASP E 40 9.22 -38.94 -46.91
N TYR E 41 10.08 -38.21 -46.19
CA TYR E 41 10.22 -38.35 -44.75
C TYR E 41 9.46 -37.29 -43.96
N VAL E 42 8.82 -36.32 -44.61
CA VAL E 42 8.09 -35.27 -43.93
C VAL E 42 6.85 -34.92 -44.75
N ILE E 43 5.67 -35.07 -44.15
CA ILE E 43 4.40 -34.77 -44.81
C ILE E 43 3.90 -33.43 -44.27
N GLY E 44 3.59 -32.53 -45.19
CA GLY E 44 3.14 -31.19 -44.84
C GLY E 44 4.28 -30.20 -44.90
N GLN E 45 4.02 -29.01 -44.34
CA GLN E 45 4.97 -27.89 -44.34
C GLN E 45 5.57 -27.71 -45.75
N GLU E 46 4.68 -27.48 -46.71
CA GLU E 46 5.10 -27.34 -48.11
C GLU E 46 5.83 -26.03 -48.35
N GLN E 47 5.40 -24.95 -47.71
CA GLN E 47 6.06 -23.67 -47.93
C GLN E 47 7.47 -23.68 -47.34
N ALA E 48 7.62 -24.19 -46.10
CA ALA E 48 8.93 -24.25 -45.48
C ALA E 48 9.89 -25.12 -46.28
N LYS E 49 9.38 -26.19 -46.91
CA LYS E 49 10.24 -27.06 -47.70
C LYS E 49 10.89 -26.31 -48.86
N LYS E 50 10.11 -25.48 -49.55
CA LYS E 50 10.66 -24.72 -50.67
C LYS E 50 11.70 -23.72 -50.18
N VAL E 51 11.43 -23.06 -49.04
CA VAL E 51 12.37 -22.09 -48.49
C VAL E 51 13.70 -22.76 -48.15
N LEU E 52 13.63 -23.89 -47.44
CA LEU E 52 14.84 -24.58 -47.02
C LEU E 52 15.52 -25.37 -48.14
N ALA E 53 14.93 -25.41 -49.34
CA ALA E 53 15.57 -26.09 -50.47
C ALA E 53 16.43 -25.12 -51.25
N VAL E 54 15.85 -23.98 -51.62
CA VAL E 54 16.59 -22.96 -52.37
C VAL E 54 17.60 -22.26 -51.46
N ALA E 55 17.20 -21.94 -50.23
CA ALA E 55 18.08 -21.24 -49.30
C ALA E 55 19.39 -21.98 -49.08
N VAL E 56 19.34 -23.30 -48.97
CA VAL E 56 20.56 -24.08 -48.76
C VAL E 56 21.23 -24.41 -50.08
N TYR E 57 20.45 -24.58 -51.16
CA TYR E 57 21.06 -24.81 -52.47
C TYR E 57 21.96 -23.63 -52.85
N ASN E 58 21.60 -22.43 -52.40
CA ASN E 58 22.40 -21.23 -52.65
C ASN E 58 23.60 -21.20 -51.71
N HIS E 59 23.36 -21.42 -50.42
CA HIS E 59 24.41 -21.42 -49.40
C HIS E 59 25.55 -22.38 -49.72
N TYR E 60 25.32 -23.38 -50.56
CA TYR E 60 26.34 -24.35 -50.93
C TYR E 60 26.85 -24.15 -52.35
N LYS E 61 26.00 -23.65 -53.26
CA LYS E 61 26.45 -23.36 -54.63
C LYS E 61 27.60 -22.38 -54.61
N ARG E 62 27.66 -21.49 -53.60
CA ARG E 62 28.74 -20.53 -53.47
C ARG E 62 30.00 -21.20 -52.92
N LEU E 63 29.85 -21.99 -51.86
CA LEU E 63 31.00 -22.64 -51.23
C LEU E 63 31.76 -23.54 -52.21
N ARG E 64 31.06 -24.17 -53.16
CA ARG E 64 31.74 -25.01 -54.13
C ARG E 64 32.41 -24.21 -55.25
N ASN E 65 32.18 -22.89 -55.30
CA ASN E 65 32.78 -21.99 -56.28
C ASN E 65 33.37 -20.84 -55.47
N GLY E 66 34.63 -20.99 -55.03
CA GLY E 66 35.24 -19.95 -54.23
C GLY E 66 35.29 -18.62 -54.93
N ASP E 67 35.74 -18.61 -56.19
CA ASP E 67 35.77 -17.38 -56.96
C ASP E 67 34.40 -17.11 -57.56
N THR E 68 34.25 -15.92 -58.17
CA THR E 68 33.02 -15.53 -58.84
C THR E 68 33.30 -14.84 -60.16
N SER E 69 34.46 -15.11 -60.78
CA SER E 69 34.87 -14.47 -62.04
C SER E 69 34.80 -12.94 -61.95
N ASN E 70 34.99 -12.42 -60.74
CA ASN E 70 34.97 -10.99 -60.47
C ASN E 70 35.48 -10.79 -59.05
N GLY E 71 35.48 -9.54 -58.59
CA GLY E 71 35.92 -9.22 -57.25
C GLY E 71 34.82 -9.22 -56.21
N VAL E 72 33.63 -9.73 -56.54
CA VAL E 72 32.53 -9.76 -55.58
C VAL E 72 32.83 -10.75 -54.46
N GLU E 73 32.24 -10.50 -53.29
CA GLU E 73 32.38 -11.35 -52.10
C GLU E 73 30.96 -11.71 -51.67
N LEU E 74 30.44 -12.82 -52.18
CA LEU E 74 29.09 -13.26 -51.84
C LEU E 74 28.92 -13.40 -50.33
N GLY E 75 27.74 -13.05 -49.84
CA GLY E 75 27.42 -13.12 -48.43
C GLY E 75 26.77 -14.43 -48.02
N LYS E 76 26.18 -14.41 -46.83
CA LYS E 76 25.51 -15.56 -46.23
C LYS E 76 24.09 -15.18 -45.86
N SER E 77 23.18 -16.15 -46.01
CA SER E 77 21.75 -15.98 -45.72
C SER E 77 21.34 -17.01 -44.68
N ASN E 78 21.07 -16.56 -43.46
CA ASN E 78 20.64 -17.43 -42.38
C ASN E 78 19.14 -17.68 -42.47
N ILE E 79 18.70 -18.81 -41.91
CA ILE E 79 17.31 -19.23 -41.93
C ILE E 79 16.77 -19.24 -40.51
N LEU E 80 15.57 -18.65 -40.33
CA LEU E 80 14.90 -18.57 -39.04
C LEU E 80 13.62 -19.40 -39.12
N LEU E 81 13.58 -20.51 -38.39
CA LEU E 81 12.43 -21.42 -38.38
C LEU E 81 11.53 -21.09 -37.20
N ILE E 82 10.53 -20.23 -37.44
CA ILE E 82 9.55 -19.89 -36.41
C ILE E 82 8.37 -20.84 -36.58
N GLY E 83 8.33 -21.90 -35.78
CA GLY E 83 7.26 -22.86 -35.84
C GLY E 83 6.71 -23.21 -34.46
N PRO E 84 5.56 -23.88 -34.41
CA PRO E 84 5.01 -24.30 -33.12
C PRO E 84 5.78 -25.50 -32.58
N THR E 85 5.53 -25.80 -31.30
CA THR E 85 6.20 -26.92 -30.67
C THR E 85 5.68 -28.23 -31.25
N GLY E 86 6.56 -29.23 -31.29
CA GLY E 86 6.19 -30.51 -31.87
C GLY E 86 5.83 -30.42 -33.34
N SER E 87 6.43 -29.49 -34.06
CA SER E 87 6.18 -29.28 -35.48
C SER E 87 7.21 -29.97 -36.38
N GLY E 88 8.38 -30.30 -35.84
CA GLY E 88 9.43 -30.96 -36.58
C GLY E 88 10.51 -30.06 -37.12
N LYS E 89 10.79 -28.93 -36.47
CA LYS E 89 11.89 -28.07 -36.92
C LYS E 89 13.20 -28.84 -36.91
N THR E 90 13.45 -29.59 -35.83
CA THR E 90 14.65 -30.41 -35.72
C THR E 90 14.69 -31.45 -36.83
N LEU E 91 13.55 -32.10 -37.07
CA LEU E 91 13.44 -33.13 -38.11
C LEU E 91 13.87 -32.60 -39.47
N LEU E 92 13.36 -31.41 -39.84
CA LEU E 92 13.72 -30.83 -41.13
C LEU E 92 15.23 -30.59 -41.20
N ALA E 93 15.80 -29.98 -40.17
CA ALA E 93 17.24 -29.74 -40.15
C ALA E 93 18.00 -31.06 -40.19
N GLU E 94 17.62 -32.01 -39.33
CA GLU E 94 18.30 -33.32 -39.31
C GLU E 94 18.15 -34.03 -40.65
N THR E 95 16.93 -34.08 -41.18
CA THR E 95 16.71 -34.75 -42.46
C THR E 95 17.46 -34.07 -43.59
N LEU E 96 17.52 -32.74 -43.58
CA LEU E 96 18.22 -32.02 -44.64
C LEU E 96 19.70 -32.37 -44.66
N ALA E 97 20.30 -32.51 -43.48
CA ALA E 97 21.71 -32.86 -43.40
C ALA E 97 21.93 -34.33 -43.78
N ARG E 98 21.06 -35.23 -43.31
CA ARG E 98 21.25 -36.65 -43.58
C ARG E 98 21.06 -36.97 -45.06
N LEU E 99 20.18 -36.26 -45.77
CA LEU E 99 20.02 -36.51 -47.20
C LEU E 99 21.34 -36.27 -47.93
N LEU E 100 22.13 -35.32 -47.47
CA LEU E 100 23.43 -34.99 -48.00
C LEU E 100 24.50 -35.65 -47.12
N ASP E 101 25.76 -35.37 -47.42
CA ASP E 101 26.90 -35.88 -46.65
C ASP E 101 27.66 -34.66 -46.17
N VAL E 102 27.27 -34.15 -45.01
CA VAL E 102 27.88 -32.96 -44.42
C VAL E 102 27.74 -33.02 -42.90
N PRO E 103 28.51 -32.26 -42.13
CA PRO E 103 28.38 -32.29 -40.68
C PRO E 103 27.14 -31.53 -40.23
N PHE E 104 26.60 -31.93 -39.09
CA PHE E 104 25.40 -31.32 -38.53
C PHE E 104 25.49 -31.30 -37.02
N THR E 105 25.21 -30.14 -36.44
CA THR E 105 25.26 -29.93 -35.00
C THR E 105 24.03 -29.13 -34.60
N MET E 106 23.78 -29.05 -33.30
CA MET E 106 22.65 -28.31 -32.76
C MET E 106 23.05 -27.73 -31.41
N ALA E 107 22.16 -26.94 -30.84
CA ALA E 107 22.41 -26.29 -29.55
C ALA E 107 21.08 -25.88 -28.94
N ASP E 108 21.15 -25.11 -27.86
CA ASP E 108 19.96 -24.64 -27.16
C ASP E 108 20.32 -23.30 -26.53
N ALA E 109 19.66 -22.22 -26.99
CA ALA E 109 19.95 -20.89 -26.50
C ALA E 109 19.74 -20.76 -25.00
N THR E 110 18.80 -21.51 -24.43
CA THR E 110 18.56 -21.41 -23.00
C THR E 110 19.69 -21.98 -22.16
N THR E 111 20.61 -22.75 -22.76
CA THR E 111 21.74 -23.32 -22.05
C THR E 111 23.04 -22.56 -22.35
N LEU E 112 22.92 -21.27 -22.69
CA LEU E 112 24.06 -20.42 -22.98
C LEU E 112 23.89 -19.11 -22.24
N THR E 113 25.02 -18.47 -21.94
CA THR E 113 25.03 -17.19 -21.23
C THR E 113 26.27 -16.42 -21.65
N GLU E 114 26.32 -15.16 -21.27
CA GLU E 114 27.45 -14.30 -21.59
C GLU E 114 28.66 -14.72 -20.76
N ALA E 115 29.78 -14.01 -20.97
CA ALA E 115 30.99 -14.32 -20.24
C ALA E 115 30.91 -13.75 -18.83
N GLY E 116 31.67 -14.36 -17.92
CA GLY E 116 31.65 -13.97 -16.53
C GLY E 116 30.62 -14.70 -15.69
N TYR E 117 29.68 -15.42 -16.30
CA TYR E 117 28.63 -16.14 -15.62
C TYR E 117 28.86 -17.65 -15.76
N VAL E 118 28.25 -18.41 -14.85
CA VAL E 118 28.41 -19.86 -14.83
C VAL E 118 27.95 -20.49 -16.13
N GLY E 119 26.96 -19.89 -16.79
CA GLY E 119 26.43 -20.39 -18.04
C GLY E 119 27.45 -20.69 -19.13
N GLU E 120 27.26 -21.83 -19.80
CA GLU E 120 28.09 -22.26 -20.92
C GLU E 120 28.39 -21.12 -21.89
N ASP E 121 29.64 -21.02 -22.31
CA ASP E 121 30.05 -19.97 -23.22
C ASP E 121 29.67 -20.35 -24.66
N VAL E 122 29.46 -19.32 -25.48
CA VAL E 122 29.04 -19.54 -26.86
C VAL E 122 30.09 -20.31 -27.66
N GLU E 123 31.37 -20.10 -27.35
CA GLU E 123 32.43 -20.83 -28.07
C GLU E 123 32.27 -22.34 -27.96
N ASN E 124 31.65 -22.83 -26.88
CA ASN E 124 31.41 -24.25 -26.70
C ASN E 124 30.70 -24.88 -27.90
N ILE E 125 29.79 -24.14 -28.52
CA ILE E 125 29.04 -24.66 -29.66
C ILE E 125 29.98 -25.07 -30.79
N ILE E 126 31.05 -24.28 -31.02
CA ILE E 126 31.99 -24.61 -32.08
C ILE E 126 32.69 -25.93 -31.80
N GLN E 127 32.92 -26.25 -30.53
CA GLN E 127 33.56 -27.51 -30.17
C GLN E 127 32.78 -28.70 -30.72
N LYS E 128 31.48 -28.75 -30.44
CA LYS E 128 30.63 -29.83 -30.95
C LYS E 128 30.72 -29.94 -32.46
N LEU E 129 30.75 -28.80 -33.15
CA LEU E 129 30.84 -28.81 -34.60
C LEU E 129 32.14 -29.49 -35.06
N LEU E 130 33.26 -29.13 -34.44
CA LEU E 130 34.53 -29.74 -34.82
C LEU E 130 34.52 -31.24 -34.50
N GLN E 131 33.94 -31.61 -33.36
CA GLN E 131 33.85 -33.02 -33.01
C GLN E 131 33.12 -33.81 -34.09
N LYS E 132 31.96 -33.31 -34.52
CA LYS E 132 31.20 -33.97 -35.57
C LYS E 132 31.94 -33.96 -36.90
N SER E 133 32.76 -32.93 -37.14
CA SER E 133 33.51 -32.84 -38.40
C SER E 133 34.65 -33.83 -38.48
N ASP E 134 35.00 -34.52 -37.40
CA ASP E 134 36.07 -35.51 -37.40
C ASP E 134 37.43 -34.84 -37.60
N TYR E 135 37.64 -33.70 -36.94
CA TYR E 135 38.88 -32.94 -37.05
C TYR E 135 39.16 -32.56 -38.50
N ASP E 136 38.24 -31.77 -39.05
CA ASP E 136 38.36 -31.30 -40.42
C ASP E 136 37.74 -29.91 -40.49
N VAL E 137 38.31 -29.08 -41.36
CA VAL E 137 37.85 -27.70 -41.56
C VAL E 137 36.95 -27.60 -42.80
N GLN E 138 37.41 -28.17 -43.92
CA GLN E 138 36.61 -28.19 -45.15
C GLN E 138 35.20 -28.70 -44.86
N LYS E 139 35.11 -29.88 -44.22
CA LYS E 139 33.83 -30.44 -43.83
C LYS E 139 33.08 -29.49 -42.89
N ALA E 140 33.75 -29.07 -41.81
CA ALA E 140 33.14 -28.17 -40.84
C ALA E 140 32.65 -26.88 -41.48
N GLN E 141 33.37 -26.38 -42.50
CA GLN E 141 32.93 -25.18 -43.18
C GLN E 141 31.61 -25.40 -43.90
N ARG E 142 31.34 -26.63 -44.32
CA ARG E 142 30.10 -27.02 -45.00
C ARG E 142 29.11 -27.66 -44.05
N GLY E 143 29.12 -27.24 -42.78
CA GLY E 143 28.23 -27.78 -41.77
C GLY E 143 27.01 -26.88 -41.58
N ILE E 144 25.97 -27.46 -40.98
CA ILE E 144 24.70 -26.77 -40.74
C ILE E 144 24.35 -26.91 -39.27
N VAL E 145 24.69 -25.88 -38.49
CA VAL E 145 24.35 -25.88 -37.07
C VAL E 145 22.87 -25.53 -36.94
N TYR E 146 22.23 -25.99 -35.87
CA TYR E 146 20.80 -25.74 -35.63
C TYR E 146 20.56 -25.27 -34.20
N ILE E 147 20.58 -23.95 -33.99
CA ILE E 147 20.27 -23.42 -32.68
C ILE E 147 18.78 -23.63 -32.42
N ASP E 148 18.40 -23.74 -31.15
CA ASP E 148 17.00 -23.95 -30.77
C ASP E 148 16.68 -23.10 -29.54
N GLU E 149 15.39 -23.09 -29.20
CA GLU E 149 14.87 -22.36 -28.04
C GLU E 149 15.36 -20.92 -27.98
N ILE E 150 15.40 -20.26 -29.14
CA ILE E 150 15.87 -18.88 -29.20
C ILE E 150 14.99 -17.97 -28.35
N ASP E 151 13.69 -18.28 -28.26
CA ASP E 151 12.79 -17.49 -27.43
C ASP E 151 13.17 -17.63 -25.96
N LYS E 152 12.56 -16.79 -25.13
CA LYS E 152 12.70 -16.70 -23.67
C LYS E 152 13.99 -16.02 -23.21
N ILE E 153 14.87 -15.59 -24.12
CA ILE E 153 16.10 -14.89 -23.76
C ILE E 153 16.08 -13.49 -24.36
N SER E 154 14.89 -12.95 -24.58
CA SER E 154 14.72 -11.63 -25.16
C SER E 154 14.88 -10.58 -24.07
N ARG E 155 14.57 -9.32 -24.41
CA ARG E 155 14.72 -8.23 -23.44
C ARG E 155 13.83 -8.46 -22.23
N LYS E 156 14.29 -7.93 -21.09
CA LYS E 156 13.64 -8.01 -19.77
C LYS E 156 12.89 -9.31 -19.49
N GLY E 168 19.54 -13.16 -21.66
CA GLY E 168 19.02 -11.82 -21.77
C GLY E 168 19.54 -11.09 -23.01
N GLU E 169 19.54 -9.76 -22.96
CA GLU E 169 20.01 -8.98 -24.09
C GLU E 169 21.49 -9.23 -24.36
N GLY E 170 22.27 -9.46 -23.30
CA GLY E 170 23.69 -9.70 -23.49
C GLY E 170 23.98 -10.96 -24.28
N VAL E 171 23.20 -12.02 -24.04
CA VAL E 171 23.43 -13.28 -24.76
C VAL E 171 23.10 -13.10 -26.24
N GLN E 172 22.08 -12.30 -26.55
CA GLN E 172 21.73 -12.06 -27.94
C GLN E 172 22.76 -11.18 -28.65
N GLN E 173 23.58 -10.44 -27.89
CA GLN E 173 24.58 -9.57 -28.49
C GLN E 173 25.80 -10.37 -28.97
N ALA E 174 26.21 -11.37 -28.21
CA ALA E 174 27.37 -12.17 -28.60
C ALA E 174 27.07 -12.97 -29.87
N LEU E 175 25.92 -13.68 -29.89
CA LEU E 175 25.55 -14.46 -31.06
C LEU E 175 25.42 -13.60 -32.31
N LEU E 176 25.10 -12.31 -32.14
CA LEU E 176 24.96 -11.40 -33.28
C LEU E 176 26.17 -11.40 -34.20
N LYS E 177 27.36 -11.62 -33.64
CA LYS E 177 28.60 -11.63 -34.42
C LYS E 177 28.90 -13.01 -35.00
N LEU E 178 28.75 -14.06 -34.19
CA LEU E 178 29.03 -15.43 -34.62
C LEU E 178 28.30 -15.78 -35.91
N ILE E 179 27.02 -15.43 -35.99
CA ILE E 179 26.24 -15.74 -37.18
C ILE E 179 26.68 -14.96 -38.41
N GLU E 180 27.43 -13.86 -38.23
CA GLU E 180 27.89 -13.03 -39.34
C GLU E 180 29.41 -13.05 -39.50
N GLY E 181 30.05 -14.17 -39.17
CA GLY E 181 31.49 -14.31 -39.33
C GLY E 181 32.33 -13.97 -38.12
N THR E 182 33.07 -14.94 -37.61
CA THR E 182 33.94 -14.74 -36.44
C THR E 182 35.10 -15.72 -36.49
N VAL E 183 36.31 -15.22 -36.28
CA VAL E 183 37.51 -16.06 -36.21
C VAL E 183 37.64 -16.49 -34.76
N ALA E 184 36.96 -17.58 -34.41
CA ALA E 184 36.95 -18.07 -33.04
C ALA E 184 38.21 -18.88 -32.72
N ALA E 185 38.51 -18.95 -31.43
CA ALA E 185 39.65 -19.69 -30.89
C ALA E 185 39.08 -20.90 -30.16
N VAL E 186 39.29 -22.08 -30.72
CA VAL E 186 38.77 -23.34 -30.17
C VAL E 186 39.96 -24.19 -29.75
N PRO E 187 39.98 -24.76 -28.54
CA PRO E 187 41.11 -25.61 -28.12
C PRO E 187 41.32 -26.76 -29.08
N PRO E 188 42.52 -26.92 -29.68
CA PRO E 188 42.69 -28.05 -30.62
C PRO E 188 42.98 -29.37 -29.88
N GLN E 189 41.91 -30.00 -29.40
CA GLN E 189 42.04 -31.24 -28.66
C GLN E 189 40.71 -31.98 -28.75
N GLY E 190 40.77 -33.28 -28.44
CA GLY E 190 39.64 -34.18 -28.52
C GLY E 190 39.72 -35.15 -29.68
N GLY E 191 40.64 -34.91 -30.63
CA GLY E 191 40.87 -35.75 -31.78
C GLY E 191 42.21 -36.44 -31.67
N ARG E 192 42.54 -36.89 -30.46
CA ARG E 192 43.82 -37.56 -30.17
C ARG E 192 45.02 -36.67 -30.50
N LYS E 193 45.11 -35.55 -29.79
CA LYS E 193 46.26 -34.64 -29.88
C LYS E 193 46.51 -34.11 -31.29
N HIS E 194 45.52 -33.33 -31.80
CA HIS E 194 45.54 -32.70 -33.12
C HIS E 194 46.91 -32.10 -33.44
N PRO E 195 47.53 -32.39 -34.60
CA PRO E 195 48.84 -31.78 -34.90
C PRO E 195 48.87 -30.26 -34.76
N GLN E 196 47.76 -29.57 -35.04
CA GLN E 196 47.73 -28.12 -34.91
C GLN E 196 47.54 -27.75 -33.44
N GLN E 197 48.43 -26.92 -32.91
CA GLN E 197 48.41 -26.47 -31.52
C GLN E 197 48.45 -24.95 -31.45
N GLU E 198 47.68 -24.27 -32.31
CA GLU E 198 47.66 -22.81 -32.35
C GLU E 198 46.25 -22.26 -32.30
N PHE E 199 45.41 -22.80 -31.40
CA PHE E 199 44.02 -22.36 -31.25
C PHE E 199 43.33 -22.26 -32.61
N LEU E 200 43.27 -23.40 -33.30
CA LEU E 200 42.75 -23.52 -34.66
C LEU E 200 41.48 -22.71 -34.89
N GLN E 201 41.54 -21.84 -35.90
CA GLN E 201 40.46 -20.95 -36.27
C GLN E 201 39.46 -21.66 -37.16
N VAL E 202 38.24 -21.11 -37.21
CA VAL E 202 37.17 -21.62 -38.04
C VAL E 202 36.35 -20.42 -38.50
N ASP E 203 36.22 -20.27 -39.81
CA ASP E 203 35.45 -19.16 -40.36
C ASP E 203 33.97 -19.47 -40.21
N THR E 204 33.23 -18.56 -39.57
CA THR E 204 31.80 -18.73 -39.33
C THR E 204 30.96 -17.87 -40.26
N SER E 205 31.46 -17.60 -41.47
CA SER E 205 30.73 -16.85 -42.48
C SER E 205 30.24 -17.75 -43.61
N LYS E 206 30.37 -19.07 -43.46
CA LYS E 206 29.92 -20.04 -44.44
C LYS E 206 29.07 -21.15 -43.82
N ILE E 207 28.75 -21.06 -42.53
CA ILE E 207 27.97 -22.08 -41.83
C ILE E 207 26.53 -21.62 -41.75
N LEU E 208 25.63 -22.45 -42.28
CA LEU E 208 24.20 -22.17 -42.26
C LEU E 208 23.68 -22.25 -40.83
N PHE E 209 23.34 -21.11 -40.24
CA PHE E 209 22.84 -21.04 -38.87
C PHE E 209 21.31 -21.07 -38.91
N ILE E 210 20.74 -22.26 -38.71
CA ILE E 210 19.28 -22.44 -38.71
C ILE E 210 18.84 -22.25 -37.27
N CYS E 211 18.54 -21.01 -36.90
CA CYS E 211 18.12 -20.68 -35.55
C CYS E 211 16.60 -20.82 -35.46
N GLY E 212 16.15 -21.82 -34.71
CA GLY E 212 14.74 -22.08 -34.53
C GLY E 212 14.24 -21.66 -33.15
N GLY E 213 13.00 -22.00 -32.88
CA GLY E 213 12.37 -21.66 -31.61
C GLY E 213 10.86 -21.56 -31.76
N ALA E 214 10.16 -21.85 -30.66
CA ALA E 214 8.70 -21.82 -30.61
C ALA E 214 8.31 -20.53 -29.89
N PHE E 215 8.00 -19.50 -30.67
CA PHE E 215 7.62 -18.19 -30.14
C PHE E 215 6.19 -18.25 -29.62
N ALA E 216 6.05 -18.55 -28.33
CA ALA E 216 4.74 -18.63 -27.69
C ALA E 216 4.22 -17.22 -27.47
N GLY E 217 3.17 -16.85 -28.21
CA GLY E 217 2.56 -15.53 -28.10
C GLY E 217 2.60 -14.73 -29.39
N LEU E 218 3.57 -15.00 -30.27
CA LEU E 218 3.69 -14.28 -31.53
C LEU E 218 2.38 -14.28 -32.32
N ASP E 219 1.64 -15.40 -32.28
CA ASP E 219 0.37 -15.49 -32.99
C ASP E 219 -0.58 -14.36 -32.59
N LYS E 220 -0.62 -14.04 -31.29
CA LYS E 220 -1.48 -12.95 -30.82
C LYS E 220 -0.95 -11.60 -31.27
N VAL E 221 0.37 -11.38 -31.13
CA VAL E 221 1.01 -10.14 -31.55
C VAL E 221 0.69 -9.83 -33.01
N ILE E 222 0.76 -10.85 -33.87
CA ILE E 222 0.50 -10.65 -35.30
C ILE E 222 -0.96 -10.30 -35.53
N SER E 223 -1.88 -10.95 -34.82
CA SER E 223 -3.30 -10.66 -35.02
C SER E 223 -3.64 -9.23 -34.66
N HIS E 224 -2.95 -8.66 -33.67
CA HIS E 224 -3.21 -7.26 -33.30
C HIS E 224 -2.67 -6.26 -34.31
N ARG E 225 -1.88 -6.72 -35.29
CA ARG E 225 -1.30 -5.88 -36.31
C ARG E 225 -1.90 -6.08 -37.70
N VAL E 226 -2.55 -7.22 -37.95
CA VAL E 226 -3.11 -7.55 -39.26
C VAL E 226 -4.61 -7.73 -39.23
N GLU E 227 -5.25 -7.65 -38.07
CA GLU E 227 -6.70 -7.80 -37.99
C GLU E 227 -7.17 -7.12 -36.72
N THR E 228 -8.48 -7.24 -36.44
CA THR E 228 -9.14 -6.64 -35.28
C THR E 228 -8.33 -6.76 -34.00
N GLY E 229 -8.14 -5.63 -33.33
CA GLY E 229 -7.43 -5.56 -32.07
C GLY E 229 -8.23 -5.97 -30.85
N SER E 230 -9.33 -6.71 -31.06
CA SER E 230 -10.21 -7.15 -29.97
C SER E 230 -10.02 -8.64 -29.72
N GLY E 231 -9.45 -8.96 -28.56
CA GLY E 231 -9.22 -10.34 -28.15
C GLY E 231 -10.21 -10.76 -27.09
N ILE E 232 -10.70 -9.79 -26.31
CA ILE E 232 -11.68 -10.02 -25.25
C ILE E 232 -12.93 -9.22 -25.60
N GLY E 233 -14.09 -9.81 -25.37
CA GLY E 233 -15.36 -9.17 -25.66
C GLY E 233 -16.30 -10.06 -26.43
N PHE E 234 -17.46 -9.51 -26.75
CA PHE E 234 -18.50 -10.21 -27.50
C PHE E 234 -18.22 -10.27 -28.99
N GLY E 235 -17.43 -9.33 -29.51
CA GLY E 235 -17.09 -9.26 -30.91
C GLY E 235 -15.68 -9.71 -31.24
N ALA E 236 -14.96 -10.26 -30.27
CA ALA E 236 -13.60 -10.73 -30.48
C ALA E 236 -13.65 -12.11 -31.14
N THR E 237 -12.49 -12.76 -31.27
CA THR E 237 -12.38 -14.08 -31.91
C THR E 237 -11.62 -15.00 -30.97
N VAL E 238 -12.36 -15.83 -30.24
CA VAL E 238 -11.77 -16.79 -29.32
C VAL E 238 -11.39 -18.04 -30.10
N LYS E 239 -10.17 -18.54 -29.87
CA LYS E 239 -9.64 -19.71 -30.57
C LYS E 239 -9.94 -20.96 -29.76
N ALA E 240 -11.12 -21.55 -30.00
CA ALA E 240 -11.54 -22.77 -29.33
C ALA E 240 -12.14 -23.80 -30.28
N LYS E 241 -12.09 -23.57 -31.59
CA LYS E 241 -12.63 -24.50 -32.57
C LYS E 241 -11.58 -25.49 -33.07
N SER E 242 -10.50 -25.68 -32.31
CA SER E 242 -9.41 -26.57 -32.70
C SER E 242 -8.90 -26.25 -34.10
N ASP E 243 -8.84 -24.96 -34.41
CA ASP E 243 -8.36 -24.48 -35.70
C ASP E 243 -6.83 -24.43 -35.66
N LYS E 244 -6.22 -25.61 -35.77
CA LYS E 244 -4.76 -25.70 -35.73
C LYS E 244 -4.11 -25.06 -36.95
N ALA E 245 -4.84 -24.91 -38.06
CA ALA E 245 -4.28 -24.27 -39.24
C ALA E 245 -4.18 -22.76 -39.10
N SER E 246 -5.02 -22.16 -38.25
CA SER E 246 -5.01 -20.72 -38.04
C SER E 246 -3.62 -20.18 -37.73
N GLU E 247 -2.95 -20.76 -36.72
CA GLU E 247 -1.61 -20.32 -36.35
C GLU E 247 -0.65 -20.39 -37.54
N GLY E 248 -0.74 -21.46 -38.34
CA GLY E 248 0.15 -21.59 -39.49
C GLY E 248 0.00 -20.46 -40.47
N GLU E 249 -1.25 -20.16 -40.86
CA GLU E 249 -1.48 -19.06 -41.79
C GLU E 249 -1.13 -17.72 -41.15
N LEU E 250 -1.36 -17.59 -39.84
CA LEU E 250 -1.03 -16.35 -39.15
C LEU E 250 0.47 -16.09 -39.17
N LEU E 251 1.26 -17.10 -38.77
CA LEU E 251 2.71 -16.96 -38.75
C LEU E 251 3.28 -16.65 -40.13
N ALA E 252 2.65 -17.18 -41.19
CA ALA E 252 3.10 -16.91 -42.55
C ALA E 252 3.13 -15.42 -42.85
N GLN E 253 2.26 -14.64 -42.21
CA GLN E 253 2.21 -13.20 -42.39
C GLN E 253 3.16 -12.45 -41.46
N VAL E 254 4.04 -13.17 -40.76
CA VAL E 254 4.97 -12.52 -39.84
C VAL E 254 5.89 -11.57 -40.59
N GLU E 255 6.26 -10.50 -39.90
CA GLU E 255 7.14 -9.46 -40.42
C GLU E 255 8.16 -9.13 -39.33
N PRO E 256 9.27 -8.47 -39.68
CA PRO E 256 10.27 -8.15 -38.64
C PRO E 256 9.72 -7.32 -37.50
N GLU E 257 8.88 -6.32 -37.80
CA GLU E 257 8.26 -5.50 -36.76
C GLU E 257 7.55 -6.36 -35.72
N ASP E 258 6.90 -7.44 -36.16
CA ASP E 258 6.22 -8.34 -35.24
C ASP E 258 7.20 -8.92 -34.23
N LEU E 259 8.41 -9.25 -34.67
CA LEU E 259 9.42 -9.82 -33.79
C LEU E 259 9.91 -8.79 -32.78
N ILE E 260 9.96 -7.51 -33.15
CA ILE E 260 10.41 -6.48 -32.22
C ILE E 260 9.50 -6.44 -30.99
N LYS E 261 8.20 -6.61 -31.21
CA LYS E 261 7.26 -6.64 -30.08
C LYS E 261 7.54 -7.83 -29.19
N PHE E 262 8.07 -8.93 -29.75
CA PHE E 262 8.38 -10.11 -28.96
C PHE E 262 9.58 -9.87 -28.04
N GLY E 263 10.45 -8.92 -28.40
CA GLY E 263 11.63 -8.63 -27.61
C GLY E 263 12.91 -8.62 -28.43
N LEU E 264 12.97 -9.52 -29.42
CA LEU E 264 14.12 -9.66 -30.31
C LEU E 264 14.65 -8.31 -30.80
N ILE E 265 15.94 -8.08 -30.57
CA ILE E 265 16.60 -6.83 -30.96
C ILE E 265 16.57 -6.68 -32.48
N PRO E 266 16.49 -5.45 -33.02
CA PRO E 266 16.46 -5.29 -34.48
C PRO E 266 17.66 -5.87 -35.21
N GLU E 267 18.86 -5.79 -34.61
CA GLU E 267 20.06 -6.26 -35.29
C GLU E 267 20.01 -7.77 -35.52
N PHE E 268 19.61 -8.53 -34.50
CA PHE E 268 19.54 -9.99 -34.63
C PHE E 268 18.60 -10.39 -35.76
N ILE E 269 17.42 -9.79 -35.82
CA ILE E 269 16.46 -10.10 -36.88
C ILE E 269 17.07 -9.80 -38.25
N GLY E 270 17.80 -8.69 -38.36
CA GLY E 270 18.41 -8.34 -39.63
C GLY E 270 19.41 -9.37 -40.12
N ARG E 271 20.09 -10.06 -39.20
CA ARG E 271 21.05 -11.08 -39.58
C ARG E 271 20.38 -12.32 -40.17
N LEU E 272 19.08 -12.51 -39.91
CA LEU E 272 18.34 -13.67 -40.39
C LEU E 272 17.38 -13.22 -41.49
N PRO E 273 17.83 -13.13 -42.75
CA PRO E 273 16.92 -12.68 -43.81
C PRO E 273 15.83 -13.69 -44.14
N VAL E 274 16.18 -14.97 -44.22
CA VAL E 274 15.22 -16.00 -44.60
C VAL E 274 14.41 -16.42 -43.38
N VAL E 275 13.11 -16.58 -43.58
CA VAL E 275 12.18 -16.97 -42.54
C VAL E 275 11.20 -17.97 -43.13
N ALA E 276 11.00 -19.09 -42.44
CA ALA E 276 10.11 -20.16 -42.89
C ALA E 276 9.28 -20.65 -41.71
N THR E 277 7.96 -20.55 -41.84
CA THR E 277 7.04 -20.96 -40.79
C THR E 277 6.56 -22.39 -41.03
N LEU E 278 6.25 -23.07 -39.93
CA LEU E 278 5.78 -24.45 -39.94
C LEU E 278 4.36 -24.50 -39.39
N ASN E 279 3.51 -25.30 -40.02
CA ASN E 279 2.13 -25.41 -39.55
C ASN E 279 2.05 -26.33 -38.34
N GLU E 280 0.86 -26.42 -37.77
CA GLU E 280 0.59 -27.24 -36.60
C GLU E 280 0.07 -28.60 -37.05
N LEU E 281 0.70 -29.67 -36.58
CA LEU E 281 0.29 -31.03 -36.92
C LEU E 281 -1.17 -31.24 -36.58
N SER E 282 -1.98 -31.52 -37.60
CA SER E 282 -3.41 -31.74 -37.43
C SER E 282 -3.69 -33.21 -37.11
N GLU E 283 -4.93 -33.47 -36.69
CA GLU E 283 -5.33 -34.84 -36.37
C GLU E 283 -5.17 -35.74 -37.60
N GLU E 284 -5.62 -35.27 -38.77
CA GLU E 284 -5.45 -36.05 -39.99
C GLU E 284 -3.98 -36.28 -40.28
N ALA E 285 -3.14 -35.27 -40.02
CA ALA E 285 -1.71 -35.40 -40.26
C ALA E 285 -1.13 -36.54 -39.43
N LEU E 286 -1.37 -36.53 -38.11
CA LEU E 286 -0.88 -37.58 -37.21
C LEU E 286 -1.11 -38.98 -37.75
N ILE E 287 -2.36 -39.30 -38.09
CA ILE E 287 -2.66 -40.58 -38.71
C ILE E 287 -1.82 -40.75 -39.96
N GLN E 288 -1.72 -39.68 -40.76
CA GLN E 288 -0.93 -39.70 -41.96
C GLN E 288 0.55 -39.78 -41.66
N ILE E 289 1.02 -39.08 -40.61
CA ILE E 289 2.46 -39.01 -40.37
C ILE E 289 3.07 -40.38 -40.21
N LEU E 290 2.45 -41.31 -39.48
CA LEU E 290 3.00 -42.66 -39.53
C LEU E 290 2.27 -43.53 -40.56
N LYS E 291 2.04 -43.07 -41.81
CA LYS E 291 1.56 -44.00 -42.83
C LYS E 291 2.51 -44.07 -44.02
N GLU E 292 2.77 -42.87 -44.57
CA GLU E 292 3.64 -42.72 -45.73
C GLU E 292 5.13 -42.91 -45.47
N PRO E 293 5.74 -42.25 -44.47
CA PRO E 293 7.20 -42.35 -44.27
C PRO E 293 7.80 -43.75 -44.29
N LYS E 294 8.94 -43.83 -44.97
CA LYS E 294 9.69 -45.07 -45.07
C LYS E 294 10.08 -45.58 -43.69
N ASN E 295 10.28 -44.67 -42.73
CA ASN E 295 10.64 -45.02 -41.36
C ASN E 295 9.46 -44.82 -40.41
N ALA E 296 8.24 -45.01 -40.91
CA ALA E 296 7.05 -44.88 -40.09
C ALA E 296 7.05 -45.95 -39.00
N LEU E 297 6.47 -45.60 -37.85
CA LEU E 297 6.40 -46.55 -36.74
C LEU E 297 5.63 -47.80 -37.14
N THR E 298 4.53 -47.62 -37.89
CA THR E 298 3.74 -48.76 -38.35
C THR E 298 4.58 -49.68 -39.22
N LYS E 299 5.23 -49.13 -40.25
CA LYS E 299 6.04 -49.94 -41.15
C LYS E 299 7.21 -50.59 -40.42
N GLN E 300 7.78 -49.92 -39.42
CA GLN E 300 8.88 -50.48 -38.66
C GLN E 300 8.50 -51.84 -38.07
N TYR E 301 7.34 -51.92 -37.40
CA TYR E 301 6.90 -53.19 -36.84
C TYR E 301 6.60 -54.20 -37.94
N GLN E 302 6.11 -53.73 -39.10
CA GLN E 302 5.82 -54.63 -40.21
C GLN E 302 7.09 -55.33 -40.68
N ALA E 303 8.20 -54.61 -40.69
CA ALA E 303 9.46 -55.18 -41.16
C ALA E 303 9.96 -56.29 -40.23
N LEU E 304 9.94 -56.06 -38.93
CA LEU E 304 10.45 -57.08 -38.01
C LEU E 304 9.49 -58.26 -37.90
N PHE E 305 8.19 -58.01 -37.88
CA PHE E 305 7.24 -59.12 -37.82
C PHE E 305 7.32 -59.97 -39.09
N ASN E 306 7.63 -59.35 -40.23
CA ASN E 306 7.77 -60.10 -41.48
C ASN E 306 8.98 -61.02 -41.45
N LEU E 307 10.01 -60.65 -40.68
CA LEU E 307 11.21 -61.46 -40.60
C LEU E 307 10.92 -62.81 -39.94
N GLU E 308 9.92 -62.86 -39.07
CA GLU E 308 9.52 -64.09 -38.39
C GLU E 308 8.49 -64.88 -39.17
N GLY E 309 7.96 -64.34 -40.27
CA GLY E 309 6.96 -65.02 -41.07
C GLY E 309 5.53 -64.63 -40.78
N VAL E 310 5.30 -63.69 -39.85
CA VAL E 310 3.95 -63.24 -39.49
C VAL E 310 3.73 -61.86 -40.10
N ASP E 311 2.51 -61.62 -40.56
CA ASP E 311 2.13 -60.35 -41.15
C ASP E 311 1.58 -59.42 -40.07
N LEU E 312 1.61 -58.12 -40.35
CA LEU E 312 1.12 -57.09 -39.45
C LEU E 312 0.28 -56.09 -40.22
N GLU E 313 -0.87 -55.73 -39.64
CA GLU E 313 -1.79 -54.78 -40.23
C GLU E 313 -2.25 -53.81 -39.15
N PHE E 314 -2.61 -52.60 -39.57
CA PHE E 314 -3.08 -51.55 -38.67
C PHE E 314 -4.34 -50.92 -39.27
N ARG E 315 -5.50 -51.32 -38.75
CA ARG E 315 -6.76 -50.77 -39.23
C ARG E 315 -6.79 -49.26 -39.04
N ASP E 316 -7.33 -48.56 -40.05
CA ASP E 316 -7.38 -47.11 -40.00
C ASP E 316 -8.12 -46.58 -38.78
N GLU E 317 -9.11 -47.32 -38.28
CA GLU E 317 -9.84 -46.88 -37.09
C GLU E 317 -8.90 -46.77 -35.90
N ALA E 318 -7.99 -47.73 -35.74
CA ALA E 318 -7.01 -47.67 -34.66
C ALA E 318 -6.19 -46.39 -34.74
N LEU E 319 -5.76 -46.04 -35.95
CA LEU E 319 -4.97 -44.81 -36.15
C LEU E 319 -5.75 -43.59 -35.70
N ASP E 320 -7.06 -43.55 -35.98
CA ASP E 320 -7.86 -42.39 -35.58
C ASP E 320 -7.87 -42.24 -34.07
N ALA E 321 -7.92 -43.35 -33.33
CA ALA E 321 -7.91 -43.27 -31.87
C ALA E 321 -6.56 -42.74 -31.38
N ILE E 322 -5.46 -43.23 -31.96
CA ILE E 322 -4.11 -42.79 -31.57
C ILE E 322 -3.97 -41.27 -31.66
N ALA E 323 -4.46 -40.69 -32.78
CA ALA E 323 -4.38 -39.25 -32.98
C ALA E 323 -4.97 -38.48 -31.80
N LYS E 324 -6.16 -38.88 -31.35
CA LYS E 324 -6.80 -38.20 -30.23
C LYS E 324 -5.98 -38.32 -28.96
N LYS E 325 -5.31 -39.46 -28.77
CA LYS E 325 -4.48 -39.66 -27.59
C LYS E 325 -3.34 -38.66 -27.55
N ALA E 326 -2.65 -38.47 -28.68
CA ALA E 326 -1.53 -37.54 -28.74
C ALA E 326 -1.97 -36.11 -28.45
N MET E 327 -3.18 -35.72 -28.88
CA MET E 327 -3.66 -34.37 -28.59
C MET E 327 -4.08 -34.24 -27.12
N ALA E 328 -4.52 -35.34 -26.50
CA ALA E 328 -4.92 -35.27 -25.10
C ALA E 328 -3.73 -34.97 -24.21
N ARG E 329 -2.55 -35.49 -24.56
CA ARG E 329 -1.32 -35.25 -23.80
C ARG E 329 -0.45 -34.16 -24.41
N LYS E 330 -0.75 -33.72 -25.63
CA LYS E 330 -0.02 -32.66 -26.33
C LYS E 330 1.47 -32.96 -26.39
N THR E 331 1.81 -34.19 -26.79
CA THR E 331 3.19 -34.63 -26.92
C THR E 331 3.61 -34.77 -28.39
N GLY E 332 2.99 -33.98 -29.28
CA GLY E 332 3.24 -34.04 -30.71
C GLY E 332 3.33 -35.48 -31.22
N ALA E 333 4.42 -35.80 -31.91
CA ALA E 333 4.66 -37.14 -32.42
C ALA E 333 5.71 -37.89 -31.58
N ARG E 334 6.29 -37.23 -30.59
CA ARG E 334 7.28 -37.87 -29.72
C ARG E 334 6.66 -39.01 -28.93
N GLY E 335 5.41 -38.83 -28.47
CA GLY E 335 4.75 -39.84 -27.67
C GLY E 335 4.13 -40.98 -28.45
N LEU E 336 4.05 -40.86 -29.78
CA LEU E 336 3.52 -41.95 -30.59
C LEU E 336 4.36 -43.21 -30.44
N ARG E 337 5.66 -43.06 -30.19
CA ARG E 337 6.54 -44.21 -30.04
C ARG E 337 6.18 -44.99 -28.77
N SER E 338 5.79 -44.29 -27.70
CA SER E 338 5.45 -44.96 -26.46
C SER E 338 4.04 -45.54 -26.51
N ILE E 339 3.14 -44.91 -27.27
CA ILE E 339 1.77 -45.41 -27.37
C ILE E 339 1.75 -46.77 -28.05
N VAL E 340 2.28 -46.84 -29.29
CA VAL E 340 2.27 -48.10 -30.03
C VAL E 340 3.12 -49.15 -29.34
N GLU E 341 4.29 -48.77 -28.83
CA GLU E 341 5.15 -49.72 -28.13
C GLU E 341 4.43 -50.33 -26.94
N ALA E 342 3.79 -49.49 -26.13
CA ALA E 342 3.04 -49.98 -24.98
C ALA E 342 1.90 -50.90 -25.42
N ALA E 343 1.24 -50.57 -26.51
CA ALA E 343 0.11 -51.37 -27.00
C ALA E 343 0.57 -52.69 -27.61
N LEU E 344 1.81 -52.76 -28.10
CA LEU E 344 2.33 -53.97 -28.73
C LEU E 344 3.32 -54.73 -27.85
N LEU E 345 3.67 -54.20 -26.68
CA LEU E 345 4.59 -54.88 -25.78
C LEU E 345 4.08 -56.28 -25.43
N ASP E 346 2.88 -56.36 -24.84
CA ASP E 346 2.26 -57.63 -24.48
C ASP E 346 2.19 -58.58 -25.68
N THR E 347 1.77 -58.06 -26.84
CA THR E 347 1.65 -58.89 -28.04
C THR E 347 2.97 -59.56 -28.40
N MET E 348 4.07 -58.78 -28.39
CA MET E 348 5.37 -59.34 -28.73
C MET E 348 5.79 -60.44 -27.76
N TYR E 349 5.35 -60.36 -26.50
CA TYR E 349 5.72 -61.36 -25.52
C TYR E 349 5.07 -62.72 -25.78
N ASP E 350 4.03 -62.79 -26.62
CA ASP E 350 3.31 -64.03 -26.89
C ASP E 350 3.48 -64.56 -28.31
N LEU E 351 3.82 -63.72 -29.28
CA LEU E 351 3.95 -64.21 -30.66
C LEU E 351 5.02 -65.27 -30.84
N PRO E 352 6.25 -65.15 -30.30
CA PRO E 352 7.23 -66.23 -30.51
C PRO E 352 6.85 -67.55 -29.86
N SER E 353 5.92 -67.55 -28.91
CA SER E 353 5.47 -68.77 -28.25
C SER E 353 4.30 -69.44 -28.97
N MET E 354 3.98 -69.00 -30.18
CA MET E 354 2.88 -69.52 -30.97
C MET E 354 3.39 -70.07 -32.30
N GLU E 355 2.58 -70.93 -32.89
CA GLU E 355 2.88 -71.57 -34.17
C GLU E 355 1.62 -71.54 -35.01
N ASP E 356 1.80 -71.58 -36.33
CA ASP E 356 0.74 -71.53 -37.34
C ASP E 356 0.18 -70.11 -37.50
N VAL E 357 0.67 -69.12 -36.75
CA VAL E 357 0.17 -67.76 -36.88
C VAL E 357 0.89 -67.08 -38.05
N GLU E 358 0.10 -66.51 -38.98
CA GLU E 358 0.63 -65.84 -40.15
C GLU E 358 -0.04 -64.50 -40.43
N LYS E 359 -0.78 -63.93 -39.48
CA LYS E 359 -1.45 -62.65 -39.74
C LYS E 359 -1.94 -62.05 -38.43
N VAL E 360 -1.84 -60.73 -38.35
CA VAL E 360 -2.28 -59.95 -37.19
C VAL E 360 -2.96 -58.70 -37.71
N VAL E 361 -4.08 -58.33 -37.10
CA VAL E 361 -4.85 -57.15 -37.49
C VAL E 361 -5.19 -56.38 -36.22
N ILE E 362 -4.42 -55.34 -35.93
CA ILE E 362 -4.65 -54.52 -34.76
C ILE E 362 -5.97 -53.78 -34.91
N ASP E 363 -6.78 -53.81 -33.85
CA ASP E 363 -8.07 -53.12 -33.83
C ASP E 363 -7.98 -51.89 -32.93
N GLU E 364 -9.03 -51.07 -32.96
CA GLU E 364 -9.06 -49.84 -32.17
C GLU E 364 -8.97 -50.12 -30.67
N SER E 365 -9.51 -51.24 -30.20
CA SER E 365 -9.49 -51.55 -28.78
C SER E 365 -8.13 -52.05 -28.29
N VAL E 366 -7.23 -52.44 -29.19
CA VAL E 366 -5.92 -52.94 -28.80
C VAL E 366 -5.11 -51.87 -28.08
N ILE E 367 -5.14 -50.63 -28.59
CA ILE E 367 -4.29 -49.58 -28.02
C ILE E 367 -4.74 -49.20 -26.61
N ASP E 368 -6.05 -49.07 -26.37
CA ASP E 368 -6.49 -48.70 -25.02
C ASP E 368 -6.19 -49.79 -23.99
N GLY E 369 -5.95 -51.02 -24.42
CA GLY E 369 -5.64 -52.11 -23.50
C GLY E 369 -6.80 -53.01 -23.13
N GLN E 370 -7.95 -52.87 -23.78
CA GLN E 370 -9.12 -53.69 -23.50
C GLN E 370 -9.27 -54.88 -24.43
N SER E 371 -8.41 -55.01 -25.45
CA SER E 371 -8.50 -56.12 -26.38
C SER E 371 -7.10 -56.54 -26.82
N GLU E 372 -7.04 -57.70 -27.47
CA GLU E 372 -5.82 -58.29 -28.00
C GLU E 372 -6.13 -58.62 -29.46
N PRO E 373 -5.24 -58.30 -30.41
CA PRO E 373 -5.56 -58.57 -31.82
C PRO E 373 -5.81 -60.05 -32.09
N LEU E 374 -6.88 -60.30 -32.84
CA LEU E 374 -7.25 -61.67 -33.19
C LEU E 374 -6.16 -62.35 -34.00
N LEU E 375 -5.95 -63.64 -33.72
CA LEU E 375 -4.98 -64.47 -34.43
C LEU E 375 -5.79 -65.39 -35.35
N ILE E 376 -5.82 -65.06 -36.64
CA ILE E 376 -6.57 -65.84 -37.63
C ILE E 376 -5.69 -66.81 -38.40
N TYR E 377 -4.40 -66.90 -38.09
CA TYR E 377 -3.47 -67.81 -38.78
C TYR E 377 -3.46 -67.54 -40.29
N PRO F 29 17.40 -66.85 -26.90
CA PRO F 29 16.21 -67.30 -26.16
C PRO F 29 15.01 -66.39 -26.39
N THR F 30 13.82 -66.97 -26.40
CA THR F 30 12.60 -66.20 -26.61
C THR F 30 12.26 -65.38 -25.37
N PRO F 31 11.36 -64.39 -25.51
CA PRO F 31 10.95 -63.59 -24.34
C PRO F 31 10.51 -64.42 -23.14
N HIS F 32 9.79 -65.52 -23.40
CA HIS F 32 9.33 -66.41 -22.34
C HIS F 32 10.50 -66.91 -21.50
N GLU F 33 11.43 -67.61 -22.15
CA GLU F 33 12.59 -68.16 -21.45
C GLU F 33 13.40 -67.06 -20.76
N ILE F 34 13.63 -65.94 -21.46
CA ILE F 34 14.35 -64.82 -20.87
C ILE F 34 13.69 -64.38 -19.57
N ARG F 35 12.42 -64.00 -19.64
CA ARG F 35 11.70 -63.57 -18.44
C ARG F 35 11.59 -64.70 -17.42
N ASN F 36 11.40 -65.92 -17.89
CA ASN F 36 11.31 -67.07 -16.99
C ASN F 36 12.56 -67.20 -16.13
N HIS F 37 13.74 -67.19 -16.77
CA HIS F 37 14.98 -67.33 -16.04
C HIS F 37 15.36 -66.03 -15.32
N LEU F 38 14.95 -64.88 -15.86
CA LEU F 38 15.24 -63.62 -15.20
C LEU F 38 14.57 -63.55 -13.84
N ASP F 39 13.34 -64.08 -13.74
CA ASP F 39 12.63 -64.08 -12.46
C ASP F 39 13.31 -65.04 -11.49
N ASP F 40 13.89 -66.13 -11.99
CA ASP F 40 14.58 -67.08 -11.12
C ASP F 40 15.85 -66.47 -10.56
N TYR F 41 16.47 -65.53 -11.27
CA TYR F 41 17.70 -64.89 -10.83
C TYR F 41 17.48 -63.53 -10.18
N VAL F 42 16.32 -62.91 -10.36
CA VAL F 42 16.00 -61.62 -9.77
C VAL F 42 14.57 -61.65 -9.28
N ILE F 43 14.34 -61.09 -8.09
CA ILE F 43 13.03 -61.06 -7.45
C ILE F 43 12.51 -59.63 -7.55
N GLY F 44 11.70 -59.33 -8.57
CA GLY F 44 11.11 -58.03 -8.76
C GLY F 44 11.30 -57.54 -10.18
N GLN F 45 10.95 -56.26 -10.39
CA GLN F 45 11.06 -55.60 -11.69
C GLN F 45 10.31 -56.39 -12.78
N GLU F 46 9.09 -56.82 -12.44
CA GLU F 46 8.28 -57.57 -13.40
C GLU F 46 7.98 -56.75 -14.65
N GLN F 47 7.67 -55.47 -14.47
CA GLN F 47 7.40 -54.61 -15.62
C GLN F 47 8.63 -54.50 -16.53
N ALA F 48 9.79 -54.18 -15.96
CA ALA F 48 11.01 -54.06 -16.74
C ALA F 48 11.40 -55.38 -17.39
N LYS F 49 11.13 -56.50 -16.71
CA LYS F 49 11.46 -57.81 -17.27
C LYS F 49 10.79 -58.03 -18.61
N LYS F 50 9.51 -57.67 -18.73
CA LYS F 50 8.80 -57.86 -19.98
C LYS F 50 9.34 -56.93 -21.06
N VAL F 51 9.63 -55.68 -20.70
CA VAL F 51 10.21 -54.70 -21.63
C VAL F 51 11.44 -55.29 -22.32
N LEU F 52 12.42 -55.72 -21.52
CA LEU F 52 13.65 -56.28 -22.08
C LEU F 52 13.42 -57.62 -22.77
N ALA F 53 12.49 -58.43 -22.23
CA ALA F 53 12.15 -59.73 -22.81
C ALA F 53 11.96 -59.64 -24.32
N VAL F 54 11.16 -58.68 -24.78
CA VAL F 54 10.90 -58.51 -26.20
C VAL F 54 11.84 -57.47 -26.84
N ALA F 55 12.20 -56.43 -26.09
CA ALA F 55 13.10 -55.40 -26.62
C ALA F 55 14.45 -56.02 -26.99
N VAL F 56 15.07 -56.75 -26.06
CA VAL F 56 16.35 -57.37 -26.34
C VAL F 56 16.18 -58.46 -27.40
N TYR F 57 15.04 -59.18 -27.35
CA TYR F 57 14.77 -60.19 -28.36
C TYR F 57 14.70 -59.56 -29.75
N ASN F 58 14.08 -58.38 -29.84
CA ASN F 58 14.00 -57.69 -31.13
C ASN F 58 15.35 -57.11 -31.51
N HIS F 59 16.13 -56.66 -30.51
CA HIS F 59 17.47 -56.14 -30.78
C HIS F 59 18.40 -57.20 -31.35
N TYR F 60 18.04 -58.50 -31.18
CA TYR F 60 18.81 -59.61 -31.70
C TYR F 60 18.11 -60.31 -32.86
N LYS F 61 16.78 -60.21 -32.94
CA LYS F 61 16.03 -60.80 -34.04
C LYS F 61 16.57 -60.34 -35.39
N ARG F 62 16.94 -59.07 -35.48
CA ARG F 62 17.48 -58.50 -36.70
C ARG F 62 18.98 -58.77 -36.88
N LEU F 63 19.60 -59.47 -35.92
CA LEU F 63 21.02 -59.80 -35.95
C LEU F 63 21.28 -61.26 -36.30
N ARG F 64 20.63 -62.19 -35.59
CA ARG F 64 20.85 -63.60 -35.87
C ARG F 64 20.30 -64.00 -37.24
N ASN F 65 19.15 -63.45 -37.63
CA ASN F 65 18.57 -63.76 -38.93
C ASN F 65 19.02 -62.78 -40.01
N GLY F 66 19.20 -61.52 -39.64
CA GLY F 66 19.66 -60.48 -40.56
C GLY F 66 18.72 -59.30 -40.54
N ASP F 67 19.25 -58.13 -40.88
CA ASP F 67 18.46 -56.91 -40.94
C ASP F 67 17.29 -57.07 -41.91
N THR F 68 16.21 -56.33 -41.65
CA THR F 68 15.05 -56.37 -42.53
C THR F 68 15.29 -55.61 -43.83
N SER F 69 16.25 -54.69 -43.85
CA SER F 69 16.61 -53.90 -45.03
C SER F 69 15.44 -53.07 -45.53
N ASN F 70 14.63 -52.57 -44.60
CA ASN F 70 13.50 -51.70 -44.92
C ASN F 70 13.63 -50.42 -44.12
N GLY F 71 13.68 -49.28 -44.81
CA GLY F 71 13.79 -47.97 -44.18
C GLY F 71 14.79 -47.90 -43.04
N VAL F 72 14.26 -47.53 -41.86
CA VAL F 72 15.03 -47.44 -40.62
C VAL F 72 14.35 -48.39 -39.64
N GLU F 73 15.15 -49.00 -38.76
CA GLU F 73 14.68 -49.97 -37.78
C GLU F 73 15.14 -49.60 -36.38
N LEU F 74 14.99 -48.31 -36.05
CA LEU F 74 15.35 -47.77 -34.74
C LEU F 74 16.84 -47.94 -34.44
N GLY F 75 17.67 -48.04 -35.49
CA GLY F 75 19.10 -48.23 -35.37
C GLY F 75 19.52 -49.22 -34.29
N LYS F 76 20.40 -48.79 -33.40
CA LYS F 76 20.85 -49.65 -32.31
C LYS F 76 19.68 -50.10 -31.44
N SER F 77 18.66 -49.25 -31.29
CA SER F 77 17.47 -49.56 -30.50
C SER F 77 17.83 -49.83 -29.03
N ASN F 78 18.51 -48.86 -28.43
CA ASN F 78 18.93 -49.00 -27.06
C ASN F 78 17.71 -48.97 -26.13
N ILE F 79 17.95 -49.32 -24.86
CA ILE F 79 16.90 -49.37 -23.84
C ILE F 79 17.41 -48.62 -22.61
N LEU F 80 16.47 -48.22 -21.76
CA LEU F 80 16.71 -47.51 -20.52
C LEU F 80 16.18 -48.34 -19.35
N LEU F 81 16.76 -48.12 -18.16
CA LEU F 81 16.33 -48.82 -16.94
C LEU F 81 16.29 -47.76 -15.83
N ILE F 82 15.11 -47.15 -15.63
CA ILE F 82 14.97 -46.15 -14.59
C ILE F 82 14.69 -46.87 -13.27
N GLY F 83 15.75 -47.15 -12.51
CA GLY F 83 15.65 -47.83 -11.23
C GLY F 83 16.35 -47.05 -10.13
N PRO F 84 15.86 -47.14 -8.89
CA PRO F 84 16.52 -46.42 -7.79
C PRO F 84 17.79 -47.15 -7.33
N THR F 85 18.42 -46.59 -6.31
CA THR F 85 19.64 -47.18 -5.76
C THR F 85 19.38 -48.56 -5.19
N GLY F 86 20.34 -49.46 -5.40
CA GLY F 86 20.23 -50.83 -4.90
C GLY F 86 18.97 -51.54 -5.33
N SER F 87 18.51 -51.29 -6.55
CA SER F 87 17.31 -51.90 -7.11
C SER F 87 17.61 -53.15 -7.94
N GLY F 88 18.87 -53.52 -8.11
CA GLY F 88 19.24 -54.66 -8.92
C GLY F 88 19.43 -54.35 -10.39
N LYS F 89 19.73 -53.10 -10.73
CA LYS F 89 19.98 -52.73 -12.12
C LYS F 89 21.15 -53.52 -12.69
N THR F 90 22.28 -53.50 -11.99
CA THR F 90 23.45 -54.26 -12.43
C THR F 90 23.15 -55.74 -12.45
N LEU F 91 22.43 -56.23 -11.44
CA LEU F 91 22.06 -57.64 -11.38
C LEU F 91 21.29 -58.06 -12.63
N LEU F 92 20.34 -57.24 -13.08
CA LEU F 92 19.57 -57.56 -14.27
C LEU F 92 20.48 -57.63 -15.50
N ALA F 93 21.38 -56.66 -15.64
CA ALA F 93 22.30 -56.66 -16.77
C ALA F 93 23.25 -57.86 -16.69
N GLU F 94 23.70 -58.21 -15.49
CA GLU F 94 24.62 -59.33 -15.33
C GLU F 94 23.90 -60.66 -15.57
N THR F 95 22.66 -60.79 -15.08
CA THR F 95 21.91 -62.02 -15.29
C THR F 95 21.57 -62.22 -16.75
N LEU F 96 21.32 -61.13 -17.48
CA LEU F 96 21.01 -61.24 -18.90
C LEU F 96 22.24 -61.64 -19.70
N ALA F 97 23.43 -61.29 -19.21
CA ALA F 97 24.67 -61.65 -19.90
C ALA F 97 24.84 -63.16 -19.97
N ARG F 98 24.42 -63.87 -18.91
CA ARG F 98 24.54 -65.32 -18.90
C ARG F 98 23.51 -65.96 -19.82
N LEU F 99 22.32 -65.37 -19.91
CA LEU F 99 21.30 -65.89 -20.83
C LEU F 99 21.80 -65.91 -22.26
N LEU F 100 22.63 -64.93 -22.63
CA LEU F 100 23.21 -64.81 -23.96
C LEU F 100 24.65 -65.33 -23.89
N ASP F 101 25.38 -65.18 -24.99
CA ASP F 101 26.74 -65.68 -25.12
C ASP F 101 27.78 -64.61 -25.41
N VAL F 102 27.46 -63.63 -26.25
CA VAL F 102 28.40 -62.56 -26.60
C VAL F 102 28.91 -61.86 -25.34
N PRO F 103 30.13 -61.32 -25.33
CA PRO F 103 30.65 -60.68 -24.12
C PRO F 103 29.78 -59.51 -23.64
N PHE F 104 29.80 -59.31 -22.32
CA PHE F 104 29.08 -58.22 -21.67
C PHE F 104 30.03 -57.46 -20.76
N THR F 105 30.24 -56.18 -21.04
CA THR F 105 31.11 -55.33 -20.25
C THR F 105 30.28 -54.44 -19.32
N MET F 106 30.85 -54.13 -18.16
CA MET F 106 30.21 -53.26 -17.16
C MET F 106 30.82 -51.87 -17.33
N ALA F 107 30.28 -51.12 -18.30
CA ALA F 107 30.77 -49.78 -18.56
C ALA F 107 30.53 -48.88 -17.34
N ASP F 108 31.13 -47.69 -17.40
CA ASP F 108 31.04 -46.70 -16.33
C ASP F 108 30.98 -45.31 -16.96
N ALA F 109 30.40 -44.37 -16.20
CA ALA F 109 30.22 -43.00 -16.65
C ALA F 109 31.06 -42.00 -15.85
N THR F 110 30.95 -42.02 -14.52
CA THR F 110 31.76 -41.13 -13.67
C THR F 110 33.24 -41.15 -14.07
N THR F 111 33.74 -42.34 -14.42
CA THR F 111 35.13 -42.47 -14.85
C THR F 111 35.36 -41.75 -16.17
N LEU F 112 34.50 -41.99 -17.16
CA LEU F 112 34.61 -41.37 -18.47
C LEU F 112 34.79 -39.86 -18.38
N THR F 113 35.65 -39.34 -19.25
CA THR F 113 35.97 -37.92 -19.31
C THR F 113 35.92 -37.43 -20.76
N GLU F 114 36.34 -36.19 -21.00
CA GLU F 114 36.34 -35.63 -22.34
C GLU F 114 37.28 -36.43 -23.22
N ALA F 115 37.07 -36.32 -24.54
CA ALA F 115 37.91 -37.04 -25.49
C ALA F 115 39.32 -36.47 -25.55
N GLY F 116 39.54 -35.27 -25.02
CA GLY F 116 40.84 -34.63 -24.97
C GLY F 116 41.49 -34.69 -23.61
N TYR F 117 40.84 -35.28 -22.61
CA TYR F 117 41.37 -35.37 -21.25
C TYR F 117 42.36 -36.53 -21.17
N VAL F 118 42.87 -36.78 -19.96
CA VAL F 118 43.83 -37.84 -19.70
C VAL F 118 43.11 -39.03 -19.09
N GLY F 119 42.09 -38.76 -18.27
CA GLY F 119 41.31 -39.80 -17.64
C GLY F 119 40.58 -40.68 -18.64
N GLU F 120 39.91 -41.73 -18.13
CA GLU F 120 39.17 -42.69 -18.93
C GLU F 120 38.38 -42.04 -20.06
N ASP F 121 38.58 -42.56 -21.26
CA ASP F 121 37.95 -42.08 -22.50
C ASP F 121 36.92 -43.09 -22.98
N VAL F 122 36.10 -42.64 -23.94
CA VAL F 122 35.07 -43.51 -24.50
C VAL F 122 35.73 -44.66 -25.25
N GLU F 123 36.85 -44.39 -25.94
CA GLU F 123 37.58 -45.44 -26.64
C GLU F 123 38.06 -46.52 -25.67
N ASN F 124 38.34 -46.14 -24.42
CA ASN F 124 38.79 -47.10 -23.42
C ASN F 124 37.78 -48.24 -23.25
N ILE F 125 36.50 -47.90 -23.14
CA ILE F 125 35.48 -48.93 -22.97
C ILE F 125 35.45 -49.86 -24.18
N ILE F 126 35.58 -49.28 -25.39
CA ILE F 126 35.65 -50.09 -26.61
C ILE F 126 36.75 -51.14 -26.48
N GLN F 127 37.87 -50.74 -25.85
CA GLN F 127 38.98 -51.67 -25.64
C GLN F 127 38.60 -52.75 -24.62
N LYS F 128 38.02 -52.32 -23.48
CA LYS F 128 37.58 -53.24 -22.44
C LYS F 128 36.77 -54.40 -23.02
N LEU F 129 35.77 -54.10 -23.86
CA LEU F 129 34.97 -55.17 -24.44
C LEU F 129 35.75 -55.94 -25.50
N LEU F 130 36.70 -55.29 -26.17
CA LEU F 130 37.51 -55.97 -27.17
C LEU F 130 38.24 -57.17 -26.55
N GLN F 131 38.73 -57.01 -25.32
CA GLN F 131 39.42 -58.11 -24.65
C GLN F 131 38.48 -59.28 -24.39
N LYS F 132 37.27 -58.98 -23.89
CA LYS F 132 36.29 -60.03 -23.63
C LYS F 132 35.89 -60.73 -24.92
N SER F 133 35.90 -60.01 -26.04
CA SER F 133 35.51 -60.56 -27.33
C SER F 133 36.59 -61.41 -27.99
N ASP F 134 37.81 -61.45 -27.42
CA ASP F 134 38.91 -62.23 -27.97
C ASP F 134 39.40 -61.65 -29.29
N TYR F 135 39.31 -60.33 -29.44
CA TYR F 135 39.70 -59.63 -30.66
C TYR F 135 38.89 -60.14 -31.86
N ASP F 136 37.61 -60.44 -31.61
CA ASP F 136 36.67 -60.90 -32.63
C ASP F 136 35.60 -59.83 -32.76
N VAL F 137 35.60 -59.11 -33.89
CA VAL F 137 34.63 -58.05 -34.12
C VAL F 137 33.21 -58.60 -34.04
N GLN F 138 33.01 -59.83 -34.53
CA GLN F 138 31.68 -60.45 -34.47
C GLN F 138 31.14 -60.51 -33.05
N LYS F 139 32.00 -60.82 -32.09
CA LYS F 139 31.57 -60.91 -30.69
C LYS F 139 31.31 -59.52 -30.11
N ALA F 140 32.25 -58.60 -30.30
CA ALA F 140 32.09 -57.23 -29.78
C ALA F 140 31.04 -56.44 -30.53
N GLN F 141 30.61 -56.91 -31.71
CA GLN F 141 29.59 -56.21 -32.48
C GLN F 141 28.26 -56.19 -31.74
N ARG F 142 27.85 -57.34 -31.21
CA ARG F 142 26.56 -57.51 -30.55
C ARG F 142 26.60 -57.37 -29.04
N GLY F 143 27.70 -57.76 -28.39
CA GLY F 143 27.85 -57.72 -26.94
C GLY F 143 27.30 -56.50 -26.22
N ILE F 144 26.42 -56.76 -25.24
CA ILE F 144 25.78 -55.70 -24.47
C ILE F 144 26.84 -54.89 -23.71
N VAL F 145 26.57 -53.60 -23.55
CA VAL F 145 27.45 -52.68 -22.81
C VAL F 145 26.58 -51.90 -21.84
N TYR F 146 26.51 -52.34 -20.59
CA TYR F 146 25.74 -51.65 -19.56
C TYR F 146 26.56 -50.51 -18.97
N ILE F 147 26.08 -49.28 -19.11
CA ILE F 147 26.77 -48.11 -18.58
C ILE F 147 26.25 -47.84 -17.16
N ASP F 148 27.14 -47.91 -16.18
CA ASP F 148 26.82 -47.65 -14.78
C ASP F 148 27.24 -46.23 -14.40
N GLU F 149 27.01 -45.88 -13.13
CA GLU F 149 27.38 -44.57 -12.57
C GLU F 149 26.90 -43.39 -13.42
N ILE F 150 25.80 -43.59 -14.16
CA ILE F 150 25.26 -42.55 -15.03
C ILE F 150 24.38 -41.55 -14.29
N ASP F 151 24.17 -41.73 -12.99
CA ASP F 151 23.30 -40.83 -12.24
C ASP F 151 24.04 -39.70 -11.53
N LYS F 152 25.38 -39.71 -11.54
CA LYS F 152 26.14 -38.63 -10.93
C LYS F 152 26.55 -37.56 -11.94
N ILE F 153 26.94 -37.97 -13.16
CA ILE F 153 27.33 -37.01 -14.19
C ILE F 153 26.15 -36.19 -14.70
N SER F 154 24.92 -36.63 -14.44
CA SER F 154 23.68 -35.99 -14.88
C SER F 154 23.73 -34.47 -14.72
N ARG F 155 23.44 -33.78 -15.82
CA ARG F 155 23.42 -32.31 -15.88
C ARG F 155 22.71 -31.71 -14.68
N LYS F 156 23.42 -30.86 -13.96
CA LYS F 156 22.89 -30.23 -12.75
C LYS F 156 22.19 -28.91 -13.09
N GLY F 168 29.17 -34.32 -14.92
CA GLY F 168 28.78 -32.92 -14.98
C GLY F 168 28.23 -32.52 -16.34
N GLU F 169 28.11 -31.21 -16.55
CA GLU F 169 27.60 -30.69 -17.82
C GLU F 169 28.46 -31.14 -18.99
N GLY F 170 29.78 -30.97 -18.87
CA GLY F 170 30.70 -31.36 -19.93
C GLY F 170 30.68 -32.84 -20.27
N VAL F 171 30.28 -33.70 -19.33
CA VAL F 171 30.26 -35.13 -19.62
C VAL F 171 29.17 -35.46 -20.63
N GLN F 172 27.97 -34.88 -20.45
CA GLN F 172 26.88 -35.11 -21.40
C GLN F 172 27.28 -34.69 -22.80
N GLN F 173 28.05 -33.60 -22.91
CA GLN F 173 28.53 -33.15 -24.21
C GLN F 173 29.57 -34.12 -24.75
N ALA F 174 30.40 -34.66 -23.85
CA ALA F 174 31.44 -35.63 -24.20
C ALA F 174 30.88 -37.03 -24.45
N LEU F 175 29.57 -37.23 -24.30
CA LEU F 175 28.93 -38.52 -24.50
C LEU F 175 28.20 -38.62 -25.83
N LEU F 176 27.88 -37.49 -26.46
CA LEU F 176 27.23 -37.47 -27.76
C LEU F 176 27.92 -38.41 -28.74
N LYS F 177 29.25 -38.35 -28.78
CA LYS F 177 30.04 -39.24 -29.64
C LYS F 177 29.76 -40.70 -29.30
N LEU F 178 29.87 -41.05 -28.02
CA LEU F 178 29.65 -42.44 -27.61
C LEU F 178 28.23 -42.90 -27.90
N ILE F 179 27.24 -41.99 -27.84
CA ILE F 179 25.87 -42.38 -28.13
C ILE F 179 25.74 -42.75 -29.60
N GLU F 180 26.19 -41.87 -30.48
CA GLU F 180 26.17 -42.15 -31.92
C GLU F 180 27.22 -43.18 -32.33
N GLY F 181 28.18 -43.49 -31.45
CA GLY F 181 29.22 -44.43 -31.77
C GLY F 181 30.37 -43.88 -32.58
N THR F 182 30.49 -42.55 -32.67
CA THR F 182 31.54 -41.84 -33.43
C THR F 182 31.92 -42.48 -34.76
N PHE F 199 45.58 -50.85 -32.94
CA PHE F 199 44.28 -51.48 -32.74
C PHE F 199 43.41 -51.32 -33.97
N LEU F 200 42.35 -52.12 -34.06
CA LEU F 200 41.41 -52.10 -35.17
C LEU F 200 40.07 -51.61 -34.66
N GLN F 201 39.70 -50.39 -35.05
CA GLN F 201 38.43 -49.77 -34.67
C GLN F 201 37.26 -50.72 -34.87
N VAL F 202 36.38 -50.78 -33.87
CA VAL F 202 35.20 -51.63 -33.90
C VAL F 202 33.98 -50.71 -33.99
N ASP F 203 33.20 -50.89 -35.04
CA ASP F 203 32.03 -50.05 -35.25
C ASP F 203 30.97 -50.33 -34.18
N THR F 204 30.21 -49.29 -33.85
CA THR F 204 29.12 -49.38 -32.87
C THR F 204 27.85 -49.73 -33.63
N SER F 205 27.80 -50.97 -34.13
CA SER F 205 26.66 -51.41 -34.91
C SER F 205 25.46 -51.76 -34.04
N LYS F 206 25.61 -52.73 -33.14
CA LYS F 206 24.50 -53.21 -32.30
C LYS F 206 24.88 -53.39 -30.83
N ILE F 207 25.78 -52.56 -30.29
CA ILE F 207 26.19 -52.73 -28.87
C ILE F 207 25.21 -51.91 -28.04
N LEU F 208 24.09 -52.55 -27.70
CA LEU F 208 23.03 -52.00 -26.86
C LEU F 208 23.57 -51.26 -25.64
N PHE F 209 23.09 -50.03 -25.46
CA PHE F 209 23.46 -49.18 -24.33
C PHE F 209 22.31 -49.12 -23.33
N ILE F 210 22.65 -49.12 -22.04
CA ILE F 210 21.65 -49.05 -20.98
C ILE F 210 22.14 -48.01 -19.97
N CYS F 211 21.21 -47.54 -19.14
CA CYS F 211 21.49 -46.56 -18.10
C CYS F 211 20.68 -46.94 -16.86
N GLY F 212 21.20 -46.55 -15.70
CA GLY F 212 20.54 -46.82 -14.43
C GLY F 212 20.42 -45.62 -13.51
N GLY F 213 19.21 -45.38 -12.98
CA GLY F 213 18.98 -44.28 -12.06
C GLY F 213 19.45 -42.91 -12.50
N ALA F 214 19.63 -42.72 -13.81
CA ALA F 214 20.15 -41.48 -14.41
C ALA F 214 19.53 -40.21 -13.83
N PHE F 215 18.22 -40.07 -13.92
CA PHE F 215 17.59 -38.86 -13.40
C PHE F 215 17.63 -38.82 -11.89
N ALA F 216 17.47 -37.61 -11.34
CA ALA F 216 17.44 -37.36 -9.91
C ALA F 216 16.05 -37.08 -9.38
N GLY F 217 15.36 -36.11 -9.99
CA GLY F 217 14.02 -35.70 -9.60
C GLY F 217 13.01 -35.83 -10.72
N LEU F 218 13.15 -36.88 -11.54
CA LEU F 218 12.25 -37.13 -12.65
C LEU F 218 10.78 -37.04 -12.25
N ASP F 219 10.43 -37.63 -11.10
CA ASP F 219 9.07 -37.60 -10.58
C ASP F 219 8.47 -36.19 -10.62
N LYS F 220 9.24 -35.20 -10.16
CA LYS F 220 8.75 -33.82 -10.18
C LYS F 220 8.52 -33.34 -11.60
N VAL F 221 9.49 -33.58 -12.49
CA VAL F 221 9.38 -33.17 -13.89
C VAL F 221 8.14 -33.78 -14.53
N ILE F 222 7.86 -35.05 -14.22
CA ILE F 222 6.69 -35.72 -14.78
C ILE F 222 5.41 -35.01 -14.34
N SER F 223 5.30 -34.71 -13.04
CA SER F 223 4.11 -34.03 -12.54
C SER F 223 3.92 -32.66 -13.18
N HIS F 224 4.99 -32.04 -13.65
CA HIS F 224 4.92 -30.75 -14.33
C HIS F 224 4.36 -30.87 -15.75
N ARG F 225 4.11 -32.10 -16.24
CA ARG F 225 3.61 -32.34 -17.58
C ARG F 225 2.43 -33.30 -17.63
N VAL F 226 2.11 -33.99 -16.54
CA VAL F 226 1.00 -34.95 -16.48
C VAL F 226 -0.05 -34.51 -15.47
N GLU F 227 0.36 -34.08 -14.29
CA GLU F 227 -0.59 -33.65 -13.28
C GLU F 227 -1.15 -32.29 -13.67
N THR F 228 -2.48 -32.19 -13.70
CA THR F 228 -3.17 -30.98 -14.09
C THR F 228 -4.46 -30.89 -13.30
N GLY F 229 -5.11 -29.74 -13.39
CA GLY F 229 -6.33 -29.49 -12.66
C GLY F 229 -6.40 -28.03 -12.22
N SER F 230 -7.11 -27.81 -11.13
CA SER F 230 -7.35 -26.48 -10.58
C SER F 230 -6.67 -26.34 -9.22
N GLY F 231 -6.58 -25.09 -8.78
CA GLY F 231 -5.92 -24.72 -7.54
C GLY F 231 -6.90 -24.39 -6.43
N ILE F 232 -7.11 -23.10 -6.17
CA ILE F 232 -8.01 -22.67 -5.11
C ILE F 232 -9.44 -22.75 -5.61
N GLY F 233 -10.29 -23.48 -4.89
CA GLY F 233 -11.68 -23.61 -5.30
C GLY F 233 -12.39 -24.65 -4.45
N PHE F 234 -13.61 -24.96 -4.88
CA PHE F 234 -14.50 -25.91 -4.21
C PHE F 234 -14.71 -27.15 -5.08
N GLY F 235 -15.26 -28.18 -4.44
CA GLY F 235 -15.59 -29.44 -5.09
C GLY F 235 -14.56 -30.05 -6.01
N ALA F 236 -14.94 -30.18 -7.29
CA ALA F 236 -14.12 -30.77 -8.34
C ALA F 236 -12.65 -30.38 -8.28
N THR F 237 -12.38 -29.07 -8.09
CA THR F 237 -11.02 -28.55 -7.99
C THR F 237 -10.13 -29.41 -7.10
N VAL F 238 -8.97 -29.79 -7.63
CA VAL F 238 -8.03 -30.64 -6.90
C VAL F 238 -7.57 -29.99 -5.61
N LYS F 239 -7.49 -30.79 -4.56
CA LYS F 239 -7.01 -30.40 -3.23
C LYS F 239 -6.03 -31.44 -2.71
N ALA F 240 -5.11 -31.86 -3.56
CA ALA F 240 -4.12 -32.91 -3.28
C ALA F 240 -2.71 -32.40 -3.56
N LYS F 241 -2.40 -31.19 -3.10
CA LYS F 241 -1.09 -30.61 -3.35
C LYS F 241 -0.03 -31.06 -2.36
N SER F 242 -0.42 -31.53 -1.17
CA SER F 242 0.53 -32.06 -0.19
C SER F 242 0.33 -33.54 0.07
N ASP F 243 -0.46 -34.23 -0.76
CA ASP F 243 -0.72 -35.66 -0.63
C ASP F 243 -0.10 -36.37 -1.82
N LYS F 244 0.41 -37.57 -1.59
CA LYS F 244 1.02 -38.39 -2.63
C LYS F 244 0.22 -39.67 -2.80
N ALA F 245 0.27 -40.21 -4.02
CA ALA F 245 -0.41 -41.46 -4.36
C ALA F 245 0.55 -42.59 -4.67
N SER F 246 1.50 -42.36 -5.57
CA SER F 246 2.48 -43.37 -5.94
C SER F 246 3.66 -42.70 -6.62
N GLU F 247 4.85 -43.26 -6.37
CA GLU F 247 6.09 -42.76 -6.96
C GLU F 247 6.52 -43.58 -8.17
N GLY F 248 6.41 -44.91 -8.08
CA GLY F 248 6.77 -45.75 -9.21
C GLY F 248 5.86 -45.58 -10.40
N GLU F 249 4.59 -45.21 -10.16
CA GLU F 249 3.65 -45.04 -11.25
C GLU F 249 4.04 -43.87 -12.15
N LEU F 250 4.57 -42.79 -11.56
CA LEU F 250 4.98 -41.64 -12.36
C LEU F 250 6.06 -42.04 -13.35
N LEU F 251 7.10 -42.73 -12.87
CA LEU F 251 8.18 -43.18 -13.75
C LEU F 251 7.66 -44.09 -14.86
N ALA F 252 6.62 -44.87 -14.58
CA ALA F 252 6.06 -45.76 -15.59
C ALA F 252 5.41 -44.99 -16.72
N GLN F 253 4.91 -43.78 -16.45
CA GLN F 253 4.24 -42.95 -17.44
C GLN F 253 5.16 -41.84 -17.98
N VAL F 254 6.47 -41.95 -17.74
CA VAL F 254 7.42 -40.95 -18.23
C VAL F 254 7.30 -40.81 -19.74
N GLU F 255 7.44 -39.58 -20.22
CA GLU F 255 7.34 -39.23 -21.63
C GLU F 255 8.68 -38.66 -22.12
N PRO F 256 9.00 -38.78 -23.42
CA PRO F 256 10.25 -38.16 -23.92
C PRO F 256 10.38 -36.68 -23.58
N GLU F 257 9.25 -35.95 -23.64
CA GLU F 257 9.24 -34.54 -23.28
C GLU F 257 9.84 -34.31 -21.89
N ASP F 258 9.38 -35.11 -20.92
CA ASP F 258 9.88 -35.01 -19.55
C ASP F 258 11.40 -35.19 -19.49
N LEU F 259 11.93 -36.10 -20.30
CA LEU F 259 13.38 -36.34 -20.34
C LEU F 259 14.13 -35.06 -20.65
N ILE F 260 13.81 -34.42 -21.78
CA ILE F 260 14.46 -33.17 -22.16
C ILE F 260 14.13 -32.08 -21.15
N LYS F 261 12.93 -32.12 -20.57
CA LYS F 261 12.50 -31.11 -19.59
C LYS F 261 13.40 -31.08 -18.37
N PHE F 262 14.12 -32.16 -18.07
CA PHE F 262 15.02 -32.22 -16.93
C PHE F 262 16.44 -31.78 -17.28
N GLY F 263 16.75 -31.59 -18.56
CA GLY F 263 18.07 -31.18 -19.02
C GLY F 263 18.74 -32.12 -19.98
N LEU F 264 18.09 -33.22 -20.39
CA LEU F 264 18.71 -34.13 -21.34
C LEU F 264 18.72 -33.50 -22.73
N ILE F 265 19.52 -34.10 -23.62
CA ILE F 265 19.68 -33.60 -24.98
C ILE F 265 18.96 -34.53 -25.95
N PRO F 266 18.52 -34.03 -27.12
CA PRO F 266 17.80 -34.90 -28.08
C PRO F 266 18.50 -36.19 -28.49
N GLU F 267 19.77 -36.11 -28.86
CA GLU F 267 20.47 -37.30 -29.35
C GLU F 267 20.60 -38.36 -28.26
N PHE F 268 20.93 -37.94 -27.04
CA PHE F 268 21.01 -38.86 -25.89
C PHE F 268 19.78 -39.76 -25.84
N ILE F 269 18.59 -39.16 -25.81
CA ILE F 269 17.34 -39.91 -25.80
C ILE F 269 16.89 -40.26 -27.21
N GLY F 270 17.42 -39.60 -28.24
CA GLY F 270 17.05 -39.89 -29.61
C GLY F 270 17.39 -41.30 -30.03
N ARG F 271 18.40 -41.90 -29.40
CA ARG F 271 18.84 -43.26 -29.69
C ARG F 271 18.42 -44.24 -28.60
N LEU F 272 17.42 -43.85 -27.79
CA LEU F 272 16.87 -44.69 -26.71
C LEU F 272 15.37 -44.79 -26.95
N PRO F 273 14.95 -45.51 -28.02
CA PRO F 273 13.52 -45.59 -28.34
C PRO F 273 12.69 -46.48 -27.41
N VAL F 274 13.27 -47.01 -26.33
CA VAL F 274 12.56 -47.87 -25.41
C VAL F 274 12.94 -47.44 -23.99
N VAL F 275 12.07 -47.79 -23.04
CA VAL F 275 12.27 -47.44 -21.64
C VAL F 275 11.65 -48.53 -20.78
N ALA F 276 12.40 -48.97 -19.77
CA ALA F 276 11.96 -50.00 -18.83
C ALA F 276 11.87 -49.35 -17.46
N THR F 277 10.66 -49.33 -16.90
CA THR F 277 10.39 -48.68 -15.63
C THR F 277 10.54 -49.69 -14.48
N LEU F 278 11.52 -49.44 -13.62
CA LEU F 278 11.80 -50.29 -12.46
C LEU F 278 11.08 -49.68 -11.26
N ASN F 279 11.32 -50.22 -10.07
CA ASN F 279 10.66 -49.73 -8.87
C ASN F 279 11.51 -50.09 -7.67
N GLU F 280 11.10 -49.59 -6.52
CA GLU F 280 11.81 -49.83 -5.27
C GLU F 280 11.48 -51.22 -4.74
N LEU F 281 12.47 -51.83 -4.09
CA LEU F 281 12.31 -53.17 -3.55
C LEU F 281 11.19 -53.21 -2.51
N SER F 282 10.81 -54.44 -2.15
CA SER F 282 9.71 -54.70 -1.24
C SER F 282 10.11 -55.82 -0.29
N GLU F 283 9.34 -55.92 0.80
CA GLU F 283 9.58 -56.88 1.88
C GLU F 283 9.94 -58.28 1.36
N GLU F 284 9.07 -58.87 0.54
CA GLU F 284 9.34 -60.16 -0.07
C GLU F 284 10.73 -60.19 -0.71
N ALA F 285 11.00 -59.24 -1.60
CA ALA F 285 12.29 -59.14 -2.26
C ALA F 285 13.41 -58.91 -1.26
N LEU F 286 13.25 -57.93 -0.37
CA LEU F 286 14.30 -57.59 0.58
C LEU F 286 14.56 -58.74 1.55
N ILE F 287 13.51 -59.44 2.00
CA ILE F 287 13.70 -60.56 2.91
C ILE F 287 14.55 -61.63 2.24
N GLN F 288 14.13 -62.09 1.06
CA GLN F 288 14.88 -63.09 0.32
C GLN F 288 16.30 -62.59 0.03
N ILE F 289 16.44 -61.32 -0.34
CA ILE F 289 17.74 -60.70 -0.63
C ILE F 289 18.73 -60.90 0.51
N LEU F 290 18.23 -61.01 1.75
CA LEU F 290 19.12 -61.17 2.89
C LEU F 290 19.52 -62.62 3.13
N LYS F 291 18.79 -63.60 2.59
CA LYS F 291 19.14 -65.01 2.75
C LYS F 291 19.51 -65.70 1.46
N GLU F 292 18.66 -65.61 0.42
CA GLU F 292 18.88 -66.29 -0.86
C GLU F 292 20.25 -66.01 -1.49
N PRO F 293 20.62 -64.76 -1.81
CA PRO F 293 21.93 -64.50 -2.42
C PRO F 293 23.08 -65.04 -1.57
N LYS F 294 24.06 -65.66 -2.25
CA LYS F 294 25.26 -66.16 -1.60
C LYS F 294 25.85 -65.11 -0.66
N ASN F 295 26.08 -63.91 -1.18
CA ASN F 295 26.59 -62.80 -0.38
C ASN F 295 25.41 -62.17 0.37
N ALA F 296 24.97 -62.88 1.39
CA ALA F 296 23.82 -62.49 2.20
C ALA F 296 24.27 -61.85 3.51
N LEU F 297 23.61 -60.74 3.87
CA LEU F 297 23.95 -60.05 5.10
C LEU F 297 23.66 -60.91 6.33
N THR F 298 22.54 -61.63 6.32
CA THR F 298 22.22 -62.50 7.45
C THR F 298 23.22 -63.65 7.53
N LYS F 299 23.55 -64.24 6.39
CA LYS F 299 24.55 -65.32 6.37
C LYS F 299 25.93 -64.79 6.77
N GLN F 300 26.20 -63.51 6.51
CA GLN F 300 27.50 -62.93 6.84
C GLN F 300 27.72 -62.92 8.35
N TYR F 301 26.72 -62.48 9.12
CA TYR F 301 26.88 -62.45 10.56
C TYR F 301 26.83 -63.86 11.13
N GLN F 302 25.95 -64.72 10.59
CA GLN F 302 25.89 -66.11 11.00
C GLN F 302 27.27 -66.75 10.87
N ALA F 303 27.89 -66.60 9.69
CA ALA F 303 29.23 -67.14 9.47
C ALA F 303 30.23 -66.51 10.42
N LEU F 304 30.10 -65.21 10.68
CA LEU F 304 31.02 -64.51 11.57
C LEU F 304 30.97 -65.12 12.97
N PHE F 305 29.80 -65.08 13.60
CA PHE F 305 29.60 -65.67 14.93
C PHE F 305 30.11 -67.11 14.96
N ASN F 306 29.64 -67.93 14.02
CA ASN F 306 30.05 -69.33 13.90
C ASN F 306 31.57 -69.50 13.94
N LEU F 307 32.32 -68.57 13.34
CA LEU F 307 33.77 -68.69 13.31
C LEU F 307 34.37 -68.71 14.72
N GLU F 308 33.67 -68.12 15.69
CA GLU F 308 34.13 -68.13 17.08
C GLU F 308 33.60 -69.34 17.84
N GLY F 309 32.60 -70.03 17.30
CA GLY F 309 32.00 -71.20 17.93
C GLY F 309 30.62 -70.85 18.47
N VAL F 310 29.93 -69.95 17.79
CA VAL F 310 28.61 -69.47 18.19
C VAL F 310 27.67 -69.54 16.99
N ASP F 311 26.74 -70.50 17.01
CA ASP F 311 25.76 -70.63 15.95
C ASP F 311 24.71 -69.56 16.13
N LEU F 312 24.21 -69.03 15.01
CA LEU F 312 23.24 -67.93 15.05
C LEU F 312 22.12 -68.17 14.05
N GLU F 313 20.89 -67.84 14.48
CA GLU F 313 19.68 -67.98 13.69
C GLU F 313 18.99 -66.63 13.58
N PHE F 314 18.61 -66.24 12.37
CA PHE F 314 17.92 -64.98 12.12
C PHE F 314 16.46 -65.27 11.76
N ARG F 315 15.58 -65.15 12.75
CA ARG F 315 14.13 -65.34 12.57
C ARG F 315 13.62 -64.55 11.37
N ASP F 316 12.98 -65.27 10.43
CA ASP F 316 12.45 -64.60 9.23
C ASP F 316 11.42 -63.54 9.61
N GLU F 317 10.69 -63.76 10.70
CA GLU F 317 9.73 -62.78 11.19
C GLU F 317 10.40 -61.42 11.39
N ALA F 318 11.56 -61.43 12.07
CA ALA F 318 12.29 -60.20 12.35
C ALA F 318 12.74 -59.50 11.07
N LEU F 319 13.25 -60.28 10.10
CA LEU F 319 13.76 -59.73 8.82
C LEU F 319 12.82 -58.70 8.20
N ASP F 320 11.50 -58.89 8.35
CA ASP F 320 10.53 -57.95 7.82
C ASP F 320 10.83 -56.51 8.23
N ALA F 321 11.01 -56.27 9.53
CA ALA F 321 11.25 -54.91 10.01
C ALA F 321 12.52 -54.31 9.42
N ILE F 322 13.60 -55.09 9.31
CA ILE F 322 14.84 -54.61 8.69
C ILE F 322 14.54 -54.01 7.33
N ALA F 323 13.78 -54.74 6.51
CA ALA F 323 13.43 -54.24 5.18
C ALA F 323 12.64 -52.94 5.29
N LYS F 324 11.64 -52.92 6.19
CA LYS F 324 10.86 -51.70 6.42
C LYS F 324 11.75 -50.51 6.74
N LYS F 325 12.82 -50.74 7.51
CA LYS F 325 13.73 -49.65 7.85
C LYS F 325 14.58 -49.26 6.64
N ALA F 326 15.01 -50.25 5.86
CA ALA F 326 15.77 -49.98 4.65
C ALA F 326 14.99 -49.06 3.71
N MET F 327 13.74 -49.42 3.42
CA MET F 327 12.90 -48.62 2.56
C MET F 327 12.60 -47.26 3.17
N ALA F 328 12.54 -47.18 4.50
CA ALA F 328 12.27 -45.92 5.18
C ALA F 328 13.28 -44.84 4.80
N ARG F 329 14.52 -45.22 4.54
CA ARG F 329 15.59 -44.29 4.17
C ARG F 329 15.99 -44.41 2.70
N LYS F 330 15.30 -45.24 1.92
CA LYS F 330 15.55 -45.47 0.50
C LYS F 330 17.04 -45.62 0.19
N THR F 331 17.64 -46.62 0.83
CA THR F 331 19.05 -46.94 0.64
C THR F 331 19.29 -48.34 0.10
N GLY F 332 18.23 -49.10 -0.20
CA GLY F 332 18.31 -50.45 -0.73
C GLY F 332 19.36 -51.35 -0.09
N ALA F 333 20.05 -52.13 -0.91
CA ALA F 333 21.09 -53.03 -0.40
C ALA F 333 22.25 -52.25 0.20
N ARG F 334 22.55 -51.06 -0.35
CA ARG F 334 23.65 -50.24 0.13
C ARG F 334 23.54 -49.98 1.63
N GLY F 335 22.34 -49.64 2.10
CA GLY F 335 22.14 -49.33 3.50
C GLY F 335 21.62 -50.46 4.37
N LEU F 336 21.12 -51.53 3.75
CA LEU F 336 20.64 -52.70 4.49
C LEU F 336 21.67 -53.17 5.51
N ARG F 337 22.94 -53.28 5.08
CA ARG F 337 24.03 -53.68 5.96
C ARG F 337 24.07 -52.85 7.24
N SER F 338 24.07 -51.53 7.10
CA SER F 338 24.12 -50.63 8.26
C SER F 338 22.98 -50.89 9.23
N ILE F 339 21.75 -50.94 8.73
CA ILE F 339 20.56 -51.18 9.56
C ILE F 339 20.78 -52.34 10.51
N VAL F 340 21.17 -53.50 9.98
CA VAL F 340 21.41 -54.65 10.85
C VAL F 340 22.67 -54.44 11.68
N GLU F 341 23.74 -53.95 11.05
CA GLU F 341 24.99 -53.68 11.74
C GLU F 341 24.78 -52.75 12.93
N ALA F 342 23.99 -51.68 12.74
CA ALA F 342 23.71 -50.69 13.77
C ALA F 342 23.34 -51.31 15.11
N ALA F 343 22.30 -52.14 15.13
CA ALA F 343 21.89 -52.78 16.38
C ALA F 343 22.58 -54.13 16.57
N LEU F 344 23.91 -54.11 16.50
CA LEU F 344 24.74 -55.29 16.71
C LEU F 344 25.90 -55.04 17.66
N LEU F 345 26.34 -53.79 17.83
CA LEU F 345 27.46 -53.45 18.71
C LEU F 345 27.31 -54.04 20.10
N ASP F 346 26.12 -53.91 20.69
CA ASP F 346 25.85 -54.40 22.04
C ASP F 346 26.27 -55.87 22.21
N THR F 347 25.69 -56.77 21.40
CA THR F 347 26.07 -58.18 21.54
C THR F 347 27.51 -58.44 21.12
N MET F 348 28.02 -57.71 20.14
CA MET F 348 29.40 -57.93 19.70
C MET F 348 30.41 -57.44 20.73
N TYR F 349 30.03 -56.48 21.56
CA TYR F 349 30.92 -55.95 22.59
C TYR F 349 31.02 -56.86 23.80
N ASP F 350 29.93 -57.51 24.17
CA ASP F 350 29.89 -58.36 25.36
C ASP F 350 30.20 -59.83 25.06
N LEU F 351 29.59 -60.40 24.02
CA LEU F 351 29.77 -61.80 23.62
C LEU F 351 31.20 -62.31 23.72
N PRO F 352 32.22 -61.68 23.11
CA PRO F 352 33.60 -62.21 23.27
C PRO F 352 34.03 -62.50 24.70
N SER F 353 33.89 -61.53 25.61
CA SER F 353 34.28 -61.77 26.99
C SER F 353 33.33 -62.74 27.67
N MET F 354 32.03 -62.64 27.36
CA MET F 354 31.02 -63.55 27.91
C MET F 354 31.44 -65.00 27.70
N GLU F 355 31.05 -65.85 28.64
CA GLU F 355 31.36 -67.28 28.60
C GLU F 355 30.07 -68.10 28.72
N ASP F 356 30.21 -69.39 28.46
CA ASP F 356 29.12 -70.37 28.49
C ASP F 356 28.02 -70.04 27.49
N VAL F 357 28.33 -69.28 26.45
CA VAL F 357 27.34 -68.94 25.42
C VAL F 357 27.28 -70.08 24.41
N GLU F 358 26.07 -70.46 24.00
CA GLU F 358 25.87 -71.50 23.00
C GLU F 358 25.24 -70.98 21.72
N LYS F 359 24.12 -70.26 21.83
CA LYS F 359 23.44 -69.70 20.67
C LYS F 359 22.91 -68.32 21.08
N VAL F 360 22.66 -67.48 20.07
CA VAL F 360 22.12 -66.13 20.29
C VAL F 360 20.89 -65.98 19.41
N VAL F 361 19.71 -66.26 19.97
CA VAL F 361 18.47 -66.10 19.21
C VAL F 361 18.19 -64.60 19.04
N ILE F 362 17.65 -64.23 17.88
CA ILE F 362 17.30 -62.86 17.57
C ILE F 362 15.79 -62.81 17.36
N ASP F 363 15.19 -61.66 17.72
CA ASP F 363 13.74 -61.47 17.59
C ASP F 363 13.47 -60.07 17.04
N GLU F 364 12.18 -59.76 16.90
CA GLU F 364 11.76 -58.46 16.37
C GLU F 364 12.04 -57.35 17.38
N SER F 365 11.66 -57.54 18.64
CA SER F 365 11.87 -56.53 19.68
C SER F 365 13.36 -56.21 19.83
N VAL F 366 14.22 -57.20 19.62
CA VAL F 366 15.67 -56.99 19.76
C VAL F 366 16.16 -55.95 18.74
N ILE F 367 15.80 -56.13 17.47
CA ILE F 367 16.25 -55.20 16.45
C ILE F 367 15.54 -53.85 16.56
N ASP F 368 14.37 -53.81 17.20
CA ASP F 368 13.67 -52.55 17.40
C ASP F 368 14.33 -51.67 18.46
N GLY F 369 15.27 -52.21 19.24
CA GLY F 369 15.97 -51.47 20.26
C GLY F 369 15.31 -51.47 21.63
N GLN F 370 14.10 -52.05 21.76
CA GLN F 370 13.41 -52.12 23.03
C GLN F 370 13.72 -53.42 23.79
N SER F 371 14.68 -54.21 23.32
CA SER F 371 15.03 -55.47 23.97
C SER F 371 16.52 -55.72 23.78
N GLU F 372 17.02 -56.75 24.47
CA GLU F 372 18.41 -57.18 24.41
C GLU F 372 18.45 -58.57 23.80
N PRO F 373 19.35 -58.85 22.80
CA PRO F 373 19.40 -60.19 22.17
C PRO F 373 19.25 -61.39 23.10
N LEU F 374 18.37 -62.30 22.73
CA LEU F 374 18.16 -63.51 23.51
C LEU F 374 19.41 -64.38 23.46
N LEU F 375 19.86 -64.84 24.62
CA LEU F 375 21.04 -65.70 24.72
C LEU F 375 20.63 -67.05 25.29
N ILE F 376 21.45 -68.06 24.99
CA ILE F 376 21.24 -69.43 25.43
C ILE F 376 22.48 -69.86 26.20
N TYR F 377 22.28 -70.74 27.18
CA TYR F 377 23.37 -71.25 28.01
C TYR F 377 23.19 -72.74 28.27
N ILE G 15 55.97 -30.99 -27.18
CA ILE G 15 57.35 -31.44 -27.08
C ILE G 15 57.52 -32.42 -25.92
N SER G 16 58.01 -33.62 -26.22
CA SER G 16 58.26 -34.65 -25.22
C SER G 16 59.75 -34.97 -25.25
N LEU G 17 60.44 -34.71 -24.13
CA LEU G 17 61.87 -34.94 -24.05
C LEU G 17 62.15 -36.40 -23.68
N ILE G 18 62.01 -37.27 -24.67
CA ILE G 18 62.31 -38.69 -24.47
C ILE G 18 63.75 -38.82 -24.00
N ALA G 19 63.97 -39.58 -22.95
CA ALA G 19 65.30 -39.74 -22.37
C ALA G 19 65.27 -40.91 -21.40
N ALA G 20 66.38 -41.12 -20.70
CA ALA G 20 66.54 -42.20 -19.74
C ALA G 20 66.96 -41.71 -18.36
N LEU G 21 67.75 -40.64 -18.29
CA LEU G 21 68.25 -40.08 -17.03
C LEU G 21 68.87 -41.16 -16.14
N ALA G 22 69.83 -41.88 -16.71
CA ALA G 22 70.62 -42.87 -16.01
C ALA G 22 71.14 -42.29 -14.69
N VAL G 23 71.21 -43.12 -13.65
CA VAL G 23 71.70 -42.68 -12.34
C VAL G 23 72.99 -41.89 -12.54
N ASP G 24 73.04 -40.69 -11.97
CA ASP G 24 74.13 -39.73 -12.09
C ASP G 24 74.05 -39.04 -13.45
N ARG G 25 72.96 -39.25 -14.21
CA ARG G 25 72.78 -38.70 -15.56
C ARG G 25 73.97 -39.05 -16.45
N VAL G 26 74.23 -40.34 -16.54
CA VAL G 26 75.35 -40.91 -17.28
C VAL G 26 74.90 -41.49 -18.63
N ILE G 27 73.73 -41.08 -19.15
CA ILE G 27 73.21 -41.62 -20.41
C ILE G 27 74.29 -41.68 -21.49
N GLY G 28 74.96 -40.55 -21.75
CA GLY G 28 76.06 -40.56 -22.69
C GLY G 28 75.80 -40.06 -24.09
N MET G 29 76.27 -38.85 -24.41
CA MET G 29 76.14 -38.29 -25.75
C MET G 29 77.50 -38.10 -26.39
N GLU G 30 78.44 -37.44 -25.70
CA GLU G 30 79.79 -37.26 -26.23
C GLU G 30 80.46 -38.59 -26.49
N ASN G 31 80.20 -39.57 -25.61
CA ASN G 31 80.78 -40.90 -25.67
C ASN G 31 79.70 -41.92 -26.03
N ALA G 32 79.99 -42.73 -27.06
CA ALA G 32 79.11 -43.79 -27.54
C ALA G 32 78.47 -44.54 -26.38
N MET G 33 77.14 -44.69 -26.46
CA MET G 33 76.28 -45.30 -25.43
C MET G 33 76.90 -46.57 -24.84
N PRO G 34 77.14 -46.62 -23.51
CA PRO G 34 77.75 -47.83 -22.93
C PRO G 34 76.98 -49.13 -23.17
N TRP G 35 75.68 -49.15 -22.89
CA TRP G 35 74.93 -50.40 -22.98
C TRP G 35 74.61 -50.82 -24.41
N ASN G 36 74.17 -49.89 -25.27
CA ASN G 36 73.80 -50.16 -26.67
C ASN G 36 72.97 -51.45 -26.79
N LEU G 37 71.82 -51.45 -26.11
CA LEU G 37 70.95 -52.61 -26.06
C LEU G 37 69.77 -52.47 -27.03
N PRO G 38 69.34 -53.55 -27.72
CA PRO G 38 68.22 -53.42 -28.67
C PRO G 38 66.92 -52.97 -28.02
N ALA G 39 66.69 -53.30 -26.76
CA ALA G 39 65.43 -52.94 -26.11
C ALA G 39 65.27 -51.43 -25.99
N ASP G 40 66.38 -50.71 -25.75
CA ASP G 40 66.30 -49.26 -25.65
C ASP G 40 66.16 -48.61 -27.03
N LEU G 41 66.77 -49.21 -28.06
CA LEU G 41 66.67 -48.67 -29.41
C LEU G 41 65.34 -49.03 -30.06
N ALA G 42 64.71 -50.14 -29.65
CA ALA G 42 63.45 -50.53 -30.25
C ALA G 42 62.33 -49.61 -29.80
N TRP G 43 62.20 -49.41 -28.48
CA TRP G 43 61.20 -48.49 -27.96
C TRP G 43 61.42 -47.09 -28.52
N PHE G 44 62.68 -46.68 -28.61
CA PHE G 44 63.03 -45.39 -29.18
C PHE G 44 62.50 -45.25 -30.59
N LYS G 45 62.94 -46.15 -31.49
CA LYS G 45 62.46 -46.17 -32.87
C LYS G 45 60.93 -46.18 -32.95
N ARG G 46 60.29 -46.95 -32.07
CA ARG G 46 58.84 -47.09 -32.10
C ARG G 46 58.12 -45.75 -31.87
N ASN G 47 58.60 -44.95 -30.91
CA ASN G 47 57.97 -43.68 -30.57
C ASN G 47 58.65 -42.48 -31.22
N THR G 48 59.48 -42.70 -32.24
CA THR G 48 60.19 -41.63 -32.94
C THR G 48 59.96 -41.60 -34.45
N LEU G 49 59.57 -42.71 -35.07
CA LEU G 49 59.39 -42.81 -36.52
C LEU G 49 58.56 -41.66 -37.09
N ASP G 50 59.20 -40.90 -37.98
CA ASP G 50 58.67 -39.73 -38.69
C ASP G 50 58.55 -38.50 -37.81
N LYS G 51 58.86 -38.59 -36.52
CA LYS G 51 58.77 -37.44 -35.63
C LYS G 51 60.00 -36.53 -35.79
N PRO G 52 59.85 -35.19 -35.63
CA PRO G 52 61.03 -34.32 -35.72
C PRO G 52 61.92 -34.41 -34.49
N VAL G 53 62.73 -35.46 -34.42
CA VAL G 53 63.61 -35.65 -33.26
C VAL G 53 64.73 -34.63 -33.33
N ILE G 54 64.79 -33.74 -32.33
CA ILE G 54 65.79 -32.67 -32.29
C ILE G 54 67.02 -33.23 -31.58
N MET G 55 67.89 -33.87 -32.35
CA MET G 55 69.15 -34.42 -31.85
C MET G 55 70.17 -33.28 -31.77
N GLY G 56 71.44 -33.62 -31.52
CA GLY G 56 72.49 -32.63 -31.42
C GLY G 56 73.81 -33.20 -31.90
N ARG G 57 74.85 -32.36 -31.82
CA ARG G 57 76.16 -32.77 -32.33
C ARG G 57 76.74 -33.94 -31.54
N HIS G 58 76.73 -33.87 -30.21
CA HIS G 58 77.25 -34.99 -29.41
C HIS G 58 76.46 -36.26 -29.67
N THR G 59 75.13 -36.17 -29.78
CA THR G 59 74.35 -37.37 -30.03
C THR G 59 74.57 -37.88 -31.45
N TRP G 60 74.78 -36.97 -32.41
CA TRP G 60 75.07 -37.40 -33.78
C TRP G 60 76.39 -38.17 -33.84
N GLU G 61 77.36 -37.76 -33.02
CA GLU G 61 78.64 -38.43 -32.97
C GLU G 61 78.49 -39.88 -32.54
N SER G 62 77.66 -40.13 -31.54
CA SER G 62 77.46 -41.47 -31.01
C SER G 62 76.61 -42.35 -31.92
N ILE G 63 75.69 -41.76 -32.69
CA ILE G 63 74.83 -42.53 -33.58
C ILE G 63 75.37 -42.45 -35.00
N GLY G 64 75.45 -41.23 -35.55
CA GLY G 64 76.00 -41.05 -36.88
C GLY G 64 75.04 -41.46 -37.97
N ARG G 65 74.75 -42.77 -38.02
CA ARG G 65 73.88 -43.46 -38.96
C ARG G 65 72.56 -42.71 -39.23
N PRO G 66 72.21 -42.40 -40.48
CA PRO G 66 70.92 -41.74 -40.73
C PRO G 66 69.78 -42.63 -40.26
N LEU G 67 68.89 -42.07 -39.44
CA LEU G 67 67.78 -42.83 -38.89
C LEU G 67 66.61 -42.87 -39.86
N PRO G 68 66.25 -44.08 -40.45
CA PRO G 68 65.13 -44.16 -41.40
C PRO G 68 63.85 -43.44 -40.99
N GLY G 69 63.39 -42.53 -41.85
CA GLY G 69 62.18 -41.77 -41.58
C GLY G 69 62.28 -40.58 -40.67
N ARG G 70 62.82 -40.76 -39.46
CA ARG G 70 63.00 -39.70 -38.47
C ARG G 70 63.53 -38.42 -39.09
N LYS G 71 62.81 -37.32 -38.89
CA LYS G 71 63.23 -36.01 -39.39
C LYS G 71 64.29 -35.47 -38.44
N ASN G 72 65.51 -35.99 -38.62
CA ASN G 72 66.64 -35.60 -37.78
C ASN G 72 66.94 -34.12 -37.90
N ILE G 73 67.14 -33.47 -36.75
CA ILE G 73 67.47 -32.05 -36.67
C ILE G 73 68.65 -31.97 -35.71
N ILE G 74 69.86 -31.87 -36.24
CA ILE G 74 71.08 -31.82 -35.44
C ILE G 74 71.26 -30.40 -34.91
N LEU G 75 70.86 -30.16 -33.66
CA LEU G 75 71.09 -28.85 -33.06
C LEU G 75 72.57 -28.79 -32.71
N SER G 76 73.34 -28.09 -33.53
CA SER G 76 74.79 -27.96 -33.36
C SER G 76 75.19 -26.51 -33.17
N SER G 77 76.19 -26.28 -32.31
CA SER G 77 76.70 -24.93 -32.13
C SER G 77 77.49 -24.48 -33.36
N GLN G 78 78.02 -25.43 -34.14
CA GLN G 78 78.78 -25.17 -35.35
C GLN G 78 77.80 -25.11 -36.52
N PRO G 79 78.24 -24.83 -37.75
CA PRO G 79 77.29 -24.76 -38.87
C PRO G 79 76.90 -26.15 -39.38
N GLY G 80 75.94 -26.15 -40.30
CA GLY G 80 75.42 -27.39 -40.88
C GLY G 80 76.16 -27.79 -42.14
N THR G 81 76.45 -29.09 -42.23
CA THR G 81 77.17 -29.68 -43.36
C THR G 81 76.32 -30.66 -44.16
N ASP G 82 75.67 -31.60 -43.50
CA ASP G 82 74.85 -32.60 -44.17
C ASP G 82 73.45 -32.05 -44.48
N ASP G 83 72.84 -32.61 -45.53
CA ASP G 83 71.51 -32.22 -45.98
C ASP G 83 70.45 -33.28 -45.72
N ARG G 84 70.80 -34.56 -45.94
CA ARG G 84 69.92 -35.69 -45.62
C ARG G 84 69.23 -35.50 -44.27
N VAL G 85 70.00 -35.08 -43.28
CA VAL G 85 69.53 -34.82 -41.91
C VAL G 85 69.76 -33.33 -41.67
N THR G 86 68.68 -32.61 -41.36
CA THR G 86 68.76 -31.17 -41.19
C THR G 86 69.64 -30.78 -40.00
N TRP G 87 70.23 -29.58 -40.10
CA TRP G 87 71.10 -29.00 -39.08
C TRP G 87 70.56 -27.63 -38.69
N VAL G 88 70.45 -27.38 -37.39
CA VAL G 88 69.96 -26.10 -36.87
C VAL G 88 70.99 -25.59 -35.87
N LYS G 89 71.07 -24.26 -35.74
CA LYS G 89 72.04 -23.61 -34.87
C LYS G 89 71.44 -23.00 -33.61
N SER G 90 70.25 -22.42 -33.68
CA SER G 90 69.60 -21.77 -32.57
C SER G 90 68.37 -22.55 -32.11
N VAL G 91 68.01 -22.36 -30.83
CA VAL G 91 66.83 -23.01 -30.27
C VAL G 91 65.58 -22.52 -31.00
N ASP G 92 65.60 -21.28 -31.50
CA ASP G 92 64.47 -20.77 -32.25
C ASP G 92 64.38 -21.45 -33.60
N GLU G 93 65.52 -21.69 -34.25
CA GLU G 93 65.54 -22.39 -35.52
C GLU G 93 65.22 -23.86 -35.32
N ALA G 94 65.57 -24.42 -34.15
CA ALA G 94 65.30 -25.84 -33.90
C ALA G 94 63.81 -26.06 -33.66
N ILE G 95 63.15 -25.14 -32.95
CA ILE G 95 61.71 -25.27 -32.72
C ILE G 95 60.90 -24.80 -33.92
N ALA G 96 61.55 -24.14 -34.89
CA ALA G 96 60.86 -23.68 -36.09
C ALA G 96 60.77 -24.80 -37.11
N ALA G 97 61.86 -25.55 -37.28
CA ALA G 97 61.87 -26.69 -38.20
C ALA G 97 60.74 -27.67 -37.86
N CYS G 98 60.73 -28.15 -36.62
CA CYS G 98 59.68 -29.06 -36.19
C CYS G 98 58.31 -28.40 -36.29
N GLY G 99 58.20 -27.16 -35.88
CA GLY G 99 56.96 -26.40 -35.97
C GLY G 99 56.09 -26.59 -34.74
N ASP G 100 54.91 -27.17 -34.94
CA ASP G 100 53.92 -27.38 -33.87
C ASP G 100 53.36 -28.81 -33.87
N VAL G 101 54.07 -29.76 -34.47
CA VAL G 101 53.65 -31.16 -34.57
C VAL G 101 53.23 -31.69 -33.21
N PRO G 102 52.34 -32.69 -33.14
CA PRO G 102 51.86 -33.17 -31.82
C PRO G 102 52.94 -33.74 -30.91
N GLU G 103 54.09 -34.16 -31.43
CA GLU G 103 55.11 -34.76 -30.56
C GLU G 103 56.50 -34.56 -31.15
N ILE G 104 57.39 -33.97 -30.35
CA ILE G 104 58.78 -33.73 -30.72
C ILE G 104 59.64 -34.46 -29.71
N MET G 105 60.44 -35.42 -30.21
CA MET G 105 61.30 -36.23 -29.35
C MET G 105 62.73 -35.66 -29.35
N VAL G 106 62.91 -34.58 -28.59
CA VAL G 106 64.23 -33.97 -28.46
C VAL G 106 65.19 -35.00 -27.86
N ILE G 107 66.23 -35.35 -28.62
CA ILE G 107 67.23 -36.34 -28.18
C ILE G 107 68.66 -35.83 -28.31
N GLY G 108 68.86 -34.51 -28.33
CA GLY G 108 70.19 -33.97 -28.50
C GLY G 108 71.04 -33.98 -27.25
N GLY G 109 72.16 -33.27 -27.33
CA GLY G 109 73.11 -33.14 -26.24
C GLY G 109 72.55 -32.47 -25.00
N GLY G 110 73.37 -32.36 -23.96
CA GLY G 110 72.93 -31.67 -22.75
C GLY G 110 72.51 -30.24 -23.04
N ARG G 111 73.24 -29.56 -23.93
CA ARG G 111 72.88 -28.21 -24.34
C ARG G 111 71.48 -28.19 -24.92
N VAL G 112 71.13 -29.22 -25.69
CA VAL G 112 69.82 -29.31 -26.31
C VAL G 112 68.77 -29.72 -25.28
N TYR G 113 69.07 -30.77 -24.53
CA TYR G 113 68.18 -31.29 -23.49
C TYR G 113 67.71 -30.18 -22.54
N GLU G 114 68.65 -29.45 -21.94
CA GLU G 114 68.30 -28.43 -20.96
C GLU G 114 67.64 -27.22 -21.61
N GLN G 115 68.07 -26.84 -22.81
CA GLN G 115 67.48 -25.67 -23.47
C GLN G 115 66.01 -25.89 -23.76
N PHE G 116 65.63 -27.10 -24.14
CA PHE G 116 64.23 -27.43 -24.43
C PHE G 116 63.44 -27.86 -23.20
N LEU G 117 64.07 -27.98 -22.03
CA LEU G 117 63.34 -28.38 -20.83
C LEU G 117 62.24 -27.41 -20.44
N PRO G 118 62.44 -26.08 -20.43
CA PRO G 118 61.33 -25.18 -20.11
C PRO G 118 60.10 -25.32 -21.01
N LYS G 119 60.25 -25.88 -22.21
CA LYS G 119 59.18 -26.01 -23.18
C LYS G 119 58.70 -27.45 -23.34
N ALA G 120 58.91 -28.30 -22.34
CA ALA G 120 58.50 -29.70 -22.39
C ALA G 120 57.18 -29.89 -21.65
N GLN G 121 56.28 -30.67 -22.26
CA GLN G 121 54.98 -31.01 -21.71
C GLN G 121 54.93 -32.42 -21.15
N LYS G 122 55.53 -33.37 -21.88
CA LYS G 122 55.60 -34.78 -21.50
C LYS G 122 57.06 -35.18 -21.41
N LEU G 123 57.32 -36.32 -20.75
CA LEU G 123 58.69 -36.79 -20.56
C LEU G 123 58.70 -38.31 -20.59
N TYR G 124 59.02 -38.88 -21.75
CA TYR G 124 59.10 -40.33 -21.92
C TYR G 124 60.44 -40.78 -21.36
N LEU G 125 60.46 -41.09 -20.07
CA LEU G 125 61.68 -41.51 -19.39
C LEU G 125 61.88 -43.02 -19.47
N THR G 126 63.10 -43.46 -19.14
CA THR G 126 63.46 -44.87 -19.15
C THR G 126 64.13 -45.33 -17.86
N HIS G 127 64.52 -44.40 -16.97
CA HIS G 127 65.12 -44.67 -15.66
C HIS G 127 66.14 -45.82 -15.67
N ILE G 128 67.17 -45.66 -16.51
CA ILE G 128 68.22 -46.67 -16.59
C ILE G 128 69.05 -46.62 -15.31
N ASP G 129 69.70 -47.75 -14.97
CA ASP G 129 70.50 -47.87 -13.75
C ASP G 129 72.00 -47.91 -13.98
N ALA G 130 72.46 -48.06 -15.23
CA ALA G 130 73.88 -48.12 -15.58
C ALA G 130 74.73 -47.09 -14.84
N GLU G 131 75.76 -47.57 -14.15
CA GLU G 131 76.68 -46.72 -13.38
C GLU G 131 77.93 -46.47 -14.21
N VAL G 132 78.02 -45.25 -14.76
CA VAL G 132 79.14 -44.79 -15.58
C VAL G 132 79.46 -43.37 -15.08
N GLU G 133 80.44 -42.71 -15.69
CA GLU G 133 80.80 -41.35 -15.34
C GLU G 133 81.01 -40.56 -16.62
N GLY G 134 81.27 -39.27 -16.48
CA GLY G 134 81.50 -38.39 -17.61
C GLY G 134 81.09 -36.97 -17.27
N ASP G 135 81.08 -36.12 -18.30
CA ASP G 135 80.73 -34.71 -18.19
C ASP G 135 79.37 -34.36 -18.78
N THR G 136 78.65 -35.33 -19.34
CA THR G 136 77.35 -35.09 -19.96
C THR G 136 76.25 -35.43 -18.97
N HIS G 137 75.48 -34.42 -18.55
CA HIS G 137 74.40 -34.61 -17.60
C HIS G 137 73.19 -33.79 -18.02
N PHE G 138 72.01 -34.20 -17.50
CA PHE G 138 70.68 -33.65 -17.71
C PHE G 138 70.27 -32.78 -16.52
N PRO G 139 69.36 -31.79 -16.68
CA PRO G 139 68.96 -31.01 -15.50
C PRO G 139 68.09 -31.83 -14.56
N ASP G 140 67.63 -31.23 -13.47
CA ASP G 140 66.79 -31.97 -12.53
C ASP G 140 65.34 -31.95 -13.03
N TYR G 141 64.52 -32.81 -12.41
CA TYR G 141 63.11 -32.95 -12.78
C TYR G 141 62.24 -32.71 -11.55
N GLU G 142 61.25 -31.83 -11.70
CA GLU G 142 60.30 -31.49 -10.66
C GLU G 142 59.68 -32.77 -10.08
N PRO G 143 59.94 -33.12 -8.80
CA PRO G 143 59.37 -34.37 -8.26
C PRO G 143 57.85 -34.40 -8.21
N ASP G 144 57.18 -33.24 -8.11
CA ASP G 144 55.73 -33.17 -7.95
C ASP G 144 55.01 -32.71 -9.22
N ASP G 145 55.55 -31.73 -9.95
CA ASP G 145 54.88 -31.26 -11.17
C ASP G 145 54.75 -32.39 -12.18
N TRP G 146 55.83 -33.14 -12.40
CA TRP G 146 55.85 -34.23 -13.36
C TRP G 146 55.26 -35.48 -12.72
N GLU G 147 54.00 -35.76 -13.04
CA GLU G 147 53.24 -36.89 -12.52
C GLU G 147 53.25 -38.03 -13.54
N SER G 148 53.65 -39.22 -13.10
CA SER G 148 53.72 -40.38 -13.98
C SER G 148 52.31 -40.95 -14.17
N VAL G 149 51.89 -41.04 -15.44
CA VAL G 149 50.56 -41.51 -15.81
C VAL G 149 50.59 -42.96 -16.29
N PHE G 150 51.69 -43.38 -16.91
CA PHE G 150 51.84 -44.71 -17.49
C PHE G 150 52.86 -45.51 -16.71
N SER G 151 52.58 -46.81 -16.53
CA SER G 151 53.43 -47.71 -15.77
C SER G 151 53.64 -49.02 -16.54
N GLU G 152 54.89 -49.29 -16.90
CA GLU G 152 55.28 -50.50 -17.61
C GLU G 152 56.61 -50.97 -17.05
N PHE G 153 56.63 -52.14 -16.41
CA PHE G 153 57.84 -52.64 -15.77
C PHE G 153 58.66 -53.49 -16.75
N HIS G 154 59.94 -53.16 -16.85
CA HIS G 154 60.92 -53.79 -17.73
C HIS G 154 62.15 -54.23 -16.94
N ASP G 155 61.90 -54.87 -15.79
CA ASP G 155 62.95 -55.34 -14.89
C ASP G 155 64.12 -56.00 -15.63
N ALA G 156 65.33 -55.64 -15.22
CA ALA G 156 66.59 -56.09 -15.82
C ALA G 156 66.60 -57.57 -16.13
N ASP G 157 66.89 -57.88 -17.40
CA ASP G 157 66.98 -59.24 -17.91
C ASP G 157 68.43 -59.64 -18.07
N ALA G 158 68.66 -60.89 -18.49
CA ALA G 158 70.02 -61.38 -18.70
C ALA G 158 70.74 -60.56 -19.76
N GLN G 159 70.15 -60.43 -20.94
CA GLN G 159 70.77 -59.65 -22.01
C GLN G 159 70.76 -58.16 -21.67
N ASN G 160 69.66 -57.68 -21.10
CA ASN G 160 69.49 -56.28 -20.72
C ASN G 160 70.12 -56.10 -19.35
N SER G 161 71.43 -55.78 -19.35
CA SER G 161 72.24 -55.61 -18.16
C SER G 161 71.55 -54.83 -17.04
N HIS G 162 71.08 -53.62 -17.34
CA HIS G 162 70.39 -52.78 -16.37
C HIS G 162 68.94 -52.60 -16.80
N SER G 163 68.16 -51.98 -15.92
CA SER G 163 66.75 -51.79 -16.21
C SER G 163 66.53 -50.77 -17.31
N TYR G 164 65.40 -50.90 -17.99
CA TYR G 164 64.97 -50.00 -19.06
C TYR G 164 63.50 -49.68 -18.90
N CYS G 165 63.07 -49.42 -17.67
CA CYS G 165 61.66 -49.16 -17.39
C CYS G 165 61.14 -47.91 -18.07
N PHE G 166 60.25 -48.11 -19.04
CA PHE G 166 59.63 -47.02 -19.79
C PHE G 166 58.50 -46.38 -18.99
N GLU G 167 58.52 -45.05 -18.90
CA GLU G 167 57.47 -44.31 -18.21
C GLU G 167 57.09 -43.09 -19.04
N ILE G 168 55.94 -42.52 -18.70
CA ILE G 168 55.43 -41.30 -19.33
C ILE G 168 55.06 -40.36 -18.19
N LEU G 169 55.39 -39.08 -18.34
CA LEU G 169 55.10 -38.07 -17.34
C LEU G 169 54.41 -36.89 -18.01
N GLU G 170 53.88 -36.00 -17.19
CA GLU G 170 53.19 -34.79 -17.64
C GLU G 170 52.93 -33.93 -16.42
N ARG G 171 52.51 -32.69 -16.65
CA ARG G 171 52.20 -31.75 -15.59
C ARG G 171 50.83 -31.14 -15.80
N ARG G 172 50.15 -30.84 -14.69
CA ARG G 172 48.82 -30.24 -14.73
C ARG G 172 48.68 -29.29 -13.55
N GLY G 173 47.80 -28.29 -13.73
CA GLY G 173 47.52 -27.34 -12.67
C GLY G 173 46.11 -26.82 -12.80
N SER G 174 45.57 -26.35 -11.68
CA SER G 174 44.21 -25.83 -11.61
C SER G 174 44.21 -24.33 -11.32
N HIS G 175 43.21 -23.66 -11.88
CA HIS G 175 42.99 -22.24 -11.67
C HIS G 175 41.54 -22.01 -11.31
N LEU G 176 41.28 -21.02 -10.46
CA LEU G 176 39.93 -20.69 -10.07
C LEU G 176 39.34 -19.69 -11.07
N GLY G 177 38.01 -19.53 -11.02
CA GLY G 177 37.32 -18.64 -11.92
C GLY G 177 36.58 -17.51 -11.22
N LEU G 178 36.23 -17.71 -9.96
CA LEU G 178 35.52 -16.72 -9.13
C LEU G 178 34.33 -16.11 -9.89
N ILE G 179 33.39 -16.98 -10.26
CA ILE G 179 32.23 -16.51 -11.01
C ILE G 179 31.34 -15.66 -10.11
N GLU G 180 30.64 -14.70 -10.72
CA GLU G 180 29.75 -13.79 -10.02
C GLU G 180 28.39 -13.79 -10.71
N VAL G 181 27.33 -13.85 -9.90
CA VAL G 181 25.92 -13.86 -10.34
C VAL G 181 25.68 -14.71 -11.58
N LEU H 1 -6.69 11.49 -11.23
CA LEU H 1 -7.10 12.88 -11.05
C LEU H 1 -5.94 13.82 -11.32
N VAL H 2 -4.90 13.72 -10.49
CA VAL H 2 -3.72 14.56 -10.63
C VAL H 2 -2.88 14.02 -11.79
N PRO H 3 -2.60 14.79 -12.84
CA PRO H 3 -1.80 14.23 -13.93
C PRO H 3 -0.36 14.00 -13.52
N MET H 4 0.29 13.06 -14.21
CA MET H 4 1.68 12.70 -13.99
C MET H 4 2.49 13.09 -15.21
N VAL H 5 3.71 13.59 -14.98
CA VAL H 5 4.61 14.00 -16.04
C VAL H 5 5.95 13.31 -15.84
N ILE H 6 6.82 13.43 -16.84
CA ILE H 6 8.14 12.84 -16.83
C ILE H 6 9.17 13.94 -17.09
N GLU H 7 10.34 13.78 -16.49
CA GLU H 7 11.46 14.72 -16.62
C GLU H 7 12.63 13.97 -17.24
N GLN H 8 12.82 14.15 -18.55
CA GLN H 8 13.91 13.49 -19.26
C GLN H 8 15.26 13.90 -18.68
N THR H 9 16.03 12.90 -18.24
CA THR H 9 17.36 13.10 -17.68
C THR H 9 18.36 12.28 -18.48
N SER H 10 19.63 12.67 -18.38
CA SER H 10 20.70 11.98 -19.09
C SER H 10 20.74 10.50 -18.73
N ARG H 11 20.70 10.19 -17.43
CA ARG H 11 20.74 8.80 -17.00
C ARG H 11 19.49 8.04 -17.42
N GLY H 12 18.34 8.69 -17.38
CA GLY H 12 17.08 8.06 -17.75
C GLY H 12 15.94 9.01 -17.49
N GLU H 13 14.85 8.53 -16.88
CA GLU H 13 13.73 9.41 -16.60
C GLU H 13 12.90 8.85 -15.45
N ARG H 14 12.38 9.75 -14.62
CA ARG H 14 11.53 9.43 -13.49
C ARG H 14 10.24 10.24 -13.63
N SER H 15 9.15 9.71 -13.10
CA SER H 15 7.86 10.37 -13.19
C SER H 15 7.58 11.17 -11.94
N PHE H 16 6.99 12.35 -12.15
CA PHE H 16 6.65 13.29 -11.08
C PHE H 16 5.24 13.81 -11.31
N ASP H 17 4.61 14.25 -10.23
CA ASP H 17 3.30 14.85 -10.34
C ASP H 17 3.45 16.27 -10.88
N ILE H 18 2.36 16.82 -11.41
CA ILE H 18 2.41 18.14 -12.02
C ILE H 18 2.84 19.21 -11.01
N TYR H 19 2.37 19.10 -9.76
CA TYR H 19 2.75 20.11 -8.78
C TYR H 19 4.20 19.96 -8.36
N SER H 20 4.66 18.72 -8.16
CA SER H 20 6.06 18.53 -7.77
C SER H 20 7.01 18.87 -8.90
N ARG H 21 6.56 18.73 -10.15
CA ARG H 21 7.43 19.06 -11.28
C ARG H 21 7.81 20.53 -11.28
N LEU H 22 6.82 21.40 -11.04
CA LEU H 22 7.09 22.83 -11.03
C LEU H 22 7.90 23.22 -9.79
N LEU H 23 7.75 22.48 -8.69
CA LEU H 23 8.52 22.78 -7.48
C LEU H 23 10.01 22.71 -7.76
N LYS H 24 10.42 21.78 -8.62
CA LYS H 24 11.84 21.67 -8.98
C LYS H 24 12.36 22.96 -9.58
N GLU H 25 11.51 23.68 -10.32
CA GLU H 25 11.87 24.94 -10.96
C GLU H 25 11.69 26.14 -10.04
N ARG H 26 11.62 25.93 -8.73
CA ARG H 26 11.45 27.01 -7.76
C ARG H 26 10.12 27.74 -7.97
N VAL H 27 9.04 26.96 -8.03
CA VAL H 27 7.69 27.48 -8.23
C VAL H 27 6.78 26.81 -7.22
N ILE H 28 6.07 27.62 -6.43
CA ILE H 28 5.14 27.15 -5.41
C ILE H 28 3.75 27.66 -5.73
N PHE H 29 2.74 26.80 -5.56
CA PHE H 29 1.35 27.14 -5.79
C PHE H 29 0.63 27.32 -4.46
N LEU H 30 -0.09 28.42 -4.32
CA LEU H 30 -0.90 28.71 -3.13
C LEU H 30 -2.34 28.83 -3.59
N THR H 31 -3.09 27.73 -3.50
CA THR H 31 -4.48 27.67 -3.91
C THR H 31 -5.42 27.46 -2.73
N GLY H 32 -6.60 28.08 -2.82
CA GLY H 32 -7.63 27.94 -1.81
C GLY H 32 -7.40 28.77 -0.56
N GLN H 33 -8.32 28.61 0.39
CA GLN H 33 -8.24 29.30 1.66
C GLN H 33 -6.93 29.00 2.36
N VAL H 34 -6.41 29.98 3.10
CA VAL H 34 -5.17 29.84 3.83
C VAL H 34 -5.48 29.20 5.19
N GLU H 35 -4.72 28.17 5.55
CA GLU H 35 -4.90 27.49 6.83
C GLU H 35 -3.55 27.00 7.32
N ASP H 36 -3.54 26.44 8.52
CA ASP H 36 -2.32 25.95 9.15
C ASP H 36 -1.69 24.82 8.35
N HIS H 37 -2.50 23.88 7.86
CA HIS H 37 -1.96 22.72 7.17
C HIS H 37 -1.20 23.10 5.91
N MET H 38 -1.82 23.90 5.03
CA MET H 38 -1.12 24.28 3.80
C MET H 38 0.01 25.26 4.08
N ALA H 39 -0.10 26.07 5.13
CA ALA H 39 0.94 27.05 5.41
C ALA H 39 2.25 26.36 5.78
N ASN H 40 2.20 25.37 6.67
CA ASN H 40 3.40 24.64 7.03
C ASN H 40 3.98 23.90 5.83
N LEU H 41 3.10 23.43 4.95
CA LEU H 41 3.56 22.73 3.74
C LEU H 41 4.30 23.68 2.81
N ILE H 42 3.78 24.91 2.66
CA ILE H 42 4.42 25.89 1.79
C ILE H 42 5.73 26.37 2.38
N VAL H 43 5.78 26.52 3.72
CA VAL H 43 7.01 26.97 4.36
C VAL H 43 8.13 25.96 4.10
N ALA H 44 7.80 24.67 4.12
CA ALA H 44 8.80 23.64 3.82
C ALA H 44 9.33 23.81 2.41
N GLN H 45 8.44 24.11 1.46
CA GLN H 45 8.86 24.33 0.08
C GLN H 45 9.80 25.51 -0.02
N MET H 46 9.50 26.60 0.69
CA MET H 46 10.37 27.77 0.66
C MET H 46 11.71 27.47 1.31
N LEU H 47 11.68 26.80 2.47
CA LEU H 47 12.92 26.46 3.15
C LEU H 47 13.73 25.45 2.35
N PHE H 48 13.06 24.46 1.77
CA PHE H 48 13.75 23.45 0.97
C PHE H 48 14.44 24.07 -0.25
N LEU H 49 13.79 25.04 -0.89
CA LEU H 49 14.35 25.63 -2.09
C LEU H 49 15.61 26.44 -1.80
N GLU H 50 15.65 27.18 -0.69
CA GLU H 50 16.84 27.96 -0.39
C GLU H 50 18.05 27.07 -0.12
N ALA H 51 17.82 25.84 0.34
CA ALA H 51 18.93 24.93 0.61
C ALA H 51 19.55 24.43 -0.69
N GLU H 52 18.71 24.12 -1.68
CA GLU H 52 19.22 23.64 -2.97
C GLU H 52 19.94 24.76 -3.70
N ASN H 53 19.42 25.99 -3.63
CA ASN H 53 20.04 27.13 -4.31
C ASN H 53 19.67 28.39 -3.52
N PRO H 54 20.53 28.83 -2.60
CA PRO H 54 20.20 30.05 -1.83
C PRO H 54 20.27 31.35 -2.62
N GLU H 55 20.57 31.33 -3.92
CA GLU H 55 20.68 32.54 -4.72
C GLU H 55 19.64 32.66 -5.83
N LYS H 56 19.10 31.56 -6.33
CA LYS H 56 18.11 31.66 -7.39
C LYS H 56 16.78 32.17 -6.84
N ASP H 57 15.99 32.78 -7.71
CA ASP H 57 14.70 33.32 -7.33
C ASP H 57 13.68 32.20 -7.15
N ILE H 58 12.59 32.54 -6.47
CA ILE H 58 11.48 31.63 -6.21
C ILE H 58 10.20 32.30 -6.71
N TYR H 59 9.37 31.54 -7.41
CA TYR H 59 8.11 32.04 -7.94
C TYR H 59 6.97 31.54 -7.06
N LEU H 60 6.09 32.46 -6.66
CA LEU H 60 4.94 32.14 -5.81
C LEU H 60 3.67 32.62 -6.48
N TYR H 61 2.88 31.69 -7.00
CA TYR H 61 1.60 32.02 -7.62
C TYR H 61 0.54 31.93 -6.53
N ILE H 62 -0.19 33.02 -6.31
CA ILE H 62 -1.20 33.09 -5.27
C ILE H 62 -2.58 33.30 -5.88
N ASN H 63 -3.53 32.47 -5.46
CA ASN H 63 -4.93 32.58 -5.86
C ASN H 63 -5.71 32.06 -4.67
N SER H 64 -6.23 32.97 -3.85
CA SER H 64 -6.92 32.55 -2.64
C SER H 64 -7.88 33.62 -2.14
N PRO H 65 -9.16 33.27 -1.74
CA PRO H 65 -10.09 34.27 -1.21
C PRO H 65 -9.87 34.56 0.27
N GLY H 66 -8.62 34.81 0.64
CA GLY H 66 -8.25 35.08 2.02
C GLY H 66 -8.13 33.83 2.86
N GLY H 67 -8.03 34.05 4.17
CA GLY H 67 -7.89 32.94 5.09
C GLY H 67 -7.47 33.42 6.47
N VAL H 68 -6.82 32.51 7.21
CA VAL H 68 -6.38 32.83 8.56
C VAL H 68 -5.19 33.78 8.52
N ILE H 69 -5.14 34.70 9.47
CA ILE H 69 -4.06 35.69 9.54
C ILE H 69 -2.80 35.06 10.10
N THR H 70 -2.92 34.31 11.20
CA THR H 70 -1.75 33.68 11.82
C THR H 70 -1.00 32.79 10.84
N ALA H 71 -1.73 32.01 10.05
CA ALA H 71 -1.10 31.15 9.05
C ALA H 71 -0.36 32.00 8.02
N GLY H 72 -0.95 33.13 7.64
CA GLY H 72 -0.32 34.01 6.66
C GLY H 72 0.99 34.58 7.14
N MET H 73 1.02 35.07 8.39
CA MET H 73 2.24 35.66 8.94
C MET H 73 3.41 34.68 8.91
N SER H 74 3.13 33.38 9.04
CA SER H 74 4.20 32.39 8.99
C SER H 74 4.88 32.40 7.63
N ILE H 75 4.10 32.58 6.56
CA ILE H 75 4.65 32.60 5.20
C ILE H 75 5.39 33.91 4.96
N TYR H 76 4.79 35.04 5.34
CA TYR H 76 5.42 36.34 5.13
C TYR H 76 6.79 36.41 5.81
N ASP H 77 6.86 35.95 7.06
CA ASP H 77 8.14 35.94 7.78
C ASP H 77 9.17 35.10 7.04
N THR H 78 8.73 33.98 6.47
CA THR H 78 9.64 33.09 5.74
C THR H 78 10.24 33.79 4.52
N MET H 79 9.42 34.56 3.80
CA MET H 79 9.91 35.21 2.59
C MET H 79 10.89 36.33 2.92
N GLN H 80 10.56 37.15 3.93
CA GLN H 80 11.46 38.23 4.32
C GLN H 80 12.70 37.73 5.05
N PHE H 81 12.66 36.50 5.58
CA PHE H 81 13.78 35.97 6.33
C PHE H 81 14.85 35.36 5.43
N ILE H 82 14.46 34.42 4.57
CA ILE H 82 15.45 33.73 3.74
C ILE H 82 16.19 34.69 2.82
N LYS H 83 17.39 34.26 2.41
CA LYS H 83 18.23 35.06 1.51
C LYS H 83 17.65 35.25 0.12
N PRO H 84 17.22 34.20 -0.60
CA PRO H 84 16.73 34.43 -1.97
C PRO H 84 15.47 35.26 -2.07
N ASP H 85 15.40 36.03 -3.15
CA ASP H 85 14.25 36.88 -3.45
C ASP H 85 13.11 36.02 -3.98
N VAL H 86 11.90 36.33 -3.55
CA VAL H 86 10.70 35.57 -3.94
C VAL H 86 9.82 36.45 -4.81
N SER H 87 9.43 35.92 -5.96
CA SER H 87 8.56 36.59 -6.91
C SER H 87 7.11 36.23 -6.61
N THR H 88 6.25 37.24 -6.57
CA THR H 88 4.83 37.06 -6.28
C THR H 88 4.01 37.41 -7.52
N ILE H 89 3.07 36.54 -7.86
CA ILE H 89 2.21 36.71 -9.02
C ILE H 89 0.76 36.48 -8.59
N CYS H 90 -0.12 37.42 -8.93
CA CYS H 90 -1.53 37.33 -8.61
C CYS H 90 -2.26 36.79 -9.83
N MET H 91 -3.01 35.70 -9.63
CA MET H 91 -3.74 35.03 -10.70
C MET H 91 -5.22 34.91 -10.35
N GLY H 92 -6.04 35.77 -10.94
CA GLY H 92 -7.48 35.72 -10.73
C GLY H 92 -8.03 36.45 -9.52
N GLN H 93 -7.68 36.00 -8.32
CA GLN H 93 -8.20 36.59 -7.10
C GLN H 93 -7.10 36.73 -6.04
N ALA H 94 -7.24 37.78 -5.24
CA ALA H 94 -6.31 38.07 -4.15
C ALA H 94 -7.06 38.88 -3.11
N ALA H 95 -7.24 38.30 -1.93
CA ALA H 95 -7.96 38.93 -0.83
C ALA H 95 -6.96 39.62 0.10
N SER H 96 -7.46 40.11 1.24
CA SER H 96 -6.66 40.79 2.26
C SER H 96 -5.32 40.10 2.50
N MET H 97 -5.37 38.81 2.87
CA MET H 97 -4.12 38.09 3.12
C MET H 97 -3.43 37.75 1.81
N GLY H 98 -4.19 37.50 0.75
CA GLY H 98 -3.57 37.22 -0.54
C GLY H 98 -2.83 38.43 -1.07
N ALA H 99 -3.40 39.62 -0.88
CA ALA H 99 -2.75 40.85 -1.33
C ALA H 99 -1.54 41.18 -0.48
N PHE H 100 -1.60 40.87 0.83
CA PHE H 100 -0.45 41.14 1.69
C PHE H 100 0.74 40.29 1.27
N LEU H 101 0.49 39.06 0.82
CA LEU H 101 1.56 38.21 0.35
C LEU H 101 2.02 38.61 -1.05
N LEU H 102 1.20 39.35 -1.79
CA LEU H 102 1.58 39.79 -3.13
C LEU H 102 2.59 40.92 -3.07
N THR H 103 2.32 41.93 -2.23
CA THR H 103 3.23 43.05 -2.08
C THR H 103 4.44 42.71 -1.22
N ALA H 104 4.43 41.57 -0.53
CA ALA H 104 5.56 41.18 0.30
C ALA H 104 6.72 40.62 -0.50
N GLY H 105 6.63 40.56 -1.83
CA GLY H 105 7.70 40.05 -2.63
C GLY H 105 8.87 41.02 -2.72
N ALA H 106 9.93 40.56 -3.36
CA ALA H 106 11.11 41.39 -3.54
C ALA H 106 10.80 42.56 -4.45
N LYS H 107 11.55 43.65 -4.28
CA LYS H 107 11.37 44.83 -5.10
C LYS H 107 11.67 44.50 -6.56
N GLY H 108 10.84 45.04 -7.46
CA GLY H 108 11.03 44.78 -8.86
C GLY H 108 10.71 43.37 -9.31
N LYS H 109 10.08 42.55 -8.46
CA LYS H 109 9.73 41.18 -8.78
C LYS H 109 8.31 40.85 -8.36
N ARG H 110 7.45 41.87 -8.28
CA ARG H 110 6.04 41.72 -7.90
C ARG H 110 5.22 41.93 -9.17
N PHE H 111 4.70 40.84 -9.72
CA PHE H 111 3.93 40.85 -10.95
C PHE H 111 2.47 40.49 -10.70
N CYS H 112 1.66 40.68 -11.73
CA CYS H 112 0.23 40.39 -11.71
C CYS H 112 -0.30 40.48 -13.13
N LEU H 113 -1.23 39.60 -13.47
CA LEU H 113 -1.77 39.57 -14.82
C LEU H 113 -2.78 40.72 -15.02
N PRO H 114 -3.01 41.13 -16.28
CA PRO H 114 -3.95 42.24 -16.51
C PRO H 114 -5.35 42.00 -15.97
N ASN H 115 -5.91 40.81 -16.17
CA ASN H 115 -7.25 40.47 -15.70
C ASN H 115 -7.12 39.75 -14.37
N SER H 116 -6.87 40.54 -13.32
CA SER H 116 -6.73 40.03 -11.96
C SER H 116 -7.36 41.03 -11.02
N ARG H 117 -8.00 40.52 -9.97
CA ARG H 117 -8.67 41.35 -8.97
C ARG H 117 -7.95 41.24 -7.64
N VAL H 118 -7.81 42.36 -6.96
CA VAL H 118 -7.14 42.45 -5.68
C VAL H 118 -8.06 43.16 -4.70
N MET H 119 -8.25 42.58 -3.52
CA MET H 119 -9.09 43.15 -2.48
C MET H 119 -8.29 43.23 -1.19
N ILE H 120 -8.45 44.33 -0.47
CA ILE H 120 -7.79 44.56 0.80
C ILE H 120 -8.82 45.00 1.81
N HIS H 121 -8.74 44.46 3.03
CA HIS H 121 -9.66 44.83 4.10
C HIS H 121 -8.96 44.59 5.42
N GLN H 122 -9.54 45.16 6.48
CA GLN H 122 -8.98 45.00 7.80
C GLN H 122 -9.29 43.60 8.33
N PRO H 123 -8.48 43.08 9.26
CA PRO H 123 -8.75 41.74 9.79
C PRO H 123 -10.08 41.69 10.52
N LEU H 124 -10.72 40.53 10.47
CA LEU H 124 -12.01 40.31 11.10
C LEU H 124 -11.96 39.06 11.98
N GLY H 125 -12.65 39.14 13.11
CA GLY H 125 -12.70 38.05 14.06
C GLY H 125 -13.85 38.24 15.01
N GLY H 126 -13.83 37.45 16.08
CA GLY H 126 -14.86 37.55 17.10
C GLY H 126 -14.55 36.69 18.29
N TYR H 127 -15.26 36.96 19.38
CA TYR H 127 -15.07 36.22 20.62
C TYR H 127 -16.34 36.34 21.45
N GLN H 128 -16.82 35.22 21.98
CA GLN H 128 -18.01 35.17 22.82
C GLN H 128 -17.57 34.77 24.22
N GLY H 129 -18.05 35.50 25.21
CA GLY H 129 -17.68 35.23 26.59
C GLY H 129 -17.91 36.45 27.46
N GLN H 130 -17.18 36.50 28.57
CA GLN H 130 -17.27 37.62 29.48
C GLN H 130 -16.73 38.89 28.83
N ALA H 131 -17.14 40.04 29.37
CA ALA H 131 -16.73 41.32 28.82
C ALA H 131 -15.22 41.51 28.91
N THR H 132 -14.62 41.10 30.03
CA THR H 132 -13.18 41.26 30.19
C THR H 132 -12.41 40.47 29.13
N ASP H 133 -12.85 39.23 28.85
CA ASP H 133 -12.17 38.43 27.83
C ASP H 133 -12.33 39.06 26.45
N ILE H 134 -13.50 39.60 26.15
CA ILE H 134 -13.73 40.25 24.87
C ILE H 134 -12.79 41.44 24.70
N GLU H 135 -12.60 42.20 25.78
CA GLU H 135 -11.71 43.36 25.72
C GLU H 135 -10.29 42.95 25.38
N ILE H 136 -9.82 41.85 25.97
CA ILE H 136 -8.46 41.38 25.70
C ILE H 136 -8.29 41.05 24.22
N HIS H 137 -9.27 40.37 23.64
CA HIS H 137 -9.18 40.02 22.22
C HIS H 137 -9.29 41.25 21.34
N ALA H 138 -10.09 42.24 21.74
CA ALA H 138 -10.23 43.45 20.95
C ALA H 138 -8.92 44.22 20.87
N ARG H 139 -8.16 44.24 21.97
CA ARG H 139 -6.88 44.94 21.95
C ARG H 139 -5.89 44.24 21.04
N GLU H 140 -5.85 42.90 21.07
CA GLU H 140 -4.90 42.15 20.25
C GLU H 140 -5.17 42.34 18.77
N ILE H 141 -6.43 42.16 18.34
CA ILE H 141 -6.76 42.30 16.93
C ILE H 141 -6.41 43.71 16.43
N LEU H 142 -6.54 44.71 17.30
CA LEU H 142 -6.17 46.07 16.91
C LEU H 142 -4.68 46.12 16.56
N LYS H 143 -3.85 45.45 17.34
CA LYS H 143 -2.42 45.40 17.05
C LYS H 143 -2.18 44.71 15.71
N VAL H 144 -2.94 43.65 15.43
CA VAL H 144 -2.80 42.92 14.17
C VAL H 144 -3.14 43.85 13.00
N LYS H 145 -4.26 44.57 13.12
CA LYS H 145 -4.67 45.49 12.07
C LYS H 145 -3.61 46.57 11.87
N GLY H 146 -3.16 47.20 12.96
CA GLY H 146 -2.15 48.24 12.85
C GLY H 146 -0.83 47.70 12.35
N ARG H 147 -0.39 46.57 12.89
CA ARG H 147 0.86 45.95 12.46
C ARG H 147 0.82 45.63 10.97
N MET H 148 -0.29 45.03 10.51
CA MET H 148 -0.42 44.68 9.10
C MET H 148 -0.34 45.91 8.21
N ASN H 149 -0.99 47.01 8.62
CA ASN H 149 -0.95 48.22 7.79
C ASN H 149 0.47 48.79 7.71
N GLU H 150 1.22 48.72 8.82
CA GLU H 150 2.58 49.23 8.81
C GLU H 150 3.44 48.48 7.80
N LEU H 151 3.29 47.15 7.74
CA LEU H 151 4.07 46.36 6.80
C LEU H 151 3.67 46.64 5.36
N MET H 152 2.37 46.84 5.11
CA MET H 152 1.92 47.14 3.76
C MET H 152 2.50 48.45 3.26
N ALA H 153 2.55 49.45 4.13
CA ALA H 153 3.11 50.75 3.75
C ALA H 153 4.60 50.64 3.45
N LEU H 154 5.30 49.71 4.12
CA LEU H 154 6.73 49.56 3.90
C LEU H 154 7.03 49.07 2.49
N HIS H 155 6.33 48.02 2.05
CA HIS H 155 6.58 47.48 0.71
C HIS H 155 5.98 48.36 -0.38
N THR H 156 4.74 48.84 -0.17
CA THR H 156 4.10 49.68 -1.19
C THR H 156 4.75 51.05 -1.26
N GLY H 157 5.07 51.64 -0.11
CA GLY H 157 5.65 52.96 -0.02
C GLY H 157 4.67 54.06 0.34
N GLN H 158 3.38 53.73 0.44
CA GLN H 158 2.36 54.70 0.79
C GLN H 158 2.43 55.03 2.28
N SER H 159 1.73 56.09 2.66
CA SER H 159 1.71 56.52 4.05
C SER H 159 0.80 55.60 4.87
N LEU H 160 1.09 55.55 6.17
CA LEU H 160 0.31 54.70 7.08
C LEU H 160 -1.15 55.16 7.15
N GLU H 161 -1.37 56.48 7.16
CA GLU H 161 -2.74 56.98 7.26
C GLU H 161 -3.53 56.66 6.00
N GLN H 162 -2.91 56.80 4.82
CA GLN H 162 -3.61 56.48 3.58
C GLN H 162 -4.00 55.02 3.53
N ILE H 163 -3.11 54.13 4.00
CA ILE H 163 -3.41 52.71 4.03
C ILE H 163 -4.62 52.43 4.91
N GLU H 164 -4.68 53.08 6.08
CA GLU H 164 -5.78 52.89 7.02
C GLU H 164 -7.11 53.27 6.41
N ARG H 165 -7.18 54.41 5.71
CA ARG H 165 -8.44 54.85 5.13
C ARG H 165 -8.82 54.00 3.93
N ASP H 166 -7.85 53.51 3.17
CA ASP H 166 -8.17 52.68 2.01
C ASP H 166 -8.64 51.29 2.43
N THR H 167 -7.98 50.69 3.41
CA THR H 167 -8.34 49.35 3.89
C THR H 167 -9.41 49.36 4.96
N GLU H 168 -9.95 50.52 5.34
CA GLU H 168 -11.00 50.55 6.35
C GLU H 168 -12.20 49.72 5.93
N ARG H 169 -12.49 49.67 4.64
CA ARG H 169 -13.59 48.91 4.07
C ARG H 169 -13.05 48.15 2.87
N ASP H 170 -13.87 47.25 2.32
CA ASP H 170 -13.46 46.48 1.15
C ASP H 170 -13.09 47.43 0.02
N ARG H 171 -11.92 47.20 -0.58
CA ARG H 171 -11.41 48.02 -1.68
C ARG H 171 -10.95 47.10 -2.79
N PHE H 172 -11.69 47.08 -3.90
CA PHE H 172 -11.36 46.25 -5.04
C PHE H 172 -10.50 47.05 -6.01
N LEU H 173 -9.39 46.45 -6.43
CA LEU H 173 -8.44 47.10 -7.32
C LEU H 173 -8.02 46.14 -8.43
N SER H 174 -7.79 46.72 -9.61
CA SER H 174 -7.38 45.97 -10.78
C SER H 174 -5.86 46.00 -10.90
N ALA H 175 -5.33 45.33 -11.93
CA ALA H 175 -3.89 45.29 -12.12
C ALA H 175 -3.26 46.68 -12.28
N PRO H 176 -3.73 47.54 -13.19
CA PRO H 176 -3.09 48.87 -13.28
C PRO H 176 -3.24 49.70 -12.03
N GLU H 177 -4.39 49.61 -11.36
CA GLU H 177 -4.58 50.36 -10.12
C GLU H 177 -3.62 49.89 -9.04
N ALA H 178 -3.28 48.60 -9.04
CA ALA H 178 -2.35 48.06 -8.04
C ALA H 178 -0.97 48.69 -8.16
N VAL H 179 -0.54 49.00 -9.38
CA VAL H 179 0.79 49.57 -9.58
C VAL H 179 0.91 50.94 -8.91
N GLU H 180 -0.14 51.76 -9.03
CA GLU H 180 -0.09 53.10 -8.43
C GLU H 180 0.06 53.02 -6.92
N TYR H 181 -0.63 52.07 -6.27
CA TYR H 181 -0.50 51.94 -4.82
C TYR H 181 0.90 51.51 -4.42
N GLY H 182 1.48 50.57 -5.16
CA GLY H 182 2.80 50.04 -4.90
C GLY H 182 2.78 48.55 -4.60
N LEU H 183 1.60 47.92 -4.77
CA LEU H 183 1.47 46.50 -4.50
C LEU H 183 2.35 45.67 -5.45
N VAL H 184 2.40 46.06 -6.72
CA VAL H 184 3.15 45.36 -7.74
C VAL H 184 4.08 46.33 -8.44
N ASP H 185 4.98 45.77 -9.26
CA ASP H 185 5.99 46.52 -9.99
C ASP H 185 5.85 46.43 -11.50
N SER H 186 5.16 45.41 -12.02
CA SER H 186 5.01 45.25 -13.46
C SER H 186 3.83 44.31 -13.70
N ILE H 187 3.43 44.22 -14.98
CA ILE H 187 2.30 43.41 -15.40
C ILE H 187 2.73 42.57 -16.59
N LEU H 188 2.37 41.28 -16.55
CA LEU H 188 2.72 40.32 -17.59
C LEU H 188 1.51 40.12 -18.51
N THR H 189 1.69 40.44 -19.79
CA THR H 189 0.65 40.30 -20.80
C THR H 189 1.05 39.30 -21.88
N HIS H 190 2.27 39.39 -22.39
CA HIS H 190 2.77 38.49 -23.41
C HIS H 190 4.26 38.25 -23.16
N ARG H 191 4.74 37.09 -23.58
CA ARG H 191 6.15 36.76 -23.39
C ARG H 191 7.02 37.64 -24.26
N ASN H 192 8.05 38.23 -23.66
CA ASN H 192 8.99 39.11 -24.37
C ASN H 192 8.26 40.29 -25.01
N LEU I 1 -13.38 4.29 -11.99
CA LEU I 1 -11.97 4.50 -11.71
C LEU I 1 -11.22 4.84 -12.99
N VAL I 2 -10.15 5.62 -12.86
CA VAL I 2 -9.36 6.02 -14.02
C VAL I 2 -8.48 4.84 -14.45
N PRO I 3 -8.54 4.40 -15.70
CA PRO I 3 -7.68 3.27 -16.11
C PRO I 3 -6.29 3.72 -16.51
N MET I 4 -5.35 2.80 -16.35
CA MET I 4 -3.95 3.02 -16.68
C MET I 4 -3.65 2.45 -18.06
N VAL I 5 -2.65 3.03 -18.72
CA VAL I 5 -2.22 2.60 -20.04
C VAL I 5 -0.70 2.57 -20.06
N ILE I 6 -0.15 1.60 -20.79
CA ILE I 6 1.30 1.42 -20.90
C ILE I 6 1.80 2.04 -22.20
N GLU I 7 2.89 2.79 -22.10
CA GLU I 7 3.53 3.43 -23.25
C GLU I 7 4.86 2.73 -23.50
N GLN I 8 5.07 2.30 -24.75
CA GLN I 8 6.29 1.59 -25.10
C GLN I 8 7.33 2.57 -25.64
N THR I 9 8.52 2.53 -25.06
CA THR I 9 9.64 3.37 -25.44
C THR I 9 10.88 2.50 -25.55
N SER I 10 11.91 3.03 -26.22
CA SER I 10 13.16 2.30 -26.37
C SER I 10 13.76 1.91 -25.02
N ARG I 11 13.66 2.81 -24.04
CA ARG I 11 14.19 2.52 -22.71
C ARG I 11 13.44 1.38 -22.04
N GLY I 12 12.16 1.21 -22.33
CA GLY I 12 11.36 0.15 -21.74
C GLY I 12 9.88 0.40 -21.84
N GLU I 13 9.16 0.20 -20.73
CA GLU I 13 7.71 0.41 -20.72
C GLU I 13 7.26 0.83 -19.32
N ARG I 14 6.51 1.92 -19.26
CA ARG I 14 5.98 2.45 -18.00
C ARG I 14 4.48 2.62 -18.14
N SER I 15 3.77 2.47 -17.02
CA SER I 15 2.31 2.57 -16.99
C SER I 15 1.89 4.01 -16.69
N PHE I 16 1.24 4.63 -17.66
CA PHE I 16 0.76 6.00 -17.57
C PHE I 16 -0.74 6.03 -17.32
N ASP I 17 -1.21 7.19 -16.88
CA ASP I 17 -2.61 7.45 -16.61
C ASP I 17 -3.30 7.89 -17.89
N ILE I 18 -4.62 7.71 -17.95
CA ILE I 18 -5.36 8.06 -19.16
C ILE I 18 -5.28 9.56 -19.41
N TYR I 19 -5.41 10.38 -18.37
CA TYR I 19 -5.30 11.81 -18.58
C TYR I 19 -3.84 12.22 -18.76
N SER I 20 -2.94 11.57 -18.03
CA SER I 20 -1.51 11.87 -18.18
C SER I 20 -1.00 11.45 -19.55
N ARG I 21 -1.52 10.34 -20.08
CA ARG I 21 -1.08 9.86 -21.38
C ARG I 21 -1.42 10.88 -22.48
N LEU I 22 -2.63 11.42 -22.45
CA LEU I 22 -3.04 12.39 -23.44
C LEU I 22 -2.34 13.74 -23.25
N LEU I 23 -1.82 14.01 -22.06
CA LEU I 23 -1.11 15.26 -21.83
C LEU I 23 0.12 15.37 -22.74
N LYS I 24 0.76 14.24 -23.04
CA LYS I 24 1.91 14.26 -23.94
C LYS I 24 1.51 14.74 -25.32
N GLU I 25 0.28 14.45 -25.73
CA GLU I 25 -0.25 14.87 -27.02
C GLU I 25 -0.74 16.32 -27.02
N ARG I 26 -0.44 17.09 -25.97
CA ARG I 26 -0.87 18.48 -25.87
C ARG I 26 -2.39 18.58 -25.88
N VAL I 27 -3.03 17.76 -25.04
CA VAL I 27 -4.48 17.69 -24.90
C VAL I 27 -4.82 17.82 -23.42
N ILE I 28 -5.67 18.79 -23.08
CA ILE I 28 -6.10 19.04 -21.71
C ILE I 28 -7.62 19.01 -21.68
N PHE I 29 -8.17 18.47 -20.58
CA PHE I 29 -9.60 18.35 -20.37
C PHE I 29 -10.05 19.28 -19.24
N LEU I 30 -11.08 20.08 -19.51
CA LEU I 30 -11.67 21.00 -18.54
C LEU I 30 -13.07 20.46 -18.26
N THR I 31 -13.23 19.77 -17.13
CA THR I 31 -14.50 19.18 -16.74
C THR I 31 -14.93 19.68 -15.38
N GLY I 32 -16.26 19.72 -15.18
CA GLY I 32 -16.83 20.13 -13.91
C GLY I 32 -16.92 21.62 -13.73
N GLN I 33 -17.40 21.99 -12.54
CA GLN I 33 -17.53 23.40 -12.18
C GLN I 33 -16.14 24.03 -12.09
N VAL I 34 -16.03 25.27 -12.59
CA VAL I 34 -14.76 25.97 -12.55
C VAL I 34 -14.54 26.50 -11.15
N GLU I 35 -13.34 26.29 -10.62
CA GLU I 35 -13.01 26.72 -9.27
C GLU I 35 -11.51 26.94 -9.19
N ASP I 36 -11.08 27.52 -8.06
CA ASP I 36 -9.66 27.82 -7.87
C ASP I 36 -8.81 26.56 -7.86
N HIS I 37 -9.24 25.51 -7.16
CA HIS I 37 -8.45 24.29 -7.06
C HIS I 37 -8.24 23.64 -8.43
N MET I 38 -9.32 23.48 -9.21
CA MET I 38 -9.19 22.86 -10.52
C MET I 38 -8.56 23.80 -11.54
N ALA I 39 -8.74 25.11 -11.39
CA ALA I 39 -8.18 26.05 -12.35
C ALA I 39 -6.66 26.04 -12.32
N ASN I 40 -6.08 26.03 -11.12
CA ASN I 40 -4.61 26.01 -11.00
C ASN I 40 -4.02 24.76 -11.65
N LEU I 41 -4.74 23.64 -11.60
CA LEU I 41 -4.25 22.42 -12.22
C LEU I 41 -4.11 22.59 -13.73
N ILE I 42 -5.10 23.21 -14.36
CA ILE I 42 -5.06 23.43 -15.80
C ILE I 42 -3.98 24.44 -16.15
N VAL I 43 -3.79 25.47 -15.30
CA VAL I 43 -2.77 26.48 -15.55
C VAL I 43 -1.39 25.83 -15.58
N ALA I 44 -1.12 24.94 -14.61
CA ALA I 44 0.17 24.25 -14.57
C ALA I 44 0.37 23.41 -15.83
N GLN I 45 -0.70 22.81 -16.34
CA GLN I 45 -0.59 22.00 -17.54
C GLN I 45 -0.18 22.85 -18.74
N MET I 46 -0.78 24.04 -18.87
CA MET I 46 -0.44 24.92 -19.98
C MET I 46 1.02 25.35 -19.93
N LEU I 47 1.51 25.74 -18.75
CA LEU I 47 2.90 26.16 -18.62
C LEU I 47 3.85 25.02 -18.95
N PHE I 48 3.51 23.80 -18.51
CA PHE I 48 4.35 22.64 -18.80
C PHE I 48 4.51 22.43 -20.30
N LEU I 49 3.40 22.53 -21.04
CA LEU I 49 3.45 22.33 -22.49
C LEU I 49 4.31 23.40 -23.16
N GLU I 50 4.23 24.64 -22.68
CA GLU I 50 5.02 25.73 -23.26
C GLU I 50 6.51 25.42 -23.19
N ALA I 51 6.96 24.83 -22.08
CA ALA I 51 8.37 24.49 -21.94
C ALA I 51 8.77 23.37 -22.89
N GLU I 52 7.93 22.35 -23.01
CA GLU I 52 8.23 21.21 -23.88
C GLU I 52 8.34 21.64 -25.34
N ASN I 53 7.38 22.44 -25.82
CA ASN I 53 7.38 22.90 -27.21
C ASN I 53 6.64 24.23 -27.28
N PRO I 54 7.35 25.37 -27.27
CA PRO I 54 6.68 26.67 -27.38
C PRO I 54 6.05 26.96 -28.74
N GLU I 55 6.17 26.06 -29.72
CA GLU I 55 5.65 26.26 -31.07
C GLU I 55 4.47 25.37 -31.42
N LYS I 56 4.45 24.13 -30.97
CA LYS I 56 3.35 23.23 -31.30
C LYS I 56 2.04 23.70 -30.68
N ASP I 57 0.94 23.30 -31.31
CA ASP I 57 -0.38 23.69 -30.86
C ASP I 57 -0.78 22.93 -29.59
N ILE I 58 -1.76 23.49 -28.89
CA ILE I 58 -2.31 22.94 -27.67
C ILE I 58 -3.80 22.72 -27.87
N TYR I 59 -4.30 21.58 -27.44
CA TYR I 59 -5.71 21.22 -27.59
C TYR I 59 -6.38 21.26 -26.23
N LEU I 60 -7.48 22.00 -26.13
CA LEU I 60 -8.24 22.16 -24.90
C LEU I 60 -9.70 21.78 -25.15
N TYR I 61 -10.15 20.71 -24.51
CA TYR I 61 -11.53 20.27 -24.62
C TYR I 61 -12.30 20.86 -23.45
N ILE I 62 -13.28 21.72 -23.74
CA ILE I 62 -14.05 22.42 -22.72
C ILE I 62 -15.45 21.82 -22.64
N ASN I 63 -15.77 21.24 -21.48
CA ASN I 63 -17.10 20.71 -21.18
C ASN I 63 -17.35 21.10 -19.73
N SER I 64 -18.01 22.24 -19.53
CA SER I 64 -18.27 22.74 -18.19
C SER I 64 -19.59 23.49 -18.16
N PRO I 65 -20.32 23.46 -17.04
CA PRO I 65 -21.58 24.22 -16.95
C PRO I 65 -21.40 25.61 -16.35
N GLY I 66 -20.17 26.05 -16.12
CA GLY I 66 -19.85 27.34 -15.56
C GLY I 66 -19.13 27.20 -14.23
N GLY I 67 -18.90 28.34 -13.59
CA GLY I 67 -18.22 28.35 -12.32
C GLY I 67 -17.81 29.75 -11.92
N VAL I 68 -16.85 29.82 -10.99
CA VAL I 68 -16.35 31.11 -10.51
C VAL I 68 -15.65 31.85 -11.64
N ILE I 69 -15.92 33.15 -11.74
CA ILE I 69 -15.33 33.97 -12.80
C ILE I 69 -13.86 34.27 -12.50
N THR I 70 -13.53 34.58 -11.24
CA THR I 70 -12.16 34.90 -10.88
C THR I 70 -11.20 33.78 -11.25
N ALA I 71 -11.63 32.53 -11.10
CA ALA I 71 -10.79 31.40 -11.46
C ALA I 71 -10.55 31.34 -12.97
N GLY I 72 -11.50 31.85 -13.75
CA GLY I 72 -11.36 31.82 -15.20
C GLY I 72 -10.32 32.80 -15.72
N MET I 73 -10.26 33.99 -15.13
CA MET I 73 -9.28 34.98 -15.60
C MET I 73 -7.85 34.48 -15.41
N SER I 74 -7.62 33.67 -14.38
CA SER I 74 -6.30 33.09 -14.17
C SER I 74 -5.89 32.22 -15.35
N ILE I 75 -6.86 31.61 -16.02
CA ILE I 75 -6.62 30.74 -17.17
C ILE I 75 -6.55 31.55 -18.46
N TYR I 76 -7.48 32.50 -18.64
CA TYR I 76 -7.50 33.29 -19.87
C TYR I 76 -6.21 34.07 -20.05
N ASP I 77 -5.73 34.72 -18.98
CA ASP I 77 -4.48 35.45 -19.07
C ASP I 77 -3.31 34.52 -19.39
N THR I 78 -3.40 33.27 -18.94
CA THR I 78 -2.34 32.31 -19.21
C THR I 78 -2.30 31.93 -20.69
N MET I 79 -3.46 31.70 -21.29
CA MET I 79 -3.51 31.32 -22.70
C MET I 79 -2.99 32.43 -23.61
N GLN I 80 -3.46 33.66 -23.39
CA GLN I 80 -3.00 34.77 -24.21
C GLN I 80 -1.56 35.18 -23.92
N PHE I 81 -0.97 34.71 -22.83
CA PHE I 81 0.39 35.06 -22.47
C PHE I 81 1.43 34.17 -23.15
N ILE I 82 1.23 32.85 -23.10
CA ILE I 82 2.21 31.94 -23.68
C ILE I 82 2.28 32.08 -25.19
N LYS I 83 3.44 31.73 -25.74
CA LYS I 83 3.67 31.77 -27.17
C LYS I 83 2.79 30.82 -27.99
N PRO I 84 2.69 29.52 -27.67
CA PRO I 84 1.92 28.62 -28.53
C PRO I 84 0.43 28.94 -28.61
N ASP I 85 -0.15 28.55 -29.75
CA ASP I 85 -1.56 28.72 -30.03
C ASP I 85 -2.37 27.65 -29.31
N VAL I 86 -3.43 28.07 -28.62
CA VAL I 86 -4.27 27.15 -27.85
C VAL I 86 -5.56 26.93 -28.62
N SER I 87 -5.82 25.67 -28.95
CA SER I 87 -7.02 25.24 -29.68
C SER I 87 -8.12 24.93 -28.68
N THR I 88 -9.24 25.65 -28.78
CA THR I 88 -10.37 25.47 -27.89
C THR I 88 -11.45 24.69 -28.61
N ILE I 89 -11.94 23.62 -27.95
CA ILE I 89 -12.94 22.73 -28.50
C ILE I 89 -14.17 22.76 -27.61
N CYS I 90 -15.33 23.01 -28.22
CA CYS I 90 -16.60 23.04 -27.51
C CYS I 90 -17.17 21.62 -27.51
N MET I 91 -17.16 20.98 -26.34
CA MET I 91 -17.61 19.60 -26.19
C MET I 91 -18.76 19.53 -25.20
N GLY I 92 -19.96 19.26 -25.71
CA GLY I 92 -21.12 19.06 -24.86
C GLY I 92 -21.79 20.29 -24.26
N GLN I 93 -21.07 21.06 -23.45
CA GLN I 93 -21.65 22.21 -22.77
C GLN I 93 -20.61 23.29 -22.57
N ALA I 94 -21.05 24.54 -22.70
CA ALA I 94 -20.19 25.70 -22.53
C ALA I 94 -21.05 26.85 -22.02
N ALA I 95 -20.89 27.18 -20.74
CA ALA I 95 -21.65 28.24 -20.10
C ALA I 95 -20.90 29.56 -20.25
N SER I 96 -21.38 30.60 -19.54
CA SER I 96 -20.78 31.93 -19.56
C SER I 96 -19.27 31.92 -19.48
N MET I 97 -18.73 31.29 -18.44
CA MET I 97 -17.27 31.22 -18.32
C MET I 97 -16.68 30.25 -19.33
N GLY I 98 -17.35 29.13 -19.57
CA GLY I 98 -16.83 28.18 -20.55
C GLY I 98 -16.77 28.78 -21.94
N ALA I 99 -17.82 29.49 -22.34
CA ALA I 99 -17.83 30.15 -23.65
C ALA I 99 -16.74 31.20 -23.73
N PHE I 100 -16.45 31.87 -22.61
CA PHE I 100 -15.38 32.87 -22.61
C PHE I 100 -14.04 32.20 -22.91
N LEU I 101 -13.80 31.04 -22.32
CA LEU I 101 -12.58 30.29 -22.58
C LEU I 101 -12.58 29.63 -23.95
N LEU I 102 -13.73 29.55 -24.61
CA LEU I 102 -13.80 28.93 -25.94
C LEU I 102 -13.30 29.90 -27.00
N THR I 103 -13.64 31.18 -26.88
CA THR I 103 -13.19 32.17 -27.85
C THR I 103 -11.79 32.69 -27.55
N ALA I 104 -11.17 32.28 -26.44
CA ALA I 104 -9.83 32.72 -26.11
C ALA I 104 -8.75 31.98 -26.90
N GLY I 105 -9.12 31.03 -27.74
CA GLY I 105 -8.15 30.30 -28.53
C GLY I 105 -7.56 31.15 -29.63
N ALA I 106 -6.53 30.60 -30.26
CA ALA I 106 -5.89 31.28 -31.37
C ALA I 106 -6.89 31.43 -32.51
N LYS I 107 -6.79 32.56 -33.22
CA LYS I 107 -7.71 32.82 -34.31
C LYS I 107 -7.55 31.75 -35.39
N GLY I 108 -8.68 31.30 -35.92
CA GLY I 108 -8.67 30.24 -36.91
C GLY I 108 -8.46 28.85 -36.35
N LYS I 109 -8.51 28.68 -35.02
CA LYS I 109 -8.31 27.38 -34.39
C LYS I 109 -9.33 27.13 -33.28
N ARG I 110 -10.48 27.81 -33.30
CA ARG I 110 -11.53 27.66 -32.29
C ARG I 110 -12.63 26.81 -32.91
N PHE I 111 -12.57 25.50 -32.66
CA PHE I 111 -13.52 24.55 -33.22
C PHE I 111 -14.62 24.21 -32.23
N CYS I 112 -15.69 23.64 -32.76
CA CYS I 112 -16.87 23.24 -31.99
C CYS I 112 -17.53 22.06 -32.68
N LEU I 113 -18.09 21.15 -31.87
CA LEU I 113 -18.75 19.97 -32.40
C LEU I 113 -20.18 20.32 -32.82
N PRO I 114 -20.74 19.59 -33.79
CA PRO I 114 -22.10 19.94 -34.25
C PRO I 114 -23.17 19.88 -33.16
N ASN I 115 -23.20 18.82 -32.35
CA ASN I 115 -24.19 18.69 -31.28
C ASN I 115 -23.55 19.16 -29.99
N SER I 116 -23.46 20.48 -29.86
CA SER I 116 -22.88 21.13 -28.68
C SER I 116 -23.71 22.36 -28.37
N ARG I 117 -23.87 22.64 -27.08
CA ARG I 117 -24.65 23.77 -26.61
C ARG I 117 -23.72 24.80 -25.97
N VAL I 118 -23.96 26.07 -26.33
CA VAL I 118 -23.17 27.20 -25.85
C VAL I 118 -24.14 28.21 -25.26
N MET I 119 -23.84 28.69 -24.05
CA MET I 119 -24.66 29.66 -23.35
C MET I 119 -23.79 30.79 -22.85
N ILE I 120 -24.29 32.02 -23.02
CA ILE I 120 -23.61 33.23 -22.57
C ILE I 120 -24.64 34.06 -21.82
N HIS I 121 -24.28 34.52 -20.62
CA HIS I 121 -25.19 35.31 -19.80
C HIS I 121 -24.37 36.39 -19.09
N GLN I 122 -24.98 37.05 -18.15
CA GLN I 122 -24.41 38.13 -17.39
C GLN I 122 -23.73 37.60 -16.13
N PRO I 123 -22.66 38.25 -15.64
CA PRO I 123 -22.02 37.75 -14.41
C PRO I 123 -22.97 37.75 -13.23
N LEU I 124 -22.80 36.77 -12.35
CA LEU I 124 -23.62 36.62 -11.16
C LEU I 124 -22.80 36.89 -9.91
N GLY I 125 -23.47 37.42 -8.90
CA GLY I 125 -22.80 37.74 -7.66
C GLY I 125 -23.80 38.03 -6.57
N GLY I 126 -23.32 38.71 -5.54
CA GLY I 126 -24.16 39.08 -4.42
C GLY I 126 -23.34 39.28 -3.16
N TYR I 127 -23.95 39.97 -2.21
CA TYR I 127 -23.29 40.26 -0.95
C TYR I 127 -24.36 40.52 0.11
N GLN I 128 -23.98 40.31 1.37
CA GLN I 128 -24.85 40.54 2.51
C GLN I 128 -24.04 41.33 3.53
N GLY I 129 -24.60 42.44 4.00
CA GLY I 129 -23.91 43.28 4.95
C GLY I 129 -24.46 44.70 4.89
N GLN I 130 -23.61 45.65 5.25
CA GLN I 130 -23.97 47.05 5.23
C GLN I 130 -24.15 47.54 3.79
N ALA I 131 -24.90 48.64 3.65
CA ALA I 131 -25.15 49.21 2.34
C ALA I 131 -23.87 49.63 1.64
N THR I 132 -22.94 50.24 2.39
CA THR I 132 -21.68 50.67 1.79
C THR I 132 -20.91 49.50 1.18
N ASP I 133 -20.90 48.36 1.86
CA ASP I 133 -20.22 47.19 1.31
C ASP I 133 -20.92 46.67 0.05
N ILE I 134 -22.27 46.69 0.06
CA ILE I 134 -23.02 46.18 -1.08
C ILE I 134 -22.72 46.99 -2.34
N GLU I 135 -22.75 48.32 -2.24
CA GLU I 135 -22.48 49.15 -3.41
C GLU I 135 -21.05 48.97 -3.91
N ILE I 136 -20.10 48.74 -3.00
CA ILE I 136 -18.71 48.53 -3.40
C ILE I 136 -18.62 47.33 -4.34
N HIS I 137 -19.31 46.24 -3.98
CA HIS I 137 -19.30 45.05 -4.81
C HIS I 137 -20.02 45.31 -6.13
N ALA I 138 -21.09 46.09 -6.09
CA ALA I 138 -21.83 46.42 -7.30
C ALA I 138 -20.95 47.14 -8.31
N ARG I 139 -20.12 48.06 -7.83
CA ARG I 139 -19.21 48.78 -8.72
C ARG I 139 -18.13 47.86 -9.26
N GLU I 140 -17.65 46.93 -8.45
CA GLU I 140 -16.61 46.00 -8.90
C GLU I 140 -17.16 45.00 -9.89
N ILE I 141 -18.29 44.37 -9.57
CA ILE I 141 -18.88 43.39 -10.49
C ILE I 141 -19.28 44.06 -11.80
N LEU I 142 -19.71 45.32 -11.74
CA LEU I 142 -20.06 46.04 -12.96
C LEU I 142 -18.86 46.11 -13.90
N LYS I 143 -17.67 46.37 -13.34
CA LYS I 143 -16.46 46.41 -14.16
C LYS I 143 -16.21 45.07 -14.82
N VAL I 144 -16.49 43.97 -14.09
CA VAL I 144 -16.28 42.63 -14.64
C VAL I 144 -17.14 42.44 -15.89
N LYS I 145 -18.39 42.91 -15.85
CA LYS I 145 -19.25 42.79 -17.01
C LYS I 145 -18.64 43.48 -18.22
N GLY I 146 -18.27 44.76 -18.06
CA GLY I 146 -17.64 45.47 -19.15
C GLY I 146 -16.29 44.88 -19.52
N ARG I 147 -15.52 44.47 -18.50
CA ARG I 147 -14.22 43.88 -18.75
C ARG I 147 -14.35 42.58 -19.53
N MET I 148 -15.32 41.74 -19.15
CA MET I 148 -15.52 40.49 -19.86
C MET I 148 -16.15 40.71 -21.23
N ASN I 149 -17.14 41.61 -21.29
CA ASN I 149 -17.78 41.90 -22.57
C ASN I 149 -16.79 42.46 -23.58
N GLU I 150 -15.88 43.33 -23.14
CA GLU I 150 -14.89 43.89 -24.04
C GLU I 150 -13.98 42.80 -24.60
N LEU I 151 -13.52 41.88 -23.75
CA LEU I 151 -12.67 40.80 -24.23
C LEU I 151 -13.44 39.86 -25.14
N MET I 152 -14.67 39.51 -24.75
CA MET I 152 -15.49 38.63 -25.59
C MET I 152 -15.78 39.28 -26.93
N ALA I 153 -15.94 40.61 -26.95
CA ALA I 153 -16.20 41.32 -28.20
C ALA I 153 -14.98 41.36 -29.08
N LEU I 154 -13.78 41.38 -28.49
CA LEU I 154 -12.56 41.46 -29.28
C LEU I 154 -12.32 40.18 -30.07
N HIS I 155 -12.43 39.02 -29.41
CA HIS I 155 -12.19 37.76 -30.12
C HIS I 155 -13.32 37.46 -31.09
N THR I 156 -14.56 37.73 -30.71
CA THR I 156 -15.68 37.47 -31.61
C THR I 156 -15.68 38.43 -32.79
N GLY I 157 -15.28 39.67 -32.54
CA GLY I 157 -15.27 40.71 -33.56
C GLY I 157 -16.52 41.57 -33.58
N GLN I 158 -17.50 41.27 -32.73
CA GLN I 158 -18.73 42.03 -32.66
C GLN I 158 -18.53 43.30 -31.85
N SER I 159 -19.48 44.23 -32.00
CA SER I 159 -19.43 45.49 -31.26
C SER I 159 -19.87 45.26 -29.83
N LEU I 160 -19.37 46.12 -28.92
CA LEU I 160 -19.71 46.00 -27.51
C LEU I 160 -21.21 46.16 -27.29
N GLU I 161 -21.86 47.05 -28.04
CA GLU I 161 -23.30 47.25 -27.89
C GLU I 161 -24.07 45.97 -28.19
N GLN I 162 -23.71 45.28 -29.27
CA GLN I 162 -24.39 44.03 -29.62
C GLN I 162 -24.18 42.98 -28.54
N ILE I 163 -22.96 42.89 -28.00
CA ILE I 163 -22.67 41.90 -26.97
C ILE I 163 -23.47 42.18 -25.71
N GLU I 164 -23.59 43.45 -25.32
CA GLU I 164 -24.34 43.80 -24.11
C GLU I 164 -25.79 43.37 -24.22
N ARG I 165 -26.39 43.53 -25.41
CA ARG I 165 -27.78 43.10 -25.58
C ARG I 165 -27.90 41.59 -25.54
N ASP I 166 -26.88 40.87 -26.04
CA ASP I 166 -26.90 39.42 -26.03
C ASP I 166 -26.64 38.86 -24.64
N THR I 167 -25.68 39.43 -23.92
CA THR I 167 -25.34 38.96 -22.57
C THR I 167 -26.26 39.51 -21.49
N GLU I 168 -27.26 40.32 -21.85
CA GLU I 168 -28.18 40.85 -20.84
C GLU I 168 -28.93 39.71 -20.16
N ARG I 169 -29.31 38.69 -20.92
CA ARG I 169 -30.00 37.51 -20.43
C ARG I 169 -29.35 36.30 -21.03
N ASP I 170 -29.68 35.12 -20.48
CA ASP I 170 -29.12 33.87 -20.98
C ASP I 170 -29.42 33.70 -22.46
N ARG I 171 -28.36 33.59 -23.26
CA ARG I 171 -28.46 33.42 -24.71
C ARG I 171 -27.86 32.07 -25.09
N PHE I 172 -28.70 31.13 -25.48
CA PHE I 172 -28.25 29.80 -25.90
C PHE I 172 -27.96 29.84 -27.39
N LEU I 173 -26.79 29.30 -27.78
CA LEU I 173 -26.38 29.28 -29.17
C LEU I 173 -25.84 27.90 -29.54
N SER I 174 -26.10 27.51 -30.78
CA SER I 174 -25.67 26.24 -31.34
C SER I 174 -24.37 26.46 -32.13
N ALA I 175 -23.81 25.36 -32.63
CA ALA I 175 -22.57 25.43 -33.41
C ALA I 175 -22.70 26.36 -34.62
N PRO I 176 -23.71 26.22 -35.49
CA PRO I 176 -23.78 27.17 -36.62
C PRO I 176 -24.07 28.59 -36.17
N GLU I 177 -24.94 28.76 -35.17
CA GLU I 177 -25.25 30.10 -34.67
C GLU I 177 -24.01 30.75 -34.07
N ALA I 178 -23.15 29.96 -33.42
CA ALA I 178 -21.95 30.49 -32.80
C ALA I 178 -20.99 31.07 -33.84
N VAL I 179 -20.93 30.48 -35.02
CA VAL I 179 -20.02 30.96 -36.06
C VAL I 179 -20.41 32.37 -36.50
N GLU I 180 -21.72 32.68 -36.50
CA GLU I 180 -22.15 34.02 -36.90
C GLU I 180 -21.60 35.08 -35.95
N TYR I 181 -21.59 34.79 -34.65
CA TYR I 181 -21.07 35.74 -33.69
C TYR I 181 -19.56 35.90 -33.82
N GLY I 182 -18.86 34.83 -34.19
CA GLY I 182 -17.42 34.81 -34.33
C GLY I 182 -16.70 34.07 -33.23
N LEU I 183 -17.43 33.44 -32.30
CA LEU I 183 -16.80 32.67 -31.22
C LEU I 183 -15.91 31.57 -31.79
N VAL I 184 -16.37 30.91 -32.85
CA VAL I 184 -15.68 29.80 -33.49
C VAL I 184 -15.50 30.09 -34.97
N ASP I 185 -14.46 29.49 -35.55
CA ASP I 185 -14.12 29.67 -36.95
C ASP I 185 -14.54 28.51 -37.83
N SER I 186 -14.58 27.29 -37.29
CA SER I 186 -14.95 26.12 -38.07
C SER I 186 -15.61 25.10 -37.14
N ILE I 187 -16.27 24.12 -37.76
CA ILE I 187 -16.99 23.07 -37.05
C ILE I 187 -16.31 21.74 -37.33
N LEU I 188 -16.16 20.92 -36.30
CA LEU I 188 -15.52 19.61 -36.39
C LEU I 188 -16.61 18.56 -36.54
N THR I 189 -16.88 18.16 -37.79
CA THR I 189 -17.87 17.14 -38.11
C THR I 189 -17.25 15.78 -38.38
N HIS I 190 -16.05 15.76 -38.95
CA HIS I 190 -15.33 14.54 -39.26
C HIS I 190 -13.89 14.92 -39.57
N ARG I 191 -12.95 14.09 -39.12
CA ARG I 191 -11.53 14.37 -39.33
C ARG I 191 -11.22 14.45 -40.81
N ASN I 192 -10.62 15.57 -41.22
CA ASN I 192 -10.25 15.81 -42.61
C ASN I 192 -11.44 15.67 -43.55
N LEU J 1 -9.99 -3.08 -4.05
CA LEU J 1 -11.30 -3.69 -4.27
C LEU J 1 -11.42 -4.19 -5.70
N VAL J 2 -10.86 -3.43 -6.64
CA VAL J 2 -10.90 -3.79 -8.05
C VAL J 2 -9.85 -4.87 -8.30
N PRO J 3 -10.18 -6.05 -8.81
CA PRO J 3 -9.16 -7.07 -9.01
C PRO J 3 -8.18 -6.70 -10.11
N MET J 4 -6.96 -7.20 -9.97
CA MET J 4 -5.87 -6.99 -10.90
C MET J 4 -5.54 -8.30 -11.60
N VAL J 5 -5.04 -8.19 -12.83
CA VAL J 5 -4.66 -9.36 -13.63
C VAL J 5 -3.33 -9.05 -14.30
N ILE J 6 -2.71 -10.11 -14.84
CA ILE J 6 -1.42 -10.02 -15.51
C ILE J 6 -1.56 -10.58 -16.92
N GLU J 7 -0.80 -9.99 -17.85
CA GLU J 7 -0.75 -10.39 -19.25
C GLU J 7 0.66 -10.92 -19.48
N GLN J 8 0.79 -12.24 -19.63
CA GLN J 8 2.08 -12.87 -19.79
C GLN J 8 2.49 -12.87 -21.26
N THR J 9 3.70 -12.36 -21.52
CA THR J 9 4.27 -12.27 -22.86
C THR J 9 5.76 -12.55 -22.75
N SER J 10 6.42 -12.56 -23.90
CA SER J 10 7.86 -12.83 -23.95
C SER J 10 8.67 -11.81 -23.15
N ARG J 11 8.22 -10.55 -23.13
CA ARG J 11 8.97 -9.52 -22.41
C ARG J 11 8.98 -9.80 -20.91
N GLY J 12 7.84 -10.19 -20.35
CA GLY J 12 7.77 -10.48 -18.93
C GLY J 12 6.34 -10.41 -18.43
N GLU J 13 6.20 -10.06 -17.16
CA GLU J 13 4.90 -9.94 -16.51
C GLU J 13 4.62 -8.48 -16.19
N ARG J 14 3.38 -8.06 -16.45
CA ARG J 14 2.91 -6.71 -16.20
C ARG J 14 1.53 -6.78 -15.56
N SER J 15 1.35 -6.10 -14.44
CA SER J 15 0.06 -6.11 -13.75
C SER J 15 -0.83 -5.02 -14.33
N PHE J 16 -2.06 -5.40 -14.71
CA PHE J 16 -3.02 -4.50 -15.30
C PHE J 16 -4.34 -4.57 -14.53
N ASP J 17 -5.09 -3.48 -14.61
CA ASP J 17 -6.41 -3.40 -14.00
C ASP J 17 -7.42 -4.12 -14.88
N ILE J 18 -8.46 -4.65 -14.25
CA ILE J 18 -9.49 -5.39 -15.01
C ILE J 18 -10.12 -4.49 -16.06
N TYR J 19 -10.41 -3.23 -15.71
CA TYR J 19 -10.98 -2.31 -16.69
C TYR J 19 -9.91 -1.81 -17.66
N SER J 20 -8.69 -1.62 -17.17
CA SER J 20 -7.60 -1.16 -18.02
C SER J 20 -7.15 -2.24 -19.00
N ARG J 21 -7.15 -3.50 -18.56
CA ARG J 21 -6.74 -4.60 -19.42
C ARG J 21 -7.65 -4.69 -20.64
N LEU J 22 -8.95 -4.47 -20.45
CA LEU J 22 -9.87 -4.54 -21.58
C LEU J 22 -9.72 -3.34 -22.50
N LEU J 23 -9.31 -2.19 -21.95
CA LEU J 23 -9.12 -1.01 -22.80
C LEU J 23 -8.07 -1.26 -23.87
N LYS J 24 -7.07 -2.10 -23.56
CA LYS J 24 -6.05 -2.45 -24.55
C LYS J 24 -6.68 -3.10 -25.78
N GLU J 25 -7.78 -3.82 -25.58
CA GLU J 25 -8.50 -4.50 -26.65
C GLU J 25 -9.58 -3.63 -27.28
N ARG J 26 -9.52 -2.31 -27.06
CA ARG J 26 -10.51 -1.37 -27.60
C ARG J 26 -11.91 -1.69 -27.08
N VAL J 27 -12.02 -1.72 -25.76
CA VAL J 27 -13.28 -1.99 -25.06
C VAL J 27 -13.45 -0.93 -23.98
N ILE J 28 -14.61 -0.27 -24.00
CA ILE J 28 -14.96 0.78 -23.04
C ILE J 28 -16.24 0.41 -22.33
N PHE J 29 -16.25 0.62 -21.01
CA PHE J 29 -17.41 0.34 -20.17
C PHE J 29 -18.07 1.65 -19.74
N LEU J 30 -19.37 1.77 -19.97
CA LEU J 30 -20.16 2.94 -19.58
C LEU J 30 -21.13 2.45 -18.51
N THR J 31 -20.71 2.57 -17.25
CA THR J 31 -21.48 2.14 -16.09
C THR J 31 -21.89 3.31 -15.21
N GLY J 32 -23.09 3.20 -14.63
CA GLY J 32 -23.58 4.21 -13.71
C GLY J 32 -24.22 5.41 -14.38
N GLN J 33 -24.70 6.30 -13.53
CA GLN J 33 -25.34 7.53 -13.97
C GLN J 33 -24.40 8.36 -14.83
N VAL J 34 -24.94 8.99 -15.87
CA VAL J 34 -24.14 9.82 -16.76
C VAL J 34 -23.88 11.15 -16.06
N GLU J 35 -22.62 11.60 -16.13
CA GLU J 35 -22.22 12.88 -15.54
C GLU J 35 -21.03 13.41 -16.32
N ASP J 36 -20.64 14.63 -15.99
CA ASP J 36 -19.52 15.27 -16.68
C ASP J 36 -18.21 14.52 -16.47
N HIS J 37 -17.92 14.11 -15.24
CA HIS J 37 -16.66 13.44 -14.96
C HIS J 37 -16.56 12.09 -15.66
N MET J 38 -17.60 11.26 -15.58
CA MET J 38 -17.54 9.96 -16.22
C MET J 38 -17.62 10.08 -17.74
N ALA J 39 -18.39 11.05 -18.24
CA ALA J 39 -18.50 11.22 -19.69
C ALA J 39 -17.19 11.71 -20.30
N ASN J 40 -16.55 12.68 -19.64
CA ASN J 40 -15.27 13.17 -20.15
C ASN J 40 -14.22 12.07 -20.12
N LEU J 41 -14.24 11.25 -19.07
CA LEU J 41 -13.29 10.15 -18.96
C LEU J 41 -13.46 9.17 -20.11
N ILE J 42 -14.71 8.88 -20.49
CA ILE J 42 -14.95 7.96 -21.60
C ILE J 42 -14.41 8.55 -22.90
N VAL J 43 -14.57 9.86 -23.08
CA VAL J 43 -14.06 10.52 -24.29
C VAL J 43 -12.55 10.33 -24.39
N ALA J 44 -11.85 10.45 -23.26
CA ALA J 44 -10.40 10.26 -23.27
C ALA J 44 -10.03 8.87 -23.76
N GLN J 45 -10.80 7.86 -23.35
CA GLN J 45 -10.55 6.49 -23.80
C GLN J 45 -10.72 6.38 -25.31
N MET J 46 -11.73 7.06 -25.86
CA MET J 46 -11.96 7.02 -27.30
C MET J 46 -10.81 7.65 -28.06
N LEU J 47 -10.33 8.81 -27.61
CA LEU J 47 -9.23 9.49 -28.28
C LEU J 47 -7.96 8.66 -28.22
N PHE J 48 -7.68 8.06 -27.07
CA PHE J 48 -6.47 7.24 -26.92
C PHE J 48 -6.46 6.10 -27.93
N LEU J 49 -7.61 5.46 -28.13
CA LEU J 49 -7.68 4.37 -29.12
C LEU J 49 -7.44 4.89 -30.53
N GLU J 50 -7.94 6.10 -30.82
CA GLU J 50 -7.73 6.70 -32.13
C GLU J 50 -6.24 6.93 -32.39
N ALA J 51 -5.52 7.39 -31.37
CA ALA J 51 -4.09 7.64 -31.50
C ALA J 51 -3.32 6.36 -31.77
N GLU J 52 -3.66 5.29 -31.03
CA GLU J 52 -2.96 4.02 -31.20
C GLU J 52 -3.21 3.44 -32.58
N ASN J 53 -4.47 3.30 -32.98
CA ASN J 53 -4.81 2.74 -34.29
C ASN J 53 -6.14 3.34 -34.78
N PRO J 54 -6.11 4.27 -35.74
CA PRO J 54 -7.38 4.82 -36.27
C PRO J 54 -8.15 3.87 -37.16
N GLU J 55 -7.68 2.64 -37.38
CA GLU J 55 -8.32 1.69 -38.29
C GLU J 55 -9.01 0.51 -37.61
N LYS J 56 -8.87 0.36 -36.29
CA LYS J 56 -9.46 -0.77 -35.58
C LYS J 56 -10.74 -0.33 -34.87
N ASP J 57 -11.74 -1.21 -34.90
CA ASP J 57 -13.04 -0.94 -34.29
C ASP J 57 -12.90 -0.71 -32.79
N ILE J 58 -13.87 0.03 -32.24
CA ILE J 58 -13.95 0.36 -30.83
C ILE J 58 -15.24 -0.26 -30.29
N TYR J 59 -15.15 -0.94 -29.15
CA TYR J 59 -16.30 -1.57 -28.53
C TYR J 59 -16.76 -0.76 -27.34
N LEU J 60 -18.05 -0.44 -27.31
CA LEU J 60 -18.68 0.35 -26.26
C LEU J 60 -19.80 -0.45 -25.62
N TYR J 61 -19.61 -0.85 -24.36
CA TYR J 61 -20.63 -1.59 -23.62
C TYR J 61 -21.36 -0.58 -22.75
N ILE J 62 -22.66 -0.40 -23.01
CA ILE J 62 -23.47 0.59 -22.31
C ILE J 62 -24.39 -0.10 -21.30
N ASN J 63 -24.38 0.40 -20.08
CA ASN J 63 -25.28 -0.05 -19.01
C ASN J 63 -25.49 1.19 -18.14
N SER J 64 -26.61 1.88 -18.35
CA SER J 64 -26.87 3.10 -17.61
C SER J 64 -28.37 3.35 -17.55
N PRO J 65 -28.86 4.02 -16.51
CA PRO J 65 -30.31 4.34 -16.43
C PRO J 65 -30.67 5.70 -17.01
N GLY J 66 -29.74 6.39 -17.65
CA GLY J 66 -29.93 7.71 -18.22
C GLY J 66 -29.17 8.76 -17.43
N GLY J 67 -29.34 10.01 -17.84
CA GLY J 67 -28.63 11.09 -17.17
C GLY J 67 -28.79 12.42 -17.87
N VAL J 68 -27.78 13.27 -17.69
CA VAL J 68 -27.77 14.61 -18.28
C VAL J 68 -27.73 14.50 -19.80
N ILE J 69 -28.44 15.42 -20.45
CA ILE J 69 -28.53 15.41 -21.91
C ILE J 69 -27.24 15.95 -22.53
N THR J 70 -26.77 17.10 -22.04
CA THR J 70 -25.55 17.71 -22.57
C THR J 70 -24.36 16.76 -22.48
N ALA J 71 -24.21 16.06 -21.35
CA ALA J 71 -23.10 15.14 -21.18
C ALA J 71 -23.20 13.98 -22.17
N GLY J 72 -24.41 13.46 -22.39
CA GLY J 72 -24.56 12.34 -23.31
C GLY J 72 -24.26 12.70 -24.74
N MET J 73 -24.77 13.84 -25.21
CA MET J 73 -24.53 14.25 -26.60
C MET J 73 -23.05 14.47 -26.91
N SER J 74 -22.23 14.72 -25.89
CA SER J 74 -20.80 14.91 -26.11
C SER J 74 -20.17 13.65 -26.72
N ILE J 75 -20.61 12.48 -26.28
CA ILE J 75 -20.07 11.22 -26.76
C ILE J 75 -20.47 10.99 -28.22
N TYR J 76 -21.72 11.33 -28.58
CA TYR J 76 -22.19 11.11 -29.94
C TYR J 76 -21.31 11.82 -30.96
N ASP J 77 -20.96 13.09 -30.70
CA ASP J 77 -20.09 13.81 -31.62
C ASP J 77 -18.70 13.19 -31.67
N THR J 78 -18.26 12.55 -30.58
CA THR J 78 -16.95 11.94 -30.56
C THR J 78 -16.89 10.65 -31.36
N MET J 79 -17.98 9.88 -31.37
CA MET J 79 -17.99 8.62 -32.11
C MET J 79 -18.10 8.86 -33.60
N GLN J 80 -18.94 9.82 -34.01
CA GLN J 80 -19.12 10.11 -35.43
C GLN J 80 -17.97 10.92 -36.02
N PHE J 81 -17.27 11.69 -35.19
CA PHE J 81 -16.18 12.52 -35.70
C PHE J 81 -14.95 11.70 -36.05
N ILE J 82 -14.52 10.81 -35.17
CA ILE J 82 -13.31 10.04 -35.43
C ILE J 82 -13.59 8.97 -36.50
N LYS J 83 -12.51 8.59 -37.19
CA LYS J 83 -12.61 7.57 -38.24
C LYS J 83 -13.02 6.19 -37.74
N PRO J 84 -12.46 5.65 -36.64
CA PRO J 84 -12.83 4.30 -36.21
C PRO J 84 -14.32 4.07 -36.01
N ASP J 85 -14.73 2.84 -36.32
CA ASP J 85 -16.12 2.42 -36.12
C ASP J 85 -16.31 2.08 -34.65
N VAL J 86 -17.44 2.51 -34.10
CA VAL J 86 -17.76 2.32 -32.68
C VAL J 86 -18.92 1.34 -32.57
N SER J 87 -18.67 0.22 -31.91
CA SER J 87 -19.66 -0.83 -31.69
C SER J 87 -20.32 -0.57 -30.34
N THR J 88 -21.65 -0.58 -30.32
CA THR J 88 -22.43 -0.32 -29.12
C THR J 88 -23.16 -1.59 -28.70
N ILE J 89 -23.08 -1.92 -27.41
CA ILE J 89 -23.68 -3.12 -26.86
C ILE J 89 -24.59 -2.71 -25.70
N CYS J 90 -25.86 -3.09 -25.79
CA CYS J 90 -26.84 -2.80 -24.74
C CYS J 90 -26.84 -3.96 -23.76
N MET J 91 -26.56 -3.67 -22.50
CA MET J 91 -26.49 -4.68 -21.45
C MET J 91 -27.34 -4.27 -20.26
N GLY J 92 -28.39 -5.03 -19.99
CA GLY J 92 -29.26 -4.79 -18.85
C GLY J 92 -30.27 -3.66 -18.97
N GLN J 93 -29.80 -2.43 -19.07
CA GLN J 93 -30.69 -1.28 -19.14
C GLN J 93 -30.11 -0.20 -20.04
N ALA J 94 -31.01 0.47 -20.77
CA ALA J 94 -30.62 1.56 -21.68
C ALA J 94 -31.77 2.54 -21.71
N ALA J 95 -31.55 3.73 -21.14
CA ALA J 95 -32.54 4.79 -21.08
C ALA J 95 -32.40 5.70 -22.29
N SER J 96 -33.11 6.83 -22.28
CA SER J 96 -33.06 7.83 -23.35
C SER J 96 -31.64 8.12 -23.80
N MET J 97 -30.75 8.41 -22.86
CA MET J 97 -29.36 8.70 -23.20
C MET J 97 -28.60 7.44 -23.54
N GLY J 98 -28.85 6.34 -22.81
CA GLY J 98 -28.16 5.10 -23.13
C GLY J 98 -28.58 4.56 -24.48
N ALA J 99 -29.88 4.67 -24.80
CA ALA J 99 -30.36 4.21 -26.10
C ALA J 99 -29.92 5.15 -27.21
N PHE J 100 -29.83 6.45 -26.91
CA PHE J 100 -29.36 7.41 -27.91
C PHE J 100 -27.92 7.10 -28.30
N LEU J 101 -27.11 6.68 -27.34
CA LEU J 101 -25.74 6.30 -27.60
C LEU J 101 -25.63 4.91 -28.19
N LEU J 102 -26.71 4.12 -28.16
CA LEU J 102 -26.69 2.77 -28.72
C LEU J 102 -26.92 2.81 -30.22
N THR J 103 -27.99 3.47 -30.67
CA THR J 103 -28.24 3.57 -32.10
C THR J 103 -27.20 4.41 -32.82
N ALA J 104 -26.40 5.19 -32.09
CA ALA J 104 -25.35 6.01 -32.68
C ALA J 104 -24.13 5.21 -33.10
N GLY J 105 -24.12 3.89 -32.87
CA GLY J 105 -22.99 3.08 -33.23
C GLY J 105 -22.90 2.83 -34.72
N ALA J 106 -21.80 2.17 -35.10
CA ALA J 106 -21.57 1.85 -36.50
C ALA J 106 -22.66 0.91 -37.02
N LYS J 107 -23.10 1.17 -38.26
CA LYS J 107 -24.12 0.35 -38.88
C LYS J 107 -23.62 -1.09 -39.04
N GLY J 108 -24.51 -2.04 -38.78
CA GLY J 108 -24.15 -3.44 -38.85
C GLY J 108 -23.29 -3.93 -37.71
N LYS J 109 -23.01 -3.08 -36.71
CA LYS J 109 -22.19 -3.44 -35.55
C LYS J 109 -22.90 -3.13 -34.24
N ARG J 110 -24.23 -2.93 -34.27
CA ARG J 110 -25.03 -2.64 -33.10
C ARG J 110 -25.69 -3.94 -32.63
N PHE J 111 -25.22 -4.45 -31.50
CA PHE J 111 -25.70 -5.70 -30.93
C PHE J 111 -26.35 -5.45 -29.58
N CYS J 112 -27.21 -6.39 -29.18
CA CYS J 112 -27.95 -6.32 -27.94
C CYS J 112 -28.31 -7.73 -27.52
N LEU J 113 -28.16 -8.02 -26.23
CA LEU J 113 -28.41 -9.35 -25.70
C LEU J 113 -29.91 -9.60 -25.58
N PRO J 114 -30.35 -10.87 -25.64
CA PRO J 114 -31.80 -11.16 -25.59
C PRO J 114 -32.49 -10.66 -24.33
N ASN J 115 -31.89 -10.84 -23.16
CA ASN J 115 -32.52 -10.38 -21.92
C ASN J 115 -31.93 -9.02 -21.57
N SER J 116 -32.42 -8.02 -22.30
CA SER J 116 -32.02 -6.63 -22.16
C SER J 116 -33.26 -5.77 -22.33
N ARG J 117 -33.28 -4.62 -21.65
CA ARG J 117 -34.40 -3.71 -21.72
C ARG J 117 -33.90 -2.35 -22.19
N VAL J 118 -34.70 -1.71 -23.04
CA VAL J 118 -34.38 -0.41 -23.61
C VAL J 118 -35.58 0.51 -23.40
N MET J 119 -35.31 1.72 -22.94
CA MET J 119 -36.34 2.72 -22.71
C MET J 119 -35.94 3.99 -23.43
N ILE J 120 -36.92 4.71 -23.96
CA ILE J 120 -36.69 5.98 -24.65
C ILE J 120 -37.76 6.95 -24.21
N HIS J 121 -37.37 8.21 -24.07
CA HIS J 121 -38.30 9.27 -23.67
C HIS J 121 -37.71 10.59 -24.12
N GLN J 122 -38.55 11.62 -24.09
CA GLN J 122 -38.11 12.95 -24.46
C GLN J 122 -37.16 13.47 -23.40
N PRO J 123 -36.26 14.40 -23.73
CA PRO J 123 -35.31 14.90 -22.73
C PRO J 123 -36.03 15.64 -21.62
N LEU J 124 -35.36 15.70 -20.47
CA LEU J 124 -35.88 16.35 -19.27
C LEU J 124 -35.09 17.61 -18.97
N GLY J 125 -35.72 18.51 -18.25
CA GLY J 125 -35.09 19.77 -17.89
C GLY J 125 -35.98 20.56 -16.96
N GLY J 126 -35.62 21.83 -16.80
CA GLY J 126 -36.38 22.73 -15.94
C GLY J 126 -35.61 23.99 -15.63
N TYR J 127 -36.31 24.99 -15.12
CA TYR J 127 -35.69 26.27 -14.79
C TYR J 127 -36.66 27.08 -13.95
N GLN J 128 -36.13 27.75 -12.93
CA GLN J 128 -36.91 28.59 -12.03
C GLN J 128 -36.36 30.00 -12.16
N GLY J 129 -37.26 30.97 -12.31
CA GLY J 129 -36.83 32.34 -12.48
C GLY J 129 -37.91 33.15 -13.16
N GLN J 130 -37.47 34.24 -13.80
CA GLN J 130 -38.38 35.14 -14.50
C GLN J 130 -39.01 34.45 -15.70
N ALA J 131 -40.15 35.00 -16.12
CA ALA J 131 -40.91 34.43 -17.24
C ALA J 131 -40.12 34.47 -18.53
N THR J 132 -39.48 35.60 -18.83
CA THR J 132 -38.71 35.71 -20.06
C THR J 132 -37.56 34.71 -20.10
N ASP J 133 -37.00 34.37 -18.94
CA ASP J 133 -35.91 33.38 -18.90
C ASP J 133 -36.45 31.99 -19.17
N ILE J 134 -37.63 31.67 -18.62
CA ILE J 134 -38.24 30.36 -18.83
C ILE J 134 -38.51 30.13 -20.31
N GLU J 135 -38.90 31.19 -21.02
CA GLU J 135 -39.17 31.05 -22.45
C GLU J 135 -37.90 30.68 -23.21
N ILE J 136 -36.76 31.22 -22.78
CA ILE J 136 -35.49 30.92 -23.43
C ILE J 136 -35.13 29.45 -23.20
N HIS J 137 -35.20 29.00 -21.95
CA HIS J 137 -34.88 27.61 -21.65
C HIS J 137 -35.92 26.67 -22.23
N ALA J 138 -37.21 27.06 -22.17
CA ALA J 138 -38.26 26.23 -22.74
C ALA J 138 -38.08 26.09 -24.24
N ARG J 139 -37.68 27.17 -24.91
CA ARG J 139 -37.45 27.10 -26.35
C ARG J 139 -36.19 26.30 -26.66
N GLU J 140 -35.20 26.33 -25.76
CA GLU J 140 -33.96 25.60 -25.98
C GLU J 140 -34.16 24.10 -25.85
N ILE J 141 -34.84 23.66 -24.80
CA ILE J 141 -35.05 22.23 -24.60
C ILE J 141 -35.88 21.65 -25.74
N LEU J 142 -36.77 22.44 -26.33
CA LEU J 142 -37.55 21.95 -27.46
C LEU J 142 -36.64 21.66 -28.64
N LYS J 143 -35.63 22.51 -28.86
CA LYS J 143 -34.67 22.25 -29.94
C LYS J 143 -33.90 20.97 -29.68
N VAL J 144 -33.52 20.74 -28.41
CA VAL J 144 -32.81 19.53 -28.05
C VAL J 144 -33.66 18.31 -28.34
N LYS J 145 -34.93 18.35 -27.94
CA LYS J 145 -35.85 17.24 -28.19
C LYS J 145 -35.96 16.96 -29.69
N GLY J 146 -36.23 17.98 -30.48
CA GLY J 146 -36.34 17.78 -31.92
C GLY J 146 -35.00 17.40 -32.54
N ARG J 147 -33.91 18.02 -32.07
CA ARG J 147 -32.60 17.69 -32.60
C ARG J 147 -32.23 16.25 -32.30
N MET J 148 -32.53 15.78 -31.09
CA MET J 148 -32.20 14.40 -30.72
C MET J 148 -33.04 13.41 -31.51
N ASN J 149 -34.33 13.70 -31.70
CA ASN J 149 -35.18 12.79 -32.45
C ASN J 149 -34.72 12.67 -33.90
N GLU J 150 -34.25 13.77 -34.49
CA GLU J 150 -33.76 13.73 -35.85
C GLU J 150 -32.60 12.75 -36.00
N LEU J 151 -31.72 12.69 -34.99
CA LEU J 151 -30.62 11.75 -35.02
C LEU J 151 -31.10 10.32 -34.80
N MET J 152 -32.06 10.15 -33.90
CA MET J 152 -32.61 8.83 -33.63
C MET J 152 -33.29 8.26 -34.86
N ALA J 153 -34.07 9.10 -35.55
CA ALA J 153 -34.76 8.65 -36.76
C ALA J 153 -33.79 8.35 -37.89
N LEU J 154 -32.71 9.13 -37.99
CA LEU J 154 -31.75 8.92 -39.07
C LEU J 154 -30.98 7.62 -38.90
N HIS J 155 -30.49 7.34 -37.69
CA HIS J 155 -29.73 6.10 -37.48
C HIS J 155 -30.65 4.89 -37.52
N THR J 156 -31.87 5.03 -37.01
CA THR J 156 -32.83 3.92 -37.01
C THR J 156 -33.38 3.67 -38.40
N GLY J 157 -33.60 4.75 -39.17
CA GLY J 157 -34.21 4.66 -40.48
C GLY J 157 -35.71 4.91 -40.47
N GLN J 158 -36.31 5.06 -39.29
CA GLN J 158 -37.72 5.35 -39.15
C GLN J 158 -37.99 6.80 -39.53
N SER J 159 -39.25 7.20 -39.41
CA SER J 159 -39.66 8.57 -39.74
C SER J 159 -39.67 9.43 -38.49
N LEU J 160 -39.48 10.74 -38.69
CA LEU J 160 -39.41 11.66 -37.57
C LEU J 160 -40.74 11.74 -36.83
N GLU J 161 -41.85 11.83 -37.56
CA GLU J 161 -43.15 11.91 -36.91
C GLU J 161 -43.45 10.66 -36.09
N GLN J 162 -43.15 9.48 -36.65
CA GLN J 162 -43.38 8.24 -35.92
C GLN J 162 -42.54 8.19 -34.65
N ILE J 163 -41.29 8.64 -34.72
CA ILE J 163 -40.42 8.63 -33.54
C ILE J 163 -40.95 9.58 -32.48
N GLU J 164 -41.48 10.74 -32.88
CA GLU J 164 -42.01 11.70 -31.92
C GLU J 164 -43.11 11.09 -31.07
N ARG J 165 -44.01 10.32 -31.69
CA ARG J 165 -45.07 9.67 -30.94
C ARG J 165 -44.50 8.64 -29.98
N ASP J 166 -43.50 7.87 -30.42
CA ASP J 166 -42.89 6.85 -29.58
C ASP J 166 -42.14 7.48 -28.41
N THR J 167 -41.40 8.56 -28.66
CA THR J 167 -40.64 9.23 -27.62
C THR J 167 -41.42 10.30 -26.88
N GLU J 168 -42.70 10.52 -27.23
CA GLU J 168 -43.51 11.50 -26.52
C GLU J 168 -43.57 11.18 -25.03
N ARG J 169 -43.66 9.89 -24.70
CA ARG J 169 -43.69 9.40 -23.33
C ARG J 169 -42.75 8.21 -23.24
N ASP J 170 -42.53 7.74 -22.00
CA ASP J 170 -41.65 6.59 -21.78
C ASP J 170 -42.14 5.39 -22.59
N ARG J 171 -41.23 4.81 -23.38
CA ARG J 171 -41.53 3.67 -24.23
C ARG J 171 -40.52 2.57 -23.94
N PHE J 172 -40.98 1.48 -23.34
CA PHE J 172 -40.14 0.35 -23.03
C PHE J 172 -40.17 -0.64 -24.18
N LEU J 173 -38.99 -1.14 -24.56
CA LEU J 173 -38.87 -2.07 -25.68
C LEU J 173 -37.85 -3.14 -25.35
N SER J 174 -38.16 -4.37 -25.77
CA SER J 174 -37.30 -5.52 -25.56
C SER J 174 -36.28 -5.63 -26.69
N ALA J 175 -35.38 -6.61 -26.57
CA ALA J 175 -34.35 -6.81 -27.58
C ALA J 175 -34.94 -7.07 -28.96
N PRO J 176 -35.79 -8.09 -29.16
CA PRO J 176 -36.35 -8.30 -30.51
C PRO J 176 -37.20 -7.13 -30.98
N GLU J 177 -37.91 -6.47 -30.07
CA GLU J 177 -38.71 -5.30 -30.44
C GLU J 177 -37.83 -4.16 -30.89
N ALA J 178 -36.62 -4.05 -30.32
CA ALA J 178 -35.71 -2.98 -30.68
C ALA J 178 -35.30 -3.06 -32.15
N VAL J 179 -35.15 -4.27 -32.68
CA VAL J 179 -34.73 -4.44 -34.07
C VAL J 179 -35.77 -3.84 -35.01
N GLU J 180 -37.06 -4.03 -34.70
CA GLU J 180 -38.10 -3.47 -35.55
C GLU J 180 -37.99 -1.95 -35.64
N TYR J 181 -37.70 -1.29 -34.51
CA TYR J 181 -37.56 0.16 -34.52
C TYR J 181 -36.34 0.61 -35.31
N GLY J 182 -35.32 -0.25 -35.41
CA GLY J 182 -34.09 0.06 -36.10
C GLY J 182 -32.95 0.50 -35.19
N LEU J 183 -33.16 0.50 -33.88
CA LEU J 183 -32.10 0.91 -32.94
C LEU J 183 -30.88 0.01 -33.03
N VAL J 184 -31.08 -1.25 -33.39
CA VAL J 184 -30.01 -2.24 -33.47
C VAL J 184 -30.15 -3.01 -34.78
N ASP J 185 -29.07 -3.73 -35.12
CA ASP J 185 -28.98 -4.51 -36.35
C ASP J 185 -29.03 -6.01 -36.13
N SER J 186 -28.62 -6.50 -34.96
CA SER J 186 -28.62 -7.94 -34.72
C SER J 186 -28.63 -8.17 -33.21
N ILE J 187 -28.89 -9.42 -32.84
CA ILE J 187 -28.98 -9.85 -31.44
C ILE J 187 -27.98 -10.98 -31.24
N LEU J 188 -27.18 -10.87 -30.18
CA LEU J 188 -26.17 -11.86 -29.84
C LEU J 188 -26.70 -12.75 -28.72
N THR J 189 -26.82 -14.04 -29.00
CA THR J 189 -27.30 -15.04 -28.04
C THR J 189 -26.23 -16.04 -27.67
N HIS J 190 -25.51 -16.59 -28.65
CA HIS J 190 -24.44 -17.55 -28.42
C HIS J 190 -23.37 -17.34 -29.47
N ARG J 191 -22.16 -17.81 -29.16
CA ARG J 191 -21.04 -17.68 -30.09
C ARG J 191 -21.28 -18.58 -31.30
N ASN J 192 -21.23 -17.97 -32.49
CA ASN J 192 -21.44 -18.69 -33.75
C ASN J 192 -22.79 -19.39 -33.77
N LEU K 1 -9.06 -4.42 5.56
CA LEU K 1 -8.08 -4.38 4.48
C LEU K 1 -7.91 -5.76 3.86
N VAL K 2 -7.64 -5.80 2.57
CA VAL K 2 -7.47 -7.04 1.83
C VAL K 2 -5.99 -7.41 1.90
N PRO K 3 -5.62 -8.60 2.41
CA PRO K 3 -4.20 -8.95 2.48
C PRO K 3 -3.66 -9.38 1.12
N MET K 4 -2.32 -9.41 1.05
CA MET K 4 -1.60 -9.80 -0.15
C MET K 4 -1.05 -11.22 0.01
N VAL K 5 -0.80 -11.85 -1.14
CA VAL K 5 -0.26 -13.21 -1.17
C VAL K 5 0.75 -13.30 -2.31
N ILE K 6 1.72 -14.20 -2.15
CA ILE K 6 2.77 -14.43 -3.14
C ILE K 6 2.51 -15.76 -3.84
N GLU K 7 2.68 -15.76 -5.16
CA GLU K 7 2.49 -16.95 -5.99
C GLU K 7 3.83 -17.29 -6.63
N GLN K 8 4.36 -18.47 -6.31
CA GLN K 8 5.63 -18.91 -6.86
C GLN K 8 5.42 -19.50 -8.24
N THR K 9 6.20 -19.02 -9.21
CA THR K 9 6.10 -19.46 -10.59
C THR K 9 7.50 -19.66 -11.16
N SER K 10 7.56 -20.07 -12.42
CA SER K 10 8.83 -20.30 -13.11
C SER K 10 9.65 -19.02 -13.17
N ARG K 11 9.03 -17.93 -13.64
CA ARG K 11 9.74 -16.66 -13.75
C ARG K 11 10.16 -16.12 -12.40
N GLY K 12 9.47 -16.49 -11.33
CA GLY K 12 9.80 -16.05 -10.00
C GLY K 12 8.54 -15.96 -9.14
N GLU K 13 8.47 -14.92 -8.31
CA GLU K 13 7.34 -14.70 -7.43
C GLU K 13 6.60 -13.43 -7.85
N ARG K 14 5.28 -13.52 -7.90
CA ARG K 14 4.41 -12.41 -8.26
C ARG K 14 3.39 -12.20 -7.14
N SER K 15 3.13 -10.94 -6.82
CA SER K 15 2.18 -10.59 -5.77
C SER K 15 0.82 -10.28 -6.36
N PHE K 16 -0.23 -10.79 -5.71
CA PHE K 16 -1.61 -10.58 -6.14
C PHE K 16 -2.50 -10.37 -4.93
N ASP K 17 -3.66 -9.78 -5.19
CA ASP K 17 -4.67 -9.63 -4.15
C ASP K 17 -5.34 -10.98 -3.94
N ILE K 18 -6.00 -11.12 -2.78
CA ILE K 18 -6.68 -12.39 -2.51
C ILE K 18 -7.74 -12.67 -3.56
N TYR K 19 -8.47 -11.62 -3.97
CA TYR K 19 -9.46 -11.80 -5.02
C TYR K 19 -8.80 -12.02 -6.37
N SER K 20 -7.71 -11.29 -6.65
CA SER K 20 -6.99 -11.46 -7.91
C SER K 20 -6.40 -12.85 -8.02
N ARG K 21 -5.92 -13.41 -6.91
CA ARG K 21 -5.34 -14.75 -6.93
C ARG K 21 -6.38 -15.77 -7.37
N LEU K 22 -7.61 -15.67 -6.85
CA LEU K 22 -8.66 -16.60 -7.25
C LEU K 22 -9.14 -16.32 -8.66
N LEU K 23 -9.06 -15.07 -9.12
CA LEU K 23 -9.47 -14.75 -10.49
C LEU K 23 -8.58 -15.49 -11.47
N LYS K 24 -7.30 -15.62 -11.16
CA LYS K 24 -6.39 -16.37 -12.02
C LYS K 24 -6.82 -17.83 -12.13
N GLU K 25 -7.49 -18.35 -11.10
CA GLU K 25 -7.96 -19.72 -11.05
C GLU K 25 -9.40 -19.87 -11.57
N ARG K 26 -9.90 -18.90 -12.34
CA ARG K 26 -11.24 -18.96 -12.90
C ARG K 26 -12.31 -19.00 -11.80
N VAL K 27 -12.17 -18.11 -10.82
CA VAL K 27 -13.09 -18.00 -9.70
C VAL K 27 -13.44 -16.53 -9.52
N ILE K 28 -14.74 -16.22 -9.51
CA ILE K 28 -15.25 -14.87 -9.35
C ILE K 28 -16.10 -14.81 -8.09
N PHE K 29 -16.00 -13.71 -7.35
CA PHE K 29 -16.76 -13.50 -6.12
C PHE K 29 -17.88 -12.49 -6.37
N LEU K 30 -19.10 -12.88 -6.03
CA LEU K 30 -20.28 -12.02 -6.14
C LEU K 30 -20.74 -11.76 -4.71
N THR K 31 -20.30 -10.64 -4.15
CA THR K 31 -20.64 -10.25 -2.78
C THR K 31 -21.43 -8.94 -2.76
N GLY K 32 -22.30 -8.82 -1.77
CA GLY K 32 -23.10 -7.63 -1.57
C GLY K 32 -24.28 -7.52 -2.50
N GLN K 33 -24.90 -6.34 -2.46
CA GLN K 33 -26.05 -6.05 -3.30
C GLN K 33 -25.64 -6.05 -4.77
N VAL K 34 -26.59 -6.40 -5.64
CA VAL K 34 -26.35 -6.43 -7.07
C VAL K 34 -26.71 -5.07 -7.65
N GLU K 35 -25.72 -4.39 -8.22
CA GLU K 35 -25.91 -3.08 -8.85
C GLU K 35 -25.16 -3.08 -10.17
N ASP K 36 -25.32 -1.98 -10.91
CA ASP K 36 -24.68 -1.86 -12.22
C ASP K 36 -23.16 -1.90 -12.12
N HIS K 37 -22.58 -1.17 -11.17
CA HIS K 37 -21.13 -1.14 -11.04
C HIS K 37 -20.56 -2.53 -10.75
N MET K 38 -21.18 -3.26 -9.83
CA MET K 38 -20.70 -4.61 -9.51
C MET K 38 -20.92 -5.56 -10.68
N ALA K 39 -22.09 -5.46 -11.35
CA ALA K 39 -22.38 -6.36 -12.45
C ALA K 39 -21.42 -6.15 -13.61
N ASN K 40 -21.16 -4.89 -13.99
CA ASN K 40 -20.22 -4.62 -15.07
C ASN K 40 -18.83 -5.13 -14.72
N LEU K 41 -18.46 -5.09 -13.43
CA LEU K 41 -17.16 -5.58 -13.01
C LEU K 41 -17.10 -7.10 -13.17
N ILE K 42 -18.16 -7.80 -12.79
CA ILE K 42 -18.19 -9.26 -12.92
C ILE K 42 -18.20 -9.66 -14.39
N VAL K 43 -18.89 -8.90 -15.23
CA VAL K 43 -18.95 -9.22 -16.66
C VAL K 43 -17.54 -9.14 -17.26
N ALA K 44 -16.80 -8.08 -16.93
CA ALA K 44 -15.44 -7.94 -17.43
C ALA K 44 -14.58 -9.12 -17.01
N GLN K 45 -14.79 -9.62 -15.80
CA GLN K 45 -14.03 -10.76 -15.32
C GLN K 45 -14.37 -12.02 -16.10
N MET K 46 -15.67 -12.26 -16.33
CA MET K 46 -16.10 -13.44 -17.06
C MET K 46 -15.54 -13.45 -18.48
N LEU K 47 -15.65 -12.32 -19.18
CA LEU K 47 -15.11 -12.25 -20.53
C LEU K 47 -13.60 -12.43 -20.54
N PHE K 48 -12.91 -11.89 -19.52
CA PHE K 48 -11.47 -12.05 -19.44
C PHE K 48 -11.07 -13.52 -19.33
N LEU K 49 -11.80 -14.28 -18.50
CA LEU K 49 -11.49 -15.69 -18.33
C LEU K 49 -11.67 -16.46 -19.64
N GLU K 50 -12.64 -16.05 -20.46
CA GLU K 50 -12.88 -16.74 -21.73
C GLU K 50 -11.67 -16.69 -22.63
N ALA K 51 -10.96 -15.56 -22.65
CA ALA K 51 -9.79 -15.42 -23.52
C ALA K 51 -8.67 -16.36 -23.11
N GLU K 52 -8.39 -16.47 -21.81
CA GLU K 52 -7.30 -17.34 -21.34
C GLU K 52 -7.58 -18.80 -21.68
N ASN K 53 -8.79 -19.28 -21.39
CA ASN K 53 -9.15 -20.66 -21.66
C ASN K 53 -10.66 -20.73 -21.93
N PRO K 54 -11.09 -20.73 -23.19
CA PRO K 54 -12.54 -20.82 -23.46
C PRO K 54 -13.13 -22.19 -23.20
N GLU K 55 -12.33 -23.21 -22.88
CA GLU K 55 -12.83 -24.56 -22.65
C GLU K 55 -12.84 -24.99 -21.19
N LYS K 56 -12.35 -24.16 -20.26
CA LYS K 56 -12.33 -24.53 -18.86
C LYS K 56 -13.52 -23.95 -18.12
N ASP K 57 -13.97 -24.68 -17.10
CA ASP K 57 -15.09 -24.23 -16.28
C ASP K 57 -14.75 -22.95 -15.53
N ILE K 58 -15.78 -22.19 -15.19
CA ILE K 58 -15.66 -20.97 -14.41
C ILE K 58 -16.48 -21.17 -13.13
N TYR K 59 -15.93 -20.72 -12.01
CA TYR K 59 -16.61 -20.83 -10.72
C TYR K 59 -17.14 -19.46 -10.30
N LEU K 60 -18.44 -19.41 -9.99
CA LEU K 60 -19.12 -18.20 -9.55
C LEU K 60 -19.73 -18.43 -8.18
N TYR K 61 -19.14 -17.84 -7.15
CA TYR K 61 -19.67 -17.94 -5.79
C TYR K 61 -20.65 -16.79 -5.60
N ILE K 62 -21.89 -17.12 -5.26
CA ILE K 62 -22.95 -16.12 -5.11
C ILE K 62 -23.32 -15.99 -3.64
N ASN K 63 -23.24 -14.77 -3.12
CA ASN K 63 -23.66 -14.44 -1.75
C ASN K 63 -24.15 -13.00 -1.85
N SER K 64 -25.47 -12.82 -1.92
CA SER K 64 -26.03 -11.49 -2.06
C SER K 64 -27.41 -11.41 -1.43
N PRO K 65 -27.82 -10.25 -0.90
CA PRO K 65 -29.20 -10.13 -0.40
C PRO K 65 -30.21 -9.75 -1.47
N GLY K 66 -29.76 -9.56 -2.71
CA GLY K 66 -30.58 -9.17 -3.84
C GLY K 66 -30.09 -7.91 -4.51
N GLY K 67 -30.92 -7.27 -5.31
CA GLY K 67 -30.50 -6.07 -6.01
C GLY K 67 -31.46 -5.73 -7.13
N VAL K 68 -30.94 -4.95 -8.08
CA VAL K 68 -31.70 -4.52 -9.25
C VAL K 68 -31.79 -5.67 -10.23
N ILE K 69 -32.93 -5.75 -10.92
CA ILE K 69 -33.19 -6.85 -11.86
C ILE K 69 -32.42 -6.65 -13.16
N THR K 70 -32.33 -5.41 -13.65
CA THR K 70 -31.60 -5.12 -14.89
C THR K 70 -30.18 -5.68 -14.86
N ALA K 71 -29.50 -5.51 -13.72
CA ALA K 71 -28.14 -6.02 -13.58
C ALA K 71 -28.09 -7.54 -13.75
N GLY K 72 -29.03 -8.25 -13.13
CA GLY K 72 -29.02 -9.70 -13.21
C GLY K 72 -29.18 -10.23 -14.63
N MET K 73 -30.12 -9.67 -15.39
CA MET K 73 -30.33 -10.12 -16.77
C MET K 73 -29.07 -9.92 -17.61
N SER K 74 -28.27 -8.89 -17.29
CA SER K 74 -27.04 -8.65 -18.03
C SER K 74 -26.06 -9.82 -17.84
N ILE K 75 -25.96 -10.32 -16.61
CA ILE K 75 -25.04 -11.43 -16.31
C ILE K 75 -25.57 -12.74 -16.87
N TYR K 76 -26.89 -12.95 -16.79
CA TYR K 76 -27.49 -14.18 -17.30
C TYR K 76 -27.18 -14.37 -18.78
N ASP K 77 -27.28 -13.28 -19.57
CA ASP K 77 -26.98 -13.37 -21.00
C ASP K 77 -25.53 -13.75 -21.22
N THR K 78 -24.63 -13.26 -20.37
CA THR K 78 -23.21 -13.55 -20.52
C THR K 78 -22.93 -15.05 -20.32
N MET K 79 -23.60 -15.66 -19.34
CA MET K 79 -23.38 -17.09 -19.10
C MET K 79 -23.81 -17.93 -20.30
N GLN K 80 -24.96 -17.59 -20.89
CA GLN K 80 -25.44 -18.33 -22.06
C GLN K 80 -24.62 -18.01 -23.31
N PHE K 81 -24.05 -16.81 -23.37
CA PHE K 81 -23.30 -16.39 -24.55
C PHE K 81 -21.94 -17.07 -24.63
N ILE K 82 -21.13 -16.96 -23.57
CA ILE K 82 -19.78 -17.50 -23.62
C ILE K 82 -19.81 -19.03 -23.66
N LYS K 83 -18.86 -19.59 -24.40
CA LYS K 83 -18.75 -21.04 -24.55
C LYS K 83 -18.46 -21.80 -23.27
N PRO K 84 -17.46 -21.46 -22.45
CA PRO K 84 -17.17 -22.28 -21.27
C PRO K 84 -18.31 -22.35 -20.28
N ASP K 85 -18.41 -23.50 -19.62
CA ASP K 85 -19.45 -23.73 -18.63
C ASP K 85 -19.16 -22.93 -17.37
N VAL K 86 -20.22 -22.39 -16.77
CA VAL K 86 -20.11 -21.58 -15.56
C VAL K 86 -20.74 -22.37 -14.41
N SER K 87 -19.95 -22.60 -13.37
CA SER K 87 -20.39 -23.32 -12.17
C SER K 87 -20.81 -22.28 -11.14
N THR K 88 -22.05 -22.37 -10.67
CA THR K 88 -22.60 -21.45 -9.70
C THR K 88 -22.70 -22.13 -8.35
N ILE K 89 -22.16 -21.49 -7.32
CA ILE K 89 -22.17 -21.99 -5.95
C ILE K 89 -22.83 -20.94 -5.07
N CYS K 90 -23.81 -21.34 -4.28
CA CYS K 90 -24.51 -20.44 -3.36
C CYS K 90 -23.96 -20.66 -1.96
N MET K 91 -23.42 -19.60 -1.37
CA MET K 91 -22.85 -19.63 -0.03
C MET K 91 -23.48 -18.50 0.78
N GLY K 92 -24.10 -18.86 1.91
CA GLY K 92 -24.72 -17.86 2.76
C GLY K 92 -26.16 -17.55 2.41
N GLN K 93 -26.38 -16.44 1.72
CA GLN K 93 -27.70 -15.96 1.33
C GLN K 93 -27.78 -15.77 -0.17
N ALA K 94 -28.97 -16.04 -0.72
CA ALA K 94 -29.22 -15.90 -2.15
C ALA K 94 -30.66 -15.46 -2.32
N ALA K 95 -30.84 -14.26 -2.85
CA ALA K 95 -32.15 -13.65 -3.07
C ALA K 95 -32.62 -13.96 -4.50
N SER K 96 -33.74 -13.33 -4.88
CA SER K 96 -34.35 -13.47 -6.20
C SER K 96 -33.34 -13.46 -7.34
N MET K 97 -32.53 -12.39 -7.42
CA MET K 97 -31.55 -12.32 -8.50
C MET K 97 -30.41 -13.29 -8.24
N GLY K 98 -30.01 -13.45 -6.97
CA GLY K 98 -28.98 -14.42 -6.65
C GLY K 98 -29.38 -15.83 -7.03
N ALA K 99 -30.66 -16.16 -6.81
CA ALA K 99 -31.17 -17.48 -7.16
C ALA K 99 -31.28 -17.64 -8.67
N PHE K 100 -31.73 -16.59 -9.36
CA PHE K 100 -31.84 -16.68 -10.81
C PHE K 100 -30.48 -16.89 -11.45
N LEU K 101 -29.46 -16.20 -10.94
CA LEU K 101 -28.10 -16.40 -11.44
C LEU K 101 -27.53 -17.74 -10.97
N LEU K 102 -28.08 -18.30 -9.89
CA LEU K 102 -27.59 -19.59 -9.40
C LEU K 102 -28.04 -20.74 -10.28
N THR K 103 -29.29 -20.70 -10.74
CA THR K 103 -29.80 -21.77 -11.60
C THR K 103 -29.42 -21.59 -13.05
N ALA K 104 -28.79 -20.48 -13.42
CA ALA K 104 -28.37 -20.25 -14.80
C ALA K 104 -27.03 -20.91 -15.12
N GLY K 105 -26.44 -21.63 -14.17
CA GLY K 105 -25.17 -22.29 -14.40
C GLY K 105 -25.31 -23.49 -15.31
N ALA K 106 -24.16 -24.07 -15.64
CA ALA K 106 -24.11 -25.26 -16.47
C ALA K 106 -24.86 -26.41 -15.81
N LYS K 107 -25.70 -27.08 -16.59
CA LYS K 107 -26.48 -28.21 -16.08
C LYS K 107 -25.53 -29.29 -15.56
N GLY K 108 -25.71 -29.65 -14.29
CA GLY K 108 -24.88 -30.65 -13.64
C GLY K 108 -23.71 -30.08 -12.84
N LYS K 109 -23.53 -28.75 -12.85
CA LYS K 109 -22.44 -28.10 -12.13
C LYS K 109 -22.96 -27.09 -11.09
N ARG K 110 -24.22 -27.20 -10.69
CA ARG K 110 -24.82 -26.30 -9.71
C ARG K 110 -24.75 -26.96 -8.34
N PHE K 111 -23.93 -26.40 -7.47
CA PHE K 111 -23.70 -26.90 -6.12
C PHE K 111 -24.29 -25.95 -5.08
N CYS K 112 -24.49 -26.47 -3.87
CA CYS K 112 -25.08 -25.72 -2.78
C CYS K 112 -24.60 -26.32 -1.45
N LEU K 113 -24.39 -25.45 -0.47
CA LEU K 113 -23.91 -25.84 0.84
C LEU K 113 -25.09 -26.27 1.72
N PRO K 114 -24.85 -27.15 2.71
CA PRO K 114 -25.96 -27.63 3.55
C PRO K 114 -26.69 -26.54 4.33
N ASN K 115 -25.97 -25.53 4.82
CA ASN K 115 -26.57 -24.46 5.60
C ASN K 115 -26.76 -23.17 4.78
N SER K 116 -26.82 -23.29 3.45
CA SER K 116 -27.04 -22.15 2.60
C SER K 116 -28.54 -21.88 2.49
N ARG K 117 -28.88 -20.61 2.32
CA ARG K 117 -30.27 -20.16 2.24
C ARG K 117 -30.53 -19.58 0.87
N VAL K 118 -31.64 -20.00 0.26
CA VAL K 118 -32.05 -19.55 -1.07
C VAL K 118 -33.45 -18.95 -0.94
N MET K 119 -33.62 -17.74 -1.46
CA MET K 119 -34.88 -17.02 -1.42
C MET K 119 -35.25 -16.61 -2.84
N ILE K 120 -36.53 -16.77 -3.18
CA ILE K 120 -37.03 -16.42 -4.50
C ILE K 120 -38.37 -15.72 -4.35
N HIS K 121 -38.58 -14.70 -5.17
CA HIS K 121 -39.82 -13.94 -5.17
C HIS K 121 -39.98 -13.28 -6.54
N GLN K 122 -41.08 -12.57 -6.71
CA GLN K 122 -41.33 -11.87 -7.97
C GLN K 122 -40.61 -10.54 -7.98
N PRO K 123 -40.46 -9.90 -9.14
CA PRO K 123 -39.75 -8.62 -9.18
C PRO K 123 -40.49 -7.52 -8.44
N LEU K 124 -39.72 -6.54 -8.00
CA LEU K 124 -40.23 -5.38 -7.28
C LEU K 124 -39.96 -4.12 -8.09
N GLY K 125 -40.74 -3.10 -7.83
CA GLY K 125 -40.59 -1.85 -8.55
C GLY K 125 -41.63 -0.84 -8.14
N GLY K 126 -41.79 0.17 -8.98
CA GLY K 126 -42.78 1.20 -8.73
C GLY K 126 -42.52 2.40 -9.62
N TYR K 127 -43.50 3.30 -9.62
CA TYR K 127 -43.43 4.51 -10.43
C TYR K 127 -44.42 5.52 -9.89
N GLN K 128 -44.03 6.78 -9.90
CA GLN K 128 -44.87 7.89 -9.43
C GLN K 128 -44.97 8.90 -10.56
N GLY K 129 -46.19 9.19 -10.97
CA GLY K 129 -46.42 10.12 -12.07
C GLY K 129 -47.85 9.99 -12.58
N GLN K 130 -48.03 10.36 -13.84
CA GLN K 130 -49.35 10.30 -14.46
C GLN K 130 -49.80 8.85 -14.63
N ALA K 131 -51.11 8.67 -14.77
CA ALA K 131 -51.68 7.34 -14.94
C ALA K 131 -51.17 6.67 -16.21
N THR K 132 -51.01 7.43 -17.29
CA THR K 132 -50.52 6.85 -18.54
C THR K 132 -49.12 6.27 -18.36
N ASP K 133 -48.26 6.98 -17.62
CA ASP K 133 -46.91 6.47 -17.39
C ASP K 133 -46.93 5.25 -16.48
N ILE K 134 -47.80 5.26 -15.46
CA ILE K 134 -47.91 4.13 -14.55
C ILE K 134 -48.33 2.88 -15.31
N GLU K 135 -49.26 3.02 -16.26
CA GLU K 135 -49.71 1.88 -17.06
C GLU K 135 -48.55 1.30 -17.86
N ILE K 136 -47.71 2.16 -18.42
CA ILE K 136 -46.57 1.69 -19.20
C ILE K 136 -45.60 0.94 -18.30
N HIS K 137 -45.25 1.53 -17.15
CA HIS K 137 -44.34 0.87 -16.23
C HIS K 137 -44.97 -0.40 -15.66
N ALA K 138 -46.29 -0.38 -15.44
CA ALA K 138 -46.97 -1.56 -14.92
C ALA K 138 -46.84 -2.74 -15.89
N ARG K 139 -47.00 -2.47 -17.19
CA ARG K 139 -46.86 -3.54 -18.18
C ARG K 139 -45.41 -3.96 -18.33
N GLU K 140 -44.47 -3.02 -18.13
CA GLU K 140 -43.06 -3.35 -18.25
C GLU K 140 -42.62 -4.35 -17.19
N ILE K 141 -42.89 -4.04 -15.92
CA ILE K 141 -42.52 -4.94 -14.84
C ILE K 141 -43.25 -6.27 -14.97
N LEU K 142 -44.49 -6.25 -15.48
CA LEU K 142 -45.23 -7.49 -15.67
C LEU K 142 -44.53 -8.39 -16.68
N LYS K 143 -44.02 -7.80 -17.77
CA LYS K 143 -43.32 -8.58 -18.77
C LYS K 143 -42.03 -9.17 -18.20
N VAL K 144 -41.34 -8.41 -17.34
CA VAL K 144 -40.12 -8.90 -16.73
C VAL K 144 -40.39 -10.14 -15.90
N LYS K 145 -41.46 -10.11 -15.10
CA LYS K 145 -41.83 -11.27 -14.28
C LYS K 145 -42.09 -12.49 -15.16
N GLY K 146 -42.84 -12.29 -16.25
CA GLY K 146 -43.10 -13.41 -17.15
C GLY K 146 -41.83 -13.88 -17.84
N ARG K 147 -40.96 -12.95 -18.22
CA ARG K 147 -39.71 -13.31 -18.86
C ARG K 147 -38.79 -14.06 -17.89
N MET K 148 -38.79 -13.64 -16.62
CA MET K 148 -37.93 -14.30 -15.64
C MET K 148 -38.47 -15.67 -15.26
N ASN K 149 -39.79 -15.78 -15.07
CA ASN K 149 -40.37 -17.07 -14.70
C ASN K 149 -40.18 -18.10 -15.79
N GLU K 150 -40.32 -17.69 -17.06
CA GLU K 150 -40.11 -18.62 -18.17
C GLU K 150 -38.71 -19.20 -18.14
N LEU K 151 -37.71 -18.36 -17.86
CA LEU K 151 -36.34 -18.83 -17.78
C LEU K 151 -36.12 -19.69 -16.55
N MET K 152 -36.73 -19.29 -15.43
CA MET K 152 -36.58 -20.05 -14.19
C MET K 152 -37.12 -21.47 -14.36
N ALA K 153 -38.22 -21.61 -15.08
CA ALA K 153 -38.81 -22.93 -15.30
C ALA K 153 -37.90 -23.81 -16.16
N LEU K 154 -37.19 -23.21 -17.11
CA LEU K 154 -36.32 -23.98 -17.99
C LEU K 154 -35.18 -24.65 -17.23
N HIS K 155 -34.47 -23.88 -16.40
CA HIS K 155 -33.36 -24.46 -15.65
C HIS K 155 -33.84 -25.39 -14.55
N THR K 156 -34.87 -25.00 -13.81
CA THR K 156 -35.39 -25.85 -12.74
C THR K 156 -36.08 -27.08 -13.30
N GLY K 157 -36.81 -26.93 -14.40
CA GLY K 157 -37.56 -28.01 -15.00
C GLY K 157 -39.02 -28.05 -14.61
N GLN K 158 -39.41 -27.30 -13.58
CA GLN K 158 -40.79 -27.24 -13.15
C GLN K 158 -41.64 -26.53 -14.19
N SER K 159 -42.95 -26.74 -14.11
CA SER K 159 -43.85 -26.11 -15.05
C SER K 159 -43.94 -24.61 -14.79
N LEU K 160 -44.33 -23.87 -15.83
CA LEU K 160 -44.44 -22.42 -15.73
C LEU K 160 -45.47 -22.02 -14.68
N GLU K 161 -46.60 -22.73 -14.61
CA GLU K 161 -47.63 -22.40 -13.64
C GLU K 161 -47.12 -22.56 -12.21
N GLN K 162 -46.36 -23.62 -11.95
CA GLN K 162 -45.83 -23.85 -10.61
C GLN K 162 -44.94 -22.70 -10.17
N ILE K 163 -44.12 -22.16 -11.09
CA ILE K 163 -43.25 -21.04 -10.75
C ILE K 163 -44.07 -19.83 -10.32
N GLU K 164 -45.21 -19.59 -10.98
CA GLU K 164 -46.05 -18.46 -10.66
C GLU K 164 -46.64 -18.60 -9.25
N ARG K 165 -47.18 -19.78 -8.93
CA ARG K 165 -47.79 -20.00 -7.63
C ARG K 165 -46.77 -19.89 -6.50
N ASP K 166 -45.61 -20.51 -6.69
CA ASP K 166 -44.56 -20.51 -5.66
C ASP K 166 -43.90 -19.15 -5.51
N THR K 167 -43.94 -18.30 -6.53
CA THR K 167 -43.29 -17.00 -6.50
C THR K 167 -44.25 -15.85 -6.20
N GLU K 168 -45.52 -16.13 -5.85
CA GLU K 168 -46.42 -15.05 -5.49
C GLU K 168 -45.92 -14.29 -4.27
N ARG K 169 -45.18 -14.96 -3.39
CA ARG K 169 -44.64 -14.37 -2.18
C ARG K 169 -43.26 -14.98 -1.96
N ASP K 170 -42.52 -14.40 -1.01
CA ASP K 170 -41.18 -14.88 -0.70
C ASP K 170 -41.20 -16.36 -0.36
N ARG K 171 -40.33 -17.12 -1.03
CA ARG K 171 -40.22 -18.56 -0.84
C ARG K 171 -38.78 -18.89 -0.47
N PHE K 172 -38.58 -19.39 0.75
CA PHE K 172 -37.27 -19.77 1.25
C PHE K 172 -37.10 -21.28 1.10
N LEU K 173 -35.96 -21.69 0.57
CA LEU K 173 -35.66 -23.10 0.34
C LEU K 173 -34.24 -23.41 0.76
N SER K 174 -34.06 -24.60 1.33
CA SER K 174 -32.76 -25.07 1.78
C SER K 174 -32.08 -25.84 0.65
N ALA K 175 -30.86 -26.32 0.91
CA ALA K 175 -30.12 -27.09 -0.09
C ALA K 175 -30.86 -28.33 -0.55
N PRO K 176 -31.36 -29.21 0.33
CA PRO K 176 -32.09 -30.39 -0.18
C PRO K 176 -33.35 -30.02 -0.94
N GLU K 177 -34.11 -29.03 -0.45
CA GLU K 177 -35.32 -28.61 -1.14
C GLU K 177 -35.00 -28.04 -2.52
N ALA K 178 -33.83 -27.42 -2.67
CA ALA K 178 -33.44 -26.86 -3.96
C ALA K 178 -33.33 -27.94 -5.03
N VAL K 179 -32.79 -29.10 -4.66
CA VAL K 179 -32.64 -30.20 -5.63
C VAL K 179 -34.01 -30.64 -6.12
N GLU K 180 -34.96 -30.84 -5.21
CA GLU K 180 -36.30 -31.26 -5.62
C GLU K 180 -36.93 -30.22 -6.53
N TYR K 181 -36.81 -28.94 -6.18
CA TYR K 181 -37.34 -27.89 -7.04
C TYR K 181 -36.56 -27.79 -8.35
N GLY K 182 -35.30 -28.21 -8.34
CA GLY K 182 -34.43 -28.18 -9.50
C GLY K 182 -33.51 -26.98 -9.60
N LEU K 183 -33.49 -26.11 -8.59
CA LEU K 183 -32.61 -24.95 -8.63
C LEU K 183 -31.14 -25.33 -8.60
N VAL K 184 -30.81 -26.53 -8.11
CA VAL K 184 -29.44 -27.00 -8.01
C VAL K 184 -29.39 -28.47 -8.42
N ASP K 185 -28.18 -28.95 -8.68
CA ASP K 185 -27.95 -30.34 -9.09
C ASP K 185 -27.37 -31.23 -8.01
N SER K 186 -26.64 -30.67 -7.05
CA SER K 186 -26.03 -31.48 -5.99
C SER K 186 -25.77 -30.61 -4.77
N ILE K 187 -25.39 -31.27 -3.68
CA ILE K 187 -25.09 -30.63 -2.41
C ILE K 187 -23.69 -31.05 -2.01
N LEU K 188 -22.85 -30.08 -1.63
CA LEU K 188 -21.48 -30.32 -1.21
C LEU K 188 -21.42 -30.26 0.31
N THR K 189 -21.12 -31.40 0.94
CA THR K 189 -21.00 -31.51 2.38
C THR K 189 -19.55 -31.62 2.82
N HIS K 190 -18.81 -32.56 2.25
CA HIS K 190 -17.39 -32.75 2.56
C HIS K 190 -16.68 -33.11 1.26
N ARG K 191 -15.38 -32.86 1.22
CA ARG K 191 -14.59 -33.18 0.04
C ARG K 191 -14.64 -34.67 -0.23
N ASN K 192 -14.88 -35.03 -1.49
CA ASN K 192 -14.96 -36.43 -1.91
C ASN K 192 -16.13 -37.13 -1.22
N LEU L 1 -3.38 2.50 11.30
CA LEU L 1 -2.63 2.21 10.08
C LEU L 1 -1.97 0.84 10.17
N VAL L 2 -1.99 0.11 9.07
CA VAL L 2 -1.39 -1.23 9.03
C VAL L 2 0.12 -1.10 8.85
N PRO L 3 0.95 -1.68 9.71
CA PRO L 3 2.39 -1.57 9.52
C PRO L 3 2.92 -2.63 8.57
N MET L 4 4.13 -2.38 8.07
CA MET L 4 4.82 -3.27 7.13
C MET L 4 5.95 -3.99 7.86
N VAL L 5 6.03 -5.31 7.66
CA VAL L 5 7.05 -6.14 8.26
C VAL L 5 7.84 -6.82 7.15
N ILE L 6 9.02 -7.31 7.51
CA ILE L 6 9.93 -7.99 6.59
C ILE L 6 10.01 -9.47 6.94
N GLU L 7 10.02 -10.31 5.91
CA GLU L 7 10.16 -11.75 6.04
C GLU L 7 11.43 -12.13 5.29
N GLN L 8 12.39 -12.74 6.01
CA GLN L 8 13.68 -13.08 5.42
C GLN L 8 13.72 -14.50 4.90
N THR L 9 14.11 -14.64 3.63
CA THR L 9 14.29 -15.90 2.95
C THR L 9 15.45 -15.69 1.99
N SER L 10 15.96 -16.78 1.41
CA SER L 10 17.08 -16.64 0.48
C SER L 10 16.60 -16.46 -0.96
N ARG L 11 15.70 -15.48 -1.16
CA ARG L 11 15.20 -15.10 -2.47
C ARG L 11 15.21 -13.60 -2.71
N GLY L 12 15.25 -12.79 -1.66
CA GLY L 12 15.19 -11.34 -1.76
C GLY L 12 14.24 -10.87 -0.66
N GLU L 13 14.40 -9.60 -0.27
CA GLU L 13 13.58 -9.06 0.79
C GLU L 13 12.18 -8.74 0.26
N ARG L 14 11.17 -9.06 1.07
CA ARG L 14 9.76 -8.85 0.73
C ARG L 14 9.05 -8.16 1.88
N SER L 15 8.34 -7.08 1.58
CA SER L 15 7.57 -6.34 2.57
C SER L 15 6.13 -6.84 2.59
N PHE L 16 5.65 -7.21 3.78
CA PHE L 16 4.29 -7.72 3.96
C PHE L 16 3.56 -6.93 5.04
N ASP L 17 2.25 -7.04 5.00
CA ASP L 17 1.37 -6.43 5.99
C ASP L 17 1.32 -7.31 7.23
N ILE L 18 0.93 -6.70 8.35
CA ILE L 18 0.84 -7.46 9.60
C ILE L 18 -0.16 -8.59 9.46
N TYR L 19 -1.32 -8.31 8.84
CA TYR L 19 -2.32 -9.35 8.64
C TYR L 19 -1.91 -10.31 7.52
N SER L 20 -1.35 -9.77 6.43
CA SER L 20 -0.92 -10.61 5.32
C SER L 20 0.25 -11.50 5.72
N ARG L 21 1.14 -10.98 6.58
CA ARG L 21 2.27 -11.78 7.02
C ARG L 21 1.81 -13.01 7.80
N LEU L 22 0.83 -12.83 8.69
CA LEU L 22 0.31 -13.95 9.46
C LEU L 22 -0.50 -14.91 8.60
N LEU L 23 -1.03 -14.44 7.47
CA LEU L 23 -1.77 -15.32 6.58
C LEU L 23 -0.89 -16.43 6.06
N LYS L 24 0.40 -16.13 5.83
CA LYS L 24 1.34 -17.14 5.36
C LYS L 24 1.51 -18.27 6.36
N GLU L 25 1.28 -18.00 7.65
CA GLU L 25 1.42 -18.99 8.71
C GLU L 25 0.10 -19.65 9.06
N ARG L 26 -0.88 -19.65 8.14
CA ARG L 26 -2.17 -20.30 8.34
C ARG L 26 -2.96 -19.67 9.49
N VAL L 27 -2.82 -18.37 9.69
CA VAL L 27 -3.52 -17.64 10.74
C VAL L 27 -4.44 -16.62 10.08
N ILE L 28 -5.73 -16.66 10.44
CA ILE L 28 -6.75 -15.76 9.92
C ILE L 28 -7.37 -14.98 11.08
N PHE L 29 -7.61 -13.69 10.86
CA PHE L 29 -8.22 -12.81 11.85
C PHE L 29 -9.68 -12.56 11.49
N LEU L 30 -10.55 -12.65 12.50
CA LEU L 30 -11.98 -12.39 12.36
C LEU L 30 -12.29 -11.23 13.29
N THR L 31 -12.33 -10.01 12.72
CA THR L 31 -12.56 -8.79 13.49
C THR L 31 -13.80 -8.06 12.99
N GLY L 32 -14.50 -7.42 13.93
CA GLY L 32 -15.68 -6.65 13.62
C GLY L 32 -16.93 -7.47 13.40
N GLN L 33 -18.02 -6.74 13.18
CA GLN L 33 -19.32 -7.35 12.94
C GLN L 33 -19.28 -8.22 11.68
N VAL L 34 -19.96 -9.36 11.75
CA VAL L 34 -19.97 -10.28 10.62
C VAL L 34 -20.94 -9.77 9.56
N GLU L 35 -20.45 -9.69 8.33
CA GLU L 35 -21.24 -9.22 7.20
C GLU L 35 -20.73 -9.94 5.96
N ASP L 36 -21.35 -9.63 4.81
CA ASP L 36 -21.01 -10.33 3.57
C ASP L 36 -19.60 -10.03 3.08
N HIS L 37 -19.16 -8.77 3.13
CA HIS L 37 -17.84 -8.43 2.60
C HIS L 37 -16.72 -9.09 3.41
N MET L 38 -16.82 -9.06 4.75
CA MET L 38 -15.78 -9.68 5.57
C MET L 38 -15.86 -11.19 5.54
N ALA L 39 -17.06 -11.75 5.45
CA ALA L 39 -17.21 -13.20 5.43
C ALA L 39 -16.63 -13.80 4.17
N ASN L 40 -16.98 -13.24 3.00
CA ASN L 40 -16.43 -13.74 1.75
C ASN L 40 -14.92 -13.56 1.71
N LEU L 41 -14.39 -12.54 2.39
CA LEU L 41 -12.95 -12.34 2.43
C LEU L 41 -12.29 -13.42 3.27
N ILE L 42 -12.87 -13.75 4.42
CA ILE L 42 -12.31 -14.79 5.28
C ILE L 42 -12.43 -16.14 4.59
N VAL L 43 -13.52 -16.37 3.87
CA VAL L 43 -13.72 -17.64 3.16
C VAL L 43 -12.61 -17.83 2.13
N ALA L 44 -12.26 -16.77 1.40
CA ALA L 44 -11.20 -16.87 0.42
C ALA L 44 -9.87 -17.20 1.07
N GLN L 45 -9.61 -16.60 2.24
CA GLN L 45 -8.38 -16.90 2.96
C GLN L 45 -8.28 -18.38 3.30
N MET L 46 -9.40 -18.97 3.75
CA MET L 46 -9.42 -20.40 4.08
C MET L 46 -9.14 -21.24 2.85
N LEU L 47 -9.77 -20.91 1.72
CA LEU L 47 -9.57 -21.67 0.50
C LEU L 47 -8.12 -21.55 0.00
N PHE L 48 -7.48 -20.41 0.26
CA PHE L 48 -6.10 -20.23 -0.18
C PHE L 48 -5.13 -21.04 0.68
N LEU L 49 -5.40 -21.17 1.97
CA LEU L 49 -4.50 -21.92 2.85
C LEU L 49 -4.49 -23.40 2.49
N GLU L 50 -5.65 -23.98 2.19
CA GLU L 50 -5.69 -25.40 1.84
C GLU L 50 -4.96 -25.70 0.55
N ALA L 51 -4.72 -24.69 -0.30
CA ALA L 51 -3.97 -24.92 -1.53
C ALA L 51 -2.50 -25.15 -1.23
N GLU L 52 -1.95 -24.42 -0.27
CA GLU L 52 -0.54 -24.55 0.09
C GLU L 52 -0.28 -25.87 0.81
N ASN L 53 -1.10 -26.19 1.82
CA ASN L 53 -0.93 -27.39 2.62
C ASN L 53 -2.28 -27.78 3.19
N PRO L 54 -3.06 -28.61 2.48
CA PRO L 54 -4.37 -29.01 3.01
C PRO L 54 -4.32 -29.99 4.18
N GLU L 55 -3.13 -30.34 4.68
CA GLU L 55 -2.99 -31.25 5.81
C GLU L 55 -2.71 -30.51 7.11
N LYS L 56 -1.94 -29.42 7.05
CA LYS L 56 -1.64 -28.65 8.25
C LYS L 56 -2.90 -27.95 8.76
N ASP L 57 -2.89 -27.66 10.06
CA ASP L 57 -4.04 -27.00 10.68
C ASP L 57 -4.06 -25.52 10.36
N ILE L 58 -5.27 -24.94 10.42
CA ILE L 58 -5.52 -23.53 10.15
C ILE L 58 -5.97 -22.88 11.45
N TYR L 59 -5.35 -21.74 11.78
CA TYR L 59 -5.68 -21.02 13.00
C TYR L 59 -6.75 -19.96 12.68
N LEU L 60 -7.78 -19.91 13.52
CA LEU L 60 -8.89 -18.97 13.36
C LEU L 60 -9.08 -18.19 14.65
N TYR L 61 -8.85 -16.88 14.58
CA TYR L 61 -9.03 -16.00 15.72
C TYR L 61 -10.41 -15.37 15.59
N ILE L 62 -11.22 -15.50 16.64
CA ILE L 62 -12.59 -14.99 16.64
C ILE L 62 -12.70 -13.89 17.69
N ASN L 63 -12.93 -12.66 17.21
CA ASN L 63 -13.16 -11.50 18.07
C ASN L 63 -14.24 -10.70 17.35
N SER L 64 -15.50 -10.88 17.74
CA SER L 64 -16.59 -10.19 17.08
C SER L 64 -17.77 -10.02 18.03
N PRO L 65 -18.60 -9.00 17.82
CA PRO L 65 -19.79 -8.81 18.67
C PRO L 65 -21.05 -9.46 18.11
N GLY L 66 -20.94 -10.24 17.04
CA GLY L 66 -22.05 -10.87 16.36
C GLY L 66 -22.26 -10.26 14.99
N GLY L 67 -23.33 -10.70 14.32
CA GLY L 67 -23.60 -10.22 12.99
C GLY L 67 -24.68 -11.03 12.30
N VAL L 68 -24.71 -10.92 10.98
CA VAL L 68 -25.70 -11.62 10.17
C VAL L 68 -25.50 -13.13 10.30
N ILE L 69 -26.62 -13.85 10.34
CA ILE L 69 -26.57 -15.30 10.52
C ILE L 69 -26.23 -15.99 9.20
N THR L 70 -26.83 -15.55 8.08
CA THR L 70 -26.54 -16.15 6.79
C THR L 70 -25.06 -16.08 6.46
N ALA L 71 -24.42 -14.95 6.80
CA ALA L 71 -22.99 -14.79 6.54
C ALA L 71 -22.19 -15.81 7.34
N GLY L 72 -22.58 -16.05 8.58
CA GLY L 72 -21.86 -17.01 9.42
C GLY L 72 -21.96 -18.43 8.92
N MET L 73 -23.17 -18.85 8.50
CA MET L 73 -23.36 -20.20 8.00
C MET L 73 -22.49 -20.48 6.78
N SER L 74 -22.20 -19.45 5.99
CA SER L 74 -21.32 -19.63 4.83
C SER L 74 -19.95 -20.12 5.26
N ILE L 75 -19.41 -19.53 6.34
CA ILE L 75 -18.10 -19.91 6.83
C ILE L 75 -18.15 -21.28 7.49
N TYR L 76 -19.19 -21.54 8.29
CA TYR L 76 -19.33 -22.83 8.96
C TYR L 76 -19.32 -23.98 7.97
N ASP L 77 -20.06 -23.84 6.87
CA ASP L 77 -20.06 -24.88 5.85
C ASP L 77 -18.66 -25.07 5.28
N THR L 78 -17.92 -23.97 5.13
CA THR L 78 -16.57 -24.04 4.59
C THR L 78 -15.63 -24.73 5.56
N MET L 79 -15.75 -24.45 6.86
CA MET L 79 -14.86 -25.06 7.84
C MET L 79 -15.06 -26.56 7.90
N GLN L 80 -16.31 -27.01 8.02
CA GLN L 80 -16.61 -28.43 8.09
C GLN L 80 -16.44 -29.14 6.75
N PHE L 81 -16.30 -28.40 5.65
CA PHE L 81 -16.17 -29.01 4.33
C PHE L 81 -14.73 -29.40 3.99
N ILE L 82 -13.80 -28.45 4.08
CA ILE L 82 -12.42 -28.74 3.71
C ILE L 82 -11.80 -29.81 4.60
N LYS L 83 -10.78 -30.47 4.06
CA LYS L 83 -10.06 -31.52 4.77
C LYS L 83 -9.31 -31.07 6.02
N PRO L 84 -8.47 -30.02 5.98
CA PRO L 84 -7.68 -29.69 7.18
C PRO L 84 -8.51 -29.26 8.38
N ASP L 85 -7.96 -29.54 9.55
CA ASP L 85 -8.56 -29.18 10.82
C ASP L 85 -8.35 -27.71 11.08
N VAL L 86 -9.40 -27.02 11.52
CA VAL L 86 -9.35 -25.59 11.78
C VAL L 86 -9.35 -25.39 13.29
N SER L 87 -8.28 -24.78 13.79
CA SER L 87 -8.14 -24.48 15.21
C SER L 87 -8.73 -23.11 15.47
N THR L 88 -9.73 -23.04 16.36
CA THR L 88 -10.43 -21.81 16.67
C THR L 88 -10.00 -21.33 18.05
N ILE L 89 -9.68 -20.03 18.14
CA ILE L 89 -9.22 -19.40 19.37
C ILE L 89 -10.13 -18.22 19.67
N CYS L 90 -10.61 -18.15 20.91
CA CYS L 90 -11.50 -17.09 21.36
C CYS L 90 -10.70 -16.00 22.05
N MET L 91 -10.65 -14.82 21.43
CA MET L 91 -9.92 -13.67 21.95
C MET L 91 -10.84 -12.47 21.92
N GLY L 92 -10.98 -11.80 23.06
CA GLY L 92 -11.84 -10.64 23.17
C GLY L 92 -13.25 -11.02 23.55
N GLN L 93 -14.16 -11.04 22.58
CA GLN L 93 -15.55 -11.41 22.81
C GLN L 93 -16.05 -12.30 21.68
N ALA L 94 -17.06 -13.10 21.99
CA ALA L 94 -17.68 -14.00 21.03
C ALA L 94 -19.18 -14.00 21.29
N ALA L 95 -19.95 -13.47 20.34
CA ALA L 95 -21.39 -13.41 20.48
C ALA L 95 -22.01 -14.69 19.92
N SER L 96 -23.34 -14.71 19.79
CA SER L 96 -24.09 -15.84 19.25
C SER L 96 -23.46 -16.42 18.00
N MET L 97 -23.27 -15.58 16.98
CA MET L 97 -22.67 -16.05 15.74
C MET L 97 -21.19 -16.35 15.93
N GLY L 98 -20.50 -15.54 16.72
CA GLY L 98 -19.08 -15.80 16.94
C GLY L 98 -18.84 -17.07 17.71
N ALA L 99 -19.72 -17.41 18.66
CA ALA L 99 -19.56 -18.65 19.40
C ALA L 99 -19.82 -19.86 18.52
N PHE L 100 -20.74 -19.73 17.56
CA PHE L 100 -21.03 -20.83 16.66
C PHE L 100 -19.78 -21.23 15.87
N LEU L 101 -19.01 -20.25 15.42
CA LEU L 101 -17.79 -20.52 14.70
C LEU L 101 -16.66 -21.00 15.61
N LEU L 102 -16.79 -20.80 16.91
CA LEU L 102 -15.74 -21.25 17.84
C LEU L 102 -15.84 -22.75 18.05
N THR L 103 -17.02 -23.24 18.44
CA THR L 103 -17.18 -24.68 18.65
C THR L 103 -17.17 -25.46 17.35
N ALA L 104 -17.22 -24.80 16.19
CA ALA L 104 -17.18 -25.48 14.91
C ALA L 104 -15.78 -25.93 14.52
N GLY L 105 -14.77 -25.65 15.34
CA GLY L 105 -13.42 -26.04 15.04
C GLY L 105 -13.21 -27.53 15.22
N ALA L 106 -11.99 -27.95 14.88
CA ALA L 106 -11.61 -29.35 15.01
C ALA L 106 -11.71 -29.81 16.47
N LYS L 107 -12.25 -31.01 16.67
CA LYS L 107 -12.37 -31.57 18.00
C LYS L 107 -10.99 -31.70 18.64
N GLY L 108 -10.88 -31.26 19.89
CA GLY L 108 -9.61 -31.32 20.59
C GLY L 108 -8.65 -30.20 20.28
N LYS L 109 -9.02 -29.25 19.40
CA LYS L 109 -8.16 -28.14 19.02
C LYS L 109 -8.88 -26.80 19.12
N ARG L 110 -9.82 -26.69 20.06
CA ARG L 110 -10.58 -25.47 20.31
C ARG L 110 -10.06 -24.86 21.61
N PHE L 111 -9.57 -23.62 21.53
CA PHE L 111 -9.00 -22.93 22.67
C PHE L 111 -9.71 -21.61 22.95
N CYS L 112 -9.54 -21.15 24.19
CA CYS L 112 -10.11 -19.90 24.67
C CYS L 112 -9.19 -19.32 25.73
N LEU L 113 -9.03 -18.01 25.71
CA LEU L 113 -8.16 -17.34 26.66
C LEU L 113 -8.84 -17.24 28.02
N PRO L 114 -8.07 -17.14 29.11
CA PRO L 114 -8.69 -17.09 30.45
C PRO L 114 -9.67 -15.96 30.68
N ASN L 115 -9.41 -14.76 30.13
CA ASN L 115 -10.29 -13.62 30.33
C ASN L 115 -11.24 -13.39 29.17
N SER L 116 -11.29 -14.30 28.20
CA SER L 116 -12.22 -14.16 27.09
C SER L 116 -13.65 -14.31 27.59
N ARG L 117 -14.57 -13.65 26.90
CA ARG L 117 -15.99 -13.69 27.23
C ARG L 117 -16.77 -14.23 26.05
N VAL L 118 -17.72 -15.12 26.33
CA VAL L 118 -18.57 -15.72 25.31
C VAL L 118 -20.02 -15.43 25.66
N MET L 119 -20.83 -15.27 24.62
CA MET L 119 -22.27 -15.04 24.78
C MET L 119 -22.98 -15.85 23.71
N ILE L 120 -24.12 -16.44 24.07
CA ILE L 120 -24.92 -17.22 23.15
C ILE L 120 -26.38 -16.89 23.35
N HIS L 121 -27.12 -16.83 22.25
CA HIS L 121 -28.55 -16.58 22.28
C HIS L 121 -29.14 -17.07 20.98
N GLN L 122 -30.47 -17.09 20.91
CA GLN L 122 -31.13 -17.53 19.69
C GLN L 122 -31.00 -16.43 18.64
N PRO L 123 -31.15 -16.77 17.36
CA PRO L 123 -31.00 -15.73 16.32
C PRO L 123 -32.11 -14.70 16.40
N LEU L 124 -31.80 -13.51 15.89
CA LEU L 124 -32.73 -12.39 15.87
C LEU L 124 -33.21 -12.16 14.44
N GLY L 125 -34.17 -11.25 14.31
CA GLY L 125 -34.71 -10.93 13.01
C GLY L 125 -35.97 -10.09 13.14
N GLY L 126 -36.71 -10.01 12.05
CA GLY L 126 -37.94 -9.27 12.01
C GLY L 126 -38.37 -8.99 10.60
N TYR L 127 -39.67 -8.76 10.44
CA TYR L 127 -40.25 -8.48 9.14
C TYR L 127 -41.46 -7.57 9.32
N GLN L 128 -41.63 -6.62 8.41
CA GLN L 128 -42.75 -5.69 8.40
C GLN L 128 -43.45 -5.83 7.07
N GLY L 129 -44.76 -6.04 7.12
CA GLY L 129 -45.55 -6.23 5.91
C GLY L 129 -46.87 -6.89 6.24
N GLN L 130 -47.41 -7.58 5.24
CA GLN L 130 -48.66 -8.30 5.41
C GLN L 130 -48.48 -9.46 6.38
N ALA L 131 -49.59 -9.89 6.98
CA ALA L 131 -49.54 -10.98 7.96
C ALA L 131 -49.05 -12.27 7.33
N THR L 132 -49.50 -12.57 6.11
CA THR L 132 -49.06 -13.79 5.43
C THR L 132 -47.54 -13.81 5.26
N ASP L 133 -46.95 -12.66 4.94
CA ASP L 133 -45.50 -12.60 4.77
C ASP L 133 -44.78 -12.80 6.10
N ILE L 134 -45.36 -12.29 7.19
CA ILE L 134 -44.75 -12.45 8.50
C ILE L 134 -44.68 -13.92 8.88
N GLU L 135 -45.74 -14.68 8.58
CA GLU L 135 -45.75 -16.11 8.89
C GLU L 135 -44.66 -16.85 8.13
N ILE L 136 -44.37 -16.42 6.90
CA ILE L 136 -43.33 -17.07 6.11
C ILE L 136 -41.98 -16.90 6.77
N HIS L 137 -41.66 -15.67 7.19
CA HIS L 137 -40.38 -15.42 7.82
C HIS L 137 -40.34 -16.00 9.24
N ALA L 138 -41.48 -16.05 9.92
CA ALA L 138 -41.52 -16.64 11.26
C ALA L 138 -41.18 -18.12 11.21
N ARG L 139 -41.71 -18.83 10.21
CA ARG L 139 -41.41 -20.26 10.07
C ARG L 139 -40.00 -20.46 9.56
N GLU L 140 -39.52 -19.56 8.69
CA GLU L 140 -38.17 -19.68 8.13
C GLU L 140 -37.12 -19.54 9.22
N ILE L 141 -37.21 -18.48 10.03
CA ILE L 141 -36.22 -18.26 11.08
C ILE L 141 -36.28 -19.37 12.12
N LEU L 142 -37.46 -19.92 12.38
CA LEU L 142 -37.57 -21.03 13.34
C LEU L 142 -36.71 -22.20 12.89
N LYS L 143 -36.72 -22.51 11.59
CA LYS L 143 -35.88 -23.57 11.06
C LYS L 143 -34.41 -23.28 11.32
N VAL L 144 -34.02 -22.01 11.19
CA VAL L 144 -32.63 -21.62 11.43
C VAL L 144 -32.26 -21.86 12.89
N LYS L 145 -33.12 -21.38 13.80
CA LYS L 145 -32.86 -21.53 15.23
C LYS L 145 -32.68 -22.99 15.61
N GLY L 146 -33.62 -23.85 15.20
CA GLY L 146 -33.48 -25.26 15.52
C GLY L 146 -32.32 -25.91 14.79
N ARG L 147 -32.05 -25.46 13.55
CA ARG L 147 -30.93 -26.00 12.79
C ARG L 147 -29.60 -25.68 13.47
N MET L 148 -29.46 -24.44 13.96
CA MET L 148 -28.22 -24.05 14.63
C MET L 148 -28.03 -24.82 15.92
N ASN L 149 -29.09 -24.99 16.71
CA ASN L 149 -28.98 -25.71 17.97
C ASN L 149 -28.53 -27.14 17.75
N GLU L 150 -29.04 -27.80 16.71
CA GLU L 150 -28.62 -29.16 16.40
C GLU L 150 -27.12 -29.22 16.15
N LEU L 151 -26.60 -28.27 15.37
CA LEU L 151 -25.17 -28.22 15.09
C LEU L 151 -24.39 -27.88 16.34
N MET L 152 -24.92 -26.96 17.16
CA MET L 152 -24.26 -26.56 18.39
C MET L 152 -24.14 -27.74 19.35
N ALA L 153 -25.23 -28.50 19.50
CA ALA L 153 -25.22 -29.66 20.38
C ALA L 153 -24.26 -30.74 19.89
N LEU L 154 -24.24 -30.98 18.58
CA LEU L 154 -23.38 -32.02 18.02
C LEU L 154 -21.91 -31.77 18.33
N HIS L 155 -21.43 -30.54 18.11
CA HIS L 155 -20.03 -30.26 18.38
C HIS L 155 -19.73 -30.19 19.86
N THR L 156 -20.63 -29.61 20.65
CA THR L 156 -20.44 -29.51 22.09
C THR L 156 -20.64 -30.84 22.80
N GLY L 157 -21.36 -31.78 22.18
CA GLY L 157 -21.64 -33.05 22.82
C GLY L 157 -22.78 -33.00 23.80
N GLN L 158 -23.50 -31.89 23.88
CA GLN L 158 -24.62 -31.70 24.79
C GLN L 158 -25.91 -32.16 24.11
N SER L 159 -27.01 -32.09 24.86
CA SER L 159 -28.33 -32.48 24.36
C SER L 159 -29.00 -31.29 23.71
N LEU L 160 -29.81 -31.58 22.68
CA LEU L 160 -30.49 -30.53 21.94
C LEU L 160 -31.46 -29.76 22.83
N GLU L 161 -32.07 -30.43 23.81
CA GLU L 161 -33.01 -29.74 24.70
C GLU L 161 -32.28 -28.78 25.61
N GLN L 162 -31.15 -29.20 26.18
CA GLN L 162 -30.38 -28.33 27.06
C GLN L 162 -29.95 -27.06 26.35
N ILE L 163 -29.56 -27.17 25.08
CA ILE L 163 -29.14 -26.00 24.31
C ILE L 163 -30.30 -25.01 24.17
N GLU L 164 -31.48 -25.51 23.85
CA GLU L 164 -32.64 -24.61 23.68
C GLU L 164 -32.98 -23.90 24.98
N ARG L 165 -32.97 -24.62 26.10
CA ARG L 165 -33.28 -24.00 27.38
C ARG L 165 -32.24 -22.95 27.75
N ASP L 166 -30.96 -23.25 27.53
CA ASP L 166 -29.91 -22.30 27.85
C ASP L 166 -29.82 -21.16 26.84
N THR L 167 -30.13 -21.42 25.58
CA THR L 167 -30.08 -20.40 24.53
C THR L 167 -31.38 -19.62 24.41
N GLU L 168 -32.36 -19.85 25.29
CA GLU L 168 -33.62 -19.09 25.22
C GLU L 168 -33.36 -17.59 25.36
N ARG L 169 -32.37 -17.23 26.18
CA ARG L 169 -31.99 -15.84 26.41
C ARG L 169 -30.48 -15.78 26.41
N ASP L 170 -29.94 -14.56 26.46
CA ASP L 170 -28.49 -14.38 26.48
C ASP L 170 -27.89 -15.12 27.66
N ARG L 171 -26.82 -15.88 27.39
CA ARG L 171 -26.10 -16.64 28.41
C ARG L 171 -24.62 -16.37 28.27
N PHE L 172 -24.03 -15.79 29.31
CA PHE L 172 -22.61 -15.49 29.33
C PHE L 172 -21.88 -16.61 30.07
N LEU L 173 -20.82 -17.13 29.46
CA LEU L 173 -20.04 -18.22 30.04
C LEU L 173 -18.56 -17.87 30.06
N SER L 174 -17.93 -18.14 31.19
CA SER L 174 -16.51 -17.90 31.37
C SER L 174 -15.69 -18.95 30.63
N ALA L 175 -14.38 -18.72 30.58
CA ALA L 175 -13.49 -19.68 29.92
C ALA L 175 -13.51 -21.05 30.59
N PRO L 176 -13.25 -21.17 31.91
CA PRO L 176 -13.30 -22.51 32.52
C PRO L 176 -14.67 -23.16 32.40
N GLU L 177 -15.74 -22.37 32.44
CA GLU L 177 -17.08 -22.93 32.31
C GLU L 177 -17.36 -23.39 30.88
N ALA L 178 -16.76 -22.72 29.90
CA ALA L 178 -16.95 -23.11 28.49
C ALA L 178 -16.44 -24.51 28.23
N VAL L 179 -15.38 -24.92 28.93
CA VAL L 179 -14.84 -26.27 28.73
C VAL L 179 -15.85 -27.31 29.18
N GLU L 180 -16.54 -27.05 30.29
CA GLU L 180 -17.54 -27.99 30.79
C GLU L 180 -18.73 -28.07 29.84
N TYR L 181 -19.14 -26.94 29.28
CA TYR L 181 -20.27 -26.93 28.35
C TYR L 181 -19.94 -27.69 27.06
N GLY L 182 -18.68 -27.63 26.63
CA GLY L 182 -18.21 -28.32 25.44
C GLY L 182 -17.89 -27.41 24.26
N LEU L 183 -18.08 -26.10 24.40
CA LEU L 183 -17.76 -25.19 23.29
C LEU L 183 -16.27 -25.20 22.97
N VAL L 184 -15.42 -25.55 23.94
CA VAL L 184 -13.98 -25.58 23.77
C VAL L 184 -13.42 -26.84 24.43
N ASP L 185 -12.14 -27.10 24.15
CA ASP L 185 -11.43 -28.27 24.65
C ASP L 185 -10.43 -27.96 25.75
N SER L 186 -9.61 -26.91 25.60
CA SER L 186 -8.60 -26.56 26.59
C SER L 186 -8.47 -25.04 26.66
N ILE L 187 -7.65 -24.58 27.60
CA ILE L 187 -7.39 -23.17 27.84
C ILE L 187 -5.89 -22.92 27.76
N LEU L 188 -5.51 -21.79 27.17
CA LEU L 188 -4.10 -21.41 27.02
C LEU L 188 -3.78 -20.38 28.10
N THR L 189 -2.76 -20.68 28.91
CA THR L 189 -2.31 -19.81 29.99
C THR L 189 -0.91 -19.26 29.74
N HIS L 190 0.05 -20.14 29.45
CA HIS L 190 1.42 -19.73 29.17
C HIS L 190 1.97 -20.64 28.08
N ARG L 191 2.98 -20.16 27.38
CA ARG L 191 3.61 -20.91 26.30
C ARG L 191 4.55 -21.94 26.92
N ASN L 192 4.13 -23.19 26.92
CA ASN L 192 4.93 -24.28 27.49
C ASN L 192 5.87 -24.86 26.44
N LEU M 1 0.05 13.38 8.25
CA LEU M 1 0.47 12.26 7.41
C LEU M 1 1.62 11.50 8.07
N VAL M 2 1.73 10.22 7.75
CA VAL M 2 2.77 9.36 8.32
C VAL M 2 4.02 9.49 7.43
N PRO M 3 5.13 10.02 7.93
CA PRO M 3 6.32 10.14 7.09
C PRO M 3 7.06 8.81 6.97
N MET M 4 7.83 8.71 5.89
CA MET M 4 8.62 7.52 5.58
C MET M 4 10.09 7.82 5.83
N VAL M 5 10.76 6.92 6.55
CA VAL M 5 12.18 7.03 6.87
C VAL M 5 12.89 5.86 6.23
N ILE M 6 14.21 5.99 6.10
CA ILE M 6 15.07 4.98 5.50
C ILE M 6 15.99 4.39 6.57
N GLU M 7 16.23 3.08 6.46
CA GLU M 7 17.10 2.35 7.37
C GLU M 7 18.19 1.68 6.53
N GLN M 8 19.44 1.88 6.92
CA GLN M 8 20.57 1.31 6.20
C GLN M 8 20.90 -0.07 6.74
N THR M 9 21.01 -1.03 5.83
CA THR M 9 21.33 -2.42 6.15
C THR M 9 22.42 -2.91 5.21
N SER M 10 22.97 -4.07 5.52
CA SER M 10 24.03 -4.65 4.70
C SER M 10 23.55 -4.88 3.28
N ARG M 11 22.34 -5.45 3.11
CA ARG M 11 21.81 -5.68 1.78
C ARG M 11 21.58 -4.38 1.04
N GLY M 12 21.16 -3.34 1.74
CA GLY M 12 20.92 -2.06 1.13
C GLY M 12 19.95 -1.25 1.97
N GLU M 13 19.58 -0.08 1.43
CA GLU M 13 18.65 0.82 2.09
C GLU M 13 17.21 0.47 1.74
N ARG M 14 16.34 0.53 2.75
CA ARG M 14 14.92 0.27 2.60
C ARG M 14 14.16 1.41 3.28
N SER M 15 13.02 1.79 2.71
CA SER M 15 12.19 2.86 3.25
C SER M 15 11.01 2.25 3.98
N PHE M 16 10.80 2.66 5.23
CA PHE M 16 9.71 2.19 6.06
C PHE M 16 9.03 3.38 6.73
N ASP M 17 7.76 3.19 7.09
CA ASP M 17 7.03 4.23 7.79
C ASP M 17 7.54 4.32 9.22
N ILE M 18 7.21 5.44 9.88
CA ILE M 18 7.69 5.69 11.24
C ILE M 18 7.14 4.63 12.20
N TYR M 19 5.86 4.31 12.09
CA TYR M 19 5.29 3.33 13.03
C TYR M 19 5.84 1.93 12.76
N SER M 20 5.93 1.53 11.49
CA SER M 20 6.48 0.21 11.18
C SER M 20 7.94 0.11 11.58
N ARG M 21 8.70 1.20 11.41
CA ARG M 21 10.11 1.19 11.77
C ARG M 21 10.31 0.88 13.24
N LEU M 22 9.43 1.40 14.10
CA LEU M 22 9.55 1.14 15.53
C LEU M 22 9.13 -0.28 15.86
N LEU M 23 8.21 -0.87 15.08
CA LEU M 23 7.81 -2.25 15.33
C LEU M 23 9.02 -3.18 15.20
N LYS M 24 9.91 -2.88 14.25
CA LYS M 24 11.13 -3.67 14.07
C LYS M 24 11.96 -3.67 15.34
N GLU M 25 11.93 -2.58 16.11
CA GLU M 25 12.68 -2.44 17.35
C GLU M 25 11.87 -2.87 18.57
N ARG M 26 10.81 -3.65 18.37
CA ARG M 26 9.97 -4.16 19.45
C ARG M 26 9.31 -3.05 20.25
N VAL M 27 8.69 -2.10 19.55
CA VAL M 27 7.96 -1.00 20.17
C VAL M 27 6.59 -0.92 19.49
N ILE M 28 5.53 -1.06 20.29
CA ILE M 28 4.15 -0.99 19.80
C ILE M 28 3.48 0.23 20.40
N PHE M 29 2.70 0.93 19.58
CA PHE M 29 1.97 2.13 20.00
C PHE M 29 0.49 1.80 20.20
N LEU M 30 -0.05 2.22 21.35
CA LEU M 30 -1.46 2.05 21.69
C LEU M 30 -2.02 3.47 21.77
N THR M 31 -2.76 3.89 20.74
CA THR M 31 -3.33 5.23 20.66
C THR M 31 -4.81 5.16 20.36
N GLY M 32 -5.55 6.13 20.90
CA GLY M 32 -6.97 6.24 20.66
C GLY M 32 -7.81 5.28 21.48
N GLN M 33 -9.11 5.30 21.19
CA GLN M 33 -10.07 4.45 21.87
C GLN M 33 -9.75 2.98 21.61
N VAL M 34 -10.03 2.16 22.61
CA VAL M 34 -9.78 0.73 22.51
C VAL M 34 -11.00 0.07 21.87
N GLU M 35 -10.76 -0.69 20.81
CA GLU M 35 -11.81 -1.38 20.07
C GLU M 35 -11.24 -2.67 19.49
N ASP M 36 -12.10 -3.44 18.83
CA ASP M 36 -11.67 -4.70 18.25
C ASP M 36 -10.67 -4.49 17.11
N HIS M 37 -10.89 -3.49 16.27
CA HIS M 37 -10.00 -3.28 15.14
C HIS M 37 -8.58 -2.90 15.56
N MET M 38 -8.45 -1.99 16.52
CA MET M 38 -7.12 -1.60 16.98
C MET M 38 -6.49 -2.70 17.84
N ALA M 39 -7.30 -3.46 18.57
CA ALA M 39 -6.77 -4.52 19.42
C ALA M 39 -6.19 -5.66 18.58
N ASN M 40 -6.94 -6.11 17.57
CA ASN M 40 -6.45 -7.17 16.70
C ASN M 40 -5.17 -6.75 15.98
N LEU M 41 -5.05 -5.46 15.66
CA LEU M 41 -3.83 -4.98 15.03
C LEU M 41 -2.65 -5.06 15.99
N ILE M 42 -2.87 -4.70 17.25
CA ILE M 42 -1.79 -4.69 18.24
C ILE M 42 -1.41 -6.10 18.65
N VAL M 43 -2.38 -6.99 18.84
CA VAL M 43 -2.07 -8.36 19.26
C VAL M 43 -1.24 -9.05 18.19
N ALA M 44 -1.56 -8.81 16.91
CA ALA M 44 -0.79 -9.42 15.83
C ALA M 44 0.67 -8.99 15.89
N GLN M 45 0.90 -7.70 16.17
CA GLN M 45 2.27 -7.19 16.28
C GLN M 45 3.02 -7.90 17.39
N MET M 46 2.37 -8.11 18.53
CA MET M 46 3.02 -8.77 19.67
C MET M 46 3.43 -10.20 19.32
N LEU M 47 2.55 -10.93 18.64
CA LEU M 47 2.87 -12.31 18.28
C LEU M 47 4.04 -12.37 17.31
N PHE M 48 4.12 -11.41 16.38
CA PHE M 48 5.20 -11.39 15.42
C PHE M 48 6.56 -11.25 16.12
N LEU M 49 6.63 -10.41 17.15
CA LEU M 49 7.89 -10.22 17.88
C LEU M 49 8.29 -11.50 18.61
N GLU M 50 7.31 -12.26 19.11
CA GLU M 50 7.62 -13.50 19.82
C GLU M 50 8.34 -14.48 18.91
N ALA M 51 7.86 -14.64 17.67
CA ALA M 51 8.48 -15.57 16.73
C ALA M 51 9.88 -15.11 16.33
N GLU M 52 10.05 -13.81 16.08
CA GLU M 52 11.35 -13.30 15.66
C GLU M 52 12.40 -13.42 16.77
N ASN M 53 12.04 -13.05 18.00
CA ASN M 53 12.96 -13.13 19.13
C ASN M 53 12.17 -13.26 20.42
N PRO M 54 11.91 -14.50 20.88
CA PRO M 54 11.15 -14.67 22.13
C PRO M 54 11.93 -14.37 23.41
N GLU M 55 13.16 -13.86 23.31
CA GLU M 55 13.96 -13.54 24.49
C GLU M 55 14.21 -12.05 24.69
N LYS M 56 13.83 -11.22 23.72
CA LYS M 56 14.01 -9.78 23.82
C LYS M 56 12.73 -9.14 24.34
N ASP M 57 12.88 -8.16 25.23
CA ASP M 57 11.71 -7.49 25.78
C ASP M 57 10.98 -6.72 24.69
N ILE M 58 9.71 -6.43 24.97
CA ILE M 58 8.84 -5.71 24.05
C ILE M 58 8.34 -4.46 24.76
N TYR M 59 8.30 -3.34 24.03
CA TYR M 59 7.85 -2.07 24.58
C TYR M 59 6.43 -1.79 24.10
N LEU M 60 5.56 -1.44 25.05
CA LEU M 60 4.15 -1.16 24.79
C LEU M 60 3.84 0.23 25.34
N TYR M 61 3.59 1.18 24.44
CA TYR M 61 3.26 2.54 24.84
C TYR M 61 1.75 2.65 24.95
N ILE M 62 1.27 3.45 25.91
CA ILE M 62 -0.15 3.61 26.16
C ILE M 62 -0.45 5.10 26.29
N ASN M 63 -1.09 5.68 25.27
CA ASN M 63 -1.53 7.06 25.25
C ASN M 63 -2.99 7.11 24.83
N SER M 64 -3.81 6.20 25.41
CA SER M 64 -5.22 6.05 25.09
C SER M 64 -6.11 6.58 26.22
N PRO M 65 -7.31 7.05 25.92
CA PRO M 65 -8.22 7.53 26.96
C PRO M 65 -9.19 6.49 27.49
N GLY M 66 -9.08 5.24 27.07
CA GLY M 66 -9.96 4.17 27.48
C GLY M 66 -10.79 3.67 26.31
N GLY M 67 -11.65 2.68 26.61
CA GLY M 67 -12.49 2.12 25.57
C GLY M 67 -13.20 0.86 26.02
N VAL M 68 -13.47 -0.01 25.04
CA VAL M 68 -14.18 -1.25 25.32
C VAL M 68 -13.35 -2.14 26.23
N ILE M 69 -14.03 -2.85 27.13
CA ILE M 69 -13.36 -3.73 28.07
C ILE M 69 -12.99 -5.05 27.40
N THR M 70 -13.94 -5.64 26.67
CA THR M 70 -13.68 -6.93 26.01
C THR M 70 -12.50 -6.84 25.05
N ALA M 71 -12.42 -5.75 24.28
CA ALA M 71 -11.32 -5.58 23.35
C ALA M 71 -10.00 -5.45 24.09
N GLY M 72 -10.00 -4.79 25.25
CA GLY M 72 -8.78 -4.59 26.02
C GLY M 72 -8.38 -5.74 26.91
N MET M 73 -9.27 -6.72 27.14
CA MET M 73 -8.92 -7.87 27.96
C MET M 73 -8.22 -8.97 27.16
N SER M 74 -8.27 -8.91 25.84
CA SER M 74 -7.59 -9.91 25.01
C SER M 74 -6.08 -9.69 25.05
N ILE M 75 -5.65 -8.43 24.96
CA ILE M 75 -4.22 -8.11 24.98
C ILE M 75 -3.59 -8.58 26.29
N TYR M 76 -4.30 -8.40 27.40
CA TYR M 76 -3.79 -8.83 28.70
C TYR M 76 -3.44 -10.31 28.70
N ASP M 77 -4.32 -11.14 28.12
CA ASP M 77 -4.05 -12.57 28.04
C ASP M 77 -2.86 -12.86 27.15
N THR M 78 -2.63 -12.02 26.13
CA THR M 78 -1.51 -12.22 25.23
C THR M 78 -0.19 -11.84 25.89
N MET M 79 -0.19 -10.84 26.78
CA MET M 79 1.06 -10.42 27.42
C MET M 79 1.51 -11.46 28.44
N GLN M 80 0.59 -12.00 29.22
CA GLN M 80 0.94 -13.01 30.21
C GLN M 80 1.17 -14.38 29.58
N PHE M 81 0.69 -14.59 28.35
CA PHE M 81 0.85 -15.89 27.70
C PHE M 81 2.25 -16.05 27.10
N ILE M 82 2.71 -15.08 26.33
CA ILE M 82 4.00 -15.20 25.67
C ILE M 82 5.13 -15.15 26.69
N LYS M 83 6.21 -15.86 26.38
CA LYS M 83 7.39 -15.91 27.24
C LYS M 83 8.08 -14.57 27.42
N PRO M 84 8.44 -13.82 26.36
CA PRO M 84 9.17 -12.55 26.58
C PRO M 84 8.40 -11.54 27.41
N ASP M 85 9.16 -10.79 28.22
CA ASP M 85 8.59 -9.76 29.07
C ASP M 85 8.12 -8.58 28.23
N VAL M 86 6.95 -8.06 28.56
CA VAL M 86 6.35 -6.94 27.84
C VAL M 86 6.46 -5.70 28.72
N SER M 87 7.31 -4.77 28.29
CA SER M 87 7.48 -3.49 28.97
C SER M 87 6.30 -2.58 28.68
N THR M 88 5.90 -1.79 29.69
CA THR M 88 4.79 -0.87 29.55
C THR M 88 5.23 0.50 30.04
N ILE M 89 5.02 1.52 29.22
CA ILE M 89 5.40 2.89 29.50
C ILE M 89 4.17 3.78 29.46
N CYS M 90 3.88 4.45 30.57
CA CYS M 90 2.75 5.37 30.64
C CYS M 90 3.18 6.69 30.00
N MET M 91 2.46 7.11 28.96
CA MET M 91 2.80 8.31 28.21
C MET M 91 1.57 9.20 28.04
N GLY M 92 1.40 10.18 28.92
CA GLY M 92 0.32 11.13 28.83
C GLY M 92 -1.00 10.79 29.48
N GLN M 93 -1.69 9.76 28.97
CA GLN M 93 -3.01 9.39 29.47
C GLN M 93 -3.14 7.88 29.57
N ALA M 94 -3.80 7.43 30.63
CA ALA M 94 -4.03 6.00 30.86
C ALA M 94 -5.30 5.86 31.68
N ALA M 95 -6.36 5.40 31.03
CA ALA M 95 -7.67 5.20 31.64
C ALA M 95 -7.75 3.78 32.18
N SER M 96 -8.95 3.36 32.59
CA SER M 96 -9.20 2.02 33.12
C SER M 96 -8.50 0.92 32.33
N MET M 97 -8.77 0.86 31.02
CA MET M 97 -8.12 -0.15 30.19
C MET M 97 -6.64 0.15 30.02
N GLY M 98 -6.28 1.44 29.87
CA GLY M 98 -4.88 1.78 29.73
C GLY M 98 -4.10 1.46 30.99
N ALA M 99 -4.71 1.71 32.15
CA ALA M 99 -4.06 1.40 33.42
C ALA M 99 -3.99 -0.10 33.63
N PHE M 100 -5.04 -0.81 33.21
CA PHE M 100 -5.05 -2.27 33.33
C PHE M 100 -3.96 -2.87 32.45
N LEU M 101 -3.67 -2.25 31.32
CA LEU M 101 -2.62 -2.69 30.42
C LEU M 101 -1.26 -2.07 30.77
N LEU M 102 -1.21 -1.22 31.80
CA LEU M 102 0.01 -0.59 32.26
C LEU M 102 0.62 -1.34 33.44
N THR M 103 -0.23 -1.87 34.32
CA THR M 103 0.22 -2.64 35.47
C THR M 103 0.40 -4.12 35.14
N ALA M 104 -0.11 -4.57 33.99
CA ALA M 104 0.06 -5.95 33.57
C ALA M 104 1.43 -6.22 32.98
N GLY M 105 2.25 -5.19 32.78
CA GLY M 105 3.57 -5.38 32.24
C GLY M 105 4.46 -6.18 33.17
N ALA M 106 5.59 -6.61 32.62
CA ALA M 106 6.55 -7.40 33.37
C ALA M 106 7.04 -6.65 34.60
N LYS M 107 6.98 -7.33 35.75
CA LYS M 107 7.43 -6.76 37.01
C LYS M 107 8.88 -6.31 36.90
N GLY M 108 9.15 -5.07 37.30
CA GLY M 108 10.47 -4.49 37.17
C GLY M 108 10.73 -3.77 35.87
N LYS M 109 9.80 -3.83 34.92
CA LYS M 109 9.93 -3.17 33.62
C LYS M 109 8.70 -2.33 33.32
N ARG M 110 8.23 -1.61 34.34
CA ARG M 110 7.08 -0.71 34.25
C ARG M 110 7.57 0.70 34.53
N PHE M 111 7.22 1.63 33.64
CA PHE M 111 7.68 3.02 33.75
C PHE M 111 6.52 3.98 33.46
N CYS M 112 6.63 5.17 34.05
CA CYS M 112 5.62 6.22 33.88
C CYS M 112 6.33 7.57 33.96
N LEU M 113 6.17 8.35 32.90
CA LEU M 113 6.82 9.65 32.80
C LEU M 113 6.32 10.59 33.91
N PRO M 114 7.13 11.60 34.29
CA PRO M 114 6.73 12.50 35.38
C PRO M 114 5.40 13.21 35.18
N ASN M 115 5.07 13.62 33.95
CA ASN M 115 3.84 14.34 33.67
C ASN M 115 2.77 13.43 33.05
N SER M 116 2.81 12.14 33.38
CA SER M 116 1.84 11.18 32.91
C SER M 116 0.69 11.10 33.92
N ARG M 117 -0.50 10.85 33.40
CA ARG M 117 -1.71 10.80 34.22
C ARG M 117 -2.38 9.44 34.05
N VAL M 118 -2.79 8.87 35.18
CA VAL M 118 -3.42 7.56 35.24
C VAL M 118 -4.79 7.73 35.90
N MET M 119 -5.81 7.16 35.26
CA MET M 119 -7.18 7.21 35.75
C MET M 119 -7.70 5.78 35.80
N ILE M 120 -8.34 5.43 36.91
CA ILE M 120 -8.90 4.09 37.09
C ILE M 120 -10.34 4.22 37.56
N HIS M 121 -11.22 3.42 36.96
CA HIS M 121 -12.63 3.40 37.31
C HIS M 121 -13.10 1.96 37.18
N GLN M 122 -14.37 1.75 37.49
CA GLN M 122 -14.98 0.42 37.38
C GLN M 122 -15.62 0.27 36.01
N PRO M 123 -15.85 -0.96 35.54
CA PRO M 123 -16.42 -1.12 34.20
C PRO M 123 -17.77 -0.44 34.04
N LEU M 124 -17.97 0.15 32.86
CA LEU M 124 -19.18 0.86 32.50
C LEU M 124 -19.95 0.06 31.46
N GLY M 125 -21.26 0.15 31.52
CA GLY M 125 -22.11 -0.56 30.58
C GLY M 125 -23.49 0.02 30.52
N GLY M 126 -24.48 -0.84 30.30
CA GLY M 126 -25.86 -0.44 30.20
C GLY M 126 -26.55 -1.32 29.18
N TYR M 127 -27.82 -1.62 29.44
CA TYR M 127 -28.61 -2.46 28.57
C TYR M 127 -30.06 -2.00 28.60
N GLN M 128 -30.74 -2.16 27.46
CA GLN M 128 -32.14 -1.80 27.29
C GLN M 128 -32.87 -3.06 26.87
N GLY M 129 -33.88 -3.44 27.64
CA GLY M 129 -34.63 -4.64 27.35
C GLY M 129 -35.43 -5.08 28.57
N GLN M 130 -35.78 -6.36 28.57
CA GLN M 130 -36.57 -6.93 29.66
C GLN M 130 -35.72 -7.04 30.93
N ALA M 131 -36.43 -7.04 32.06
CA ALA M 131 -35.76 -7.12 33.36
C ALA M 131 -34.90 -8.37 33.47
N THR M 132 -35.38 -9.51 32.96
CA THR M 132 -34.61 -10.75 33.01
C THR M 132 -33.28 -10.59 32.29
N ASP M 133 -33.28 -9.92 31.14
CA ASP M 133 -32.03 -9.71 30.42
C ASP M 133 -31.11 -8.74 31.15
N ILE M 134 -31.70 -7.69 31.74
CA ILE M 134 -30.91 -6.72 32.51
C ILE M 134 -30.24 -7.42 33.68
N GLU M 135 -30.96 -8.35 34.32
CA GLU M 135 -30.39 -9.08 35.45
C GLU M 135 -29.20 -9.91 35.01
N ILE M 136 -29.31 -10.58 33.86
CA ILE M 136 -28.20 -11.39 33.34
C ILE M 136 -26.99 -10.51 33.09
N HIS M 137 -27.20 -9.36 32.43
CA HIS M 137 -26.09 -8.46 32.16
C HIS M 137 -25.52 -7.89 33.45
N ALA M 138 -26.36 -7.69 34.47
CA ALA M 138 -25.88 -7.17 35.74
C ALA M 138 -25.02 -8.20 36.46
N ARG M 139 -25.44 -9.47 36.45
CA ARG M 139 -24.64 -10.51 37.08
C ARG M 139 -23.30 -10.66 36.36
N GLU M 140 -23.31 -10.61 35.03
CA GLU M 140 -22.07 -10.76 34.26
C GLU M 140 -21.14 -9.58 34.46
N ILE M 141 -21.67 -8.36 34.36
CA ILE M 141 -20.81 -7.18 34.51
C ILE M 141 -20.28 -7.10 35.94
N LEU M 142 -21.04 -7.61 36.92
CA LEU M 142 -20.54 -7.60 38.28
C LEU M 142 -19.33 -8.51 38.44
N LYS M 143 -19.24 -9.56 37.60
CA LYS M 143 -18.09 -10.45 37.64
C LYS M 143 -16.89 -9.80 36.98
N VAL M 144 -17.14 -9.06 35.89
CA VAL M 144 -16.05 -8.39 35.17
C VAL M 144 -15.35 -7.40 36.09
N LYS M 145 -16.11 -6.67 36.90
CA LYS M 145 -15.50 -5.72 37.83
C LYS M 145 -14.63 -6.46 38.84
N GLY M 146 -15.19 -7.48 39.49
CA GLY M 146 -14.41 -8.26 40.43
C GLY M 146 -13.23 -8.95 39.76
N ARG M 147 -13.44 -9.46 38.55
CA ARG M 147 -12.37 -10.14 37.83
C ARG M 147 -11.21 -9.20 37.56
N MET M 148 -11.50 -7.98 37.11
CA MET M 148 -10.43 -7.02 36.84
C MET M 148 -9.79 -6.52 38.13
N ASN M 149 -10.58 -6.35 39.18
CA ASN M 149 -10.03 -5.89 40.46
C ASN M 149 -9.05 -6.90 41.02
N GLU M 150 -9.30 -8.20 40.83
CA GLU M 150 -8.40 -9.22 41.33
C GLU M 150 -7.07 -9.18 40.61
N LEU M 151 -7.09 -9.00 39.28
CA LEU M 151 -5.85 -8.96 38.51
C LEU M 151 -5.00 -7.76 38.90
N MET M 152 -5.64 -6.63 39.20
CA MET M 152 -4.88 -5.44 39.60
C MET M 152 -4.16 -5.70 40.93
N ALA M 153 -4.85 -6.35 41.88
CA ALA M 153 -4.25 -6.66 43.17
C ALA M 153 -3.04 -7.56 43.01
N LEU M 154 -3.06 -8.46 42.04
CA LEU M 154 -1.95 -9.39 41.85
C LEU M 154 -0.70 -8.68 41.32
N HIS M 155 -0.88 -7.73 40.40
CA HIS M 155 0.26 -7.01 39.83
C HIS M 155 0.70 -5.81 40.64
N THR M 156 -0.17 -5.27 41.50
CA THR M 156 0.17 -4.13 42.35
C THR M 156 0.59 -4.53 43.75
N GLY M 157 -0.01 -5.57 44.29
CA GLY M 157 0.28 -6.04 45.64
C GLY M 157 -0.68 -5.55 46.70
N GLN M 158 -1.67 -4.73 46.32
CA GLN M 158 -2.65 -4.20 47.24
C GLN M 158 -3.74 -5.22 47.51
N SER M 159 -4.42 -5.04 48.63
CA SER M 159 -5.51 -5.94 49.00
C SER M 159 -6.74 -5.68 48.15
N LEU M 160 -7.56 -6.72 47.97
CA LEU M 160 -8.77 -6.60 47.17
C LEU M 160 -9.74 -5.58 47.77
N GLU M 161 -9.80 -5.50 49.10
CA GLU M 161 -10.70 -4.55 49.75
C GLU M 161 -10.30 -3.12 49.43
N GLN M 162 -9.00 -2.82 49.47
CA GLN M 162 -8.52 -1.47 49.18
C GLN M 162 -8.80 -1.11 47.72
N ILE M 163 -8.58 -2.07 46.81
CA ILE M 163 -8.83 -1.82 45.39
C ILE M 163 -10.30 -1.48 45.15
N GLU M 164 -11.20 -2.12 45.89
CA GLU M 164 -12.63 -1.85 45.72
C GLU M 164 -13.00 -0.46 46.18
N ARG M 165 -12.35 0.05 47.23
CA ARG M 165 -12.65 1.37 47.75
C ARG M 165 -11.99 2.49 46.95
N ASP M 166 -10.94 2.16 46.17
CA ASP M 166 -10.23 3.15 45.37
C ASP M 166 -10.66 3.17 43.91
N THR M 167 -11.27 2.09 43.41
CA THR M 167 -11.72 2.01 42.03
C THR M 167 -13.23 2.15 41.88
N GLU M 168 -13.98 2.23 42.99
CA GLU M 168 -15.43 2.43 42.92
C GLU M 168 -15.79 3.63 42.07
N ARG M 169 -15.05 4.73 42.24
CA ARG M 169 -15.23 5.97 41.52
C ARG M 169 -13.91 6.34 40.87
N ASP M 170 -14.00 7.19 39.84
CA ASP M 170 -12.81 7.64 39.11
C ASP M 170 -11.76 8.18 40.05
N ARG M 171 -10.53 7.68 39.92
CA ARG M 171 -9.39 8.07 40.75
C ARG M 171 -8.24 8.48 39.84
N PHE M 172 -7.87 9.75 39.89
CA PHE M 172 -6.76 10.28 39.13
C PHE M 172 -5.50 10.22 39.99
N LEU M 173 -4.44 9.65 39.43
CA LEU M 173 -3.18 9.50 40.15
C LEU M 173 -2.01 9.89 39.27
N SER M 174 -1.09 10.67 39.85
CA SER M 174 0.11 11.11 39.14
C SER M 174 1.15 10.01 39.16
N ALA M 175 2.21 10.22 38.36
CA ALA M 175 3.29 9.23 38.30
C ALA M 175 3.92 8.96 39.66
N PRO M 176 4.33 9.95 40.45
CA PRO M 176 4.91 9.63 41.78
C PRO M 176 3.95 8.87 42.68
N GLU M 177 2.65 9.13 42.57
CA GLU M 177 1.67 8.45 43.41
C GLU M 177 1.44 7.01 42.96
N ALA M 178 1.56 6.74 41.67
CA ALA M 178 1.34 5.39 41.16
C ALA M 178 2.37 4.41 41.70
N VAL M 179 3.60 4.87 41.93
CA VAL M 179 4.67 3.99 42.43
C VAL M 179 4.32 3.46 43.81
N GLU M 180 3.55 4.20 44.60
CA GLU M 180 3.21 3.74 45.94
C GLU M 180 2.09 2.70 45.95
N TYR M 181 1.30 2.61 44.89
CA TYR M 181 0.23 1.62 44.81
C TYR M 181 0.73 0.27 44.31
N GLY M 182 1.62 0.30 43.33
CA GLY M 182 2.20 -0.89 42.72
C GLY M 182 1.94 -1.01 41.24
N LEU M 183 1.21 -0.07 40.63
CA LEU M 183 0.95 -0.11 39.19
C LEU M 183 2.23 -0.05 38.38
N VAL M 184 3.24 0.67 38.89
CA VAL M 184 4.51 0.86 38.20
C VAL M 184 5.65 0.57 39.16
N ASP M 185 6.86 0.58 38.62
CA ASP M 185 8.08 0.28 39.36
C ASP M 185 8.96 1.50 39.57
N SER M 186 9.29 2.22 38.49
CA SER M 186 10.12 3.41 38.57
C SER M 186 9.58 4.46 37.61
N ILE M 187 10.21 5.63 37.62
CA ILE M 187 9.83 6.76 36.77
C ILE M 187 11.01 7.14 35.90
N LEU M 188 10.75 7.35 34.61
CA LEU M 188 11.78 7.74 33.66
C LEU M 188 11.83 9.26 33.57
N THR M 189 12.99 9.83 33.92
CA THR M 189 13.23 11.27 33.88
C THR M 189 14.34 11.65 32.93
N HIS M 190 15.41 10.84 32.88
CA HIS M 190 16.54 11.08 32.01
C HIS M 190 17.18 9.73 31.70
N ARG M 191 18.22 9.75 30.85
CA ARG M 191 18.92 8.52 30.49
C ARG M 191 19.42 7.77 31.73
N ASN M 192 19.98 8.50 32.69
CA ASN M 192 20.49 7.91 33.92
C ASN M 192 20.41 8.89 35.07
N LEU N 1 -2.71 18.26 -1.41
CA LEU N 1 -1.79 17.24 -1.86
C LEU N 1 -0.38 17.52 -1.35
N VAL N 2 0.33 16.47 -1.00
CA VAL N 2 1.70 16.57 -0.49
C VAL N 2 2.66 16.36 -1.67
N PRO N 3 3.57 17.28 -1.95
CA PRO N 3 4.50 17.07 -3.06
C PRO N 3 5.62 16.12 -2.70
N MET N 4 6.20 15.51 -3.74
CA MET N 4 7.30 14.57 -3.62
C MET N 4 8.55 15.17 -4.23
N VAL N 5 9.66 15.10 -3.49
CA VAL N 5 10.95 15.63 -3.92
C VAL N 5 11.97 14.50 -3.89
N ILE N 6 13.08 14.72 -4.58
CA ILE N 6 14.17 13.76 -4.67
C ILE N 6 15.42 14.36 -4.04
N GLU N 7 16.14 13.53 -3.30
CA GLU N 7 17.38 13.91 -2.63
C GLU N 7 18.53 13.14 -3.27
N GLN N 8 19.53 13.86 -3.74
CA GLN N 8 20.70 13.24 -4.35
C GLN N 8 21.72 12.95 -3.27
N THR N 9 22.13 11.69 -3.16
CA THR N 9 23.10 11.25 -2.16
C THR N 9 24.23 10.50 -2.86
N SER N 10 25.24 10.14 -2.06
CA SER N 10 26.37 9.38 -2.59
C SER N 10 25.91 8.04 -3.15
N ARG N 11 25.00 7.37 -2.46
CA ARG N 11 24.49 6.07 -2.87
C ARG N 11 23.56 6.15 -4.08
N GLY N 12 23.10 7.34 -4.45
CA GLY N 12 22.21 7.52 -5.58
C GLY N 12 21.11 8.49 -5.25
N GLU N 13 20.04 8.45 -6.04
CA GLU N 13 18.89 9.32 -5.87
C GLU N 13 17.75 8.58 -5.17
N ARG N 14 17.17 9.22 -4.16
CA ARG N 14 16.06 8.69 -3.39
C ARG N 14 14.93 9.70 -3.42
N SER N 15 13.70 9.24 -3.60
CA SER N 15 12.52 10.09 -3.67
C SER N 15 11.83 10.05 -2.31
N PHE N 16 11.81 11.19 -1.62
CA PHE N 16 11.20 11.34 -0.30
C PHE N 16 9.99 12.26 -0.37
N ASP N 17 9.32 12.37 0.77
CA ASP N 17 8.19 13.24 0.97
C ASP N 17 8.71 14.57 1.49
N ILE N 18 7.99 15.66 1.19
CA ILE N 18 8.44 16.98 1.62
C ILE N 18 8.55 17.04 3.14
N TYR N 19 7.58 16.49 3.85
CA TYR N 19 7.65 16.48 5.31
C TYR N 19 8.70 15.49 5.79
N SER N 20 8.74 14.30 5.19
CA SER N 20 9.73 13.30 5.58
C SER N 20 11.14 13.71 5.19
N ARG N 21 11.29 14.47 4.10
CA ARG N 21 12.62 14.91 3.68
C ARG N 21 13.25 15.80 4.74
N LEU N 22 12.47 16.70 5.34
CA LEU N 22 12.98 17.57 6.38
C LEU N 22 13.26 16.81 7.67
N LEU N 23 12.61 15.66 7.88
CA LEU N 23 12.84 14.90 9.09
C LEU N 23 14.28 14.42 9.19
N LYS N 24 14.93 14.16 8.05
CA LYS N 24 16.32 13.73 8.07
C LYS N 24 17.25 14.80 8.65
N GLU N 25 16.84 16.07 8.62
CA GLU N 25 17.62 17.17 9.14
C GLU N 25 17.23 17.53 10.57
N ARG N 26 16.68 16.57 11.32
CA ARG N 26 16.29 16.80 12.71
C ARG N 26 15.24 17.90 12.83
N VAL N 27 14.29 17.93 11.89
CA VAL N 27 13.22 18.92 11.86
C VAL N 27 11.88 18.21 11.93
N ILE N 28 11.02 18.67 12.84
CA ILE N 28 9.68 18.12 13.03
C ILE N 28 8.67 19.26 12.95
N PHE N 29 7.53 19.00 12.32
CA PHE N 29 6.46 19.97 12.17
C PHE N 29 5.31 19.63 13.12
N LEU N 30 4.84 20.63 13.87
CA LEU N 30 3.72 20.49 14.78
C LEU N 30 2.62 21.40 14.22
N THR N 31 1.72 20.82 13.43
CA THR N 31 0.64 21.54 12.78
C THR N 31 -0.72 21.01 13.21
N GLY N 32 -1.68 21.92 13.31
CA GLY N 32 -3.04 21.56 13.66
C GLY N 32 -3.29 21.35 15.15
N GLN N 33 -4.52 20.95 15.43
CA GLN N 33 -4.94 20.70 16.81
C GLN N 33 -4.13 19.55 17.40
N VAL N 34 -3.85 19.64 18.69
CA VAL N 34 -3.08 18.62 19.39
C VAL N 34 -4.04 17.53 19.87
N GLU N 35 -3.76 16.30 19.47
CA GLU N 35 -4.56 15.13 19.82
C GLU N 35 -3.61 13.97 20.11
N ASP N 36 -4.18 12.84 20.51
CA ASP N 36 -3.36 11.67 20.82
C ASP N 36 -2.67 11.11 19.58
N HIS N 37 -3.35 11.13 18.43
CA HIS N 37 -2.77 10.55 17.23
C HIS N 37 -1.57 11.35 16.73
N MET N 38 -1.70 12.67 16.65
CA MET N 38 -0.58 13.48 16.19
C MET N 38 0.56 13.50 17.20
N ALA N 39 0.25 13.36 18.49
CA ALA N 39 1.29 13.40 19.52
C ALA N 39 2.24 12.22 19.36
N ASN N 40 1.70 11.01 19.19
CA ASN N 40 2.55 9.84 19.01
C ASN N 40 3.41 9.97 17.76
N LEU N 41 2.89 10.63 16.73
CA LEU N 41 3.66 10.82 15.51
C LEU N 41 4.88 11.72 15.77
N ILE N 42 4.69 12.79 16.53
CA ILE N 42 5.79 13.70 16.84
C ILE N 42 6.76 13.05 17.81
N VAL N 43 6.23 12.33 18.81
CA VAL N 43 7.08 11.66 19.78
C VAL N 43 7.98 10.64 19.10
N ALA N 44 7.41 9.84 18.19
CA ALA N 44 8.20 8.82 17.50
C ALA N 44 9.33 9.43 16.71
N GLN N 45 9.07 10.58 16.06
CA GLN N 45 10.13 11.25 15.31
C GLN N 45 11.30 11.61 16.20
N MET N 46 11.03 12.09 17.42
CA MET N 46 12.10 12.44 18.34
C MET N 46 12.93 11.22 18.71
N LEU N 47 12.27 10.12 19.10
CA LEU N 47 12.99 8.92 19.48
C LEU N 47 13.79 8.35 18.32
N PHE N 48 13.20 8.35 17.12
CA PHE N 48 13.90 7.80 15.96
C PHE N 48 15.15 8.62 15.65
N LEU N 49 15.06 9.95 15.73
CA LEU N 49 16.22 10.78 15.49
C LEU N 49 17.31 10.57 16.52
N GLU N 50 16.92 10.24 17.76
CA GLU N 50 17.89 10.03 18.82
C GLU N 50 18.84 8.89 18.49
N ALA N 51 18.31 7.80 17.94
CA ALA N 51 19.16 6.66 17.60
C ALA N 51 20.13 6.99 16.48
N GLU N 52 19.67 7.75 15.48
CA GLU N 52 20.52 8.10 14.34
C GLU N 52 21.76 8.87 14.79
N ASN N 53 21.56 10.01 15.43
CA ASN N 53 22.66 10.86 15.88
C ASN N 53 22.21 11.72 17.05
N PRO N 54 22.36 11.28 18.33
CA PRO N 54 21.91 12.10 19.47
C PRO N 54 22.94 13.16 19.90
N GLU N 55 23.45 13.91 18.93
CA GLU N 55 24.40 14.99 19.19
C GLU N 55 23.98 16.30 18.52
N LYS N 56 23.20 16.19 17.45
CA LYS N 56 22.72 17.36 16.72
C LYS N 56 21.41 17.86 17.30
N ASP N 57 21.26 19.18 17.36
CA ASP N 57 20.03 19.76 17.89
C ASP N 57 18.86 19.41 16.97
N ILE N 58 17.66 19.38 17.56
CA ILE N 58 16.43 19.07 16.84
C ILE N 58 15.61 20.35 16.75
N TYR N 59 14.99 20.57 15.59
CA TYR N 59 14.17 21.74 15.34
C TYR N 59 12.71 21.33 15.37
N LEU N 60 11.90 22.05 16.17
CA LEU N 60 10.47 21.78 16.30
C LEU N 60 9.68 23.04 16.03
N TYR N 61 8.93 23.05 14.94
CA TYR N 61 8.08 24.17 14.59
C TYR N 61 6.72 23.99 15.27
N ILE N 62 6.10 25.10 15.64
CA ILE N 62 4.81 25.08 16.33
C ILE N 62 3.88 26.08 15.67
N ASN N 63 2.83 25.58 15.02
CA ASN N 63 1.79 26.38 14.41
C ASN N 63 0.43 25.81 14.79
N SER N 64 0.28 25.43 16.05
CA SER N 64 -0.91 24.83 16.62
C SER N 64 -1.80 25.86 17.32
N PRO N 65 -3.12 25.76 17.26
CA PRO N 65 -3.99 26.70 17.99
C PRO N 65 -4.39 26.20 19.38
N GLY N 66 -3.83 25.09 19.84
CA GLY N 66 -4.12 24.49 21.13
C GLY N 66 -4.67 23.10 20.98
N GLY N 67 -5.01 22.51 22.12
CA GLY N 67 -5.58 21.16 22.11
C GLY N 67 -5.59 20.56 23.50
N VAL N 68 -5.74 19.23 23.53
CA VAL N 68 -5.75 18.49 24.78
C VAL N 68 -4.42 18.67 25.51
N ILE N 69 -4.49 18.57 26.84
CA ILE N 69 -3.31 18.74 27.67
C ILE N 69 -2.60 17.42 27.99
N THR N 70 -3.32 16.30 27.96
CA THR N 70 -2.68 15.02 28.24
C THR N 70 -1.71 14.63 27.13
N ALA N 71 -2.13 14.79 25.88
CA ALA N 71 -1.25 14.47 24.76
C ALA N 71 -0.08 15.43 24.68
N GLY N 72 -0.25 16.66 25.17
CA GLY N 72 0.82 17.64 25.12
C GLY N 72 1.92 17.36 26.14
N MET N 73 1.55 16.88 27.32
CA MET N 73 2.55 16.58 28.34
C MET N 73 3.41 15.40 27.93
N SER N 74 2.90 14.50 27.09
CA SER N 74 3.69 13.39 26.60
C SER N 74 4.89 13.89 25.80
N ILE N 75 4.69 14.94 25.01
CA ILE N 75 5.77 15.50 24.19
C ILE N 75 6.77 16.23 25.06
N TYR N 76 6.28 17.02 26.03
CA TYR N 76 7.18 17.75 26.92
C TYR N 76 8.12 16.81 27.66
N ASP N 77 7.59 15.68 28.17
CA ASP N 77 8.43 14.72 28.85
C ASP N 77 9.47 14.13 27.92
N THR N 78 9.13 13.97 26.63
CA THR N 78 10.06 13.40 25.67
C THR N 78 11.21 14.36 25.36
N MET N 79 10.91 15.65 25.23
CA MET N 79 11.96 16.61 24.91
C MET N 79 12.98 16.72 26.04
N GLN N 80 12.50 16.84 27.28
CA GLN N 80 13.42 16.95 28.41
C GLN N 80 14.06 15.61 28.78
N PHE N 81 13.53 14.50 28.30
CA PHE N 81 14.10 13.19 28.63
C PHE N 81 15.33 12.88 27.80
N ILE N 82 15.21 12.97 26.47
CA ILE N 82 16.33 12.63 25.60
C ILE N 82 17.51 13.56 25.81
N LYS N 83 18.70 13.04 25.49
CA LYS N 83 19.95 13.81 25.62
C LYS N 83 20.01 15.05 24.73
N PRO N 84 19.71 15.00 23.43
CA PRO N 84 19.90 16.20 22.60
C PRO N 84 18.99 17.36 22.96
N ASP N 85 19.48 18.55 22.62
CA ASP N 85 18.77 19.80 22.84
C ASP N 85 17.77 20.04 21.71
N VAL N 86 16.50 20.23 22.06
CA VAL N 86 15.45 20.46 21.07
C VAL N 86 15.18 21.95 20.97
N SER N 87 15.37 22.49 19.76
CA SER N 87 15.13 23.90 19.46
C SER N 87 13.68 24.08 19.03
N THR N 88 12.93 24.88 19.78
CA THR N 88 11.54 25.14 19.49
C THR N 88 11.41 26.50 18.81
N ILE N 89 10.60 26.54 17.74
CA ILE N 89 10.38 27.76 16.96
C ILE N 89 8.88 27.99 16.82
N CYS N 90 8.43 29.19 17.19
CA CYS N 90 7.03 29.58 17.09
C CYS N 90 6.77 30.14 15.70
N MET N 91 5.88 29.49 14.95
CA MET N 91 5.53 29.92 13.59
C MET N 91 4.03 30.16 13.51
N GLY N 92 3.63 31.44 13.44
CA GLY N 92 2.23 31.78 13.29
C GLY N 92 1.39 31.92 14.54
N GLN N 93 1.12 30.80 15.21
CA GLN N 93 0.27 30.80 16.40
C GLN N 93 0.75 29.78 17.40
N ALA N 94 0.54 30.11 18.69
CA ALA N 94 0.93 29.25 19.79
C ALA N 94 -0.04 29.53 20.93
N ALA N 95 -0.87 28.53 21.27
CA ALA N 95 -1.86 28.65 22.32
C ALA N 95 -1.27 28.14 23.63
N SER N 96 -2.11 28.03 24.66
CA SER N 96 -1.71 27.56 25.99
C SER N 96 -0.80 26.35 25.92
N MET N 97 -1.25 25.27 25.28
CA MET N 97 -0.40 24.10 25.15
C MET N 97 0.65 24.32 24.06
N GLY N 98 0.33 25.09 23.03
CA GLY N 98 1.30 25.37 21.99
C GLY N 98 2.45 26.21 22.50
N ALA N 99 2.20 27.03 23.53
CA ALA N 99 3.23 27.86 24.12
C ALA N 99 4.02 27.12 25.18
N PHE N 100 3.45 26.07 25.78
CA PHE N 100 4.18 25.30 26.78
C PHE N 100 5.29 24.49 26.14
N LEU N 101 5.15 24.15 24.86
CA LEU N 101 6.18 23.42 24.14
C LEU N 101 7.25 24.34 23.57
N LEU N 102 6.99 25.66 23.54
CA LEU N 102 7.99 26.60 23.05
C LEU N 102 8.98 26.94 24.15
N THR N 103 8.47 27.26 25.34
CA THR N 103 9.35 27.57 26.46
C THR N 103 10.03 26.33 27.02
N ALA N 104 9.61 25.13 26.62
CA ALA N 104 10.21 23.89 27.09
C ALA N 104 11.40 23.46 26.24
N GLY N 105 11.98 24.38 25.47
CA GLY N 105 13.12 24.08 24.64
C GLY N 105 14.42 24.34 25.37
N ALA N 106 15.51 23.90 24.75
CA ALA N 106 16.84 24.13 25.30
C ALA N 106 17.07 25.61 25.50
N LYS N 107 17.67 25.97 26.65
CA LYS N 107 17.94 27.36 26.94
C LYS N 107 18.93 27.92 25.94
N GLY N 108 18.64 29.12 25.44
CA GLY N 108 19.48 29.74 24.44
C GLY N 108 19.18 29.33 23.01
N LYS N 109 18.30 28.36 22.80
CA LYS N 109 17.95 27.84 21.47
C LYS N 109 16.46 27.96 21.19
N ARG N 110 15.80 28.98 21.74
CA ARG N 110 14.38 29.22 21.54
C ARG N 110 14.23 30.48 20.70
N PHE N 111 13.58 30.34 19.54
CA PHE N 111 13.41 31.41 18.57
C PHE N 111 11.93 31.64 18.28
N CYS N 112 11.62 32.86 17.86
CA CYS N 112 10.26 33.26 17.53
C CYS N 112 10.31 34.32 16.45
N LEU N 113 9.44 34.18 15.45
CA LEU N 113 9.42 35.11 14.33
C LEU N 113 8.79 36.43 14.74
N PRO N 114 9.16 37.53 14.06
CA PRO N 114 8.62 38.86 14.47
C PRO N 114 7.10 38.95 14.43
N ASN N 115 6.44 38.32 13.45
CA ASN N 115 5.00 38.40 13.33
C ASN N 115 4.29 37.19 13.96
N SER N 116 5.02 36.37 14.72
CA SER N 116 4.41 35.25 15.40
C SER N 116 3.63 35.75 16.60
N ARG N 117 2.56 35.03 16.94
CA ARG N 117 1.71 35.39 18.07
C ARG N 117 1.65 34.21 19.05
N VAL N 118 1.58 34.54 20.33
CA VAL N 118 1.54 33.57 21.41
C VAL N 118 0.37 33.91 22.33
N MET N 119 -0.31 32.88 22.80
CA MET N 119 -1.43 33.02 23.73
C MET N 119 -1.24 32.02 24.84
N ILE N 120 -1.51 32.45 26.08
CA ILE N 120 -1.39 31.58 27.25
C ILE N 120 -2.64 31.76 28.10
N HIS N 121 -3.18 30.64 28.56
CA HIS N 121 -4.35 30.64 29.43
C HIS N 121 -4.29 29.41 30.30
N GLN N 122 -5.13 29.39 31.33
CA GLN N 122 -5.17 28.25 32.24
C GLN N 122 -5.84 27.08 31.53
N PRO N 123 -5.67 25.86 32.04
CA PRO N 123 -6.29 24.70 31.37
C PRO N 123 -7.81 24.79 31.36
N LEU N 124 -8.40 24.15 30.37
CA LEU N 124 -9.85 24.14 30.17
C LEU N 124 -10.35 22.70 30.29
N GLY N 125 -11.64 22.58 30.61
CA GLY N 125 -12.23 21.26 30.79
C GLY N 125 -13.69 21.32 31.18
N GLY N 126 -14.16 20.28 31.84
CA GLY N 126 -15.53 20.18 32.27
C GLY N 126 -15.94 18.75 32.44
N TYR N 127 -17.06 18.56 33.13
CA TYR N 127 -17.58 17.22 33.40
C TYR N 127 -19.02 17.34 33.86
N GLN N 128 -19.83 16.36 33.47
CA GLN N 128 -21.24 16.29 33.84
C GLN N 128 -21.47 14.99 34.60
N GLY N 129 -22.37 15.03 35.59
CA GLY N 129 -22.66 13.87 36.41
C GLY N 129 -22.87 14.22 37.86
N GLN N 130 -22.63 13.24 38.73
CA GLN N 130 -22.79 13.42 40.16
C GLN N 130 -21.79 14.46 40.69
N ALA N 131 -22.21 15.17 41.74
CA ALA N 131 -21.35 16.18 42.34
C ALA N 131 -20.07 15.57 42.89
N THR N 132 -20.14 14.35 43.41
CA THR N 132 -18.95 13.69 43.95
C THR N 132 -17.89 13.52 42.86
N ASP N 133 -18.31 13.05 41.68
CA ASP N 133 -17.37 12.87 40.59
C ASP N 133 -16.81 14.22 40.11
N ILE N 134 -17.69 15.23 40.02
CA ILE N 134 -17.24 16.56 39.61
C ILE N 134 -16.17 17.08 40.56
N GLU N 135 -16.34 16.83 41.86
CA GLU N 135 -15.36 17.28 42.85
C GLU N 135 -14.01 16.62 42.60
N ILE N 136 -14.00 15.34 42.23
CA ILE N 136 -12.75 14.64 41.97
C ILE N 136 -12.08 15.22 40.75
N HIS N 137 -12.83 15.41 39.66
CA HIS N 137 -12.27 15.98 38.45
C HIS N 137 -11.84 17.43 38.68
N ALA N 138 -12.58 18.17 39.51
CA ALA N 138 -12.22 19.55 39.81
C ALA N 138 -10.87 19.64 40.50
N ARG N 139 -10.61 18.73 41.44
CA ARG N 139 -9.32 18.74 42.14
C ARG N 139 -8.19 18.34 41.21
N GLU N 140 -8.47 17.50 40.21
CA GLU N 140 -7.43 17.06 39.28
C GLU N 140 -7.00 18.19 38.37
N ILE N 141 -7.96 18.88 37.75
CA ILE N 141 -7.63 19.98 36.84
C ILE N 141 -6.87 21.07 37.58
N LEU N 142 -7.15 21.26 38.88
CA LEU N 142 -6.41 22.27 39.64
C LEU N 142 -4.93 21.90 39.70
N LYS N 143 -4.63 20.61 39.87
CA LYS N 143 -3.24 20.16 39.89
C LYS N 143 -2.58 20.44 38.54
N VAL N 144 -3.31 20.24 37.45
CA VAL N 144 -2.78 20.49 36.12
C VAL N 144 -2.44 21.96 35.96
N LYS N 145 -3.36 22.84 36.38
CA LYS N 145 -3.11 24.27 36.29
C LYS N 145 -1.90 24.66 37.13
N GLY N 146 -1.85 24.20 38.38
CA GLY N 146 -0.70 24.52 39.22
C GLY N 146 0.57 23.87 38.73
N ARG N 147 0.46 22.65 38.17
CA ARG N 147 1.65 21.97 37.67
C ARG N 147 2.18 22.63 36.41
N MET N 148 1.27 23.00 35.49
CA MET N 148 1.72 23.65 34.25
C MET N 148 2.38 24.99 34.54
N ASN N 149 1.80 25.78 35.45
CA ASN N 149 2.40 27.07 35.78
C ASN N 149 3.78 26.88 36.41
N GLU N 150 3.92 25.88 37.27
CA GLU N 150 5.22 25.62 37.91
C GLU N 150 6.30 25.32 36.89
N LEU N 151 5.97 24.49 35.88
CA LEU N 151 6.96 24.16 34.86
C LEU N 151 7.26 25.36 33.98
N MET N 152 6.23 26.16 33.68
CA MET N 152 6.42 27.37 32.87
C MET N 152 7.38 28.33 33.56
N ALA N 153 7.24 28.48 34.88
CA ALA N 153 8.09 29.40 35.63
C ALA N 153 9.54 28.94 35.63
N LEU N 154 9.78 27.62 35.60
CA LEU N 154 11.15 27.11 35.62
C LEU N 154 11.92 27.54 34.38
N HIS N 155 11.35 27.32 33.19
CA HIS N 155 12.04 27.69 31.97
C HIS N 155 12.08 29.21 31.79
N THR N 156 10.94 29.87 32.01
CA THR N 156 10.88 31.31 31.85
C THR N 156 11.69 32.03 32.93
N GLY N 157 11.73 31.47 34.15
CA GLY N 157 12.44 32.08 35.25
C GLY N 157 11.60 33.05 36.06
N GLN N 158 10.40 33.38 35.61
CA GLN N 158 9.53 34.29 36.35
C GLN N 158 9.00 33.62 37.61
N SER N 159 8.61 34.44 38.57
CA SER N 159 8.07 33.93 39.82
C SER N 159 6.74 33.23 39.59
N LEU N 160 6.47 32.22 40.42
CA LEU N 160 5.22 31.46 40.30
C LEU N 160 4.00 32.36 40.46
N GLU N 161 4.08 33.39 41.31
CA GLU N 161 2.95 34.28 41.51
C GLU N 161 2.63 35.05 40.24
N GLN N 162 3.66 35.55 39.54
CA GLN N 162 3.43 36.31 38.32
C GLN N 162 2.77 35.44 37.24
N ILE N 163 3.18 34.18 37.14
CA ILE N 163 2.59 33.28 36.15
C ILE N 163 1.11 33.08 36.45
N GLU N 164 0.78 32.84 37.72
CA GLU N 164 -0.61 32.62 38.10
C GLU N 164 -1.48 33.85 37.80
N ARG N 165 -0.94 35.04 38.05
CA ARG N 165 -1.71 36.26 37.80
C ARG N 165 -1.95 36.46 36.31
N ASP N 166 -0.94 36.23 35.48
CA ASP N 166 -1.08 36.43 34.04
C ASP N 166 -1.81 35.29 33.34
N THR N 167 -1.80 34.08 33.91
CA THR N 167 -2.48 32.95 33.29
C THR N 167 -3.94 32.81 33.72
N GLU N 168 -4.39 33.58 34.72
CA GLU N 168 -5.78 33.50 35.15
C GLU N 168 -6.73 33.75 33.98
N ARG N 169 -6.41 34.71 33.13
CA ARG N 169 -7.19 35.06 31.95
C ARG N 169 -6.32 34.90 30.71
N ASP N 170 -6.98 34.79 29.55
CA ASP N 170 -6.26 34.68 28.29
C ASP N 170 -5.35 35.89 28.12
N ARG N 171 -4.07 35.62 27.86
CA ARG N 171 -3.06 36.66 27.68
C ARG N 171 -2.40 36.49 26.32
N PHE N 172 -2.45 37.53 25.50
CA PHE N 172 -1.83 37.54 24.19
C PHE N 172 -0.50 38.28 24.30
N LEU N 173 0.54 37.71 23.69
CA LEU N 173 1.88 38.29 23.76
C LEU N 173 2.54 38.25 22.39
N SER N 174 3.12 39.37 22.00
CA SER N 174 3.83 39.48 20.73
C SER N 174 5.24 38.93 20.90
N ALA N 175 5.92 38.76 19.76
CA ALA N 175 7.29 38.22 19.78
C ALA N 175 8.23 39.00 20.68
N PRO N 176 8.35 40.33 20.58
CA PRO N 176 9.26 41.04 21.51
C PRO N 176 8.83 40.91 22.96
N GLU N 177 7.52 40.95 23.24
CA GLU N 177 7.03 40.80 24.60
C GLU N 177 7.44 39.46 25.18
N ALA N 178 7.40 38.40 24.36
CA ALA N 178 7.76 37.06 24.81
C ALA N 178 9.20 36.99 25.29
N VAL N 179 10.10 37.78 24.69
CA VAL N 179 11.50 37.73 25.08
C VAL N 179 11.69 38.24 26.50
N GLU N 180 10.95 39.29 26.89
CA GLU N 180 11.09 39.81 28.24
C GLU N 180 10.45 38.88 29.27
N TYR N 181 9.38 38.17 28.88
CA TYR N 181 8.73 37.26 29.81
C TYR N 181 9.55 35.99 30.06
N GLY N 182 10.42 35.63 29.13
CA GLY N 182 11.27 34.46 29.25
C GLY N 182 10.83 33.26 28.43
N LEU N 183 9.73 33.38 27.68
CA LEU N 183 9.25 32.27 26.86
C LEU N 183 10.25 31.91 25.76
N VAL N 184 10.89 32.93 25.17
CA VAL N 184 11.83 32.75 24.07
C VAL N 184 13.14 33.44 24.43
N ASP N 185 14.18 33.06 23.68
CA ASP N 185 15.53 33.56 23.86
C ASP N 185 15.92 34.65 22.87
N SER N 186 15.57 34.49 21.59
CA SER N 186 15.93 35.48 20.58
C SER N 186 14.86 35.51 19.50
N ILE N 187 15.00 36.47 18.60
CA ILE N 187 14.07 36.70 17.49
C ILE N 187 14.85 36.63 16.19
N LEU N 188 14.32 35.86 15.24
CA LEU N 188 14.94 35.67 13.94
C LEU N 188 14.24 36.56 12.92
N THR N 189 14.98 37.49 12.32
CA THR N 189 14.47 38.43 11.34
C THR N 189 14.99 38.16 9.95
N HIS N 190 16.32 38.06 9.79
CA HIS N 190 16.95 37.77 8.51
C HIS N 190 18.08 36.79 8.74
N ARG N 191 18.34 35.96 7.73
CA ARG N 191 19.40 34.97 7.82
C ARG N 191 20.75 35.66 7.93
N ASN N 192 21.56 35.24 8.90
CA ASN N 192 22.89 35.79 9.12
C ASN N 192 22.83 37.30 9.37
N LEU O 1 -52.52 25.55 31.38
CA LEU O 1 -53.62 25.02 32.17
C LEU O 1 -53.80 25.80 33.47
N VAL O 2 -53.51 27.10 33.42
CA VAL O 2 -53.62 28.02 34.55
C VAL O 2 -54.99 27.86 35.23
N PRO O 3 -55.07 27.56 36.54
CA PRO O 3 -56.39 27.42 37.16
C PRO O 3 -57.05 28.77 37.40
N MET O 4 -58.33 28.84 37.11
CA MET O 4 -59.11 30.06 37.29
C MET O 4 -59.69 30.08 38.70
N VAL O 5 -59.30 31.08 39.48
CA VAL O 5 -59.76 31.22 40.86
C VAL O 5 -60.99 32.13 40.88
N ILE O 6 -62.07 31.63 41.46
CA ILE O 6 -63.34 32.36 41.53
C ILE O 6 -63.38 33.17 42.82
N GLU O 7 -63.76 34.44 42.69
CA GLU O 7 -63.86 35.38 43.81
C GLU O 7 -65.30 35.85 43.91
N GLN O 8 -65.84 35.84 45.13
CA GLN O 8 -67.24 36.21 45.38
C GLN O 8 -67.37 37.69 45.72
N THR O 9 -66.96 38.54 44.78
CA THR O 9 -67.08 39.98 44.98
C THR O 9 -68.55 40.38 44.76
N SER O 10 -68.86 41.65 45.06
CA SER O 10 -70.23 42.16 44.87
C SER O 10 -70.76 41.90 43.46
N ARG O 11 -69.89 41.97 42.44
CA ARG O 11 -70.34 41.70 41.08
C ARG O 11 -70.77 40.25 40.93
N GLY O 12 -70.00 39.32 41.50
CA GLY O 12 -70.28 37.91 41.42
C GLY O 12 -69.12 37.13 40.81
N GLU O 13 -69.45 36.20 39.92
CA GLU O 13 -68.46 35.34 39.28
C GLU O 13 -67.35 36.12 38.60
N ARG O 14 -66.12 35.90 39.07
CA ARG O 14 -64.90 36.52 38.52
C ARG O 14 -63.95 35.42 38.07
N SER O 15 -64.08 34.99 36.81
CA SER O 15 -63.21 33.96 36.24
C SER O 15 -61.90 34.60 35.82
N PHE O 16 -60.93 34.61 36.73
CA PHE O 16 -59.60 35.19 36.50
C PHE O 16 -58.52 34.22 36.93
N ASP O 17 -57.58 33.96 36.01
CA ASP O 17 -56.47 33.04 36.26
C ASP O 17 -55.70 33.43 37.52
N ILE O 18 -55.14 32.40 38.18
CA ILE O 18 -54.37 32.56 39.42
C ILE O 18 -53.30 33.63 39.31
N TYR O 19 -52.69 33.77 38.13
CA TYR O 19 -51.67 34.81 37.95
C TYR O 19 -52.29 36.19 38.06
N SER O 20 -53.32 36.45 37.24
CA SER O 20 -54.01 37.74 37.26
C SER O 20 -54.63 38.05 38.62
N ARG O 21 -55.04 37.01 39.36
CA ARG O 21 -55.66 37.25 40.66
C ARG O 21 -54.67 37.96 41.59
N LEU O 22 -53.43 37.51 41.62
CA LEU O 22 -52.43 38.16 42.44
C LEU O 22 -51.92 39.47 41.84
N LEU O 23 -52.21 39.74 40.55
CA LEU O 23 -51.74 40.98 39.95
C LEU O 23 -52.38 42.19 40.62
N LYS O 24 -53.69 42.13 40.89
CA LYS O 24 -54.35 43.24 41.58
C LYS O 24 -53.76 43.47 42.96
N GLU O 25 -53.18 42.44 43.58
CA GLU O 25 -52.57 42.53 44.90
C GLU O 25 -51.13 43.05 44.85
N ARG O 26 -50.72 43.66 43.74
CA ARG O 26 -49.37 44.20 43.59
C ARG O 26 -48.31 43.11 43.73
N VAL O 27 -48.60 41.96 43.12
CA VAL O 27 -47.70 40.81 43.11
C VAL O 27 -47.48 40.41 41.65
N ILE O 28 -46.21 40.29 41.25
CA ILE O 28 -45.85 39.92 39.88
C ILE O 28 -44.79 38.84 39.95
N PHE O 29 -44.72 38.04 38.88
CA PHE O 29 -43.79 36.91 38.78
C PHE O 29 -42.84 37.08 37.61
N LEU O 30 -41.64 36.52 37.80
CA LEU O 30 -40.57 36.51 36.81
C LEU O 30 -40.25 35.04 36.54
N THR O 31 -40.33 34.63 35.27
CA THR O 31 -40.13 33.25 34.88
C THR O 31 -39.16 33.13 33.72
N GLY O 32 -38.27 32.15 33.82
CA GLY O 32 -37.27 31.83 32.82
C GLY O 32 -36.32 32.96 32.52
N GLN O 33 -35.71 32.86 31.35
CA GLN O 33 -34.77 33.87 30.88
C GLN O 33 -35.53 35.16 30.58
N VAL O 34 -34.80 36.28 30.56
CA VAL O 34 -35.38 37.59 30.29
C VAL O 34 -35.19 37.92 28.82
N GLU O 35 -36.29 38.22 28.13
CA GLU O 35 -36.30 38.59 26.73
C GLU O 35 -37.12 39.88 26.59
N ASP O 36 -37.08 40.47 25.40
CA ASP O 36 -37.82 41.70 25.15
C ASP O 36 -39.32 41.50 25.31
N HIS O 37 -39.84 40.35 24.86
CA HIS O 37 -41.29 40.11 24.93
C HIS O 37 -41.80 40.12 26.38
N MET O 38 -41.15 39.38 27.27
CA MET O 38 -41.62 39.33 28.65
C MET O 38 -41.40 40.66 29.37
N ALA O 39 -40.34 41.40 29.00
CA ALA O 39 -40.07 42.67 29.66
C ALA O 39 -41.24 43.63 29.52
N ASN O 40 -41.85 43.68 28.34
CA ASN O 40 -43.01 44.55 28.14
C ASN O 40 -44.15 44.14 29.06
N LEU O 41 -44.32 42.83 29.27
CA LEU O 41 -45.38 42.34 30.15
C LEU O 41 -45.20 42.86 31.57
N ILE O 42 -43.97 42.83 32.08
CA ILE O 42 -43.70 43.32 33.43
C ILE O 42 -44.00 44.81 33.52
N VAL O 43 -43.55 45.58 32.53
CA VAL O 43 -43.78 47.02 32.51
C VAL O 43 -45.27 47.33 32.52
N ALA O 44 -46.05 46.59 31.73
CA ALA O 44 -47.49 46.81 31.69
C ALA O 44 -48.11 46.56 33.06
N GLN O 45 -47.70 45.48 33.73
CA GLN O 45 -48.23 45.17 35.06
C GLN O 45 -47.88 46.26 36.06
N MET O 46 -46.63 46.74 36.02
CA MET O 46 -46.20 47.78 36.95
C MET O 46 -46.92 49.10 36.66
N LEU O 47 -47.04 49.48 35.39
CA LEU O 47 -47.71 50.71 35.04
C LEU O 47 -49.18 50.68 35.45
N PHE O 48 -49.85 49.55 35.26
CA PHE O 48 -51.25 49.43 35.64
C PHE O 48 -51.42 49.63 37.14
N LEU O 49 -50.53 49.03 37.94
CA LEU O 49 -50.60 49.18 39.39
C LEU O 49 -50.39 50.63 39.80
N GLU O 50 -49.51 51.35 39.11
CA GLU O 50 -49.26 52.74 39.45
C GLU O 50 -50.49 53.60 39.24
N ALA O 51 -51.21 53.39 38.13
CA ALA O 51 -52.40 54.17 37.86
C ALA O 51 -53.50 53.91 38.89
N GLU O 52 -53.68 52.64 39.26
CA GLU O 52 -54.72 52.29 40.22
C GLU O 52 -54.51 52.99 41.56
N ASN O 53 -53.36 52.75 42.20
CA ASN O 53 -53.06 53.37 43.50
C ASN O 53 -51.54 53.47 43.66
N PRO O 54 -50.92 54.65 43.30
CA PRO O 54 -49.46 54.80 43.42
C PRO O 54 -48.95 55.15 44.82
N GLU O 55 -49.43 54.41 45.83
CA GLU O 55 -48.97 54.63 47.21
C GLU O 55 -48.73 53.33 47.97
N LYS O 56 -48.77 52.17 47.30
CA LYS O 56 -48.60 50.87 47.94
C LYS O 56 -47.39 50.13 47.38
N ASP O 57 -46.72 49.40 48.27
CA ASP O 57 -45.54 48.63 47.88
C ASP O 57 -45.92 47.45 47.00
N ILE O 58 -45.08 47.17 46.01
CA ILE O 58 -45.30 46.09 45.05
C ILE O 58 -44.35 44.95 45.40
N TYR O 59 -44.89 43.73 45.47
CA TYR O 59 -44.10 42.54 45.76
C TYR O 59 -43.57 41.97 44.45
N LEU O 60 -42.26 41.77 44.39
CA LEU O 60 -41.59 41.25 43.20
C LEU O 60 -40.86 39.96 43.53
N TYR O 61 -41.10 38.93 42.72
CA TYR O 61 -40.47 37.62 42.87
C TYR O 61 -39.51 37.44 41.70
N ILE O 62 -38.26 37.12 42.00
CA ILE O 62 -37.22 36.95 40.99
C ILE O 62 -36.78 35.49 40.99
N ASN O 63 -37.08 34.80 39.89
CA ASN O 63 -36.68 33.40 39.68
C ASN O 63 -36.30 33.31 38.21
N SER O 64 -35.02 33.47 37.90
CA SER O 64 -34.54 33.42 36.54
C SER O 64 -33.11 32.89 36.51
N PRO O 65 -32.72 32.16 35.45
CA PRO O 65 -31.33 31.67 35.38
C PRO O 65 -30.38 32.66 34.70
N GLY O 66 -30.92 33.70 34.09
CA GLY O 66 -30.09 34.69 33.41
C GLY O 66 -30.99 35.69 32.72
N GLY O 67 -30.45 36.38 31.73
CA GLY O 67 -31.24 37.36 31.01
C GLY O 67 -30.39 38.28 30.19
N VAL O 68 -31.08 39.16 29.46
CA VAL O 68 -30.46 40.15 28.58
C VAL O 68 -30.38 41.47 29.34
N ILE O 69 -29.27 42.19 29.14
CA ILE O 69 -29.05 43.45 29.83
C ILE O 69 -30.09 44.48 29.41
N THR O 70 -30.35 44.58 28.10
CA THR O 70 -31.32 45.55 27.61
C THR O 70 -32.71 45.29 28.18
N ALA O 71 -33.15 44.03 28.16
CA ALA O 71 -34.46 43.69 28.70
C ALA O 71 -34.51 43.93 30.22
N GLY O 72 -33.42 43.61 30.91
CA GLY O 72 -33.39 43.79 32.35
C GLY O 72 -33.30 45.25 32.78
N MET O 73 -32.52 46.05 32.03
CA MET O 73 -32.36 47.45 32.38
C MET O 73 -33.68 48.21 32.35
N SER O 74 -34.55 47.87 31.39
CA SER O 74 -35.85 48.53 31.32
C SER O 74 -36.66 48.30 32.59
N ILE O 75 -36.62 47.08 33.13
CA ILE O 75 -37.33 46.77 34.36
C ILE O 75 -36.75 47.57 35.53
N TYR O 76 -35.42 47.65 35.60
CA TYR O 76 -34.76 48.40 36.68
C TYR O 76 -35.17 49.86 36.65
N ASP O 77 -35.11 50.50 35.48
CA ASP O 77 -35.45 51.90 35.37
C ASP O 77 -36.90 52.15 35.77
N THR O 78 -37.81 51.28 35.34
CA THR O 78 -39.21 51.43 35.71
C THR O 78 -39.39 51.35 37.23
N MET O 79 -38.68 50.44 37.88
CA MET O 79 -38.80 50.32 39.33
C MET O 79 -38.32 51.58 40.03
N GLN O 80 -37.23 52.17 39.56
CA GLN O 80 -36.67 53.40 40.13
C GLN O 80 -37.30 54.66 39.53
N PHE O 81 -38.45 54.54 38.86
CA PHE O 81 -39.14 55.65 38.23
C PHE O 81 -40.51 55.91 38.83
N ILE O 82 -41.31 54.85 39.02
CA ILE O 82 -42.65 55.01 39.56
C ILE O 82 -42.59 55.38 41.04
N LYS O 83 -43.58 56.14 41.49
CA LYS O 83 -43.65 56.56 42.89
C LYS O 83 -43.76 55.40 43.86
N PRO O 84 -44.67 54.43 43.69
CA PRO O 84 -44.74 53.32 44.64
C PRO O 84 -43.46 52.51 44.64
N ASP O 85 -43.07 52.04 45.83
CA ASP O 85 -41.85 51.27 45.99
C ASP O 85 -42.12 49.81 45.63
N VAL O 86 -41.04 49.05 45.48
CA VAL O 86 -41.11 47.65 45.10
C VAL O 86 -40.21 46.82 46.01
N SER O 87 -40.73 45.69 46.48
CA SER O 87 -40.01 44.76 47.33
C SER O 87 -39.61 43.55 46.49
N THR O 88 -38.33 43.20 46.55
CA THR O 88 -37.79 42.09 45.77
C THR O 88 -37.55 40.88 46.66
N ILE O 89 -38.01 39.72 46.21
CA ILE O 89 -37.83 38.45 46.91
C ILE O 89 -37.17 37.49 45.93
N CYS O 90 -36.14 36.79 46.38
CA CYS O 90 -35.41 35.84 45.55
C CYS O 90 -35.97 34.44 45.77
N MET O 91 -36.54 33.85 44.72
CA MET O 91 -37.12 32.52 44.77
C MET O 91 -36.31 31.59 43.86
N GLY O 92 -35.66 30.60 44.46
CA GLY O 92 -34.88 29.63 43.72
C GLY O 92 -33.53 30.08 43.20
N GLN O 93 -33.51 31.07 42.31
CA GLN O 93 -32.26 31.54 41.73
C GLN O 93 -32.36 33.02 41.39
N ALA O 94 -31.20 33.70 41.48
CA ALA O 94 -31.08 35.11 41.14
C ALA O 94 -29.78 35.27 40.37
N ALA O 95 -29.87 35.48 39.07
CA ALA O 95 -28.71 35.63 38.20
C ALA O 95 -28.21 37.07 38.23
N SER O 96 -27.26 37.39 37.33
CA SER O 96 -26.72 38.74 37.22
C SER O 96 -27.81 39.78 37.10
N MET O 97 -28.73 39.60 36.16
CA MET O 97 -29.81 40.55 35.98
C MET O 97 -30.80 40.48 37.13
N GLY O 98 -31.14 39.27 37.57
CA GLY O 98 -32.06 39.13 38.69
C GLY O 98 -31.49 39.73 39.96
N ALA O 99 -30.20 39.52 40.19
CA ALA O 99 -29.55 40.09 41.38
C ALA O 99 -29.50 41.61 41.28
N PHE O 100 -29.19 42.14 40.09
CA PHE O 100 -29.14 43.58 39.91
C PHE O 100 -30.50 44.20 40.19
N LEU O 101 -31.58 43.55 39.74
CA LEU O 101 -32.92 44.05 40.01
C LEU O 101 -33.28 43.87 41.48
N LEU O 102 -32.77 42.80 42.10
CA LEU O 102 -33.06 42.53 43.51
C LEU O 102 -32.57 43.66 44.40
N THR O 103 -31.30 44.05 44.25
CA THR O 103 -30.76 45.12 45.10
C THR O 103 -31.30 46.49 44.73
N ALA O 104 -32.02 46.63 43.62
CA ALA O 104 -32.58 47.92 43.24
C ALA O 104 -33.83 48.26 44.03
N GLY O 105 -34.33 47.36 44.86
CA GLY O 105 -35.53 47.63 45.63
C GLY O 105 -35.30 48.67 46.71
N ALA O 106 -36.42 49.16 47.26
CA ALA O 106 -36.36 50.15 48.32
C ALA O 106 -35.69 49.57 49.55
N LYS O 107 -34.95 50.43 50.26
CA LYS O 107 -34.26 50.01 51.47
C LYS O 107 -35.25 49.50 52.50
N GLY O 108 -34.85 48.48 53.24
CA GLY O 108 -35.72 47.88 54.24
C GLY O 108 -36.83 47.01 53.68
N LYS O 109 -36.87 46.80 52.37
CA LYS O 109 -37.89 45.97 51.72
C LYS O 109 -37.30 44.89 50.83
N ARG O 110 -35.98 44.70 50.84
CA ARG O 110 -35.31 43.69 50.04
C ARG O 110 -35.04 42.47 50.91
N PHE O 111 -35.59 41.32 50.52
CA PHE O 111 -35.44 40.08 51.27
C PHE O 111 -35.11 38.93 50.33
N CYS O 112 -34.71 37.81 50.93
CA CYS O 112 -34.37 36.59 50.20
C CYS O 112 -34.80 35.40 51.06
N LEU O 113 -35.08 34.29 50.38
CA LEU O 113 -35.51 33.09 51.07
C LEU O 113 -34.34 32.39 51.75
N PRO O 114 -34.59 31.57 52.78
CA PRO O 114 -33.48 30.92 53.49
C PRO O 114 -32.69 29.92 52.66
N ASN O 115 -33.28 29.32 51.62
CA ASN O 115 -32.62 28.33 50.78
C ASN O 115 -32.56 28.78 49.33
N SER O 116 -32.25 30.05 49.13
CA SER O 116 -32.11 30.67 47.82
C SER O 116 -30.69 31.15 47.64
N ARG O 117 -30.22 31.15 46.39
CA ARG O 117 -28.87 31.55 46.05
C ARG O 117 -28.92 32.66 45.00
N VAL O 118 -27.91 33.53 45.05
CA VAL O 118 -27.80 34.69 44.18
C VAL O 118 -26.40 34.71 43.59
N MET O 119 -26.31 35.05 42.30
CA MET O 119 -25.05 35.11 41.58
C MET O 119 -24.95 36.43 40.83
N ILE O 120 -23.76 37.01 40.81
CA ILE O 120 -23.47 38.26 40.13
C ILE O 120 -22.17 38.09 39.37
N HIS O 121 -22.12 38.66 38.17
CA HIS O 121 -20.93 38.57 37.32
C HIS O 121 -20.91 39.75 36.36
N GLN O 122 -19.76 39.93 35.72
CA GLN O 122 -19.59 41.01 34.76
C GLN O 122 -20.46 40.73 33.53
N PRO O 123 -20.74 41.75 32.72
CA PRO O 123 -21.58 41.54 31.53
C PRO O 123 -21.01 40.51 30.58
N LEU O 124 -21.87 40.01 29.70
CA LEU O 124 -21.53 39.01 28.70
C LEU O 124 -21.96 39.52 27.33
N GLY O 125 -21.22 39.11 26.30
CA GLY O 125 -21.54 39.54 24.97
C GLY O 125 -20.66 38.88 23.93
N GLY O 126 -20.55 39.53 22.79
CA GLY O 126 -19.76 39.03 21.69
C GLY O 126 -20.12 39.73 20.41
N TYR O 127 -19.28 39.54 19.40
CA TYR O 127 -19.51 40.17 18.10
C TYR O 127 -18.65 39.46 17.06
N GLN O 128 -19.15 39.48 15.81
CA GLN O 128 -18.48 38.88 14.68
C GLN O 128 -18.47 39.92 13.56
N GLY O 129 -17.29 40.25 13.07
CA GLY O 129 -17.16 41.24 12.02
C GLY O 129 -15.77 41.83 11.98
N GLN O 130 -15.69 43.02 11.38
CA GLN O 130 -14.43 43.72 11.24
C GLN O 130 -13.95 44.24 12.59
N ALA O 131 -12.63 44.48 12.68
CA ALA O 131 -12.04 44.96 13.92
C ALA O 131 -12.57 46.32 14.33
N THR O 132 -12.87 47.19 13.34
CA THR O 132 -13.40 48.51 13.65
C THR O 132 -14.69 48.39 14.45
N ASP O 133 -15.59 47.49 14.04
CA ASP O 133 -16.85 47.32 14.77
C ASP O 133 -16.64 46.63 16.11
N ILE O 134 -15.63 45.75 16.20
CA ILE O 134 -15.38 45.05 17.45
C ILE O 134 -14.93 46.05 18.52
N GLU O 135 -14.11 47.03 18.13
CA GLU O 135 -13.67 48.06 19.07
C GLU O 135 -14.86 48.82 19.63
N ILE O 136 -15.86 49.09 18.80
CA ILE O 136 -17.05 49.79 19.24
C ILE O 136 -17.77 48.99 20.33
N HIS O 137 -18.01 47.71 20.06
CA HIS O 137 -18.69 46.86 21.04
C HIS O 137 -17.81 46.61 22.25
N ALA O 138 -16.49 46.61 22.08
CA ALA O 138 -15.61 46.39 23.22
C ALA O 138 -15.69 47.56 24.20
N ARG O 139 -15.70 48.79 23.66
CA ARG O 139 -15.83 49.96 24.52
C ARG O 139 -17.24 50.06 25.08
N GLU O 140 -18.24 49.71 24.27
CA GLU O 140 -19.63 49.78 24.71
C GLU O 140 -19.89 48.87 25.90
N ILE O 141 -19.53 47.59 25.79
CA ILE O 141 -19.74 46.66 26.89
C ILE O 141 -18.93 47.07 28.11
N LEU O 142 -17.77 47.71 27.89
CA LEU O 142 -16.97 48.16 29.03
C LEU O 142 -17.72 49.22 29.83
N LYS O 143 -18.41 50.13 29.14
CA LYS O 143 -19.19 51.16 29.83
C LYS O 143 -20.29 50.52 30.66
N VAL O 144 -20.91 49.46 30.14
CA VAL O 144 -21.97 48.78 30.87
C VAL O 144 -21.44 48.21 32.17
N LYS O 145 -20.26 47.56 32.12
CA LYS O 145 -19.66 46.99 33.32
C LYS O 145 -19.42 48.07 34.38
N GLY O 146 -18.83 49.19 33.96
CA GLY O 146 -18.59 50.27 34.91
C GLY O 146 -19.88 50.91 35.39
N ARG O 147 -20.85 51.07 34.48
CA ARG O 147 -22.13 51.65 34.86
C ARG O 147 -22.86 50.78 35.86
N MET O 148 -22.99 49.48 35.56
CA MET O 148 -23.69 48.57 36.46
C MET O 148 -22.96 48.42 37.79
N ASN O 149 -21.63 48.45 37.76
CA ASN O 149 -20.87 48.33 39.00
C ASN O 149 -21.17 49.51 39.93
N GLU O 150 -21.33 50.71 39.36
CA GLU O 150 -21.66 51.87 40.18
C GLU O 150 -23.01 51.70 40.85
N LEU O 151 -24.00 51.22 40.10
CA LEU O 151 -25.33 51.01 40.66
C LEU O 151 -25.28 49.94 41.76
N MET O 152 -24.57 48.83 41.50
CA MET O 152 -24.47 47.77 42.50
C MET O 152 -23.75 48.28 43.74
N ALA O 153 -22.69 49.07 43.56
CA ALA O 153 -21.97 49.63 44.70
C ALA O 153 -22.82 50.62 45.46
N LEU O 154 -23.72 51.32 44.78
CA LEU O 154 -24.58 52.31 45.43
C LEU O 154 -25.66 51.62 46.26
N HIS O 155 -26.43 50.73 45.64
CA HIS O 155 -27.50 50.03 46.35
C HIS O 155 -26.94 49.17 47.47
N THR O 156 -25.88 48.41 47.18
CA THR O 156 -25.28 47.54 48.18
C THR O 156 -24.46 48.31 49.21
N GLY O 157 -23.95 49.49 48.86
CA GLY O 157 -23.16 50.28 49.77
C GLY O 157 -21.70 49.86 49.89
N GLN O 158 -21.22 48.99 49.01
CA GLN O 158 -19.84 48.53 49.02
C GLN O 158 -18.99 49.42 48.14
N SER O 159 -17.67 49.31 48.30
CA SER O 159 -16.75 50.10 47.52
C SER O 159 -16.77 49.66 46.06
N LEU O 160 -16.53 50.61 45.15
CA LEU O 160 -16.55 50.30 43.73
C LEU O 160 -15.47 49.30 43.35
N GLU O 161 -14.27 49.45 43.91
CA GLU O 161 -13.17 48.53 43.58
C GLU O 161 -13.51 47.11 44.01
N GLN O 162 -14.14 46.95 45.17
CA GLN O 162 -14.52 45.61 45.64
C GLN O 162 -15.48 44.94 44.67
N ILE O 163 -16.44 45.69 44.14
CA ILE O 163 -17.40 45.13 43.20
C ILE O 163 -16.70 44.65 41.94
N GLU O 164 -15.76 45.44 41.42
CA GLU O 164 -15.03 45.06 40.20
C GLU O 164 -14.31 43.74 40.38
N ARG O 165 -13.58 43.58 41.50
CA ARG O 165 -12.88 42.33 41.75
C ARG O 165 -13.85 41.17 41.91
N ASP O 166 -14.98 41.42 42.57
CA ASP O 166 -15.97 40.38 42.81
C ASP O 166 -16.78 40.03 41.57
N THR O 167 -16.98 40.98 40.65
CA THR O 167 -17.77 40.73 39.46
C THR O 167 -16.95 40.24 38.28
N GLU O 168 -15.62 40.14 38.40
CA GLU O 168 -14.81 39.64 37.29
C GLU O 168 -15.20 38.21 36.92
N ARG O 169 -15.48 37.39 37.93
CA ARG O 169 -15.89 36.00 37.73
C ARG O 169 -17.18 35.73 38.49
N ASP O 170 -17.86 34.65 38.08
CA ASP O 170 -19.10 34.26 38.74
C ASP O 170 -18.83 33.95 40.21
N ARG O 171 -19.75 34.38 41.07
CA ARG O 171 -19.63 34.11 42.50
C ARG O 171 -21.03 33.87 43.07
N PHE O 172 -21.18 32.79 43.82
CA PHE O 172 -22.44 32.43 44.45
C PHE O 172 -22.41 32.84 45.92
N LEU O 173 -23.48 33.49 46.38
CA LEU O 173 -23.59 33.95 47.76
C LEU O 173 -24.89 33.40 48.35
N SER O 174 -24.80 32.85 49.55
CA SER O 174 -25.97 32.32 50.22
C SER O 174 -26.79 33.47 50.81
N ALA O 175 -27.97 33.13 51.34
CA ALA O 175 -28.84 34.14 51.94
C ALA O 175 -28.15 34.88 53.09
N PRO O 176 -27.54 34.22 54.08
CA PRO O 176 -26.87 34.99 55.15
C PRO O 176 -25.73 35.86 54.65
N GLU O 177 -24.99 35.40 53.62
CA GLU O 177 -23.88 36.18 53.10
C GLU O 177 -24.36 37.44 52.40
N ALA O 178 -25.49 37.35 51.69
CA ALA O 178 -26.03 38.51 50.99
C ALA O 178 -26.32 39.67 51.94
N VAL O 179 -26.75 39.35 53.17
CA VAL O 179 -27.04 40.40 54.15
C VAL O 179 -25.79 41.21 54.46
N GLU O 180 -24.66 40.54 54.65
CA GLU O 180 -23.41 41.23 54.96
C GLU O 180 -22.97 42.13 53.80
N TYR O 181 -23.11 41.65 52.57
CA TYR O 181 -22.69 42.45 51.41
C TYR O 181 -23.59 43.65 51.21
N GLY O 182 -24.86 43.56 51.59
CA GLY O 182 -25.82 44.64 51.45
C GLY O 182 -26.85 44.44 50.35
N LEU O 183 -26.91 43.25 49.76
CA LEU O 183 -27.90 43.00 48.70
C LEU O 183 -29.31 42.92 49.27
N VAL O 184 -29.45 42.46 50.51
CA VAL O 184 -30.75 42.29 51.17
C VAL O 184 -30.67 42.87 52.57
N ASP O 185 -31.85 43.11 53.15
CA ASP O 185 -31.96 43.65 54.49
C ASP O 185 -32.10 42.55 55.54
N SER O 186 -32.97 41.57 55.29
CA SER O 186 -33.17 40.47 56.21
C SER O 186 -33.65 39.26 55.41
N ILE O 187 -33.78 38.13 56.12
CA ILE O 187 -34.25 36.88 55.54
C ILE O 187 -35.62 36.57 56.10
N LEU O 188 -36.51 36.05 55.24
CA LEU O 188 -37.87 35.69 55.62
C LEU O 188 -37.97 34.17 55.72
N THR O 189 -37.97 33.66 56.94
CA THR O 189 -38.10 32.23 57.21
C THR O 189 -39.50 31.84 57.62
N HIS O 190 -40.17 32.67 58.42
CA HIS O 190 -41.54 32.42 58.85
C HIS O 190 -42.12 33.74 59.33
N ARG O 191 -43.44 33.88 59.18
CA ARG O 191 -44.10 35.10 59.63
C ARG O 191 -44.01 35.23 61.14
N ASN O 192 -43.72 36.45 61.60
CA ASN O 192 -43.59 36.75 63.03
C ASN O 192 -42.51 35.89 63.67
N LEU P 1 -48.89 31.69 28.82
CA LEU P 1 -50.31 31.97 28.96
C LEU P 1 -50.53 33.41 29.38
N VAL P 2 -50.92 34.24 28.41
CA VAL P 2 -51.17 35.67 28.69
C VAL P 2 -52.28 35.77 29.75
N PRO P 3 -52.07 36.46 30.88
CA PRO P 3 -53.13 36.54 31.88
C PRO P 3 -54.21 37.56 31.53
N MET P 4 -55.43 37.26 31.96
CA MET P 4 -56.58 38.13 31.75
C MET P 4 -56.63 39.13 32.90
N VAL P 5 -56.64 40.42 32.57
CA VAL P 5 -56.62 41.49 33.57
C VAL P 5 -58.04 41.97 33.80
N ILE P 6 -58.26 42.54 34.99
CA ILE P 6 -59.57 42.99 35.41
C ILE P 6 -59.75 44.45 35.00
N GLU P 7 -60.88 44.72 34.35
CA GLU P 7 -61.29 46.03 33.87
C GLU P 7 -62.72 46.30 34.29
N GLN P 8 -63.00 46.00 35.57
CA GLN P 8 -64.32 46.15 36.19
C GLN P 8 -64.97 47.49 35.83
N THR P 9 -66.18 47.40 35.29
CA THR P 9 -66.95 48.57 34.85
C THR P 9 -68.42 48.29 35.13
N SER P 10 -69.28 49.15 34.56
CA SER P 10 -70.73 49.04 34.70
C SER P 10 -71.23 47.62 34.45
N ARG P 11 -70.85 47.03 33.32
CA ARG P 11 -71.32 45.69 32.98
C ARG P 11 -70.78 44.64 33.94
N GLY P 12 -69.53 44.78 34.38
CA GLY P 12 -68.93 43.84 35.31
C GLY P 12 -67.62 43.22 34.87
N GLU P 13 -67.43 41.95 35.23
CA GLU P 13 -66.24 41.16 34.92
C GLU P 13 -65.83 41.29 33.46
N ARG P 14 -64.60 41.77 33.24
CA ARG P 14 -64.03 41.92 31.90
C ARG P 14 -62.78 41.05 31.83
N SER P 15 -62.90 39.86 31.25
CA SER P 15 -61.76 38.95 31.11
C SER P 15 -61.03 39.30 29.81
N PHE P 16 -60.12 40.26 29.90
CA PHE P 16 -59.32 40.72 28.76
C PHE P 16 -57.84 40.60 29.10
N ASP P 17 -57.04 40.20 28.12
CA ASP P 17 -55.60 40.07 28.30
C ASP P 17 -55.00 41.40 28.77
N ILE P 18 -53.91 41.27 29.56
CA ILE P 18 -53.21 42.42 30.15
C ILE P 18 -52.86 43.48 29.11
N TYR P 19 -52.50 43.06 27.89
CA TYR P 19 -52.09 44.02 26.87
C TYR P 19 -53.26 44.90 26.42
N SER P 20 -54.44 44.30 26.24
CA SER P 20 -55.60 45.07 25.79
C SER P 20 -55.96 46.22 26.73
N ARG P 21 -55.74 46.03 28.04
CA ARG P 21 -56.09 47.09 28.99
C ARG P 21 -55.27 48.35 28.72
N LEU P 22 -53.96 48.20 28.51
CA LEU P 22 -53.13 49.37 28.25
C LEU P 22 -53.53 50.06 26.95
N LEU P 23 -54.01 49.30 25.97
CA LEU P 23 -54.46 49.90 24.71
C LEU P 23 -55.59 50.90 24.95
N LYS P 24 -56.44 50.65 25.95
CA LYS P 24 -57.52 51.57 26.26
C LYS P 24 -56.97 52.93 26.66
N GLU P 25 -55.79 52.97 27.28
CA GLU P 25 -55.14 54.20 27.70
C GLU P 25 -54.28 54.80 26.59
N ARG P 26 -54.50 54.40 25.33
CA ARG P 26 -53.73 54.91 24.20
C ARG P 26 -52.26 54.56 24.34
N VAL P 27 -51.99 53.28 24.60
CA VAL P 27 -50.63 52.76 24.77
C VAL P 27 -50.46 51.55 23.86
N ILE P 28 -49.37 51.51 23.11
CA ILE P 28 -49.06 50.41 22.21
C ILE P 28 -47.67 49.89 22.53
N PHE P 29 -47.51 48.57 22.51
CA PHE P 29 -46.24 47.91 22.80
C PHE P 29 -45.63 47.36 21.52
N LEU P 30 -44.34 47.61 21.32
CA LEU P 30 -43.58 47.13 20.17
C LEU P 30 -42.43 46.30 20.73
N THR P 31 -42.52 44.98 20.58
CA THR P 31 -41.50 44.06 21.10
C THR P 31 -41.11 43.04 20.04
N GLY P 32 -39.89 42.53 20.19
CA GLY P 32 -39.34 41.53 19.30
C GLY P 32 -38.91 42.10 17.95
N GLN P 33 -38.58 41.18 17.05
CA GLN P 33 -38.16 41.55 15.71
C GLN P 33 -39.30 42.25 14.97
N VAL P 34 -38.93 43.14 14.05
CA VAL P 34 -39.88 43.90 13.26
C VAL P 34 -40.04 43.24 11.90
N GLU P 35 -41.27 42.83 11.58
CA GLU P 35 -41.60 42.22 10.30
C GLU P 35 -42.93 42.78 9.83
N ASP P 36 -43.42 42.27 8.70
CA ASP P 36 -44.69 42.73 8.15
C ASP P 36 -45.86 42.31 9.03
N HIS P 37 -45.79 41.11 9.62
CA HIS P 37 -46.88 40.61 10.45
C HIS P 37 -47.11 41.50 11.67
N MET P 38 -46.05 41.78 12.45
CA MET P 38 -46.23 42.59 13.65
C MET P 38 -46.28 44.09 13.36
N ALA P 39 -45.66 44.55 12.27
CA ALA P 39 -45.66 45.99 11.98
C ALA P 39 -47.06 46.50 11.69
N ASN P 40 -47.78 45.85 10.77
CA ASN P 40 -49.13 46.29 10.45
C ASN P 40 -50.05 46.17 11.66
N LEU P 41 -49.82 45.17 12.51
CA LEU P 41 -50.63 45.00 13.71
C LEU P 41 -50.56 46.24 14.60
N ILE P 42 -49.36 46.82 14.74
CA ILE P 42 -49.20 48.02 15.54
C ILE P 42 -49.92 49.19 14.87
N VAL P 43 -49.87 49.23 13.53
CA VAL P 43 -50.55 50.29 12.79
C VAL P 43 -52.05 50.25 13.05
N ALA P 44 -52.63 49.05 13.08
CA ALA P 44 -54.06 48.92 13.34
C ALA P 44 -54.44 49.48 14.70
N GLN P 45 -53.58 49.28 15.70
CA GLN P 45 -53.84 49.83 17.03
C GLN P 45 -53.90 51.36 16.97
N MET P 46 -52.98 51.97 16.21
CA MET P 46 -52.95 53.43 16.10
C MET P 46 -54.18 53.95 15.37
N LEU P 47 -54.64 53.24 14.35
CA LEU P 47 -55.81 53.68 13.59
C LEU P 47 -57.05 53.75 14.47
N PHE P 48 -57.25 52.73 15.32
CA PHE P 48 -58.41 52.73 16.20
C PHE P 48 -58.36 53.90 17.18
N LEU P 49 -57.18 54.18 17.74
CA LEU P 49 -57.04 55.27 18.70
C LEU P 49 -57.32 56.61 18.04
N GLU P 50 -56.91 56.78 16.78
CA GLU P 50 -57.16 58.04 16.07
C GLU P 50 -58.66 58.31 15.97
N ALA P 51 -59.44 57.31 15.56
CA ALA P 51 -60.88 57.48 15.45
C ALA P 51 -61.53 57.69 16.82
N GLU P 52 -61.06 56.94 17.83
CA GLU P 52 -61.61 57.06 19.17
C GLU P 52 -61.39 58.46 19.74
N ASN P 53 -60.18 59.00 19.57
CA ASN P 53 -59.83 60.32 20.08
C ASN P 53 -58.66 60.88 19.27
N PRO P 54 -58.93 61.57 18.16
CA PRO P 54 -57.83 62.09 17.33
C PRO P 54 -57.08 63.27 17.93
N GLU P 55 -57.40 63.72 19.14
CA GLU P 55 -56.74 64.86 19.78
C GLU P 55 -56.21 64.49 21.16
N LYS P 56 -55.65 63.29 21.28
CA LYS P 56 -55.07 62.80 22.53
C LYS P 56 -53.70 62.20 22.25
N ASP P 57 -52.86 62.19 23.29
CA ASP P 57 -51.52 61.65 23.19
C ASP P 57 -51.54 60.12 23.24
N ILE P 58 -50.63 59.51 22.49
CA ILE P 58 -50.49 58.06 22.41
C ILE P 58 -49.07 57.69 22.82
N TYR P 59 -48.94 56.75 23.75
CA TYR P 59 -47.63 56.31 24.21
C TYR P 59 -47.20 55.09 23.41
N LEU P 60 -45.98 55.13 22.87
CA LEU P 60 -45.43 54.04 22.08
C LEU P 60 -44.12 53.59 22.72
N TYR P 61 -44.06 52.32 23.11
CA TYR P 61 -42.87 51.72 23.71
C TYR P 61 -42.09 51.02 22.60
N ILE P 62 -40.81 51.38 22.47
CA ILE P 62 -39.94 50.81 21.43
C ILE P 62 -38.84 50.02 22.14
N ASN P 63 -39.00 48.70 22.19
CA ASN P 63 -38.00 47.78 22.76
C ASN P 63 -37.86 46.65 21.75
N SER P 64 -36.92 46.78 20.81
CA SER P 64 -36.74 45.75 19.79
C SER P 64 -35.29 45.75 19.33
N PRO P 65 -34.77 44.61 18.88
CA PRO P 65 -33.38 44.56 18.38
C PRO P 65 -33.23 44.91 16.90
N GLY P 66 -34.28 45.43 16.27
CA GLY P 66 -34.30 45.77 14.86
C GLY P 66 -35.12 44.79 14.05
N GLY P 67 -35.10 44.98 12.74
CA GLY P 67 -35.87 44.13 11.85
C GLY P 67 -35.92 44.66 10.45
N VAL P 68 -36.98 44.28 9.74
CA VAL P 68 -37.17 44.71 8.35
C VAL P 68 -37.32 46.22 8.31
N ILE P 69 -36.62 46.84 7.36
CA ILE P 69 -36.65 48.29 7.22
C ILE P 69 -37.99 48.76 6.67
N THR P 70 -38.47 48.09 5.61
CA THR P 70 -39.75 48.48 5.02
C THR P 70 -40.90 48.32 6.01
N ALA P 71 -40.91 47.21 6.77
CA ALA P 71 -41.95 47.01 7.77
C ALA P 71 -41.92 48.12 8.82
N GLY P 72 -40.72 48.50 9.26
CA GLY P 72 -40.60 49.57 10.23
C GLY P 72 -41.02 50.91 9.66
N MET P 73 -40.68 51.16 8.40
CA MET P 73 -41.05 52.42 7.73
C MET P 73 -42.55 52.66 7.79
N SER P 74 -43.35 51.59 7.71
CA SER P 74 -44.80 51.74 7.79
C SER P 74 -45.21 52.39 9.11
N ILE P 75 -44.48 52.10 10.19
CA ILE P 75 -44.79 52.69 11.48
C ILE P 75 -44.54 54.19 11.45
N TYR P 76 -43.43 54.60 10.83
CA TYR P 76 -43.07 56.02 10.75
C TYR P 76 -44.17 56.83 10.06
N ASP P 77 -44.65 56.34 8.92
CA ASP P 77 -45.68 57.05 8.18
C ASP P 77 -46.97 57.18 8.99
N THR P 78 -47.36 56.12 9.70
CA THR P 78 -48.59 56.16 10.48
C THR P 78 -48.50 57.21 11.59
N MET P 79 -47.36 57.32 12.25
CA MET P 79 -47.19 58.29 13.32
C MET P 79 -47.43 59.72 12.82
N GLN P 80 -46.74 60.11 11.75
CA GLN P 80 -46.88 61.45 11.21
C GLN P 80 -48.17 61.66 10.40
N PHE P 81 -48.77 60.58 9.89
CA PHE P 81 -49.98 60.72 9.09
C PHE P 81 -51.19 61.03 9.95
N ILE P 82 -51.34 60.35 11.09
CA ILE P 82 -52.51 60.58 11.93
C ILE P 82 -52.41 61.93 12.64
N LYS P 83 -53.56 62.41 13.10
CA LYS P 83 -53.61 63.70 13.80
C LYS P 83 -53.03 63.62 15.21
N PRO P 84 -53.46 62.72 16.09
CA PRO P 84 -52.90 62.71 17.45
C PRO P 84 -51.40 62.45 17.46
N ASP P 85 -50.67 63.26 18.22
CA ASP P 85 -49.23 63.12 18.32
C ASP P 85 -48.91 62.00 19.29
N VAL P 86 -47.99 61.11 18.89
CA VAL P 86 -47.61 59.94 19.66
C VAL P 86 -46.31 60.21 20.41
N SER P 87 -46.30 59.86 21.69
CA SER P 87 -45.11 60.00 22.53
C SER P 87 -44.32 58.70 22.45
N THR P 88 -43.02 58.82 22.20
CA THR P 88 -42.12 57.67 22.04
C THR P 88 -41.19 57.56 23.24
N ILE P 89 -41.14 56.36 23.83
CA ILE P 89 -40.30 56.07 24.98
C ILE P 89 -39.51 54.81 24.64
N CYS P 90 -38.18 54.90 24.70
CA CYS P 90 -37.31 53.78 24.41
C CYS P 90 -37.08 52.96 25.68
N MET P 91 -37.32 51.65 25.60
CA MET P 91 -37.12 50.74 26.70
C MET P 91 -36.07 49.69 26.32
N GLY P 92 -35.01 49.59 27.11
CA GLY P 92 -33.99 48.59 26.87
C GLY P 92 -33.00 48.90 25.76
N GLN P 93 -33.47 48.89 24.51
CA GLN P 93 -32.59 49.13 23.38
C GLN P 93 -33.39 49.67 22.20
N ALA P 94 -32.67 50.33 21.30
CA ALA P 94 -33.24 50.91 20.10
C ALA P 94 -32.30 50.64 18.93
N ALA P 95 -32.76 49.85 17.96
CA ALA P 95 -31.98 49.50 16.80
C ALA P 95 -32.24 50.55 15.71
N SER P 96 -31.75 50.28 14.48
CA SER P 96 -31.95 51.21 13.37
C SER P 96 -33.41 51.64 13.24
N MET P 97 -34.32 50.68 13.08
CA MET P 97 -35.74 51.04 13.00
C MET P 97 -36.26 51.50 14.36
N GLY P 98 -35.85 50.83 15.43
CA GLY P 98 -36.28 51.22 16.77
C GLY P 98 -35.90 52.65 17.11
N ALA P 99 -34.65 53.01 16.86
CA ALA P 99 -34.17 54.35 17.16
C ALA P 99 -34.73 55.37 16.19
N PHE P 100 -34.85 55.01 14.91
CA PHE P 100 -35.38 55.94 13.92
C PHE P 100 -36.82 56.33 14.27
N LEU P 101 -37.63 55.37 14.72
CA LEU P 101 -38.99 55.70 15.12
C LEU P 101 -38.99 56.51 16.41
N LEU P 102 -37.98 56.34 17.26
CA LEU P 102 -37.90 57.10 18.50
C LEU P 102 -37.80 58.60 18.21
N THR P 103 -36.86 59.00 17.35
CA THR P 103 -36.70 60.41 17.00
C THR P 103 -37.82 60.92 16.11
N ALA P 104 -38.58 60.02 15.48
CA ALA P 104 -39.66 60.44 14.60
C ALA P 104 -40.89 60.95 15.35
N GLY P 105 -40.94 60.79 16.67
CA GLY P 105 -42.08 61.26 17.42
C GLY P 105 -42.17 62.77 17.40
N ALA P 106 -43.33 63.26 17.84
CA ALA P 106 -43.56 64.70 17.90
C ALA P 106 -42.58 65.34 18.89
N LYS P 107 -42.11 66.54 18.55
CA LYS P 107 -41.16 67.23 19.41
C LYS P 107 -41.76 67.44 20.79
N GLY P 108 -40.92 67.33 21.82
CA GLY P 108 -41.35 67.47 23.19
C GLY P 108 -42.00 66.24 23.77
N LYS P 109 -42.15 65.16 22.99
CA LYS P 109 -42.75 63.91 23.45
C LYS P 109 -41.83 62.72 23.21
N ARG P 110 -40.52 62.95 23.09
CA ARG P 110 -39.53 61.91 22.86
C ARG P 110 -38.67 61.80 24.11
N PHE P 111 -38.80 60.69 24.83
CA PHE P 111 -38.09 60.45 26.07
C PHE P 111 -37.38 59.10 26.00
N CYS P 112 -36.51 58.87 26.99
CA CYS P 112 -35.74 57.64 27.08
C CYS P 112 -35.41 57.38 28.54
N LEU P 113 -35.31 56.10 28.89
CA LEU P 113 -35.01 55.72 30.26
C LEU P 113 -33.55 56.04 30.60
N PRO P 114 -33.21 56.12 31.89
CA PRO P 114 -31.81 56.43 32.26
C PRO P 114 -30.78 55.45 31.73
N ASN P 115 -31.07 54.14 31.79
CA ASN P 115 -30.12 53.12 31.35
C ASN P 115 -30.44 52.57 29.96
N SER P 116 -31.41 53.14 29.25
CA SER P 116 -31.70 52.67 27.91
C SER P 116 -30.59 53.13 26.96
N ARG P 117 -30.47 52.40 25.85
CA ARG P 117 -29.45 52.67 24.85
C ARG P 117 -30.05 52.68 23.46
N VAL P 118 -29.39 53.40 22.56
CA VAL P 118 -29.81 53.52 21.17
C VAL P 118 -28.60 53.26 20.28
N MET P 119 -28.89 52.83 19.05
CA MET P 119 -27.84 52.54 18.08
C MET P 119 -28.38 52.84 16.69
N ILE P 120 -27.53 53.43 15.85
CA ILE P 120 -27.88 53.81 14.48
C ILE P 120 -26.83 53.26 13.54
N HIS P 121 -27.28 52.75 12.39
CA HIS P 121 -26.38 52.23 11.37
C HIS P 121 -27.07 52.36 10.02
N GLN P 122 -26.27 52.27 8.96
CA GLN P 122 -26.80 52.38 7.62
C GLN P 122 -27.70 51.18 7.31
N PRO P 123 -28.60 51.29 6.33
CA PRO P 123 -29.48 50.16 6.00
C PRO P 123 -28.72 48.90 5.66
N LEU P 124 -29.45 47.78 5.70
CA LEU P 124 -28.90 46.46 5.43
C LEU P 124 -29.77 45.76 4.39
N GLY P 125 -29.16 44.87 3.65
CA GLY P 125 -29.88 44.14 2.61
C GLY P 125 -28.97 43.19 1.89
N GLY P 126 -29.43 42.76 0.72
CA GLY P 126 -28.66 41.83 -0.10
C GLY P 126 -29.49 41.19 -1.18
N TYR P 127 -28.88 40.95 -2.34
CA TYR P 127 -29.57 40.36 -3.48
C TYR P 127 -28.58 39.46 -4.23
N GLN P 128 -29.08 38.34 -4.73
CA GLN P 128 -28.29 37.38 -5.50
C GLN P 128 -28.91 37.24 -6.87
N GLY P 129 -28.09 37.38 -7.90
CA GLY P 129 -28.57 37.25 -9.27
C GLY P 129 -27.60 37.90 -10.25
N GLN P 130 -28.15 38.38 -11.36
CA GLN P 130 -27.35 39.02 -12.39
C GLN P 130 -26.85 40.39 -11.92
N ALA P 131 -25.76 40.83 -12.55
CA ALA P 131 -25.17 42.13 -12.21
C ALA P 131 -26.16 43.27 -12.45
N THR P 132 -26.94 43.18 -13.53
CA THR P 132 -27.92 44.22 -13.82
C THR P 132 -28.92 44.38 -12.67
N ASP P 133 -29.42 43.27 -12.14
CA ASP P 133 -30.36 43.35 -11.04
C ASP P 133 -29.67 43.76 -9.75
N ILE P 134 -28.41 43.35 -9.56
CA ILE P 134 -27.68 43.76 -8.36
C ILE P 134 -27.50 45.28 -8.37
N GLU P 135 -27.23 45.84 -9.55
CA GLU P 135 -27.10 47.30 -9.67
C GLU P 135 -28.38 47.99 -9.23
N ILE P 136 -29.53 47.42 -9.57
CA ILE P 136 -30.82 47.99 -9.18
C ILE P 136 -30.95 48.01 -7.67
N HIS P 137 -30.70 46.85 -7.04
CA HIS P 137 -30.78 46.79 -5.58
C HIS P 137 -29.68 47.63 -4.93
N ALA P 138 -28.52 47.75 -5.59
CA ALA P 138 -27.45 48.57 -5.04
C ALA P 138 -27.87 50.05 -5.03
N ARG P 139 -28.50 50.50 -6.10
CA ARG P 139 -28.97 51.88 -6.16
C ARG P 139 -30.17 52.07 -5.24
N GLU P 140 -31.05 51.06 -5.14
CA GLU P 140 -32.22 51.14 -4.29
C GLU P 140 -31.84 51.33 -2.84
N ILE P 141 -30.94 50.48 -2.33
CA ILE P 141 -30.53 50.61 -0.93
C ILE P 141 -29.79 51.92 -0.71
N LEU P 142 -29.05 52.38 -1.72
CA LEU P 142 -28.34 53.66 -1.59
C LEU P 142 -29.34 54.79 -1.36
N LYS P 143 -30.46 54.79 -2.09
CA LYS P 143 -31.48 55.80 -1.91
C LYS P 143 -32.04 55.76 -0.50
N VAL P 144 -32.26 54.56 0.03
CA VAL P 144 -32.78 54.41 1.39
C VAL P 144 -31.81 55.02 2.40
N LYS P 145 -30.52 54.74 2.23
CA LYS P 145 -29.51 55.27 3.14
C LYS P 145 -29.56 56.79 3.18
N GLY P 146 -29.51 57.44 2.02
CA GLY P 146 -29.57 58.89 2.00
C GLY P 146 -30.94 59.42 2.39
N ARG P 147 -32.00 58.74 1.95
CA ARG P 147 -33.36 59.17 2.30
C ARG P 147 -33.58 59.12 3.81
N MET P 148 -33.14 58.03 4.45
CA MET P 148 -33.32 57.90 5.89
C MET P 148 -32.51 58.95 6.64
N ASN P 149 -31.29 59.23 6.18
CA ASN P 149 -30.46 60.24 6.85
C ASN P 149 -31.15 61.60 6.86
N GLU P 150 -31.84 61.94 5.76
CA GLU P 150 -32.56 63.22 5.71
C GLU P 150 -33.59 63.32 6.83
N LEU P 151 -34.39 62.27 7.00
CA LEU P 151 -35.41 62.29 8.05
C LEU P 151 -34.78 62.33 9.43
N MET P 152 -33.73 61.54 9.66
CA MET P 152 -33.07 61.54 10.95
C MET P 152 -32.46 62.91 11.24
N ALA P 153 -31.84 63.52 10.24
CA ALA P 153 -31.26 64.85 10.41
C ALA P 153 -32.34 65.87 10.73
N LEU P 154 -33.50 65.75 10.08
CA LEU P 154 -34.60 66.70 10.31
C LEU P 154 -35.06 66.67 11.77
N HIS P 155 -35.31 65.47 12.30
CA HIS P 155 -35.78 65.36 13.67
C HIS P 155 -34.69 65.74 14.66
N THR P 156 -33.48 65.17 14.49
CA THR P 156 -32.39 65.49 15.40
C THR P 156 -31.86 66.90 15.20
N GLY P 157 -31.96 67.43 13.99
CA GLY P 157 -31.47 68.76 13.68
C GLY P 157 -30.00 68.82 13.34
N GLN P 158 -29.29 67.69 13.40
CA GLN P 158 -27.88 67.62 13.07
C GLN P 158 -27.68 67.70 11.56
N SER P 159 -26.47 68.08 11.16
CA SER P 159 -26.16 68.18 9.74
C SER P 159 -26.16 66.80 9.11
N LEU P 160 -26.53 66.75 7.83
CA LEU P 160 -26.57 65.48 7.11
C LEU P 160 -25.19 64.83 7.06
N GLU P 161 -24.14 65.63 6.88
CA GLU P 161 -22.79 65.08 6.82
C GLU P 161 -22.42 64.39 8.13
N GLN P 162 -22.72 65.01 9.27
CA GLN P 162 -22.42 64.41 10.55
C GLN P 162 -23.16 63.10 10.75
N ILE P 163 -24.43 63.05 10.35
CA ILE P 163 -25.22 61.83 10.50
C ILE P 163 -24.62 60.71 9.66
N GLU P 164 -24.23 61.02 8.42
CA GLU P 164 -23.65 60.00 7.55
C GLU P 164 -22.36 59.43 8.15
N ARG P 165 -21.52 60.29 8.72
CA ARG P 165 -20.27 59.83 9.31
C ARG P 165 -20.51 58.92 10.51
N ASP P 166 -21.49 59.26 11.35
CA ASP P 166 -21.76 58.47 12.55
C ASP P 166 -22.51 57.18 12.22
N THR P 167 -23.36 57.18 11.19
CA THR P 167 -24.13 56.00 10.84
C THR P 167 -23.43 55.10 9.82
N GLU P 168 -22.21 55.44 9.39
CA GLU P 168 -21.51 54.57 8.44
C GLU P 168 -21.24 53.21 9.06
N ARG P 169 -20.94 53.19 10.36
CA ARG P 169 -20.71 51.97 11.12
C ARG P 169 -21.59 52.03 12.36
N ASP P 170 -21.68 50.90 13.06
CA ASP P 170 -22.47 50.86 14.29
C ASP P 170 -21.97 51.90 15.27
N ARG P 171 -22.90 52.69 15.81
CA ARG P 171 -22.58 53.73 16.79
C ARG P 171 -23.58 53.63 17.94
N PHE P 172 -23.08 53.34 19.13
CA PHE P 172 -23.91 53.20 20.32
C PHE P 172 -23.88 54.51 21.09
N LEU P 173 -25.07 55.00 21.46
CA LEU P 173 -25.23 56.25 22.20
C LEU P 173 -26.04 55.97 23.47
N SER P 174 -25.54 56.44 24.60
CA SER P 174 -26.22 56.26 25.87
C SER P 174 -27.39 57.24 25.97
N ALA P 175 -28.14 57.14 27.07
CA ALA P 175 -29.29 58.03 27.27
C ALA P 175 -28.89 59.50 27.29
N PRO P 176 -27.92 59.94 28.10
CA PRO P 176 -27.56 61.37 28.05
C PRO P 176 -27.02 61.82 26.71
N GLU P 177 -26.31 60.93 26.00
CA GLU P 177 -25.77 61.28 24.69
C GLU P 177 -26.87 61.50 23.67
N ALA P 178 -27.97 60.75 23.77
CA ALA P 178 -29.08 60.90 22.83
C ALA P 178 -29.66 62.31 22.91
N VAL P 179 -29.80 62.85 24.12
CA VAL P 179 -30.34 64.20 24.28
C VAL P 179 -29.44 65.21 23.57
N GLU P 180 -28.12 65.10 23.77
CA GLU P 180 -27.19 66.01 23.12
C GLU P 180 -27.20 65.83 21.60
N TYR P 181 -27.55 64.64 21.12
CA TYR P 181 -27.58 64.35 19.69
C TYR P 181 -28.91 64.72 19.04
N GLY P 182 -29.96 64.96 19.83
CA GLY P 182 -31.26 65.31 19.30
C GLY P 182 -32.18 64.15 19.01
N LEU P 183 -31.77 62.92 19.33
CA LEU P 183 -32.63 61.77 19.09
C LEU P 183 -33.84 61.79 20.02
N VAL P 184 -33.62 62.20 21.27
CA VAL P 184 -34.64 62.28 22.31
C VAL P 184 -34.67 63.70 22.86
N ASP P 185 -35.61 63.97 23.76
CA ASP P 185 -35.78 65.29 24.36
C ASP P 185 -35.27 65.34 25.80
N SER P 186 -35.73 64.43 26.66
CA SER P 186 -35.28 64.41 28.04
C SER P 186 -35.47 63.03 28.62
N ILE P 187 -34.75 62.77 29.72
CA ILE P 187 -34.79 61.50 30.43
C ILE P 187 -35.87 61.58 31.50
N LEU P 188 -36.46 60.43 31.83
CA LEU P 188 -37.51 60.32 32.83
C LEU P 188 -36.90 59.58 34.03
N THR P 189 -36.31 60.34 34.93
CA THR P 189 -35.69 59.75 36.12
C THR P 189 -36.75 59.23 37.08
N HIS P 190 -37.66 60.11 37.51
CA HIS P 190 -38.71 59.74 38.45
C HIS P 190 -39.92 60.62 38.18
N ARG P 191 -41.09 60.13 38.59
CA ARG P 191 -42.34 60.85 38.41
C ARG P 191 -42.25 62.24 39.03
N ASN P 192 -42.70 63.25 38.27
CA ASN P 192 -42.68 64.64 38.72
C ASN P 192 -41.26 65.08 39.08
N LEU Q 1 -51.04 36.92 21.73
CA LEU Q 1 -51.25 38.10 22.54
C LEU Q 1 -51.83 39.24 21.72
N VAL Q 2 -52.71 38.91 20.77
CA VAL Q 2 -53.33 39.92 19.92
C VAL Q 2 -54.12 40.90 20.79
N PRO Q 3 -53.97 42.22 20.64
CA PRO Q 3 -54.72 43.13 21.51
C PRO Q 3 -56.21 43.13 21.19
N MET Q 4 -57.01 43.19 22.24
CA MET Q 4 -58.46 43.25 22.17
C MET Q 4 -58.93 44.70 22.24
N VAL Q 5 -59.88 45.06 21.38
CA VAL Q 5 -60.44 46.40 21.32
C VAL Q 5 -61.94 46.28 21.53
N ILE Q 6 -62.44 46.94 22.58
CA ILE Q 6 -63.84 46.86 22.97
C ILE Q 6 -64.62 48.05 22.42
N GLU Q 7 -65.90 47.79 22.15
CA GLU Q 7 -66.86 48.78 21.66
C GLU Q 7 -67.93 48.85 22.74
N GLN Q 8 -67.82 49.84 23.63
CA GLN Q 8 -68.74 50.00 24.74
C GLN Q 8 -70.04 50.62 24.26
N THR Q 9 -71.05 49.77 24.08
CA THR Q 9 -72.38 50.20 23.63
C THR Q 9 -73.44 49.66 24.58
N SER Q 10 -74.71 49.84 24.21
CA SER Q 10 -75.87 49.40 24.99
C SER Q 10 -75.72 48.01 25.64
N ARG Q 11 -75.34 47.01 24.84
CA ARG Q 11 -75.24 45.65 25.37
C ARG Q 11 -74.11 45.52 26.39
N GLY Q 12 -72.94 46.10 26.10
CA GLY Q 12 -71.80 46.03 26.99
C GLY Q 12 -70.58 45.43 26.30
N GLU Q 13 -69.82 44.64 27.06
CA GLU Q 13 -68.60 43.97 26.62
C GLU Q 13 -68.76 43.27 25.27
N ARG Q 14 -67.91 43.65 24.32
CA ARG Q 14 -67.89 43.08 22.97
C ARG Q 14 -66.46 42.64 22.64
N SER Q 15 -66.15 41.37 22.93
CA SER Q 15 -64.83 40.83 22.60
C SER Q 15 -64.54 41.02 21.11
N PHE Q 16 -63.44 41.70 20.79
CA PHE Q 16 -63.11 41.96 19.40
C PHE Q 16 -61.60 42.08 19.23
N ASP Q 17 -60.99 41.10 18.56
CA ASP Q 17 -59.57 41.19 18.25
C ASP Q 17 -59.32 42.44 17.39
N ILE Q 18 -58.12 43.01 17.54
CA ILE Q 18 -57.74 44.24 16.84
C ILE Q 18 -58.10 44.19 15.36
N TYR Q 19 -57.84 43.05 14.70
CA TYR Q 19 -58.17 42.96 13.28
C TYR Q 19 -59.68 43.00 13.06
N SER Q 20 -60.44 42.30 13.89
CA SER Q 20 -61.90 42.32 13.75
C SER Q 20 -62.47 43.69 14.04
N ARG Q 21 -61.86 44.46 14.95
CA ARG Q 21 -62.36 45.79 15.27
C ARG Q 21 -62.37 46.68 14.04
N LEU Q 22 -61.25 46.74 13.33
CA LEU Q 22 -61.19 47.55 12.11
C LEU Q 22 -61.94 46.88 10.97
N LEU Q 23 -62.17 45.57 11.03
CA LEU Q 23 -62.92 44.89 9.98
C LEU Q 23 -64.33 45.45 9.88
N LYS Q 24 -64.98 45.71 11.01
CA LYS Q 24 -66.31 46.30 10.99
C LYS Q 24 -66.30 47.68 10.35
N GLU Q 25 -65.16 48.37 10.37
CA GLU Q 25 -65.01 49.67 9.73
C GLU Q 25 -64.71 49.55 8.24
N ARG Q 26 -64.84 48.34 7.67
CA ARG Q 26 -64.55 48.09 6.25
C ARG Q 26 -63.08 48.32 5.95
N VAL Q 27 -62.22 47.80 6.83
CA VAL Q 27 -60.77 47.89 6.71
C VAL Q 27 -60.21 46.47 6.73
N ILE Q 28 -59.43 46.12 5.71
CA ILE Q 28 -58.82 44.80 5.60
C ILE Q 28 -57.32 44.96 5.49
N PHE Q 29 -56.58 44.16 6.25
CA PHE Q 29 -55.12 44.17 6.28
C PHE Q 29 -54.58 42.96 5.53
N LEU Q 30 -53.78 43.22 4.49
CA LEU Q 30 -53.16 42.18 3.67
C LEU Q 30 -51.67 42.14 4.02
N THR Q 31 -51.32 41.30 4.99
CA THR Q 31 -49.95 41.14 5.47
C THR Q 31 -49.52 39.68 5.33
N GLY Q 32 -48.27 39.48 4.95
CA GLY Q 32 -47.74 38.14 4.78
C GLY Q 32 -47.83 37.69 3.33
N GLN Q 33 -46.83 36.92 2.90
CA GLN Q 33 -46.76 36.36 1.56
C GLN Q 33 -48.10 35.80 1.12
N VAL Q 34 -48.56 36.22 -0.06
CA VAL Q 34 -49.85 35.79 -0.56
C VAL Q 34 -49.87 34.27 -0.67
N GLU Q 35 -51.00 33.67 -0.31
CA GLU Q 35 -51.17 32.24 -0.36
C GLU Q 35 -52.67 31.94 -0.45
N ASP Q 36 -52.97 30.69 -0.77
CA ASP Q 36 -54.36 30.28 -0.91
C ASP Q 36 -55.14 30.45 0.38
N HIS Q 37 -54.50 30.20 1.53
CA HIS Q 37 -55.20 30.30 2.81
C HIS Q 37 -55.64 31.73 3.12
N MET Q 38 -54.70 32.67 3.10
CA MET Q 38 -55.05 34.06 3.42
C MET Q 38 -55.94 34.69 2.36
N ALA Q 39 -55.75 34.33 1.09
CA ALA Q 39 -56.56 34.95 0.02
C ALA Q 39 -58.03 34.64 0.18
N ASN Q 40 -58.37 33.42 0.60
CA ASN Q 40 -59.77 33.07 0.81
C ASN Q 40 -60.37 33.91 1.93
N LEU Q 41 -59.59 34.16 2.99
CA LEU Q 41 -60.08 34.97 4.10
C LEU Q 41 -60.35 36.41 3.65
N ILE Q 42 -59.42 36.98 2.89
CA ILE Q 42 -59.58 38.36 2.40
C ILE Q 42 -60.85 38.47 1.56
N VAL Q 43 -61.03 37.53 0.62
CA VAL Q 43 -62.22 37.55 -0.24
C VAL Q 43 -63.48 37.36 0.60
N ALA Q 44 -63.43 36.44 1.57
CA ALA Q 44 -64.58 36.20 2.44
C ALA Q 44 -64.97 37.46 3.19
N GLN Q 45 -63.98 38.18 3.73
CA GLN Q 45 -64.24 39.43 4.44
C GLN Q 45 -64.90 40.45 3.51
N MET Q 46 -64.32 40.64 2.32
CA MET Q 46 -64.85 41.61 1.36
C MET Q 46 -66.28 41.26 0.97
N LEU Q 47 -66.58 39.98 0.77
CA LEU Q 47 -67.92 39.57 0.37
C LEU Q 47 -68.94 39.93 1.46
N PHE Q 48 -68.60 39.64 2.72
CA PHE Q 48 -69.52 39.97 3.82
C PHE Q 48 -69.76 41.47 3.89
N LEU Q 49 -68.72 42.28 3.69
CA LEU Q 49 -68.87 43.73 3.75
C LEU Q 49 -69.84 44.22 2.69
N GLU Q 50 -69.67 43.78 1.44
CA GLU Q 50 -70.57 44.17 0.36
C GLU Q 50 -72.02 43.87 0.70
N ALA Q 51 -72.27 42.71 1.32
CA ALA Q 51 -73.62 42.36 1.73
C ALA Q 51 -74.18 43.38 2.71
N GLU Q 52 -73.37 43.82 3.66
CA GLU Q 52 -73.80 44.79 4.65
C GLU Q 52 -74.12 46.13 3.99
N ASN Q 53 -73.21 46.65 3.17
CA ASN Q 53 -73.37 47.93 2.49
C ASN Q 53 -72.77 47.84 1.09
N PRO Q 54 -73.56 47.79 0.02
CA PRO Q 54 -72.98 47.72 -1.33
C PRO Q 54 -72.52 49.05 -1.90
N GLU Q 55 -72.61 50.14 -1.14
CA GLU Q 55 -72.18 51.47 -1.62
C GLU Q 55 -71.18 52.13 -0.68
N LYS Q 56 -70.58 51.39 0.25
CA LYS Q 56 -69.60 51.92 1.19
C LYS Q 56 -68.19 51.54 0.79
N ASP Q 57 -67.27 52.48 0.92
CA ASP Q 57 -65.87 52.24 0.57
C ASP Q 57 -65.24 51.27 1.56
N ILE Q 58 -64.60 50.22 1.02
CA ILE Q 58 -63.94 49.20 1.81
C ILE Q 58 -62.43 49.44 1.71
N TYR Q 59 -61.86 50.08 2.72
CA TYR Q 59 -60.42 50.32 2.73
C TYR Q 59 -59.67 49.00 2.75
N LEU Q 60 -58.52 48.96 2.08
CA LEU Q 60 -57.71 47.76 1.99
C LEU Q 60 -56.24 48.14 2.08
N TYR Q 61 -55.55 47.57 3.06
CA TYR Q 61 -54.12 47.80 3.26
C TYR Q 61 -53.33 46.66 2.64
N ILE Q 62 -52.17 46.99 2.07
CA ILE Q 62 -51.31 46.03 1.38
C ILE Q 62 -49.91 46.22 1.94
N ASN Q 63 -49.49 45.33 2.84
CA ASN Q 63 -48.18 45.37 3.48
C ASN Q 63 -47.52 43.98 3.41
N SER Q 64 -47.59 43.35 2.24
CA SER Q 64 -47.01 42.05 1.98
C SER Q 64 -46.03 42.12 0.80
N PRO Q 65 -44.89 41.40 0.84
CA PRO Q 65 -43.96 41.45 -0.31
C PRO Q 65 -44.35 40.47 -1.42
N GLY Q 66 -45.52 40.70 -2.00
CA GLY Q 66 -46.02 39.84 -3.06
C GLY Q 66 -46.31 38.43 -2.58
N GLY Q 67 -46.33 37.51 -3.54
CA GLY Q 67 -46.64 36.11 -3.24
C GLY Q 67 -47.19 35.40 -4.47
N VAL Q 68 -47.97 34.35 -4.21
CA VAL Q 68 -48.56 33.56 -5.29
C VAL Q 68 -49.45 34.44 -6.14
N ILE Q 69 -49.30 34.34 -7.46
CA ILE Q 69 -50.06 35.16 -8.39
C ILE Q 69 -51.53 34.73 -8.41
N THR Q 70 -51.78 33.43 -8.52
CA THR Q 70 -53.15 32.93 -8.60
C THR Q 70 -53.95 33.31 -7.36
N ALA Q 71 -53.35 33.11 -6.17
CA ALA Q 71 -54.02 33.51 -4.93
C ALA Q 71 -54.29 35.01 -4.92
N GLY Q 72 -53.26 35.80 -5.27
CA GLY Q 72 -53.43 37.24 -5.30
C GLY Q 72 -54.39 37.70 -6.38
N MET Q 73 -54.38 37.01 -7.53
CA MET Q 73 -55.27 37.39 -8.63
C MET Q 73 -56.74 37.27 -8.23
N SER Q 74 -57.06 36.32 -7.34
CA SER Q 74 -58.44 36.17 -6.89
C SER Q 74 -58.91 37.44 -6.19
N ILE Q 75 -58.06 38.04 -5.38
CA ILE Q 75 -58.41 39.27 -4.68
C ILE Q 75 -58.67 40.38 -5.70
N TYR Q 76 -57.81 40.48 -6.72
CA TYR Q 76 -57.97 41.51 -7.74
C TYR Q 76 -59.31 41.41 -8.44
N ASP Q 77 -59.71 40.19 -8.82
CA ASP Q 77 -61.00 39.99 -9.47
C ASP Q 77 -62.15 40.38 -8.55
N THR Q 78 -62.02 40.05 -7.26
CA THR Q 78 -63.07 40.40 -6.30
C THR Q 78 -63.24 41.91 -6.19
N MET Q 79 -62.13 42.64 -6.14
CA MET Q 79 -62.21 44.10 -6.02
C MET Q 79 -62.94 44.72 -7.21
N GLN Q 80 -62.64 44.25 -8.42
CA GLN Q 80 -63.29 44.77 -9.62
C GLN Q 80 -64.67 44.16 -9.86
N PHE Q 81 -64.97 43.02 -9.25
CA PHE Q 81 -66.26 42.36 -9.45
C PHE Q 81 -67.37 43.02 -8.63
N ILE Q 82 -67.12 43.24 -7.34
CA ILE Q 82 -68.14 43.82 -6.48
C ILE Q 82 -68.36 45.29 -6.83
N LYS Q 83 -69.51 45.81 -6.40
CA LYS Q 83 -69.93 47.18 -6.63
C LYS Q 83 -69.17 48.17 -5.73
N PRO Q 84 -68.96 47.86 -4.44
CA PRO Q 84 -68.19 48.78 -3.59
C PRO Q 84 -66.80 49.02 -4.13
N ASP Q 85 -66.37 50.28 -4.08
CA ASP Q 85 -65.05 50.68 -4.55
C ASP Q 85 -64.12 50.67 -3.35
N VAL Q 86 -63.09 49.84 -3.43
CA VAL Q 86 -62.15 49.64 -2.34
C VAL Q 86 -60.95 50.57 -2.52
N SER Q 87 -60.57 51.24 -1.43
CA SER Q 87 -59.41 52.12 -1.42
C SER Q 87 -58.19 51.28 -1.06
N THR Q 88 -57.10 51.48 -1.80
CA THR Q 88 -55.87 50.72 -1.62
C THR Q 88 -54.74 51.63 -1.18
N ILE Q 89 -54.03 51.21 -0.14
CA ILE Q 89 -52.89 51.96 0.42
C ILE Q 89 -51.80 50.95 0.71
N CYS Q 90 -50.58 51.25 0.26
CA CYS Q 90 -49.43 50.37 0.46
C CYS Q 90 -48.62 50.86 1.64
N MET Q 91 -48.28 49.95 2.55
CA MET Q 91 -47.50 50.26 3.74
C MET Q 91 -46.15 49.56 3.66
N GLY Q 92 -45.08 50.34 3.79
CA GLY Q 92 -43.73 49.80 3.77
C GLY Q 92 -43.21 49.50 2.38
N GLN Q 93 -43.76 48.49 1.73
CA GLN Q 93 -43.31 48.11 0.39
C GLN Q 93 -44.37 47.27 -0.30
N ALA Q 94 -44.46 47.44 -1.62
CA ALA Q 94 -45.38 46.70 -2.47
C ALA Q 94 -44.58 45.98 -3.54
N ALA Q 95 -44.65 44.66 -3.56
CA ALA Q 95 -43.93 43.85 -4.53
C ALA Q 95 -44.76 43.70 -5.81
N SER Q 96 -44.31 42.83 -6.71
CA SER Q 96 -44.99 42.57 -7.98
C SER Q 96 -46.49 42.34 -7.79
N MET Q 97 -46.85 41.33 -6.99
CA MET Q 97 -48.26 41.04 -6.78
C MET Q 97 -48.90 42.05 -5.83
N GLY Q 98 -48.15 42.49 -4.81
CA GLY Q 98 -48.69 43.48 -3.89
C GLY Q 98 -48.99 44.80 -4.59
N ALA Q 99 -48.12 45.19 -5.52
CA ALA Q 99 -48.33 46.43 -6.26
C ALA Q 99 -49.55 46.34 -7.17
N PHE Q 100 -49.75 45.18 -7.80
CA PHE Q 100 -50.90 45.01 -8.68
C PHE Q 100 -52.21 45.20 -7.93
N LEU Q 101 -52.27 44.74 -6.67
CA LEU Q 101 -53.48 44.95 -5.89
C LEU Q 101 -53.64 46.41 -5.46
N LEU Q 102 -52.59 47.22 -5.58
CA LEU Q 102 -52.68 48.63 -5.22
C LEU Q 102 -53.33 49.44 -6.34
N THR Q 103 -52.80 49.31 -7.57
CA THR Q 103 -53.36 50.02 -8.70
C THR Q 103 -54.75 49.54 -9.09
N ALA Q 104 -55.17 48.36 -8.58
CA ALA Q 104 -56.48 47.84 -8.91
C ALA Q 104 -57.63 48.62 -8.25
N GLY Q 105 -57.32 49.51 -7.30
CA GLY Q 105 -58.37 50.27 -6.66
C GLY Q 105 -59.01 51.27 -7.60
N ALA Q 106 -60.16 51.78 -7.17
CA ALA Q 106 -60.89 52.76 -7.96
C ALA Q 106 -60.10 54.07 -8.01
N LYS Q 107 -60.32 54.82 -9.09
CA LYS Q 107 -59.63 56.10 -9.26
C LYS Q 107 -59.99 57.04 -8.11
N GLY Q 108 -59.01 57.84 -7.70
CA GLY Q 108 -59.20 58.75 -6.59
C GLY Q 108 -59.19 58.09 -5.23
N LYS Q 109 -58.86 56.78 -5.17
CA LYS Q 109 -58.81 56.02 -3.93
C LYS Q 109 -57.53 55.20 -3.82
N ARG Q 110 -56.50 55.56 -4.60
CA ARG Q 110 -55.21 54.86 -4.62
C ARG Q 110 -54.16 55.83 -4.10
N PHE Q 111 -53.67 55.56 -2.88
CA PHE Q 111 -52.69 56.41 -2.21
C PHE Q 111 -51.52 55.57 -1.73
N CYS Q 112 -50.42 56.26 -1.42
CA CYS Q 112 -49.21 55.62 -0.95
C CYS Q 112 -48.56 56.54 0.08
N LEU Q 113 -47.97 55.94 1.11
CA LEU Q 113 -47.34 56.73 2.16
C LEU Q 113 -46.04 57.34 1.63
N PRO Q 114 -45.55 58.41 2.28
CA PRO Q 114 -44.32 59.05 1.77
C PRO Q 114 -43.10 58.14 1.76
N ASN Q 115 -42.98 57.24 2.75
CA ASN Q 115 -41.84 56.32 2.84
C ASN Q 115 -42.18 54.92 2.35
N SER Q 116 -43.31 54.76 1.65
CA SER Q 116 -43.65 53.45 1.12
C SER Q 116 -42.95 53.27 -0.23
N ARG Q 117 -42.90 52.03 -0.70
CA ARG Q 117 -42.25 51.71 -1.96
C ARG Q 117 -43.10 50.73 -2.75
N VAL Q 118 -42.91 50.78 -4.07
CA VAL Q 118 -43.59 49.89 -5.00
C VAL Q 118 -42.55 49.29 -5.93
N MET Q 119 -42.67 47.99 -6.19
CA MET Q 119 -41.76 47.28 -7.07
C MET Q 119 -42.57 46.40 -8.00
N ILE Q 120 -42.15 46.32 -9.26
CA ILE Q 120 -42.85 45.55 -10.27
C ILE Q 120 -41.85 44.74 -11.10
N HIS Q 121 -42.21 43.50 -11.40
CA HIS Q 121 -41.38 42.63 -12.23
C HIS Q 121 -42.30 41.63 -12.91
N GLN Q 122 -41.76 40.97 -13.94
CA GLN Q 122 -42.52 39.97 -14.67
C GLN Q 122 -42.82 38.78 -13.77
N PRO Q 123 -43.78 37.93 -14.13
CA PRO Q 123 -44.11 36.79 -13.26
C PRO Q 123 -42.94 35.83 -13.08
N LEU Q 124 -42.92 35.18 -11.93
CA LEU Q 124 -41.89 34.22 -11.55
C LEU Q 124 -42.52 32.84 -11.44
N GLY Q 125 -42.20 31.97 -12.39
CA GLY Q 125 -42.73 30.62 -12.42
C GLY Q 125 -41.63 29.58 -12.28
N GLY Q 126 -41.84 28.40 -12.86
CA GLY Q 126 -40.85 27.34 -12.79
C GLY Q 126 -41.49 25.96 -12.90
N TYR Q 127 -40.79 25.05 -13.58
CA TYR Q 127 -41.28 23.70 -13.77
C TYR Q 127 -40.10 22.76 -13.89
N GLN Q 128 -40.31 21.50 -13.48
CA GLN Q 128 -39.30 20.46 -13.53
C GLN Q 128 -39.98 19.20 -14.08
N GLY Q 129 -39.52 18.75 -15.24
CA GLY Q 129 -40.11 17.57 -15.85
C GLY Q 129 -39.67 17.40 -17.29
N GLN Q 130 -40.58 16.87 -18.10
CA GLN Q 130 -40.30 16.62 -19.50
C GLN Q 130 -40.38 17.93 -20.30
N ALA Q 131 -39.77 17.90 -21.50
CA ALA Q 131 -39.74 19.06 -22.35
C ALA Q 131 -41.14 19.48 -22.80
N THR Q 132 -41.98 18.50 -23.17
CA THR Q 132 -43.34 18.81 -23.61
C THR Q 132 -44.12 19.54 -22.53
N ASP Q 133 -44.00 19.10 -21.27
CA ASP Q 133 -44.72 19.77 -20.19
C ASP Q 133 -44.17 21.17 -19.94
N ILE Q 134 -42.86 21.35 -20.13
CA ILE Q 134 -42.26 22.68 -19.95
C ILE Q 134 -42.85 23.65 -20.97
N GLU Q 135 -43.08 23.19 -22.20
CA GLU Q 135 -43.65 24.04 -23.23
C GLU Q 135 -45.03 24.52 -22.85
N ILE Q 136 -45.79 23.72 -22.10
CA ILE Q 136 -47.13 24.13 -21.68
C ILE Q 136 -47.02 25.22 -20.63
N HIS Q 137 -46.25 24.98 -19.57
CA HIS Q 137 -46.06 25.98 -18.54
C HIS Q 137 -45.37 27.22 -19.10
N ALA Q 138 -44.51 27.04 -20.11
CA ALA Q 138 -43.84 28.17 -20.73
C ALA Q 138 -44.83 29.10 -21.39
N ARG Q 139 -45.76 28.54 -22.18
CA ARG Q 139 -46.76 29.37 -22.82
C ARG Q 139 -47.77 29.90 -21.82
N GLU Q 140 -48.03 29.14 -20.75
CA GLU Q 140 -48.98 29.59 -19.73
C GLU Q 140 -48.45 30.80 -18.99
N ILE Q 141 -47.24 30.68 -18.41
CA ILE Q 141 -46.65 31.80 -17.70
C ILE Q 141 -46.44 33.00 -18.62
N LEU Q 142 -46.16 32.74 -19.90
CA LEU Q 142 -45.97 33.84 -20.84
C LEU Q 142 -47.27 34.61 -21.03
N LYS Q 143 -48.40 33.91 -21.08
CA LYS Q 143 -49.69 34.57 -21.22
C LYS Q 143 -49.95 35.49 -20.03
N VAL Q 144 -49.61 35.04 -18.83
CA VAL Q 144 -49.81 35.85 -17.63
C VAL Q 144 -48.98 37.13 -17.73
N LYS Q 145 -47.75 37.03 -18.23
CA LYS Q 145 -46.90 38.20 -18.41
C LYS Q 145 -47.60 39.25 -19.26
N GLY Q 146 -48.07 38.85 -20.45
CA GLY Q 146 -48.77 39.79 -21.31
C GLY Q 146 -50.13 40.16 -20.77
N ARG Q 147 -50.83 39.21 -20.16
CA ARG Q 147 -52.15 39.47 -19.61
C ARG Q 147 -52.09 40.52 -18.50
N MET Q 148 -51.17 40.34 -17.55
CA MET Q 148 -51.07 41.30 -16.46
C MET Q 148 -50.59 42.66 -16.94
N ASN Q 149 -49.74 42.70 -17.97
CA ASN Q 149 -49.28 43.99 -18.49
C ASN Q 149 -50.45 44.79 -19.04
N GLU Q 150 -51.40 44.12 -19.70
CA GLU Q 150 -52.57 44.80 -20.24
C GLU Q 150 -53.41 45.41 -19.13
N LEU Q 151 -53.64 44.65 -18.06
CA LEU Q 151 -54.46 45.16 -16.96
C LEU Q 151 -53.79 46.34 -16.27
N MET Q 152 -52.48 46.25 -16.03
CA MET Q 152 -51.77 47.36 -15.41
C MET Q 152 -51.81 48.59 -16.30
N ALA Q 153 -51.63 48.41 -17.60
CA ALA Q 153 -51.70 49.53 -18.53
C ALA Q 153 -53.07 50.17 -18.55
N LEU Q 154 -54.12 49.36 -18.35
CA LEU Q 154 -55.49 49.88 -18.34
C LEU Q 154 -55.72 50.83 -17.18
N HIS Q 155 -55.37 50.40 -15.96
CA HIS Q 155 -55.60 51.23 -14.79
C HIS Q 155 -54.62 52.40 -14.73
N THR Q 156 -53.34 52.13 -14.99
CA THR Q 156 -52.35 53.20 -14.93
C THR Q 156 -52.39 54.13 -16.14
N GLY Q 157 -53.03 53.71 -17.24
CA GLY Q 157 -53.09 54.55 -18.42
C GLY Q 157 -51.80 54.62 -19.21
N GLN Q 158 -50.80 53.83 -18.85
CA GLN Q 158 -49.52 53.83 -19.54
C GLN Q 158 -49.56 52.91 -20.75
N SER Q 159 -48.62 53.12 -21.67
CA SER Q 159 -48.55 52.30 -22.86
C SER Q 159 -48.14 50.87 -22.52
N LEU Q 160 -48.64 49.93 -23.32
CA LEU Q 160 -48.32 48.52 -23.10
C LEU Q 160 -46.82 48.27 -23.22
N GLU Q 161 -46.17 48.91 -24.21
CA GLU Q 161 -44.74 48.70 -24.41
C GLU Q 161 -43.93 49.17 -23.21
N GLN Q 162 -44.28 50.33 -22.65
CA GLN Q 162 -43.56 50.84 -21.48
C GLN Q 162 -43.69 49.88 -20.31
N ILE Q 163 -44.88 49.32 -20.10
CA ILE Q 163 -45.10 48.36 -19.03
C ILE Q 163 -44.22 47.13 -19.25
N GLU Q 164 -44.13 46.67 -20.49
CA GLU Q 164 -43.33 45.49 -20.80
C GLU Q 164 -41.85 45.74 -20.52
N ARG Q 165 -41.33 46.89 -20.90
CA ARG Q 165 -39.91 47.18 -20.67
C ARG Q 165 -39.60 47.23 -19.18
N ASP Q 166 -40.44 47.90 -18.39
CA ASP Q 166 -40.17 48.04 -16.96
C ASP Q 166 -40.38 46.73 -16.21
N THR Q 167 -41.40 45.94 -16.58
CA THR Q 167 -41.65 44.69 -15.88
C THR Q 167 -40.61 43.61 -16.15
N GLU Q 168 -39.72 43.81 -17.14
CA GLU Q 168 -38.71 42.80 -17.45
C GLU Q 168 -37.82 42.52 -16.25
N ARG Q 169 -37.47 43.55 -15.49
CA ARG Q 169 -36.64 43.41 -14.30
C ARG Q 169 -37.23 44.23 -13.17
N ASP Q 170 -36.80 43.93 -11.95
CA ASP Q 170 -37.26 44.65 -10.78
C ASP Q 170 -36.99 46.13 -10.92
N ARG Q 171 -38.00 46.95 -10.64
CA ARG Q 171 -37.90 48.41 -10.73
C ARG Q 171 -38.48 49.02 -9.45
N PHE Q 172 -37.62 49.49 -8.56
CA PHE Q 172 -38.06 50.10 -7.32
C PHE Q 172 -38.40 51.57 -7.57
N LEU Q 173 -39.62 51.96 -7.18
CA LEU Q 173 -40.09 53.32 -7.34
C LEU Q 173 -40.60 53.83 -6.01
N SER Q 174 -40.16 55.04 -5.63
CA SER Q 174 -40.59 55.63 -4.37
C SER Q 174 -41.97 56.27 -4.55
N ALA Q 175 -42.45 56.91 -3.47
CA ALA Q 175 -43.77 57.54 -3.52
C ALA Q 175 -43.87 58.61 -4.61
N PRO Q 176 -42.95 59.58 -4.72
CA PRO Q 176 -43.10 60.58 -5.80
C PRO Q 176 -43.02 59.98 -7.19
N GLU Q 177 -42.22 58.93 -7.38
CA GLU Q 177 -42.11 58.31 -8.69
C GLU Q 177 -43.42 57.68 -9.12
N ALA Q 178 -44.16 57.10 -8.18
CA ALA Q 178 -45.44 56.48 -8.50
C ALA Q 178 -46.46 57.50 -8.98
N VAL Q 179 -46.40 58.72 -8.45
CA VAL Q 179 -47.35 59.76 -8.87
C VAL Q 179 -47.18 60.07 -10.34
N GLU Q 180 -45.95 60.37 -10.77
CA GLU Q 180 -45.69 60.67 -12.16
C GLU Q 180 -45.89 59.46 -13.07
N TYR Q 181 -45.86 58.25 -12.51
CA TYR Q 181 -46.03 57.03 -13.28
C TYR Q 181 -47.50 56.66 -13.48
N GLY Q 182 -48.44 57.39 -12.89
CA GLY Q 182 -49.84 57.05 -13.06
C GLY Q 182 -50.28 55.82 -12.31
N LEU Q 183 -49.48 55.37 -11.35
CA LEU Q 183 -49.80 54.19 -10.55
C LEU Q 183 -50.58 54.52 -9.29
N VAL Q 184 -50.34 55.69 -8.71
CA VAL Q 184 -51.01 56.14 -7.49
C VAL Q 184 -51.61 57.51 -7.74
N ASP Q 185 -52.70 57.81 -7.03
CA ASP Q 185 -53.38 59.08 -7.22
C ASP Q 185 -52.66 60.22 -6.51
N SER Q 186 -52.33 60.05 -5.23
CA SER Q 186 -51.64 61.08 -4.47
C SER Q 186 -50.87 60.43 -3.33
N ILE Q 187 -50.27 61.29 -2.50
CA ILE Q 187 -49.48 60.87 -1.35
C ILE Q 187 -50.08 61.51 -0.10
N LEU Q 188 -50.21 60.72 0.96
CA LEU Q 188 -50.78 61.18 2.22
C LEU Q 188 -49.66 61.43 3.21
N THR Q 189 -49.40 62.72 3.48
CA THR Q 189 -48.37 63.14 4.43
C THR Q 189 -48.98 63.29 5.82
N HIS Q 190 -50.04 64.09 5.93
CA HIS Q 190 -50.75 64.31 7.17
C HIS Q 190 -52.24 64.37 6.84
N ARG Q 191 -53.06 63.93 7.80
CA ARG Q 191 -54.50 63.91 7.59
C ARG Q 191 -55.04 65.31 7.34
N ASN Q 192 -55.86 65.45 6.31
CA ASN Q 192 -56.47 66.73 5.94
C ASN Q 192 -55.40 67.79 5.67
N LEU R 1 -54.77 35.54 12.85
CA LEU R 1 -55.95 35.04 13.56
C LEU R 1 -57.22 35.38 12.79
N VAL R 2 -58.25 34.57 12.97
CA VAL R 2 -59.51 34.78 12.27
C VAL R 2 -60.31 35.85 13.01
N PRO R 3 -60.88 36.85 12.33
CA PRO R 3 -61.63 37.89 13.06
C PRO R 3 -63.02 37.43 13.45
N MET R 4 -63.51 38.04 14.53
CA MET R 4 -64.84 37.76 15.07
C MET R 4 -65.84 38.76 14.47
N VAL R 5 -66.69 38.29 13.56
CA VAL R 5 -67.68 39.13 12.90
C VAL R 5 -68.96 39.14 13.73
N ILE R 6 -69.62 40.31 13.80
CA ILE R 6 -70.81 40.54 14.61
C ILE R 6 -72.08 40.34 13.80
N GLU R 7 -73.07 39.71 14.44
CA GLU R 7 -74.38 39.45 13.85
C GLU R 7 -75.45 39.72 14.90
N GLN R 8 -76.30 40.69 14.63
CA GLN R 8 -77.38 41.09 15.54
C GLN R 8 -78.52 40.08 15.47
N THR R 9 -78.51 39.10 16.39
CA THR R 9 -79.52 38.07 16.44
C THR R 9 -80.62 38.47 17.43
N SER R 10 -81.55 37.56 17.70
CA SER R 10 -82.65 37.84 18.62
C SER R 10 -82.12 38.20 20.01
N ARG R 11 -81.15 37.43 20.51
CA ARG R 11 -80.56 37.72 21.82
C ARG R 11 -79.87 39.08 21.80
N GLY R 12 -79.12 39.36 20.75
CA GLY R 12 -78.38 40.59 20.63
C GLY R 12 -77.06 40.35 19.92
N GLU R 13 -76.32 41.43 19.74
CA GLU R 13 -75.04 41.38 19.05
C GLU R 13 -74.10 40.39 19.74
N ARG R 14 -73.66 39.38 18.98
CA ARG R 14 -72.77 38.33 19.47
C ARG R 14 -71.83 38.01 18.31
N SER R 15 -70.53 38.11 18.55
CA SER R 15 -69.57 37.89 17.48
C SER R 15 -69.32 36.41 17.25
N PHE R 16 -68.91 36.10 16.01
CA PHE R 16 -68.63 34.74 15.56
C PHE R 16 -67.51 34.82 14.54
N ASP R 17 -66.86 33.67 14.30
CA ASP R 17 -65.79 33.63 13.32
C ASP R 17 -66.33 33.99 11.93
N ILE R 18 -65.55 34.80 11.21
CA ILE R 18 -65.91 35.28 9.86
C ILE R 18 -66.36 34.13 8.97
N TYR R 19 -65.74 32.95 9.09
CA TYR R 19 -66.13 31.82 8.26
C TYR R 19 -67.53 31.35 8.60
N SER R 20 -67.83 31.21 9.89
CA SER R 20 -69.16 30.77 10.33
C SER R 20 -70.26 31.68 9.79
N ARG R 21 -70.02 33.00 9.76
CA ARG R 21 -71.03 33.92 9.25
C ARG R 21 -71.38 33.59 7.80
N LEU R 22 -70.37 33.34 6.97
CA LEU R 22 -70.66 33.02 5.58
C LEU R 22 -71.34 31.67 5.45
N LEU R 23 -71.19 30.78 6.43
CA LEU R 23 -71.88 29.50 6.37
C LEU R 23 -73.39 29.70 6.44
N LYS R 24 -73.84 30.66 7.26
CA LYS R 24 -75.28 30.92 7.39
C LYS R 24 -75.87 31.36 6.06
N GLU R 25 -75.09 32.03 5.21
CA GLU R 25 -75.52 32.46 3.90
C GLU R 25 -75.42 31.34 2.85
N ARG R 26 -75.22 30.09 3.27
CA ARG R 26 -75.07 28.96 2.36
C ARG R 26 -73.86 29.16 1.46
N VAL R 27 -72.72 29.42 2.08
CA VAL R 27 -71.45 29.64 1.39
C VAL R 27 -70.41 28.74 2.05
N ILE R 28 -69.78 27.88 1.27
CA ILE R 28 -68.75 26.97 1.74
C ILE R 28 -67.46 27.30 1.00
N PHE R 29 -66.35 27.32 1.74
CA PHE R 29 -65.04 27.65 1.22
C PHE R 29 -64.15 26.42 1.17
N LEU R 30 -63.52 26.20 0.02
CA LEU R 30 -62.57 25.11 -0.21
C LEU R 30 -61.24 25.78 -0.50
N THR R 31 -60.29 25.65 0.43
CA THR R 31 -58.99 26.30 0.34
C THR R 31 -57.85 25.31 0.50
N GLY R 32 -56.77 25.56 -0.23
CA GLY R 32 -55.57 24.74 -0.17
C GLY R 32 -55.75 23.33 -0.70
N GLN R 33 -54.77 22.50 -0.37
CA GLN R 33 -54.77 21.11 -0.79
C GLN R 33 -55.98 20.37 -0.21
N VAL R 34 -56.49 19.41 -0.98
CA VAL R 34 -57.64 18.61 -0.58
C VAL R 34 -57.16 17.34 0.10
N GLU R 35 -57.65 17.09 1.32
CA GLU R 35 -57.28 15.90 2.07
C GLU R 35 -58.50 15.41 2.83
N ASP R 36 -58.32 14.28 3.54
CA ASP R 36 -59.42 13.67 4.28
C ASP R 36 -59.91 14.56 5.42
N HIS R 37 -58.99 15.16 6.17
CA HIS R 37 -59.38 15.99 7.31
C HIS R 37 -60.21 17.19 6.88
N MET R 38 -59.74 17.90 5.85
CA MET R 38 -60.47 19.08 5.37
C MET R 38 -61.76 18.69 4.66
N ALA R 39 -61.71 17.64 3.84
CA ALA R 39 -62.90 17.22 3.09
C ALA R 39 -64.04 16.84 4.02
N ASN R 40 -63.75 16.14 5.12
CA ASN R 40 -64.81 15.77 6.06
C ASN R 40 -65.50 17.00 6.63
N LEU R 41 -64.73 18.04 6.95
CA LEU R 41 -65.32 19.26 7.48
C LEU R 41 -66.28 19.88 6.48
N ILE R 42 -65.93 19.83 5.19
CA ILE R 42 -66.81 20.37 4.15
C ILE R 42 -68.10 19.55 4.09
N VAL R 43 -68.00 18.23 4.25
CA VAL R 43 -69.18 17.37 4.24
C VAL R 43 -70.14 17.78 5.36
N ALA R 44 -69.60 18.08 6.55
CA ALA R 44 -70.44 18.49 7.66
C ALA R 44 -71.19 19.78 7.34
N GLN R 45 -70.51 20.74 6.70
CA GLN R 45 -71.15 22.02 6.39
C GLN R 45 -72.26 21.86 5.35
N MET R 46 -71.99 21.15 4.26
CA MET R 46 -73.02 20.97 3.23
C MET R 46 -74.20 20.17 3.75
N LEU R 47 -73.94 19.09 4.50
CA LEU R 47 -75.03 18.29 5.05
C LEU R 47 -75.87 19.11 6.03
N PHE R 48 -75.20 19.92 6.86
CA PHE R 48 -75.92 20.77 7.81
C PHE R 48 -76.85 21.74 7.10
N LEU R 49 -76.39 22.35 6.00
CA LEU R 49 -77.20 23.30 5.27
C LEU R 49 -78.43 22.63 4.66
N GLU R 50 -78.27 21.40 4.16
CA GLU R 50 -79.41 20.69 3.57
C GLU R 50 -80.51 20.49 4.62
N ALA R 51 -80.12 20.17 5.85
CA ALA R 51 -81.11 20.01 6.92
C ALA R 51 -81.85 21.31 7.17
N GLU R 52 -81.12 22.44 7.17
CA GLU R 52 -81.75 23.74 7.40
C GLU R 52 -82.79 24.04 6.32
N ASN R 53 -82.42 23.87 5.06
CA ASN R 53 -83.31 24.11 3.94
C ASN R 53 -82.94 23.22 2.76
N PRO R 54 -83.73 22.21 2.39
CA PRO R 54 -83.38 21.37 1.23
C PRO R 54 -83.76 21.94 -0.12
N GLU R 55 -84.13 23.24 -0.21
CA GLU R 55 -84.51 23.84 -1.48
C GLU R 55 -83.87 25.21 -1.70
N LYS R 56 -82.79 25.53 -0.98
CA LYS R 56 -82.08 26.80 -1.11
C LYS R 56 -80.69 26.50 -1.65
N ASP R 57 -80.32 27.17 -2.74
CA ASP R 57 -79.02 26.94 -3.37
C ASP R 57 -77.87 27.35 -2.46
N ILE R 58 -76.72 26.72 -2.69
CA ILE R 58 -75.48 26.96 -1.95
C ILE R 58 -74.46 27.55 -2.90
N TYR R 59 -73.69 28.52 -2.41
CA TYR R 59 -72.65 29.19 -3.20
C TYR R 59 -71.29 28.61 -2.78
N LEU R 60 -70.83 27.61 -3.52
CA LEU R 60 -69.56 26.97 -3.21
C LEU R 60 -68.42 27.61 -4.00
N TYR R 61 -67.29 27.80 -3.32
CA TYR R 61 -66.08 28.36 -3.90
C TYR R 61 -65.01 27.26 -3.92
N ILE R 62 -64.31 27.13 -5.04
CA ILE R 62 -63.26 26.13 -5.20
C ILE R 62 -61.98 26.84 -5.62
N ASN R 63 -61.03 26.95 -4.68
CA ASN R 63 -59.72 27.54 -4.92
C ASN R 63 -58.72 26.58 -4.30
N SER R 64 -58.23 25.62 -5.09
CA SER R 64 -57.28 24.63 -4.59
C SER R 64 -56.34 24.23 -5.71
N PRO R 65 -55.12 23.80 -5.40
CA PRO R 65 -54.20 23.31 -6.44
C PRO R 65 -54.30 21.81 -6.70
N GLY R 66 -55.30 21.15 -6.14
CA GLY R 66 -55.51 19.73 -6.24
C GLY R 66 -55.17 19.04 -4.92
N GLY R 67 -55.24 17.71 -4.94
CA GLY R 67 -54.97 16.96 -3.73
C GLY R 67 -55.39 15.52 -3.84
N VAL R 68 -55.72 14.94 -2.67
CA VAL R 68 -56.14 13.54 -2.61
C VAL R 68 -57.39 13.35 -3.47
N ILE R 69 -57.38 12.29 -4.28
CA ILE R 69 -58.49 12.03 -5.19
C ILE R 69 -59.71 11.51 -4.43
N THR R 70 -59.53 10.61 -3.48
CA THR R 70 -60.68 10.04 -2.76
C THR R 70 -61.39 11.10 -1.91
N ALA R 71 -60.63 11.99 -1.28
CA ALA R 71 -61.25 13.04 -0.48
C ALA R 71 -62.19 13.91 -1.30
N GLY R 72 -61.88 14.09 -2.58
CA GLY R 72 -62.70 14.90 -3.48
C GLY R 72 -63.96 14.20 -3.95
N MET R 73 -63.86 12.89 -4.21
CA MET R 73 -65.03 12.14 -4.67
C MET R 73 -66.14 12.16 -3.62
N SER R 74 -65.78 12.11 -2.34
CA SER R 74 -66.79 12.14 -1.28
C SER R 74 -67.58 13.44 -1.35
N ILE R 75 -66.91 14.56 -1.62
CA ILE R 75 -67.59 15.84 -1.74
C ILE R 75 -68.45 15.86 -3.00
N TYR R 76 -67.91 15.37 -4.12
CA TYR R 76 -68.65 15.34 -5.38
C TYR R 76 -69.95 14.57 -5.24
N ASP R 77 -69.87 13.35 -4.70
CA ASP R 77 -71.07 12.54 -4.50
C ASP R 77 -72.05 13.24 -3.55
N THR R 78 -71.52 13.84 -2.48
CA THR R 78 -72.36 14.53 -1.50
C THR R 78 -73.10 15.70 -2.15
N MET R 79 -72.44 16.44 -3.04
CA MET R 79 -73.07 17.59 -3.67
C MET R 79 -74.30 17.17 -4.47
N GLN R 80 -74.21 16.08 -5.23
CA GLN R 80 -75.35 15.60 -5.98
C GLN R 80 -76.35 14.87 -5.11
N PHE R 81 -75.88 14.27 -4.01
CA PHE R 81 -76.77 13.53 -3.12
C PHE R 81 -77.79 14.45 -2.45
N ILE R 82 -77.35 15.62 -1.98
CA ILE R 82 -78.25 16.54 -1.29
C ILE R 82 -79.10 17.29 -2.30
N LYS R 83 -80.35 17.57 -1.92
CA LYS R 83 -81.27 18.28 -2.81
C LYS R 83 -80.81 19.70 -3.14
N PRO R 84 -80.24 20.50 -2.23
CA PRO R 84 -79.80 21.84 -2.60
C PRO R 84 -78.82 21.84 -3.77
N ASP R 85 -78.94 22.84 -4.62
CA ASP R 85 -78.09 23.00 -5.80
C ASP R 85 -76.89 23.86 -5.42
N VAL R 86 -75.70 23.36 -5.70
CA VAL R 86 -74.45 24.05 -5.35
C VAL R 86 -73.97 24.85 -6.55
N SER R 87 -73.83 26.16 -6.34
CA SER R 87 -73.33 27.08 -7.35
C SER R 87 -71.82 27.09 -7.23
N THR R 88 -71.13 26.55 -8.23
CA THR R 88 -69.68 26.44 -8.21
C THR R 88 -69.02 27.63 -8.91
N ILE R 89 -68.07 28.24 -8.21
CA ILE R 89 -67.30 29.39 -8.70
C ILE R 89 -65.84 29.10 -8.40
N CYS R 90 -64.97 29.54 -9.30
CA CYS R 90 -63.53 29.33 -9.17
C CYS R 90 -62.84 30.65 -8.87
N MET R 91 -62.00 30.64 -7.83
CA MET R 91 -61.26 31.80 -7.39
C MET R 91 -59.77 31.58 -7.59
N GLY R 92 -59.13 32.47 -8.36
CA GLY R 92 -57.70 32.40 -8.59
C GLY R 92 -57.26 31.35 -9.59
N GLN R 93 -57.52 30.08 -9.31
CA GLN R 93 -57.12 29.02 -10.22
C GLN R 93 -57.92 27.76 -9.93
N ALA R 94 -57.89 26.83 -10.88
CA ALA R 94 -58.58 25.55 -10.80
C ALA R 94 -57.65 24.47 -11.31
N ALA R 95 -57.52 23.39 -10.54
CA ALA R 95 -56.65 22.26 -10.86
C ALA R 95 -57.50 21.04 -11.18
N SER R 96 -56.81 19.91 -11.42
CA SER R 96 -57.47 18.65 -11.75
C SER R 96 -58.65 18.34 -10.83
N MET R 97 -58.39 18.27 -9.52
CA MET R 97 -59.49 17.98 -8.59
C MET R 97 -60.38 19.19 -8.39
N GLY R 98 -59.80 20.39 -8.32
CA GLY R 98 -60.60 21.58 -8.14
C GLY R 98 -61.57 21.80 -9.29
N ALA R 99 -61.11 21.56 -10.52
CA ALA R 99 -61.97 21.72 -11.69
C ALA R 99 -63.05 20.66 -11.72
N PHE R 100 -62.71 19.43 -11.31
CA PHE R 100 -63.70 18.35 -11.30
C PHE R 100 -64.86 18.68 -10.37
N LEU R 101 -64.57 19.32 -9.24
CA LEU R 101 -65.64 19.70 -8.32
C LEU R 101 -66.39 20.94 -8.78
N LEU R 102 -65.94 21.60 -9.85
CA LEU R 102 -66.63 22.79 -10.35
C LEU R 102 -67.82 22.41 -11.21
N THR R 103 -67.59 21.56 -12.22
CA THR R 103 -68.65 21.15 -13.12
C THR R 103 -69.74 20.33 -12.44
N ALA R 104 -69.50 19.84 -11.21
CA ALA R 104 -70.51 19.06 -10.50
C ALA R 104 -71.73 19.89 -10.12
N GLY R 105 -71.64 21.22 -10.17
CA GLY R 105 -72.78 22.04 -9.83
C GLY R 105 -73.88 21.94 -10.86
N ALA R 106 -75.07 22.42 -10.47
CA ALA R 106 -76.21 22.41 -11.36
C ALA R 106 -75.94 23.25 -12.59
N LYS R 107 -76.36 22.75 -13.74
CA LYS R 107 -76.17 23.47 -15.00
C LYS R 107 -76.90 24.81 -14.97
N GLY R 108 -76.20 25.87 -15.38
CA GLY R 108 -76.76 27.21 -15.42
C GLY R 108 -76.32 28.12 -14.30
N LYS R 109 -75.55 27.63 -13.32
CA LYS R 109 -75.08 28.43 -12.20
C LYS R 109 -73.59 28.22 -11.93
N ARG R 110 -72.83 27.91 -12.98
CA ARG R 110 -71.38 27.70 -12.87
C ARG R 110 -70.72 28.89 -13.57
N PHE R 111 -70.00 29.69 -12.79
CA PHE R 111 -69.33 30.89 -13.27
C PHE R 111 -67.86 30.87 -12.88
N CYS R 112 -67.11 31.78 -13.48
CA CYS R 112 -65.68 31.91 -13.25
C CYS R 112 -65.30 33.38 -13.27
N LEU R 113 -64.22 33.71 -12.58
CA LEU R 113 -63.76 35.09 -12.50
C LEU R 113 -63.12 35.53 -13.81
N PRO R 114 -63.00 36.84 -14.05
CA PRO R 114 -62.40 37.28 -15.33
C PRO R 114 -60.96 36.85 -15.52
N ASN R 115 -60.15 36.88 -14.46
CA ASN R 115 -58.74 36.47 -14.52
C ASN R 115 -58.59 35.21 -13.67
N SER R 116 -58.80 34.07 -14.32
CA SER R 116 -58.70 32.77 -13.68
C SER R 116 -58.29 31.75 -14.73
N ARG R 117 -57.70 30.65 -14.27
CA ARG R 117 -57.26 29.59 -15.15
C ARG R 117 -57.72 28.25 -14.61
N VAL R 118 -57.98 27.32 -15.52
CA VAL R 118 -58.43 25.98 -15.22
C VAL R 118 -57.46 24.99 -15.82
N MET R 119 -57.05 23.99 -15.04
CA MET R 119 -56.13 22.96 -15.49
C MET R 119 -56.75 21.60 -15.23
N ILE R 120 -56.59 20.71 -16.20
CA ILE R 120 -57.15 19.35 -16.13
C ILE R 120 -56.10 18.35 -16.60
N HIS R 121 -56.04 17.20 -15.93
CA HIS R 121 -55.11 16.15 -16.29
C HIS R 121 -55.61 14.85 -15.68
N GLN R 122 -54.97 13.76 -16.08
CA GLN R 122 -55.36 12.44 -15.58
C GLN R 122 -54.92 12.28 -14.13
N PRO R 123 -55.45 11.28 -13.41
CA PRO R 123 -55.06 11.11 -12.01
C PRO R 123 -53.58 10.79 -11.86
N LEU R 124 -53.07 11.01 -10.65
CA LEU R 124 -51.68 10.78 -10.31
C LEU R 124 -51.63 9.80 -9.13
N GLY R 125 -50.78 8.79 -9.24
CA GLY R 125 -50.64 7.81 -8.18
C GLY R 125 -49.26 7.18 -8.13
N GLY R 126 -49.17 5.99 -7.55
CA GLY R 126 -47.92 5.28 -7.45
C GLY R 126 -47.98 4.18 -6.41
N TYR R 127 -47.15 3.14 -6.60
CA TYR R 127 -47.10 2.03 -5.68
C TYR R 127 -45.70 1.45 -5.66
N GLN R 128 -45.31 0.94 -4.48
CA GLN R 128 -44.00 0.33 -4.28
C GLN R 128 -44.23 -1.03 -3.63
N GLY R 129 -43.81 -2.08 -4.30
CA GLY R 129 -44.01 -3.42 -3.76
C GLY R 129 -43.84 -4.47 -4.86
N GLN R 130 -44.55 -5.58 -4.67
CA GLN R 130 -44.50 -6.69 -5.59
C GLN R 130 -45.21 -6.37 -6.90
N ALA R 131 -44.95 -7.20 -7.91
CA ALA R 131 -45.56 -7.01 -9.22
C ALA R 131 -47.07 -7.19 -9.16
N THR R 132 -47.54 -8.24 -8.47
CA THR R 132 -48.97 -8.48 -8.37
C THR R 132 -49.69 -7.31 -7.71
N ASP R 133 -49.13 -6.79 -6.62
CA ASP R 133 -49.76 -5.66 -5.95
C ASP R 133 -49.75 -4.42 -6.84
N ILE R 134 -48.66 -4.21 -7.58
CA ILE R 134 -48.59 -3.08 -8.49
C ILE R 134 -49.68 -3.19 -9.56
N GLU R 135 -49.89 -4.41 -10.07
CA GLU R 135 -50.91 -4.65 -11.07
C GLU R 135 -52.29 -4.26 -10.54
N ILE R 136 -52.55 -4.56 -9.27
CA ILE R 136 -53.83 -4.23 -8.66
C ILE R 136 -54.02 -2.71 -8.60
N HIS R 137 -53.04 -2.01 -8.04
CA HIS R 137 -53.14 -0.55 -7.95
C HIS R 137 -53.05 0.10 -9.32
N ALA R 138 -52.31 -0.50 -10.26
CA ALA R 138 -52.22 0.05 -11.60
C ALA R 138 -53.57 -0.01 -12.29
N ARG R 139 -54.27 -1.13 -12.16
CA ARG R 139 -55.60 -1.26 -12.75
C ARG R 139 -56.61 -0.41 -12.00
N GLU R 140 -56.46 -0.28 -10.68
CA GLU R 140 -57.38 0.52 -9.88
C GLU R 140 -57.37 1.97 -10.33
N ILE R 141 -56.19 2.59 -10.36
CA ILE R 141 -56.10 3.98 -10.78
C ILE R 141 -56.47 4.13 -12.25
N LEU R 142 -56.19 3.11 -13.07
CA LEU R 142 -56.55 3.16 -14.48
C LEU R 142 -58.06 3.33 -14.64
N LYS R 143 -58.85 2.66 -13.79
CA LYS R 143 -60.30 2.82 -13.84
C LYS R 143 -60.71 4.23 -13.47
N VAL R 144 -60.00 4.82 -12.50
CA VAL R 144 -60.32 6.19 -12.06
C VAL R 144 -60.17 7.16 -13.23
N LYS R 145 -59.14 6.97 -14.06
CA LYS R 145 -58.93 7.83 -15.21
C LYS R 145 -60.14 7.80 -16.14
N GLY R 146 -60.65 6.60 -16.41
CA GLY R 146 -61.83 6.50 -17.26
C GLY R 146 -63.09 6.93 -16.55
N ARG R 147 -63.16 6.70 -15.24
CA ARG R 147 -64.34 7.09 -14.47
C ARG R 147 -64.52 8.60 -14.48
N MET R 148 -63.43 9.35 -14.24
CA MET R 148 -63.53 10.80 -14.21
C MET R 148 -63.88 11.35 -15.59
N ASN R 149 -63.31 10.77 -16.66
CA ASN R 149 -63.63 11.21 -18.01
C ASN R 149 -65.12 11.07 -18.29
N GLU R 150 -65.75 10.02 -17.75
CA GLU R 150 -67.18 9.82 -17.96
C GLU R 150 -67.99 10.89 -17.23
N LEU R 151 -67.69 11.10 -15.95
CA LEU R 151 -68.40 12.09 -15.15
C LEU R 151 -68.15 13.50 -15.69
N MET R 152 -66.88 13.83 -15.96
CA MET R 152 -66.56 15.15 -16.48
C MET R 152 -67.21 15.39 -17.84
N ALA R 153 -67.19 14.38 -18.70
CA ALA R 153 -67.80 14.52 -20.02
C ALA R 153 -69.31 14.73 -19.91
N LEU R 154 -69.95 14.03 -18.98
CA LEU R 154 -71.39 14.16 -18.79
C LEU R 154 -71.77 15.59 -18.45
N HIS R 155 -71.12 16.17 -17.44
CA HIS R 155 -71.44 17.54 -17.04
C HIS R 155 -70.90 18.54 -18.05
N THR R 156 -69.65 18.36 -18.49
CA THR R 156 -69.07 19.29 -19.46
C THR R 156 -69.74 19.17 -20.81
N GLY R 157 -70.18 17.97 -21.19
CA GLY R 157 -70.83 17.74 -22.46
C GLY R 157 -69.91 17.39 -23.61
N GLN R 158 -68.60 17.46 -23.42
CA GLN R 158 -67.66 17.12 -24.47
C GLN R 158 -67.60 15.61 -24.65
N SER R 159 -67.18 15.19 -25.85
CA SER R 159 -67.08 13.77 -26.15
C SER R 159 -66.01 13.12 -25.27
N LEU R 160 -66.23 11.83 -24.95
CA LEU R 160 -65.30 11.10 -24.11
C LEU R 160 -63.91 11.01 -24.74
N GLU R 161 -63.83 10.79 -26.05
CA GLU R 161 -62.54 10.70 -26.70
C GLU R 161 -61.79 12.03 -26.66
N GLN R 162 -62.49 13.13 -26.96
CA GLN R 162 -61.84 14.44 -26.98
C GLN R 162 -61.30 14.83 -25.60
N ILE R 163 -62.10 14.62 -24.56
CA ILE R 163 -61.64 14.98 -23.21
C ILE R 163 -60.48 14.09 -22.78
N GLU R 164 -60.56 12.79 -23.12
CA GLU R 164 -59.49 11.86 -22.78
C GLU R 164 -58.17 12.30 -23.41
N ARG R 165 -58.22 12.79 -24.64
CA ARG R 165 -57.02 13.25 -25.33
C ARG R 165 -56.40 14.45 -24.63
N ASP R 166 -57.23 15.41 -24.21
CA ASP R 166 -56.74 16.62 -23.57
C ASP R 166 -56.27 16.38 -22.14
N THR R 167 -56.76 15.34 -21.47
CA THR R 167 -56.36 15.07 -20.10
C THR R 167 -55.06 14.29 -20.00
N GLU R 168 -54.48 13.83 -21.12
CA GLU R 168 -53.22 13.10 -21.08
C GLU R 168 -52.13 13.95 -20.45
N ARG R 169 -52.06 15.22 -20.82
CA ARG R 169 -51.08 16.18 -20.32
C ARG R 169 -51.80 17.40 -19.80
N ASP R 170 -51.13 18.14 -18.93
CA ASP R 170 -51.71 19.36 -18.36
C ASP R 170 -52.16 20.30 -19.47
N ARG R 171 -53.42 20.75 -19.39
CA ARG R 171 -53.99 21.69 -20.35
C ARG R 171 -54.54 22.88 -19.59
N PHE R 172 -53.98 24.06 -19.83
CA PHE R 172 -54.41 25.28 -19.16
C PHE R 172 -55.47 25.98 -19.99
N LEU R 173 -56.59 26.32 -19.35
CA LEU R 173 -57.71 27.00 -20.00
C LEU R 173 -58.06 28.25 -19.22
N SER R 174 -58.07 29.39 -19.90
CA SER R 174 -58.41 30.66 -19.29
C SER R 174 -59.93 30.77 -19.16
N ALA R 175 -60.40 31.89 -18.61
CA ALA R 175 -61.84 32.08 -18.42
C ALA R 175 -62.62 32.02 -19.73
N PRO R 176 -62.27 32.75 -20.79
CA PRO R 176 -63.04 32.62 -22.04
C PRO R 176 -62.97 31.22 -22.63
N GLU R 177 -61.82 30.55 -22.50
CA GLU R 177 -61.66 29.21 -23.04
C GLU R 177 -62.59 28.23 -22.34
N ALA R 178 -62.76 28.39 -21.02
CA ALA R 178 -63.64 27.49 -20.26
C ALA R 178 -65.08 27.57 -20.78
N VAL R 179 -65.54 28.77 -21.13
CA VAL R 179 -66.89 28.93 -21.65
C VAL R 179 -67.06 28.11 -22.94
N GLU R 180 -66.11 28.27 -23.86
CA GLU R 180 -66.18 27.53 -25.12
C GLU R 180 -66.05 26.03 -24.90
N TYR R 181 -65.31 25.61 -23.87
CA TYR R 181 -65.12 24.19 -23.59
C TYR R 181 -66.33 23.55 -22.93
N GLY R 182 -67.32 24.34 -22.49
CA GLY R 182 -68.51 23.79 -21.86
C GLY R 182 -68.37 23.49 -20.40
N LEU R 183 -67.27 23.91 -19.75
CA LEU R 183 -67.08 23.64 -18.33
C LEU R 183 -67.75 24.69 -17.46
N VAL R 184 -67.95 25.90 -17.99
CA VAL R 184 -68.59 26.99 -17.26
C VAL R 184 -69.68 27.58 -18.16
N ASP R 185 -70.48 28.47 -17.57
CA ASP R 185 -71.58 29.12 -18.26
C ASP R 185 -71.25 30.51 -18.76
N SER R 186 -70.68 31.36 -17.91
CA SER R 186 -70.36 32.73 -18.30
C SER R 186 -69.24 33.26 -17.41
N ILE R 187 -68.98 34.56 -17.51
CA ILE R 187 -67.93 35.24 -16.78
C ILE R 187 -68.55 36.38 -15.99
N LEU R 188 -68.08 36.55 -14.75
CA LEU R 188 -68.59 37.58 -13.84
C LEU R 188 -67.61 38.75 -13.85
N THR R 189 -68.01 39.82 -14.55
CA THR R 189 -67.21 41.03 -14.67
C THR R 189 -67.56 42.04 -13.59
N HIS R 190 -68.85 42.26 -13.37
CA HIS R 190 -69.32 43.18 -12.35
C HIS R 190 -70.61 42.63 -11.76
N ARG R 191 -70.87 43.00 -10.50
CA ARG R 191 -72.07 42.53 -9.81
C ARG R 191 -73.31 43.08 -10.49
N ASN R 192 -74.17 42.18 -10.96
CA ASN R 192 -75.42 42.55 -11.63
C ASN R 192 -75.16 43.43 -12.85
N LEU S 1 -60.49 27.31 11.55
CA LEU S 1 -61.32 27.19 12.74
C LEU S 1 -62.67 26.61 12.39
N VAL S 2 -63.15 25.71 13.24
CA VAL S 2 -64.46 25.07 13.02
C VAL S 2 -65.54 26.14 12.97
N PRO S 3 -66.49 26.10 12.02
CA PRO S 3 -67.53 27.15 11.99
C PRO S 3 -68.62 26.88 13.02
N MET S 4 -68.94 27.92 13.79
CA MET S 4 -69.99 27.82 14.81
C MET S 4 -71.35 28.03 14.17
N VAL S 5 -72.34 27.30 14.67
CA VAL S 5 -73.73 27.37 14.18
C VAL S 5 -74.61 27.67 15.38
N ILE S 6 -75.36 28.77 15.29
CA ILE S 6 -76.23 29.24 16.37
C ILE S 6 -77.60 28.60 16.25
N GLU S 7 -77.93 27.71 17.20
CA GLU S 7 -79.22 27.04 17.27
C GLU S 7 -80.06 27.70 18.36
N GLN S 8 -81.29 28.06 18.00
CA GLN S 8 -82.17 28.72 18.97
C GLN S 8 -82.58 27.75 20.06
N THR S 9 -82.57 28.23 21.31
CA THR S 9 -82.93 27.43 22.47
C THR S 9 -83.92 28.15 23.36
N SER S 10 -84.21 27.57 24.53
CA SER S 10 -85.14 28.18 25.48
C SER S 10 -84.68 29.58 25.88
N ARG S 11 -83.40 29.76 26.17
CA ARG S 11 -82.89 31.07 26.57
C ARG S 11 -83.02 32.07 25.43
N GLY S 12 -82.76 31.62 24.20
CA GLY S 12 -82.87 32.48 23.03
C GLY S 12 -81.74 32.35 22.03
N GLU S 13 -80.54 31.99 22.47
CA GLU S 13 -79.40 31.87 21.58
C GLU S 13 -78.28 31.11 22.28
N ARG S 14 -77.60 30.24 21.52
CA ARG S 14 -76.48 29.47 22.04
C ARG S 14 -75.64 29.00 20.86
N SER S 15 -74.35 29.32 20.89
CA SER S 15 -73.43 28.97 19.81
C SER S 15 -72.86 27.58 20.01
N PHE S 16 -72.90 26.77 18.96
CA PHE S 16 -72.38 25.41 18.96
C PHE S 16 -71.56 25.15 17.70
N ASP S 17 -70.46 24.43 17.86
CA ASP S 17 -69.63 24.07 16.71
C ASP S 17 -70.43 23.21 15.74
N ILE S 18 -70.06 23.30 14.45
CA ILE S 18 -70.74 22.54 13.40
C ILE S 18 -70.83 21.06 13.75
N TYR S 19 -69.79 20.52 14.39
CA TYR S 19 -69.82 19.11 14.78
C TYR S 19 -70.85 18.87 15.87
N SER S 20 -70.93 19.78 16.84
CA SER S 20 -71.90 19.64 17.92
C SER S 20 -73.33 19.62 17.39
N ARG S 21 -73.61 20.41 16.36
CA ARG S 21 -74.97 20.45 15.80
C ARG S 21 -75.34 19.12 15.17
N LEU S 22 -74.44 18.56 14.35
CA LEU S 22 -74.74 17.27 13.75
C LEU S 22 -74.75 16.16 14.77
N LEU S 23 -74.04 16.34 15.90
CA LEU S 23 -74.06 15.34 16.95
C LEU S 23 -75.46 15.19 17.52
N LYS S 24 -76.22 16.29 17.57
CA LYS S 24 -77.60 16.24 18.06
C LYS S 24 -78.44 15.31 17.20
N GLU S 25 -78.17 15.28 15.89
CA GLU S 25 -78.89 14.44 14.95
C GLU S 25 -78.39 12.99 14.93
N ARG S 26 -77.59 12.58 15.93
CA ARG S 26 -77.08 11.22 16.01
C ARG S 26 -76.17 10.90 14.81
N VAL S 27 -75.26 11.83 14.55
CA VAL S 27 -74.30 11.73 13.45
C VAL S 27 -72.90 11.79 14.05
N ILE S 28 -72.10 10.76 13.77
CA ILE S 28 -70.74 10.64 14.27
C ILE S 28 -69.79 10.61 13.08
N PHE S 29 -68.72 11.41 13.16
CA PHE S 29 -67.72 11.52 12.10
C PHE S 29 -66.48 10.70 12.44
N LEU S 30 -65.99 9.98 11.44
CA LEU S 30 -64.79 9.14 11.54
C LEU S 30 -63.84 9.69 10.48
N THR S 31 -62.83 10.45 10.93
CA THR S 31 -61.89 11.11 10.03
C THR S 31 -60.45 10.81 10.44
N GLY S 32 -59.57 10.86 9.45
CA GLY S 32 -58.14 10.64 9.65
C GLY S 32 -57.81 9.20 10.01
N GLN S 33 -56.57 9.04 10.46
CA GLN S 33 -56.10 7.72 10.86
C GLN S 33 -56.85 7.26 12.10
N VAL S 34 -56.95 5.95 12.27
CA VAL S 34 -57.62 5.35 13.42
C VAL S 34 -56.55 5.00 14.45
N GLU S 35 -56.70 5.54 15.65
CA GLU S 35 -55.79 5.28 16.76
C GLU S 35 -56.60 5.24 18.04
N ASP S 36 -55.92 5.00 19.16
CA ASP S 36 -56.58 4.92 20.45
C ASP S 36 -57.25 6.24 20.82
N HIS S 37 -56.55 7.36 20.61
CA HIS S 37 -57.12 8.66 20.96
C HIS S 37 -58.37 8.96 20.16
N MET S 38 -58.36 8.63 18.86
CA MET S 38 -59.52 8.89 18.02
C MET S 38 -60.68 7.95 18.35
N ALA S 39 -60.37 6.69 18.69
CA ALA S 39 -61.41 5.71 18.97
C ALA S 39 -62.23 6.08 20.20
N ASN S 40 -61.57 6.53 21.27
CA ASN S 40 -62.31 6.89 22.49
C ASN S 40 -63.29 8.03 22.23
N LEU S 41 -62.95 8.96 21.34
CA LEU S 41 -63.85 10.07 21.05
C LEU S 41 -65.18 9.57 20.49
N ILE S 42 -65.11 8.63 19.54
CA ILE S 42 -66.33 8.08 18.95
C ILE S 42 -67.14 7.33 20.01
N VAL S 43 -66.46 6.56 20.86
CA VAL S 43 -67.13 5.78 21.90
C VAL S 43 -67.96 6.69 22.80
N ALA S 44 -67.42 7.84 23.19
CA ALA S 44 -68.16 8.77 24.04
C ALA S 44 -69.42 9.24 23.36
N GLN S 45 -69.34 9.54 22.07
CA GLN S 45 -70.52 9.98 21.33
C GLN S 45 -71.59 8.89 21.28
N MET S 46 -71.17 7.65 21.00
CA MET S 46 -72.11 6.54 20.92
C MET S 46 -72.76 6.27 22.27
N LEU S 47 -71.97 6.25 23.35
CA LEU S 47 -72.52 6.02 24.68
C LEU S 47 -73.46 7.15 25.08
N PHE S 48 -73.04 8.39 24.86
CA PHE S 48 -73.89 9.53 25.19
C PHE S 48 -75.18 9.53 24.39
N LEU S 49 -75.08 9.22 23.09
CA LEU S 49 -76.27 9.18 22.25
C LEU S 49 -77.24 8.11 22.70
N GLU S 50 -76.72 6.95 23.14
CA GLU S 50 -77.58 5.87 23.61
C GLU S 50 -78.43 6.33 24.79
N ALA S 51 -77.83 7.07 25.73
CA ALA S 51 -78.58 7.57 26.87
C ALA S 51 -79.68 8.52 26.42
N GLU S 52 -79.38 9.37 25.42
CA GLU S 52 -80.36 10.32 24.92
C GLU S 52 -81.57 9.60 24.34
N ASN S 53 -81.33 8.59 23.50
CA ASN S 53 -82.41 7.84 22.87
C ASN S 53 -81.97 6.40 22.58
N PRO S 54 -82.49 5.38 23.26
CA PRO S 54 -82.10 4.00 22.94
C PRO S 54 -82.84 3.38 21.77
N GLU S 55 -83.65 4.15 21.05
CA GLU S 55 -84.45 3.67 19.93
C GLU S 55 -84.01 4.27 18.59
N LYS S 56 -83.80 5.58 18.54
CA LYS S 56 -83.42 6.23 17.28
C LYS S 56 -82.08 5.73 16.77
N ASP S 57 -81.98 5.61 15.45
CA ASP S 57 -80.76 5.13 14.81
C ASP S 57 -79.68 6.22 14.83
N ILE S 58 -78.43 5.78 14.86
CA ILE S 58 -77.27 6.68 14.88
C ILE S 58 -76.56 6.57 13.54
N TYR S 59 -76.49 7.67 12.81
CA TYR S 59 -75.79 7.71 11.53
C TYR S 59 -74.30 7.72 11.78
N LEU S 60 -73.56 6.87 11.07
CA LEU S 60 -72.11 6.79 11.20
C LEU S 60 -71.47 6.89 9.82
N TYR S 61 -70.57 7.85 9.66
CA TYR S 61 -69.82 8.07 8.43
C TYR S 61 -68.42 7.52 8.62
N ILE S 62 -67.98 6.66 7.70
CA ILE S 62 -66.67 6.03 7.77
C ILE S 62 -65.88 6.50 6.56
N ASN S 63 -64.97 7.46 6.78
CA ASN S 63 -64.11 8.01 5.74
C ASN S 63 -62.71 8.14 6.35
N SER S 64 -61.88 7.11 6.17
CA SER S 64 -60.53 7.14 6.73
C SER S 64 -59.65 6.18 5.95
N PRO S 65 -58.33 6.49 5.78
CA PRO S 65 -57.41 5.60 5.05
C PRO S 65 -56.83 4.50 5.93
N GLY S 66 -57.70 3.78 6.65
CA GLY S 66 -57.22 2.74 7.53
C GLY S 66 -56.53 3.31 8.76
N GLY S 67 -55.89 2.41 9.51
CA GLY S 67 -55.22 2.81 10.73
C GLY S 67 -54.94 1.59 11.61
N VAL S 68 -54.74 1.87 12.89
CA VAL S 68 -54.44 0.82 13.86
C VAL S 68 -55.57 -0.21 13.88
N ILE S 69 -55.19 -1.49 13.92
CA ILE S 69 -56.18 -2.56 13.88
C ILE S 69 -56.97 -2.59 15.19
N THR S 70 -56.27 -2.55 16.33
CA THR S 70 -56.94 -2.63 17.62
C THR S 70 -57.88 -1.46 17.86
N ALA S 71 -57.48 -0.26 17.42
CA ALA S 71 -58.33 0.92 17.57
C ALA S 71 -59.67 0.74 16.88
N GLY S 72 -59.66 0.09 15.71
CA GLY S 72 -60.90 -0.11 14.97
C GLY S 72 -61.85 -1.08 15.64
N MET S 73 -61.30 -2.15 16.25
CA MET S 73 -62.15 -3.15 16.91
C MET S 73 -62.99 -2.53 18.01
N SER S 74 -62.42 -1.57 18.77
CA SER S 74 -63.18 -0.93 19.84
C SER S 74 -64.43 -0.23 19.28
N ILE S 75 -64.31 0.42 18.13
CA ILE S 75 -65.45 1.07 17.51
C ILE S 75 -66.46 0.03 17.05
N TYR S 76 -65.98 -1.06 16.45
CA TYR S 76 -66.85 -2.11 15.95
C TYR S 76 -67.66 -2.74 17.07
N ASP S 77 -66.98 -3.17 18.13
CA ASP S 77 -67.65 -3.81 19.26
C ASP S 77 -68.70 -2.89 19.89
N THR S 78 -68.41 -1.59 19.95
CA THR S 78 -69.35 -0.65 20.55
C THR S 78 -70.66 -0.59 19.77
N MET S 79 -70.59 -0.66 18.43
CA MET S 79 -71.80 -0.61 17.61
C MET S 79 -72.75 -1.75 17.96
N GLN S 80 -72.23 -2.96 18.05
CA GLN S 80 -73.06 -4.12 18.38
C GLN S 80 -73.48 -4.12 19.84
N PHE S 81 -72.65 -3.53 20.72
CA PHE S 81 -72.98 -3.54 22.15
C PHE S 81 -74.18 -2.66 22.47
N ILE S 82 -74.19 -1.42 21.96
CA ILE S 82 -75.30 -0.52 22.25
C ILE S 82 -76.58 -1.04 21.62
N LYS S 83 -77.72 -0.64 22.20
CA LYS S 83 -79.01 -1.08 21.67
C LYS S 83 -79.36 -0.40 20.33
N PRO S 84 -79.19 0.92 20.16
CA PRO S 84 -79.53 1.52 18.87
C PRO S 84 -78.73 0.96 17.71
N ASP S 85 -79.40 0.87 16.57
CA ASP S 85 -78.74 0.39 15.35
C ASP S 85 -77.91 1.52 14.77
N VAL S 86 -76.72 1.19 14.30
CA VAL S 86 -75.76 2.15 13.77
C VAL S 86 -75.66 1.95 12.26
N SER S 87 -76.22 2.89 11.51
CA SER S 87 -76.17 2.83 10.05
C SER S 87 -74.78 3.24 9.60
N THR S 88 -74.22 2.48 8.66
CA THR S 88 -72.87 2.69 8.16
C THR S 88 -72.91 3.18 6.72
N ILE S 89 -72.26 4.31 6.47
CA ILE S 89 -72.18 4.91 5.14
C ILE S 89 -70.73 5.30 4.91
N CYS S 90 -70.17 4.85 3.79
CA CYS S 90 -68.78 5.12 3.42
C CYS S 90 -68.74 6.28 2.44
N MET S 91 -67.87 7.25 2.72
CA MET S 91 -67.71 8.44 1.89
C MET S 91 -66.27 8.50 1.40
N GLY S 92 -66.10 8.57 0.08
CA GLY S 92 -64.78 8.61 -0.51
C GLY S 92 -64.17 7.25 -0.71
N GLN S 93 -63.82 6.56 0.38
CA GLN S 93 -63.22 5.24 0.27
C GLN S 93 -63.27 4.55 1.62
N ALA S 94 -63.03 3.24 1.58
CA ALA S 94 -63.04 2.38 2.76
C ALA S 94 -61.80 1.49 2.73
N ALA S 95 -61.09 1.44 3.85
CA ALA S 95 -59.88 0.66 4.02
C ALA S 95 -60.20 -0.54 4.90
N SER S 96 -59.17 -1.33 5.22
CA SER S 96 -59.31 -2.51 6.07
C SER S 96 -60.21 -2.26 7.28
N MET S 97 -59.86 -1.26 8.09
CA MET S 97 -60.72 -0.93 9.23
C MET S 97 -62.01 -0.26 8.75
N GLY S 98 -61.93 0.54 7.69
CA GLY S 98 -63.13 1.19 7.17
C GLY S 98 -64.16 0.21 6.70
N ALA S 99 -63.74 -0.79 5.92
CA ALA S 99 -64.67 -1.80 5.43
C ALA S 99 -65.19 -2.66 6.55
N PHE S 100 -64.34 -3.00 7.52
CA PHE S 100 -64.77 -3.82 8.65
C PHE S 100 -65.83 -3.08 9.46
N LEU S 101 -65.67 -1.77 9.63
CA LEU S 101 -66.69 -0.99 10.32
C LEU S 101 -67.89 -0.74 9.42
N LEU S 102 -67.67 -0.64 8.11
CA LEU S 102 -68.77 -0.42 7.17
C LEU S 102 -69.75 -1.59 7.18
N THR S 103 -69.24 -2.81 7.07
CA THR S 103 -70.09 -3.99 7.07
C THR S 103 -70.67 -4.30 8.45
N ALA S 104 -70.15 -3.67 9.51
CA ALA S 104 -70.63 -3.92 10.86
C ALA S 104 -71.98 -3.27 11.14
N GLY S 105 -72.49 -2.42 10.25
CA GLY S 105 -73.76 -1.78 10.48
C GLY S 105 -74.92 -2.76 10.48
N ALA S 106 -76.03 -2.29 11.03
CA ALA S 106 -77.24 -3.11 11.11
C ALA S 106 -77.72 -3.49 9.71
N LYS S 107 -78.23 -4.72 9.58
CA LYS S 107 -78.74 -5.19 8.30
C LYS S 107 -79.81 -4.24 7.78
N GLY S 108 -79.72 -3.89 6.50
CA GLY S 108 -80.65 -2.94 5.93
C GLY S 108 -80.33 -1.50 6.22
N LYS S 109 -79.18 -1.22 6.86
CA LYS S 109 -78.75 0.13 7.21
C LYS S 109 -77.33 0.41 6.70
N ARG S 110 -76.77 -0.46 5.86
CA ARG S 110 -75.42 -0.29 5.32
C ARG S 110 -75.54 0.17 3.87
N PHE S 111 -75.08 1.38 3.58
CA PHE S 111 -75.18 1.97 2.26
C PHE S 111 -73.82 2.53 1.85
N CYS S 112 -73.75 2.98 0.59
CA CYS S 112 -72.53 3.51 0.01
C CYS S 112 -72.87 4.55 -1.05
N LEU S 113 -71.90 5.40 -1.33
CA LEU S 113 -72.07 6.47 -2.30
C LEU S 113 -71.88 5.94 -3.72
N PRO S 114 -72.36 6.68 -4.74
CA PRO S 114 -72.22 6.18 -6.12
C PRO S 114 -70.78 6.02 -6.57
N ASN S 115 -69.91 6.99 -6.26
CA ASN S 115 -68.51 6.96 -6.67
C ASN S 115 -67.65 6.79 -5.42
N SER S 116 -67.40 5.54 -5.05
CA SER S 116 -66.59 5.21 -3.89
C SER S 116 -65.92 3.86 -4.14
N ARG S 117 -64.74 3.69 -3.57
CA ARG S 117 -63.96 2.47 -3.72
C ARG S 117 -63.70 1.88 -2.34
N VAL S 118 -63.88 0.57 -2.22
CA VAL S 118 -63.70 -0.16 -0.98
C VAL S 118 -62.54 -1.12 -1.16
N MET S 119 -61.60 -1.11 -0.21
CA MET S 119 -60.43 -1.96 -0.25
C MET S 119 -60.36 -2.77 1.03
N ILE S 120 -60.09 -4.07 0.89
CA ILE S 120 -59.99 -5.00 2.01
C ILE S 120 -58.65 -5.74 1.90
N HIS S 121 -57.93 -5.82 3.01
CA HIS S 121 -56.66 -6.53 3.04
C HIS S 121 -56.48 -7.15 4.42
N GLN S 122 -55.49 -8.05 4.50
CA GLN S 122 -55.22 -8.74 5.74
C GLN S 122 -54.52 -7.80 6.72
N PRO S 123 -54.53 -8.13 8.02
CA PRO S 123 -53.86 -7.26 9.00
C PRO S 123 -52.36 -7.17 8.74
N LEU S 124 -51.78 -6.03 9.12
CA LEU S 124 -50.36 -5.77 8.96
C LEU S 124 -49.71 -5.59 10.33
N GLY S 125 -48.44 -5.91 10.40
CA GLY S 125 -47.72 -5.78 11.66
C GLY S 125 -46.24 -5.98 11.46
N GLY S 126 -45.57 -6.28 12.58
CA GLY S 126 -44.14 -6.52 12.57
C GLY S 126 -43.55 -6.50 13.96
N TYR S 127 -42.38 -7.11 14.11
CA TYR S 127 -41.70 -7.17 15.40
C TYR S 127 -40.22 -7.36 15.16
N GLN S 128 -39.41 -6.86 16.10
CA GLN S 128 -37.96 -6.98 16.04
C GLN S 128 -37.48 -7.48 17.39
N GLY S 129 -36.74 -8.59 17.37
CA GLY S 129 -36.23 -9.17 18.60
C GLY S 129 -35.81 -10.61 18.37
N GLN S 130 -35.86 -11.38 19.46
CA GLN S 130 -35.53 -12.79 19.40
C GLN S 130 -36.58 -13.57 18.62
N ALA S 131 -36.18 -14.75 18.14
CA ALA S 131 -37.10 -15.59 17.38
C ALA S 131 -38.28 -16.03 18.23
N THR S 132 -38.03 -16.30 19.52
CA THR S 132 -39.10 -16.70 20.44
C THR S 132 -40.21 -15.66 20.48
N ASP S 133 -39.85 -14.39 20.57
CA ASP S 133 -40.87 -13.34 20.62
C ASP S 133 -41.51 -13.11 19.27
N ILE S 134 -40.75 -13.28 18.18
CA ILE S 134 -41.32 -13.13 16.85
C ILE S 134 -42.41 -14.18 16.62
N GLU S 135 -42.17 -15.40 17.10
CA GLU S 135 -43.17 -16.46 16.99
C GLU S 135 -44.47 -16.05 17.66
N ILE S 136 -44.38 -15.40 18.82
CA ILE S 136 -45.58 -14.95 19.54
C ILE S 136 -46.35 -13.95 18.69
N HIS S 137 -45.65 -12.92 18.20
CA HIS S 137 -46.33 -11.91 17.38
C HIS S 137 -46.77 -12.49 16.04
N ALA S 138 -46.00 -13.43 15.49
CA ALA S 138 -46.39 -14.08 14.24
C ALA S 138 -47.69 -14.84 14.42
N ARG S 139 -47.82 -15.56 15.53
CA ARG S 139 -49.04 -16.31 15.82
C ARG S 139 -50.17 -15.38 16.21
N GLU S 140 -49.86 -14.30 16.93
CA GLU S 140 -50.89 -13.36 17.37
C GLU S 140 -51.57 -12.71 16.17
N ILE S 141 -50.79 -12.13 15.25
CA ILE S 141 -51.39 -11.49 14.09
C ILE S 141 -52.10 -12.51 13.22
N LEU S 142 -51.59 -13.75 13.19
CA LEU S 142 -52.25 -14.79 12.39
C LEU S 142 -53.67 -15.03 12.89
N LYS S 143 -53.87 -15.05 14.20
CA LYS S 143 -55.20 -15.25 14.75
C LYS S 143 -56.12 -14.10 14.37
N VAL S 144 -55.59 -12.87 14.37
CA VAL S 144 -56.39 -11.71 14.00
C VAL S 144 -56.91 -11.85 12.57
N LYS S 145 -56.04 -12.32 11.67
CA LYS S 145 -56.44 -12.54 10.28
C LYS S 145 -57.64 -13.47 10.19
N GLY S 146 -57.56 -14.63 10.83
CA GLY S 146 -58.67 -15.56 10.80
C GLY S 146 -59.88 -15.04 11.55
N ARG S 147 -59.66 -14.44 12.72
CA ARG S 147 -60.77 -13.92 13.52
C ARG S 147 -61.49 -12.80 12.77
N MET S 148 -60.73 -11.87 12.18
CA MET S 148 -61.37 -10.78 11.45
C MET S 148 -62.12 -11.29 10.23
N ASN S 149 -61.56 -12.28 9.52
CA ASN S 149 -62.23 -12.83 8.36
C ASN S 149 -63.57 -13.45 8.73
N GLU S 150 -63.65 -14.09 9.91
CA GLU S 150 -64.89 -14.69 10.37
C GLU S 150 -65.99 -13.63 10.48
N LEU S 151 -65.67 -12.47 11.07
CA LEU S 151 -66.66 -11.41 11.22
C LEU S 151 -67.10 -10.88 9.86
N MET S 152 -66.16 -10.72 8.93
CA MET S 152 -66.51 -10.25 7.59
C MET S 152 -67.44 -11.23 6.90
N ALA S 153 -67.12 -12.53 6.98
CA ALA S 153 -67.96 -13.54 6.37
C ALA S 153 -69.34 -13.57 7.00
N LEU S 154 -69.40 -13.48 8.33
CA LEU S 154 -70.69 -13.51 9.03
C LEU S 154 -71.58 -12.34 8.62
N HIS S 155 -71.01 -11.13 8.59
CA HIS S 155 -71.80 -9.95 8.23
C HIS S 155 -72.07 -9.89 6.73
N THR S 156 -71.09 -10.25 5.90
CA THR S 156 -71.25 -10.22 4.46
C THR S 156 -71.94 -11.45 3.89
N GLY S 157 -72.14 -12.49 4.70
CA GLY S 157 -72.78 -13.70 4.21
C GLY S 157 -71.99 -14.37 3.10
N GLN S 158 -70.66 -14.31 3.17
CA GLN S 158 -69.76 -14.89 2.19
C GLN S 158 -68.98 -16.04 2.81
N SER S 159 -68.60 -17.00 1.98
CA SER S 159 -67.85 -18.14 2.46
C SER S 159 -66.51 -17.69 3.03
N LEU S 160 -66.07 -18.34 4.11
CA LEU S 160 -64.81 -18.01 4.75
C LEU S 160 -63.63 -18.14 3.79
N GLU S 161 -63.68 -19.12 2.88
CA GLU S 161 -62.59 -19.32 1.93
C GLU S 161 -62.44 -18.10 1.02
N GLN S 162 -63.56 -17.57 0.53
CA GLN S 162 -63.49 -16.40 -0.35
C GLN S 162 -62.89 -15.20 0.37
N ILE S 163 -63.27 -14.98 1.62
CA ILE S 163 -62.76 -13.85 2.38
C ILE S 163 -61.25 -14.01 2.60
N GLU S 164 -60.81 -15.19 3.06
CA GLU S 164 -59.40 -15.41 3.31
C GLU S 164 -58.58 -15.32 2.02
N ARG S 165 -59.07 -15.93 0.95
CA ARG S 165 -58.35 -15.91 -0.33
C ARG S 165 -58.26 -14.49 -0.89
N ASP S 166 -59.36 -13.75 -0.85
CA ASP S 166 -59.38 -12.40 -1.42
C ASP S 166 -58.70 -11.36 -0.55
N THR S 167 -58.49 -11.63 0.73
CA THR S 167 -57.85 -10.66 1.63
C THR S 167 -56.34 -10.83 1.73
N GLU S 168 -55.77 -11.83 1.05
CA GLU S 168 -54.32 -12.01 1.11
C GLU S 168 -53.60 -10.79 0.56
N ARG S 169 -54.16 -10.18 -0.48
CA ARG S 169 -53.61 -8.98 -1.12
C ARG S 169 -54.72 -7.95 -1.23
N ASP S 170 -54.32 -6.70 -1.45
CA ASP S 170 -55.29 -5.62 -1.60
C ASP S 170 -56.26 -5.93 -2.72
N ARG S 171 -57.55 -5.71 -2.47
CA ARG S 171 -58.60 -5.94 -3.45
C ARG S 171 -59.53 -4.73 -3.43
N PHE S 172 -59.54 -3.96 -4.52
CA PHE S 172 -60.39 -2.78 -4.62
C PHE S 172 -61.74 -3.17 -5.19
N LEU S 173 -62.81 -2.66 -4.58
CA LEU S 173 -64.18 -2.93 -5.01
C LEU S 173 -64.93 -1.62 -5.11
N SER S 174 -65.64 -1.44 -6.22
CA SER S 174 -66.43 -0.22 -6.44
C SER S 174 -67.76 -0.35 -5.70
N ALA S 175 -68.56 0.72 -5.77
CA ALA S 175 -69.85 0.73 -5.09
C ALA S 175 -70.78 -0.39 -5.53
N PRO S 176 -71.04 -0.62 -6.83
CA PRO S 176 -71.91 -1.74 -7.21
C PRO S 176 -71.36 -3.09 -6.81
N GLU S 177 -70.04 -3.25 -6.86
CA GLU S 177 -69.43 -4.53 -6.50
C GLU S 177 -69.57 -4.81 -5.00
N ALA S 178 -69.47 -3.76 -4.18
CA ALA S 178 -69.61 -3.95 -2.74
C ALA S 178 -71.02 -4.45 -2.38
N VAL S 179 -72.03 -4.01 -3.13
CA VAL S 179 -73.40 -4.47 -2.88
C VAL S 179 -73.48 -5.97 -3.10
N GLU S 180 -72.94 -6.45 -4.22
CA GLU S 180 -72.96 -7.88 -4.53
C GLU S 180 -72.07 -8.68 -3.60
N TYR S 181 -71.06 -8.05 -2.98
CA TYR S 181 -70.15 -8.76 -2.09
C TYR S 181 -70.65 -8.85 -0.66
N GLY S 182 -71.73 -8.16 -0.31
CA GLY S 182 -72.29 -8.20 1.01
C GLY S 182 -71.74 -7.18 1.99
N LEU S 183 -70.75 -6.37 1.59
CA LEU S 183 -70.21 -5.36 2.49
C LEU S 183 -71.26 -4.31 2.81
N VAL S 184 -72.07 -3.93 1.82
CA VAL S 184 -73.11 -2.94 1.94
C VAL S 184 -74.42 -3.55 1.44
N ASP S 185 -75.50 -2.77 1.53
CA ASP S 185 -76.83 -3.18 1.12
C ASP S 185 -77.22 -2.58 -0.23
N SER S 186 -77.12 -1.26 -0.38
CA SER S 186 -77.48 -0.62 -1.63
C SER S 186 -76.83 0.76 -1.70
N ILE S 187 -76.75 1.28 -2.92
CA ILE S 187 -76.14 2.57 -3.16
C ILE S 187 -77.13 3.67 -2.79
N LEU S 188 -76.60 4.88 -2.54
CA LEU S 188 -77.40 6.05 -2.17
C LEU S 188 -77.41 7.01 -3.35
N THR S 189 -78.55 7.09 -4.04
CA THR S 189 -78.72 7.99 -5.15
C THR S 189 -79.28 9.31 -4.61
N HIS S 190 -79.69 10.20 -5.50
CA HIS S 190 -80.28 11.47 -5.09
C HIS S 190 -81.47 11.22 -4.15
N ARG S 191 -81.59 12.06 -3.12
CA ARG S 191 -82.67 11.90 -2.16
C ARG S 191 -84.03 11.95 -2.84
N ASN S 192 -84.90 11.02 -2.45
CA ASN S 192 -86.25 10.92 -3.01
C ASN S 192 -86.21 10.72 -4.52
N LEU T 1 -61.60 20.78 16.50
CA LEU T 1 -61.63 20.92 17.95
C LEU T 1 -62.56 19.90 18.58
N VAL T 2 -62.41 19.70 19.88
CA VAL T 2 -63.25 18.74 20.61
C VAL T 2 -64.71 19.18 20.51
N PRO T 3 -65.67 18.30 20.23
CA PRO T 3 -67.05 18.75 20.12
C PRO T 3 -67.68 19.03 21.48
N MET T 4 -68.53 20.05 21.50
CA MET T 4 -69.25 20.49 22.68
C MET T 4 -70.65 19.87 22.67
N VAL T 5 -70.95 19.04 23.67
CA VAL T 5 -72.24 18.38 23.77
C VAL T 5 -73.12 19.19 24.71
N ILE T 6 -74.41 19.21 24.40
CA ILE T 6 -75.38 20.01 25.14
C ILE T 6 -76.10 19.17 26.19
N GLU T 7 -76.11 19.67 27.42
CA GLU T 7 -76.81 19.06 28.56
C GLU T 7 -77.94 20.02 28.91
N GLN T 8 -79.16 19.65 28.55
CA GLN T 8 -80.32 20.52 28.79
C GLN T 8 -80.85 20.28 30.20
N THR T 9 -80.32 21.07 31.13
CA THR T 9 -80.69 21.02 32.53
C THR T 9 -81.86 21.96 32.80
N SER T 10 -82.37 21.92 34.03
CA SER T 10 -83.47 22.79 34.43
C SER T 10 -83.10 24.26 34.26
N ARG T 11 -81.93 24.66 34.76
CA ARG T 11 -81.49 26.04 34.67
C ARG T 11 -81.40 26.50 33.22
N GLY T 12 -80.82 25.69 32.34
CA GLY T 12 -80.70 26.08 30.95
C GLY T 12 -79.75 25.17 30.18
N GLU T 13 -79.11 25.77 29.18
CA GLU T 13 -78.16 25.07 28.31
C GLU T 13 -76.73 25.31 28.80
N ARG T 14 -76.03 24.22 29.07
CA ARG T 14 -74.64 24.24 29.54
C ARG T 14 -73.84 23.37 28.58
N SER T 15 -72.99 24.00 27.78
CA SER T 15 -72.19 23.30 26.78
C SER T 15 -70.93 22.72 27.41
N PHE T 16 -70.78 21.41 27.33
CA PHE T 16 -69.63 20.69 27.87
C PHE T 16 -68.89 19.92 26.79
N ASP T 17 -67.57 19.86 26.94
CA ASP T 17 -66.77 19.06 26.02
C ASP T 17 -67.13 17.59 26.21
N ILE T 18 -67.09 16.85 25.09
CA ILE T 18 -67.43 15.42 25.07
C ILE T 18 -66.77 14.66 26.21
N TYR T 19 -65.50 14.96 26.51
CA TYR T 19 -64.80 14.27 27.58
C TYR T 19 -65.40 14.60 28.94
N SER T 20 -65.58 15.90 29.23
CA SER T 20 -66.14 16.31 30.52
C SER T 20 -67.55 15.79 30.73
N ARG T 21 -68.35 15.69 29.66
CA ARG T 21 -69.73 15.22 29.80
C ARG T 21 -69.76 13.81 30.39
N LEU T 22 -68.90 12.92 29.89
CA LEU T 22 -68.89 11.56 30.42
C LEU T 22 -68.33 11.50 31.83
N LEU T 23 -67.56 12.52 32.26
CA LEU T 23 -67.05 12.53 33.62
C LEU T 23 -68.18 12.59 34.64
N LYS T 24 -69.28 13.27 34.30
CA LYS T 24 -70.41 13.36 35.22
C LYS T 24 -71.08 12.00 35.41
N GLU T 25 -70.94 11.12 34.42
CA GLU T 25 -71.48 9.77 34.48
C GLU T 25 -70.54 8.79 35.19
N ARG T 26 -69.49 9.30 35.85
CA ARG T 26 -68.50 8.46 36.52
C ARG T 26 -67.79 7.56 35.52
N VAL T 27 -67.55 8.09 34.32
CA VAL T 27 -66.86 7.39 33.24
C VAL T 27 -65.56 8.13 32.99
N ILE T 28 -64.44 7.42 33.09
CA ILE T 28 -63.11 7.99 32.88
C ILE T 28 -62.45 7.27 31.71
N PHE T 29 -61.81 8.04 30.84
CA PHE T 29 -61.12 7.54 29.66
C PHE T 29 -59.62 7.57 29.88
N LEU T 30 -58.97 6.43 29.62
CA LEU T 30 -57.52 6.28 29.72
C LEU T 30 -57.02 5.97 28.32
N THR T 31 -56.27 6.91 27.73
CA THR T 31 -55.78 6.76 26.37
C THR T 31 -54.36 7.29 26.25
N GLY T 32 -53.65 6.81 25.24
CA GLY T 32 -52.29 7.22 24.98
C GLY T 32 -51.28 6.58 25.91
N GLN T 33 -50.02 6.93 25.69
CA GLN T 33 -48.93 6.40 26.50
C GLN T 33 -49.12 6.84 27.94
N VAL T 34 -48.82 5.94 28.88
CA VAL T 34 -48.97 6.26 30.29
C VAL T 34 -47.77 7.13 30.68
N GLU T 35 -48.06 8.31 31.23
CA GLU T 35 -47.05 9.26 31.65
C GLU T 35 -47.52 9.95 32.92
N ASP T 36 -46.62 10.72 33.52
CA ASP T 36 -46.95 11.44 34.75
C ASP T 36 -48.04 12.49 34.51
N HIS T 37 -48.05 13.11 33.33
CA HIS T 37 -49.03 14.16 33.04
C HIS T 37 -50.43 13.59 32.97
N MET T 38 -50.65 12.57 32.11
CA MET T 38 -51.98 12.00 32.00
C MET T 38 -52.37 11.23 33.26
N ALA T 39 -51.40 10.65 33.97
CA ALA T 39 -51.70 9.91 35.19
C ALA T 39 -52.32 10.82 36.24
N ASN T 40 -51.75 12.01 36.42
CA ASN T 40 -52.29 12.96 37.40
C ASN T 40 -53.69 13.42 37.01
N LEU T 41 -53.92 13.60 35.71
CA LEU T 41 -55.24 14.04 35.25
C LEU T 41 -56.31 13.02 35.62
N ILE T 42 -56.04 11.73 35.37
CA ILE T 42 -57.00 10.68 35.72
C ILE T 42 -57.22 10.65 37.23
N VAL T 43 -56.14 10.80 38.00
CA VAL T 43 -56.25 10.80 39.46
C VAL T 43 -57.20 11.89 39.92
N ALA T 44 -57.08 13.09 39.36
CA ALA T 44 -57.97 14.19 39.74
C ALA T 44 -59.42 13.84 39.42
N GLN T 45 -59.66 13.17 38.29
CA GLN T 45 -61.01 12.78 37.93
C GLN T 45 -61.59 11.81 38.96
N MET T 46 -60.81 10.79 39.33
CA MET T 46 -61.27 9.82 40.31
C MET T 46 -61.47 10.47 41.68
N LEU T 47 -60.50 11.26 42.11
CA LEU T 47 -60.60 11.91 43.42
C LEU T 47 -61.75 12.92 43.45
N PHE T 48 -61.97 13.62 42.34
CA PHE T 48 -63.06 14.60 42.29
C PHE T 48 -64.41 13.90 42.45
N LEU T 49 -64.62 12.81 41.71
CA LEU T 49 -65.88 12.07 41.81
C LEU T 49 -66.08 11.46 43.20
N GLU T 50 -65.00 11.22 43.94
CA GLU T 50 -65.14 10.64 45.28
C GLU T 50 -65.99 11.51 46.19
N ALA T 51 -65.83 12.83 46.09
CA ALA T 51 -66.63 13.73 46.92
C ALA T 51 -68.08 13.76 46.49
N GLU T 52 -68.32 13.68 45.17
CA GLU T 52 -69.70 13.71 44.67
C GLU T 52 -70.50 12.53 45.18
N ASN T 53 -69.96 11.31 45.06
CA ASN T 53 -70.62 10.10 45.51
C ASN T 53 -69.56 9.09 45.93
N PRO T 54 -69.33 8.91 47.24
CA PRO T 54 -68.33 7.91 47.66
C PRO T 54 -68.81 6.47 47.55
N GLU T 55 -70.01 6.22 47.04
CA GLU T 55 -70.58 4.89 46.90
C GLU T 55 -70.73 4.44 45.45
N LYS T 56 -71.18 5.32 44.57
CA LYS T 56 -71.38 4.96 43.17
C LYS T 56 -70.07 4.56 42.50
N ASP T 57 -70.15 3.54 41.65
CA ASP T 57 -68.98 3.03 40.96
C ASP T 57 -68.55 3.95 39.84
N ILE T 58 -67.26 3.94 39.54
CA ILE T 58 -66.65 4.77 38.50
C ILE T 58 -66.13 3.86 37.41
N TYR T 59 -66.66 4.02 36.20
CA TYR T 59 -66.25 3.22 35.06
C TYR T 59 -64.95 3.78 34.48
N LEU T 60 -63.97 2.91 34.30
CA LEU T 60 -62.68 3.29 33.75
C LEU T 60 -62.38 2.47 32.51
N TYR T 61 -62.19 3.13 31.38
CA TYR T 61 -61.87 2.49 30.12
C TYR T 61 -60.35 2.56 29.93
N ILE T 62 -59.77 1.44 29.49
CA ILE T 62 -58.32 1.34 29.31
C ILE T 62 -58.05 0.94 27.86
N ASN T 63 -57.60 1.91 27.05
CA ASN T 63 -57.22 1.67 25.67
C ASN T 63 -55.88 2.39 25.50
N SER T 64 -54.79 1.68 25.77
CA SER T 64 -53.45 2.25 25.66
C SER T 64 -52.47 1.16 25.27
N PRO T 65 -51.40 1.48 24.55
CA PRO T 65 -50.40 0.46 24.19
C PRO T 65 -49.32 0.25 25.23
N GLY T 66 -49.50 0.77 26.44
CA GLY T 66 -48.54 0.67 27.53
C GLY T 66 -47.89 2.02 27.81
N GLY T 67 -46.90 1.99 28.69
CA GLY T 67 -46.21 3.20 29.07
C GLY T 67 -45.36 2.99 30.31
N VAL T 68 -45.02 4.11 30.95
CA VAL T 68 -44.22 4.07 32.16
C VAL T 68 -44.90 3.20 33.21
N ILE T 69 -44.09 2.53 34.03
CA ILE T 69 -44.61 1.63 35.06
C ILE T 69 -44.96 2.41 36.32
N THR T 70 -44.13 3.38 36.71
CA THR T 70 -44.41 4.15 37.91
C THR T 70 -45.70 4.94 37.78
N ALA T 71 -45.95 5.53 36.59
CA ALA T 71 -47.18 6.27 36.37
C ALA T 71 -48.41 5.38 36.54
N GLY T 72 -48.29 4.10 36.15
CA GLY T 72 -49.41 3.19 36.32
C GLY T 72 -49.76 2.95 37.77
N MET T 73 -48.75 2.86 38.63
CA MET T 73 -48.96 2.63 40.06
C MET T 73 -49.84 3.73 40.66
N SER T 74 -49.68 4.97 40.18
CA SER T 74 -50.49 6.07 40.71
C SER T 74 -51.97 5.85 40.45
N ILE T 75 -52.31 5.22 39.33
CA ILE T 75 -53.71 4.97 39.00
C ILE T 75 -54.23 3.74 39.72
N TYR T 76 -53.46 2.66 39.72
CA TYR T 76 -53.89 1.42 40.37
C TYR T 76 -54.16 1.64 41.85
N ASP T 77 -53.21 2.27 42.56
CA ASP T 77 -53.40 2.52 43.99
C ASP T 77 -54.64 3.36 44.25
N THR T 78 -54.92 4.32 43.37
CA THR T 78 -56.11 5.16 43.55
C THR T 78 -57.38 4.33 43.45
N MET T 79 -57.41 3.36 42.55
CA MET T 79 -58.60 2.52 42.39
C MET T 79 -58.88 1.71 43.65
N GLN T 80 -57.84 1.13 44.24
CA GLN T 80 -58.00 0.34 45.46
C GLN T 80 -58.17 1.20 46.70
N PHE T 81 -57.53 2.37 46.73
CA PHE T 81 -57.60 3.23 47.91
C PHE T 81 -59.01 3.75 48.16
N ILE T 82 -59.66 4.29 47.13
CA ILE T 82 -61.00 4.83 47.32
C ILE T 82 -61.99 3.70 47.60
N LYS T 83 -63.11 4.08 48.22
CA LYS T 83 -64.18 3.15 48.57
C LYS T 83 -64.99 2.65 47.36
N PRO T 84 -65.33 3.49 46.37
CA PRO T 84 -66.09 3.00 45.22
C PRO T 84 -65.40 1.86 44.49
N ASP T 85 -66.21 0.88 44.09
CA ASP T 85 -65.72 -0.29 43.36
C ASP T 85 -65.73 0.09 41.88
N VAL T 86 -64.58 0.52 41.38
CA VAL T 86 -64.45 0.99 40.01
C VAL T 86 -64.41 -0.19 39.04
N SER T 87 -65.19 -0.07 37.96
CA SER T 87 -65.26 -1.10 36.93
C SER T 87 -64.22 -0.79 35.84
N THR T 88 -63.53 -1.84 35.39
CA THR T 88 -62.49 -1.71 34.37
C THR T 88 -62.88 -2.50 33.13
N ILE T 89 -62.82 -1.83 31.97
CA ILE T 89 -63.15 -2.43 30.68
C ILE T 89 -62.07 -2.02 29.69
N CYS T 90 -61.48 -3.00 29.01
CA CYS T 90 -60.44 -2.75 28.02
C CYS T 90 -61.06 -2.57 26.65
N MET T 91 -60.64 -1.53 25.94
CA MET T 91 -61.14 -1.19 24.62
C MET T 91 -60.02 -1.30 23.60
N GLY T 92 -60.25 -2.09 22.55
CA GLY T 92 -59.27 -2.28 21.50
C GLY T 92 -58.13 -3.21 21.86
N GLN T 93 -57.33 -2.84 22.86
CA GLN T 93 -56.22 -3.68 23.26
C GLN T 93 -55.71 -3.22 24.62
N ALA T 94 -55.04 -4.14 25.31
CA ALA T 94 -54.48 -3.91 26.63
C ALA T 94 -53.02 -4.33 26.64
N ALA T 95 -52.18 -3.50 27.26
CA ALA T 95 -50.75 -3.72 27.39
C ALA T 95 -50.43 -4.07 28.84
N SER T 96 -49.13 -4.24 29.12
CA SER T 96 -48.64 -4.57 30.46
C SER T 96 -49.33 -3.74 31.55
N MET T 97 -49.25 -2.41 31.42
CA MET T 97 -49.93 -1.55 32.39
C MET T 97 -51.44 -1.65 32.24
N GLY T 98 -51.91 -1.78 31.01
CA GLY T 98 -53.36 -1.89 30.79
C GLY T 98 -53.93 -3.14 31.42
N ALA T 99 -53.26 -4.28 31.25
CA ALA T 99 -53.74 -5.53 31.83
C ALA T 99 -53.69 -5.48 33.35
N PHE T 100 -52.61 -4.91 33.90
CA PHE T 100 -52.50 -4.81 35.35
C PHE T 100 -53.62 -3.93 35.91
N LEU T 101 -53.96 -2.86 35.20
CA LEU T 101 -55.06 -2.00 35.63
C LEU T 101 -56.41 -2.59 35.29
N LEU T 102 -56.47 -3.54 34.34
CA LEU T 102 -57.73 -4.17 33.98
C LEU T 102 -58.09 -5.27 34.97
N THR T 103 -57.10 -6.06 35.40
CA THR T 103 -57.35 -7.12 36.36
C THR T 103 -57.50 -6.59 37.78
N ALA T 104 -57.03 -5.37 38.04
CA ALA T 104 -57.16 -4.75 39.35
C ALA T 104 -58.54 -4.17 39.58
N GLY T 105 -59.39 -4.16 38.56
CA GLY T 105 -60.74 -3.63 38.70
C GLY T 105 -61.54 -4.37 39.76
N ALA T 106 -62.69 -3.78 40.07
CA ALA T 106 -63.58 -4.35 41.08
C ALA T 106 -64.05 -5.74 40.69
N LYS T 107 -63.98 -6.67 41.65
CA LYS T 107 -64.41 -8.04 41.41
C LYS T 107 -65.88 -8.04 40.97
N GLY T 108 -66.16 -8.76 39.89
CA GLY T 108 -67.50 -8.80 39.34
C GLY T 108 -67.82 -7.68 38.39
N LYS T 109 -66.88 -6.74 38.17
CA LYS T 109 -67.07 -5.61 37.28
C LYS T 109 -65.97 -5.52 36.23
N ARG T 110 -65.22 -6.59 36.00
CA ARG T 110 -64.13 -6.62 35.02
C ARG T 110 -64.65 -7.33 33.77
N PHE T 111 -64.78 -6.58 32.68
CA PHE T 111 -65.28 -7.10 31.41
C PHE T 111 -64.35 -6.71 30.28
N CYS T 112 -64.68 -7.18 29.07
CA CYS T 112 -63.89 -6.92 27.88
C CYS T 112 -64.80 -7.04 26.67
N LEU T 113 -64.34 -6.45 25.57
CA LEU T 113 -65.10 -6.50 24.34
C LEU T 113 -64.84 -7.82 23.60
N PRO T 114 -65.74 -8.23 22.71
CA PRO T 114 -65.51 -9.49 21.99
C PRO T 114 -64.21 -9.51 21.20
N ASN T 115 -63.85 -8.39 20.60
CA ASN T 115 -62.63 -8.25 19.80
C ASN T 115 -61.64 -7.37 20.56
N SER T 116 -60.75 -8.01 21.31
CA SER T 116 -59.74 -7.29 22.08
C SER T 116 -58.58 -8.23 22.33
N ARG T 117 -57.43 -7.63 22.62
CA ARG T 117 -56.19 -8.36 22.88
C ARG T 117 -55.55 -7.83 24.16
N VAL T 118 -54.97 -8.74 24.93
CA VAL T 118 -54.31 -8.41 26.19
C VAL T 118 -52.89 -8.94 26.11
N MET T 119 -51.92 -8.05 26.32
CA MET T 119 -50.50 -8.39 26.28
C MET T 119 -49.87 -8.07 27.63
N ILE T 120 -49.13 -9.02 28.17
CA ILE T 120 -48.47 -8.87 29.47
C ILE T 120 -47.00 -9.24 29.32
N HIS T 121 -46.12 -8.32 29.73
CA HIS T 121 -44.69 -8.54 29.69
C HIS T 121 -44.09 -8.06 31.00
N GLN T 122 -42.84 -8.48 31.25
CA GLN T 122 -42.14 -8.06 32.45
C GLN T 122 -41.69 -6.61 32.31
N PRO T 123 -41.45 -5.91 33.42
CA PRO T 123 -41.05 -4.49 33.32
C PRO T 123 -39.76 -4.30 32.55
N LEU T 124 -39.69 -3.17 31.85
CA LEU T 124 -38.56 -2.78 31.02
C LEU T 124 -37.86 -1.58 31.63
N GLY T 125 -36.58 -1.44 31.31
CA GLY T 125 -35.80 -0.33 31.85
C GLY T 125 -34.37 -0.44 31.39
N GLY T 126 -33.53 0.42 31.98
CA GLY T 126 -32.13 0.45 31.66
C GLY T 126 -31.40 1.59 32.33
N TYR T 127 -30.08 1.52 32.39
CA TYR T 127 -29.27 2.53 33.02
C TYR T 127 -27.93 2.60 32.31
N GLN T 128 -27.29 3.77 32.41
CA GLN T 128 -25.98 4.02 31.80
C GLN T 128 -25.12 4.69 32.86
N GLY T 129 -24.04 4.01 33.25
CA GLY T 129 -23.15 4.55 34.26
C GLY T 129 -22.21 3.48 34.76
N GLN T 130 -21.70 3.68 35.97
CA GLN T 130 -20.78 2.75 36.57
C GLN T 130 -21.49 1.42 36.90
N ALA T 131 -20.68 0.37 37.08
CA ALA T 131 -21.24 -0.94 37.39
C ALA T 131 -21.97 -0.93 38.72
N THR T 132 -21.41 -0.26 39.73
CA THR T 132 -22.05 -0.18 41.04
C THR T 132 -23.45 0.39 40.95
N ASP T 133 -23.64 1.45 40.16
CA ASP T 133 -24.97 2.04 40.02
C ASP T 133 -25.90 1.13 39.23
N ILE T 134 -25.37 0.39 38.25
CA ILE T 134 -26.21 -0.52 37.47
C ILE T 134 -26.79 -1.60 38.37
N GLU T 135 -26.00 -2.07 39.34
CA GLU T 135 -26.48 -3.09 40.28
C GLU T 135 -27.71 -2.60 41.04
N ILE T 136 -27.69 -1.33 41.46
CA ILE T 136 -28.81 -0.76 42.20
C ILE T 136 -30.07 -0.79 41.35
N HIS T 137 -29.97 -0.28 40.11
CA HIS T 137 -31.13 -0.28 39.23
C HIS T 137 -31.57 -1.69 38.87
N ALA T 138 -30.62 -2.63 38.79
CA ALA T 138 -30.97 -4.01 38.48
C ALA T 138 -31.83 -4.62 39.59
N ARG T 139 -31.45 -4.37 40.84
CA ARG T 139 -32.24 -4.88 41.96
C ARG T 139 -33.60 -4.22 42.04
N GLU T 140 -33.64 -2.90 41.79
CA GLU T 140 -34.90 -2.15 41.84
C GLU T 140 -35.92 -2.73 40.87
N ILE T 141 -35.56 -2.81 39.58
CA ILE T 141 -36.49 -3.34 38.59
C ILE T 141 -36.79 -4.81 38.86
N LEU T 142 -35.82 -5.54 39.42
CA LEU T 142 -36.05 -6.95 39.74
C LEU T 142 -37.18 -7.09 40.75
N LYS T 143 -37.19 -6.24 41.78
CA LYS T 143 -38.24 -6.28 42.79
C LYS T 143 -39.60 -5.93 42.17
N VAL T 144 -39.62 -4.96 41.26
CA VAL T 144 -40.87 -4.56 40.61
C VAL T 144 -41.46 -5.73 39.84
N LYS T 145 -40.62 -6.49 39.13
CA LYS T 145 -41.11 -7.64 38.38
C LYS T 145 -41.73 -8.66 39.34
N GLY T 146 -41.06 -8.94 40.45
CA GLY T 146 -41.62 -9.87 41.42
C GLY T 146 -42.85 -9.31 42.09
N ARG T 147 -42.86 -8.01 42.38
CA ARG T 147 -44.01 -7.38 43.00
C ARG T 147 -45.24 -7.47 42.11
N MET T 148 -45.07 -7.25 40.80
CA MET T 148 -46.19 -7.33 39.88
C MET T 148 -46.79 -8.72 39.84
N ASN T 149 -45.93 -9.75 39.87
CA ASN T 149 -46.42 -11.13 39.86
C ASN T 149 -47.34 -11.39 41.05
N GLU T 150 -46.96 -10.88 42.23
CA GLU T 150 -47.80 -11.05 43.42
C GLU T 150 -49.16 -10.40 43.23
N LEU T 151 -49.17 -9.16 42.73
CA LEU T 151 -50.43 -8.45 42.51
C LEU T 151 -51.25 -9.11 41.41
N MET T 152 -50.61 -9.47 40.30
CA MET T 152 -51.34 -10.10 39.20
C MET T 152 -51.89 -11.46 39.62
N ALA T 153 -51.09 -12.24 40.37
CA ALA T 153 -51.54 -13.55 40.81
C ALA T 153 -52.71 -13.44 41.79
N LEU T 154 -52.79 -12.34 42.54
CA LEU T 154 -53.87 -12.18 43.50
C LEU T 154 -55.21 -11.97 42.80
N HIS T 155 -55.26 -11.06 41.83
CA HIS T 155 -56.51 -10.79 41.13
C HIS T 155 -56.88 -11.91 40.18
N THR T 156 -55.92 -12.41 39.41
CA THR T 156 -56.21 -13.47 38.46
C THR T 156 -56.38 -14.83 39.14
N GLY T 157 -55.79 -15.02 40.31
CA GLY T 157 -55.88 -16.29 41.01
C GLY T 157 -54.90 -17.34 40.54
N GLN T 158 -54.10 -17.04 39.51
CA GLN T 158 -53.11 -17.99 39.01
C GLN T 158 -51.93 -18.08 39.95
N SER T 159 -51.25 -19.22 39.90
CA SER T 159 -50.09 -19.43 40.75
C SER T 159 -48.99 -18.45 40.41
N LEU T 160 -48.17 -18.12 41.41
CA LEU T 160 -47.08 -17.16 41.20
C LEU T 160 -46.09 -17.67 40.16
N GLU T 161 -45.75 -18.95 40.21
CA GLU T 161 -44.82 -19.50 39.23
C GLU T 161 -45.41 -19.42 37.82
N GLN T 162 -46.71 -19.72 37.68
CA GLN T 162 -47.35 -19.63 36.38
C GLN T 162 -47.30 -18.20 35.85
N ILE T 163 -47.57 -17.22 36.71
CA ILE T 163 -47.51 -15.82 36.30
C ILE T 163 -46.09 -15.44 35.89
N GLU T 164 -45.09 -15.93 36.64
CA GLU T 164 -43.70 -15.63 36.31
C GLU T 164 -43.33 -16.16 34.93
N ARG T 165 -43.73 -17.39 34.62
CA ARG T 165 -43.42 -17.95 33.30
C ARG T 165 -44.11 -17.17 32.20
N ASP T 166 -45.39 -16.82 32.40
CA ASP T 166 -46.12 -16.07 31.39
C ASP T 166 -45.58 -14.65 31.24
N THR T 167 -45.14 -14.03 32.33
CA THR T 167 -44.60 -12.68 32.26
C THR T 167 -43.15 -12.64 31.80
N GLU T 168 -42.47 -13.79 31.73
CA GLU T 168 -41.08 -13.80 31.27
C GLU T 168 -40.99 -13.38 29.81
N ARG T 169 -41.93 -13.86 28.98
CA ARG T 169 -41.98 -13.54 27.57
C ARG T 169 -43.35 -12.96 27.22
N ASP T 170 -43.41 -12.27 26.09
CA ASP T 170 -44.65 -11.68 25.62
C ASP T 170 -45.72 -12.77 25.49
N ARG T 171 -46.91 -12.50 26.05
CA ARG T 171 -48.04 -13.43 25.99
C ARG T 171 -49.27 -12.64 25.56
N PHE T 172 -49.86 -13.04 24.44
CA PHE T 172 -51.07 -12.40 23.93
C PHE T 172 -52.28 -13.27 24.27
N LEU T 173 -53.28 -12.65 24.90
CA LEU T 173 -54.50 -13.33 25.30
C LEU T 173 -55.70 -12.63 24.68
N SER T 174 -56.54 -13.40 24.00
CA SER T 174 -57.74 -12.86 23.38
C SER T 174 -58.83 -12.71 24.43
N ALA T 175 -59.96 -12.12 24.02
CA ALA T 175 -61.08 -11.94 24.95
C ALA T 175 -61.55 -13.25 25.56
N PRO T 176 -61.84 -14.31 24.81
CA PRO T 176 -62.23 -15.57 25.46
C PRO T 176 -61.16 -16.13 26.38
N GLU T 177 -59.89 -16.00 25.99
CA GLU T 177 -58.79 -16.50 26.80
C GLU T 177 -58.61 -15.68 28.07
N ALA T 178 -58.91 -14.39 28.03
CA ALA T 178 -58.77 -13.54 29.20
C ALA T 178 -59.64 -14.02 30.34
N VAL T 179 -60.87 -14.45 30.03
CA VAL T 179 -61.78 -14.95 31.07
C VAL T 179 -61.17 -16.18 31.74
N GLU T 180 -60.63 -17.09 30.94
CA GLU T 180 -60.05 -18.31 31.49
C GLU T 180 -58.82 -18.01 32.34
N TYR T 181 -58.03 -17.00 31.95
CA TYR T 181 -56.83 -16.64 32.70
C TYR T 181 -57.11 -15.83 33.96
N GLY T 182 -58.35 -15.41 34.18
CA GLY T 182 -58.69 -14.64 35.37
C GLY T 182 -58.45 -13.15 35.26
N LEU T 183 -58.09 -12.64 34.08
CA LEU T 183 -57.86 -11.21 33.93
C LEU T 183 -59.17 -10.44 33.86
N VAL T 184 -60.23 -11.10 33.38
CA VAL T 184 -61.55 -10.50 33.26
C VAL T 184 -62.57 -11.52 33.74
N ASP T 185 -63.76 -11.01 34.07
CA ASP T 185 -64.84 -11.84 34.59
C ASP T 185 -65.67 -12.47 33.48
N SER T 186 -66.13 -11.66 32.52
CA SER T 186 -66.95 -12.16 31.43
C SER T 186 -66.77 -11.23 30.23
N ILE T 187 -67.37 -11.61 29.12
CA ILE T 187 -67.29 -10.85 27.87
C ILE T 187 -68.64 -10.20 27.60
N LEU T 188 -68.60 -8.90 27.29
CA LEU T 188 -69.80 -8.13 27.01
C LEU T 188 -70.02 -8.11 25.50
N THR T 189 -71.21 -8.56 25.07
CA THR T 189 -71.58 -8.60 23.66
C THR T 189 -72.71 -7.63 23.36
N HIS T 190 -73.79 -7.67 24.14
CA HIS T 190 -74.91 -6.76 23.98
C HIS T 190 -75.41 -6.38 25.37
N ARG T 191 -75.97 -5.18 25.48
CA ARG T 191 -76.47 -4.70 26.75
C ARG T 191 -77.65 -5.57 27.21
N ASN T 192 -77.62 -5.95 28.48
CA ASN T 192 -78.67 -6.80 29.06
C ASN T 192 -78.79 -8.12 28.31
N LEU U 1 -58.20 20.39 26.12
CA LEU U 1 -58.76 19.05 26.32
C LEU U 1 -59.15 18.79 27.77
N VAL U 2 -58.66 19.63 28.69
CA VAL U 2 -58.98 19.48 30.12
C VAL U 2 -60.49 19.48 30.31
N PRO U 3 -61.07 18.56 31.09
CA PRO U 3 -62.53 18.56 31.26
C PRO U 3 -62.99 19.67 32.19
N MET U 4 -64.13 20.28 31.83
CA MET U 4 -64.74 21.36 32.60
C MET U 4 -65.89 20.77 33.41
N VAL U 5 -65.80 20.89 34.74
CA VAL U 5 -66.80 20.37 35.66
C VAL U 5 -67.55 21.54 36.28
N ILE U 6 -68.79 21.26 36.71
CA ILE U 6 -69.66 22.26 37.30
C ILE U 6 -69.55 22.24 38.81
N GLU U 7 -69.69 23.42 39.42
CA GLU U 7 -69.65 23.62 40.86
C GLU U 7 -70.90 24.43 41.18
N GLN U 8 -72.01 23.74 41.44
CA GLN U 8 -73.28 24.39 41.74
C GLN U 8 -73.13 25.35 42.91
N THR U 9 -73.40 26.63 42.65
CA THR U 9 -73.33 27.66 43.68
C THR U 9 -74.60 28.52 43.66
N SER U 10 -74.60 29.58 44.47
CA SER U 10 -75.75 30.49 44.53
C SER U 10 -76.15 31.02 43.16
N ARG U 11 -75.17 31.41 42.33
CA ARG U 11 -75.50 31.96 41.02
C ARG U 11 -76.06 30.90 40.09
N GLY U 12 -75.57 29.66 40.19
CA GLY U 12 -76.02 28.56 39.37
C GLY U 12 -74.84 27.86 38.71
N GLU U 13 -75.14 27.20 37.59
CA GLU U 13 -74.16 26.48 36.80
C GLU U 13 -72.93 27.34 36.50
N ARG U 14 -71.75 26.82 36.86
CA ARG U 14 -70.49 27.50 36.61
C ARG U 14 -69.44 26.46 36.27
N SER U 15 -69.05 26.38 35.00
CA SER U 15 -68.06 25.40 34.57
C SER U 15 -66.65 25.84 34.96
N PHE U 16 -65.83 24.88 35.39
CA PHE U 16 -64.46 25.14 35.79
C PHE U 16 -63.58 23.95 35.40
N ASP U 17 -62.38 24.26 34.94
CA ASP U 17 -61.41 23.22 34.59
C ASP U 17 -61.12 22.35 35.82
N ILE U 18 -60.95 21.05 35.56
CA ILE U 18 -60.67 20.07 36.62
C ILE U 18 -59.53 20.54 37.53
N TYR U 19 -58.51 21.17 36.97
CA TYR U 19 -57.40 21.65 37.78
C TYR U 19 -57.84 22.76 38.72
N SER U 20 -58.57 23.74 38.19
CA SER U 20 -59.05 24.84 39.03
C SER U 20 -60.02 24.33 40.10
N ARG U 21 -60.78 23.28 39.80
CA ARG U 21 -61.72 22.74 40.78
C ARG U 21 -60.98 22.20 42.00
N LEU U 22 -59.91 21.43 41.77
CA LEU U 22 -59.15 20.90 42.90
C LEU U 22 -58.47 22.01 43.68
N LEU U 23 -58.09 23.10 43.00
CA LEU U 23 -57.50 24.23 43.70
C LEU U 23 -58.46 24.82 44.72
N LYS U 24 -59.77 24.78 44.42
CA LYS U 24 -60.76 25.30 45.35
C LYS U 24 -60.76 24.49 46.64
N GLU U 25 -60.51 23.19 46.55
CA GLU U 25 -60.48 22.30 47.70
C GLU U 25 -59.10 22.25 48.37
N ARG U 26 -58.26 23.26 48.13
CA ARG U 26 -56.93 23.33 48.72
C ARG U 26 -56.07 22.11 48.35
N VAL U 27 -56.08 21.78 47.05
CA VAL U 27 -55.31 20.67 46.50
C VAL U 27 -54.51 21.20 45.32
N ILE U 28 -53.19 20.96 45.36
CA ILE U 28 -52.27 21.40 44.30
C ILE U 28 -51.57 20.18 43.72
N PHE U 29 -51.42 20.16 42.40
CA PHE U 29 -50.76 19.08 41.68
C PHE U 29 -49.36 19.48 41.26
N LEU U 30 -48.42 18.56 41.46
CA LEU U 30 -47.02 18.75 41.08
C LEU U 30 -46.71 17.61 40.11
N THR U 31 -46.76 17.91 38.82
CA THR U 31 -46.56 16.93 37.75
C THR U 31 -45.50 17.41 36.77
N GLY U 32 -44.76 16.45 36.21
CA GLY U 32 -43.74 16.78 35.24
C GLY U 32 -42.44 17.25 35.88
N GLN U 33 -41.49 17.57 35.00
CA GLN U 33 -40.18 18.04 35.45
C GLN U 33 -40.35 19.35 36.22
N VAL U 34 -39.42 19.60 37.13
CA VAL U 34 -39.42 20.83 37.92
C VAL U 34 -38.67 21.91 37.16
N GLU U 35 -39.37 23.00 36.81
CA GLU U 35 -38.76 24.13 36.14
C GLU U 35 -39.29 25.40 36.79
N ASP U 36 -38.82 26.55 36.30
CA ASP U 36 -39.28 27.82 36.85
C ASP U 36 -40.71 28.12 36.43
N HIS U 37 -41.14 27.65 35.26
CA HIS U 37 -42.49 27.91 34.80
C HIS U 37 -43.53 27.24 35.69
N MET U 38 -43.47 25.91 35.81
CA MET U 38 -44.43 25.20 36.65
C MET U 38 -44.31 25.62 38.11
N ALA U 39 -43.09 25.90 38.58
CA ALA U 39 -42.88 26.31 39.96
C ALA U 39 -43.66 27.59 40.26
N ASN U 40 -43.58 28.58 39.37
CA ASN U 40 -44.28 29.84 39.58
C ASN U 40 -45.79 29.66 39.62
N LEU U 41 -46.31 28.62 38.94
CA LEU U 41 -47.75 28.40 38.95
C LEU U 41 -48.22 27.80 40.28
N ILE U 42 -47.49 26.82 40.81
CA ILE U 42 -47.89 26.19 42.07
C ILE U 42 -47.69 27.15 43.25
N VAL U 43 -46.57 27.88 43.27
CA VAL U 43 -46.30 28.79 44.37
C VAL U 43 -47.40 29.87 44.46
N ALA U 44 -47.86 30.36 43.31
CA ALA U 44 -48.93 31.36 43.30
C ALA U 44 -50.19 30.80 43.95
N GLN U 45 -50.50 29.53 43.64
CA GLN U 45 -51.68 28.89 44.21
C GLN U 45 -51.55 28.78 45.73
N MET U 46 -50.38 28.40 46.22
CA MET U 46 -50.17 28.26 47.66
C MET U 46 -50.39 29.59 48.39
N LEU U 47 -49.78 30.66 47.89
CA LEU U 47 -49.94 31.96 48.53
C LEU U 47 -51.38 32.45 48.45
N PHE U 48 -52.05 32.21 47.31
CA PHE U 48 -53.44 32.64 47.16
C PHE U 48 -54.34 31.96 48.18
N LEU U 49 -54.16 30.64 48.36
CA LEU U 49 -54.97 29.90 49.33
C LEU U 49 -54.78 30.42 50.75
N GLU U 50 -53.56 30.87 51.07
CA GLU U 50 -53.29 31.38 52.41
C GLU U 50 -54.15 32.59 52.73
N ALA U 51 -54.33 33.49 51.77
CA ALA U 51 -55.13 34.69 52.00
C ALA U 51 -56.58 34.36 52.34
N GLU U 52 -57.16 33.37 51.66
CA GLU U 52 -58.55 32.99 51.91
C GLU U 52 -58.75 32.53 53.35
N ASN U 53 -58.04 31.48 53.75
CA ASN U 53 -58.14 30.93 55.10
C ASN U 53 -56.81 30.24 55.44
N PRO U 54 -55.88 30.93 56.17
CA PRO U 54 -54.60 30.32 56.50
C PRO U 54 -54.63 29.40 57.73
N GLU U 55 -55.63 28.51 57.76
CA GLU U 55 -55.81 27.55 58.86
C GLU U 55 -56.03 26.12 58.38
N LYS U 56 -56.48 25.92 57.15
CA LYS U 56 -56.73 24.57 56.63
C LYS U 56 -55.46 23.95 56.06
N ASP U 57 -55.48 22.63 55.93
CA ASP U 57 -54.37 21.87 55.39
C ASP U 57 -54.50 21.78 53.87
N ILE U 58 -53.40 22.01 53.16
CA ILE U 58 -53.36 21.95 51.71
C ILE U 58 -52.78 20.59 51.31
N TYR U 59 -53.41 19.95 50.33
CA TYR U 59 -52.95 18.65 49.85
C TYR U 59 -52.06 18.86 48.62
N LEU U 60 -50.89 18.23 48.64
CA LEU U 60 -49.93 18.32 47.54
C LEU U 60 -49.58 16.92 47.07
N TYR U 61 -49.76 16.67 45.78
CA TYR U 61 -49.42 15.39 45.17
C TYR U 61 -48.11 15.58 44.41
N ILE U 62 -47.13 14.72 44.71
CA ILE U 62 -45.81 14.80 44.11
C ILE U 62 -45.59 13.55 43.27
N ASN U 63 -45.71 13.70 41.95
CA ASN U 63 -45.46 12.62 40.99
C ASN U 63 -44.60 13.26 39.91
N SER U 64 -43.29 13.19 40.09
CA SER U 64 -42.34 13.78 39.15
C SER U 64 -41.02 13.03 39.23
N PRO U 65 -40.26 12.96 38.15
CA PRO U 65 -38.95 12.28 38.19
C PRO U 65 -37.78 13.16 38.61
N GLY U 66 -38.05 14.37 39.09
CA GLY U 66 -37.02 15.32 39.49
C GLY U 66 -36.89 16.44 38.47
N GLY U 67 -35.89 17.29 38.71
CA GLY U 67 -35.68 18.42 37.83
C GLY U 67 -34.72 19.43 38.44
N VAL U 68 -34.82 20.67 37.96
CA VAL U 68 -33.95 21.75 38.42
C VAL U 68 -34.03 21.91 39.93
N ILE U 69 -32.86 22.09 40.55
CA ILE U 69 -32.78 22.26 41.99
C ILE U 69 -33.33 23.62 42.42
N THR U 70 -32.97 24.69 41.70
CA THR U 70 -33.40 26.03 42.06
C THR U 70 -34.92 26.15 42.02
N ALA U 71 -35.56 25.62 40.99
CA ALA U 71 -37.02 25.69 40.90
C ALA U 71 -37.69 24.99 42.08
N GLY U 72 -37.06 23.94 42.61
CA GLY U 72 -37.64 23.22 43.73
C GLY U 72 -37.42 23.92 45.06
N MET U 73 -36.34 24.69 45.19
CA MET U 73 -36.08 25.38 46.45
C MET U 73 -37.16 26.43 46.75
N SER U 74 -37.60 27.14 45.71
CA SER U 74 -38.65 28.16 45.90
C SER U 74 -39.92 27.52 46.46
N ILE U 75 -40.23 26.30 46.04
CA ILE U 75 -41.43 25.62 46.52
C ILE U 75 -41.24 25.21 47.98
N TYR U 76 -40.06 24.68 48.31
CA TYR U 76 -39.80 24.25 49.69
C TYR U 76 -39.88 25.43 50.66
N ASP U 77 -39.21 26.53 50.34
CA ASP U 77 -39.22 27.70 51.20
C ASP U 77 -40.65 28.21 51.40
N THR U 78 -41.46 28.18 50.35
CA THR U 78 -42.85 28.64 50.46
C THR U 78 -43.65 27.76 51.42
N MET U 79 -43.41 26.44 51.37
CA MET U 79 -44.12 25.51 52.24
C MET U 79 -43.88 25.85 53.71
N GLN U 80 -42.64 26.10 54.10
CA GLN U 80 -42.31 26.43 55.48
C GLN U 80 -42.58 27.88 55.81
N PHE U 81 -42.60 28.77 54.81
CA PHE U 81 -42.86 30.19 55.07
C PHE U 81 -44.32 30.40 55.46
N ILE U 82 -45.25 29.80 54.71
CA ILE U 82 -46.67 29.97 55.03
C ILE U 82 -47.01 29.16 56.27
N LYS U 83 -48.09 29.59 56.94
CA LYS U 83 -48.55 28.94 58.17
C LYS U 83 -49.29 27.64 57.88
N PRO U 84 -50.17 27.58 56.88
CA PRO U 84 -50.86 26.30 56.59
C PRO U 84 -49.88 25.16 56.33
N ASP U 85 -50.19 24.00 56.91
CA ASP U 85 -49.38 22.82 56.75
C ASP U 85 -49.77 22.11 55.46
N VAL U 86 -48.79 21.83 54.61
CA VAL U 86 -49.01 21.19 53.32
C VAL U 86 -48.65 19.71 53.44
N SER U 87 -49.64 18.85 53.15
CA SER U 87 -49.46 17.41 53.21
C SER U 87 -48.98 16.92 51.84
N THR U 88 -47.93 16.11 51.84
CA THR U 88 -47.32 15.59 50.62
C THR U 88 -47.57 14.10 50.49
N ILE U 89 -47.95 13.67 49.29
CA ILE U 89 -48.24 12.28 48.97
C ILE U 89 -47.53 11.92 47.67
N CYS U 90 -46.73 10.86 47.71
CA CYS U 90 -46.00 10.39 46.53
C CYS U 90 -46.82 9.37 45.77
N MET U 91 -47.11 9.68 44.51
CA MET U 91 -47.86 8.79 43.63
C MET U 91 -46.95 8.35 42.50
N GLY U 92 -46.77 7.04 42.34
CA GLY U 92 -45.95 6.50 41.28
C GLY U 92 -44.45 6.51 41.53
N GLN U 93 -43.85 7.69 41.61
CA GLN U 93 -42.41 7.79 41.80
C GLN U 93 -42.06 9.17 42.36
N ALA U 94 -41.01 9.18 43.18
CA ALA U 94 -40.50 10.40 43.81
C ALA U 94 -38.99 10.41 43.68
N ALA U 95 -38.45 11.54 43.22
CA ALA U 95 -37.02 11.74 43.01
C ALA U 95 -36.48 12.69 44.07
N SER U 96 -35.17 13.00 43.93
CA SER U 96 -34.46 13.91 44.85
C SER U 96 -35.28 15.14 45.21
N MET U 97 -35.73 15.89 44.19
CA MET U 97 -36.52 17.08 44.47
C MET U 97 -37.87 16.71 45.07
N GLY U 98 -38.50 15.65 44.55
CA GLY U 98 -39.78 15.22 45.09
C GLY U 98 -39.68 14.79 46.53
N ALA U 99 -38.67 13.96 46.84
CA ALA U 99 -38.48 13.47 48.20
C ALA U 99 -38.10 14.59 49.15
N PHE U 100 -37.23 15.51 48.71
CA PHE U 100 -36.84 16.62 49.56
C PHE U 100 -38.04 17.50 49.89
N LEU U 101 -38.91 17.72 48.91
CA LEU U 101 -40.11 18.51 49.16
C LEU U 101 -41.15 17.71 49.92
N LEU U 102 -41.22 16.40 49.64
CA LEU U 102 -42.19 15.53 50.31
C LEU U 102 -41.90 15.42 51.80
N THR U 103 -40.64 15.23 52.17
CA THR U 103 -40.28 15.07 53.58
C THR U 103 -40.19 16.40 54.31
N ALA U 104 -40.28 17.52 53.61
CA ALA U 104 -40.24 18.83 54.27
C ALA U 104 -41.60 19.21 54.84
N GLY U 105 -42.65 18.42 54.60
CA GLY U 105 -43.96 18.74 55.11
C GLY U 105 -44.06 18.60 56.61
N ALA U 106 -45.15 19.15 57.14
CA ALA U 106 -45.42 19.10 58.58
C ALA U 106 -45.45 17.66 59.09
N LYS U 107 -44.83 17.45 60.24
CA LYS U 107 -44.79 16.13 60.87
C LYS U 107 -46.19 15.63 61.14
N GLY U 108 -46.43 14.36 60.82
CA GLY U 108 -47.74 13.75 61.00
C GLY U 108 -48.69 13.92 59.84
N LYS U 109 -48.31 14.65 58.79
CA LYS U 109 -49.16 14.88 57.63
C LYS U 109 -48.57 14.30 56.35
N ARG U 110 -47.48 13.53 56.43
CA ARG U 110 -46.86 12.91 55.27
C ARG U 110 -47.45 11.53 55.06
N PHE U 111 -47.86 11.25 53.82
CA PHE U 111 -48.49 9.98 53.46
C PHE U 111 -47.85 9.44 52.19
N CYS U 112 -48.07 8.14 51.95
CA CYS U 112 -47.54 7.47 50.77
C CYS U 112 -48.45 6.32 50.40
N LEU U 113 -48.50 6.03 49.10
CA LEU U 113 -49.31 4.94 48.58
C LEU U 113 -48.59 3.61 48.79
N PRO U 114 -49.33 2.49 48.77
CA PRO U 114 -48.65 1.20 48.99
C PRO U 114 -47.64 0.84 47.91
N ASN U 115 -47.95 1.13 46.64
CA ASN U 115 -47.05 0.86 45.52
C ASN U 115 -46.52 2.19 45.03
N SER U 116 -45.39 2.61 45.63
CA SER U 116 -44.74 3.86 45.29
C SER U 116 -43.25 3.70 45.56
N ARG U 117 -42.43 4.41 44.79
CA ARG U 117 -40.99 4.35 44.90
C ARG U 117 -40.43 5.74 45.18
N VAL U 118 -39.49 5.80 46.11
CA VAL U 118 -38.83 7.04 46.53
C VAL U 118 -37.35 6.88 46.24
N MET U 119 -36.78 7.83 45.49
CA MET U 119 -35.37 7.81 45.12
C MET U 119 -34.72 9.11 45.56
N ILE U 120 -33.59 8.98 46.24
CA ILE U 120 -32.81 10.10 46.75
C ILE U 120 -31.38 9.94 46.27
N HIS U 121 -30.83 10.99 45.67
CA HIS U 121 -29.46 10.99 45.18
C HIS U 121 -28.84 12.35 45.47
N GLN U 122 -27.58 12.51 45.06
CA GLN U 122 -26.85 13.75 45.28
C GLN U 122 -27.09 14.70 44.10
N PRO U 123 -26.82 16.00 44.28
CA PRO U 123 -27.06 16.94 43.18
C PRO U 123 -26.22 16.63 41.95
N LEU U 124 -26.80 16.91 40.79
CA LEU U 124 -26.17 16.68 39.50
C LEU U 124 -25.98 18.02 38.80
N GLY U 125 -24.79 18.23 38.27
CA GLY U 125 -24.48 19.46 37.57
C GLY U 125 -23.34 19.28 36.61
N GLY U 126 -22.58 20.34 36.42
CA GLY U 126 -21.44 20.33 35.50
C GLY U 126 -21.29 21.70 34.88
N TYR U 127 -20.04 22.03 34.53
CA TYR U 127 -19.74 23.32 33.92
C TYR U 127 -18.58 23.13 32.94
N GLN U 128 -18.57 23.97 31.91
CA GLN U 128 -17.55 23.97 30.88
C GLN U 128 -16.92 25.35 30.83
N GLY U 129 -15.60 25.40 30.96
CA GLY U 129 -14.88 26.66 30.96
C GLY U 129 -13.51 26.49 31.58
N GLN U 130 -12.96 27.62 32.03
CA GLN U 130 -11.64 27.61 32.64
C GLN U 130 -11.68 26.88 33.97
N ALA U 131 -10.49 26.50 34.45
CA ALA U 131 -10.39 25.78 35.72
C ALA U 131 -10.84 26.66 36.89
N THR U 132 -10.49 27.95 36.86
CA THR U 132 -10.89 28.86 37.93
C THR U 132 -12.40 28.94 38.04
N ASP U 133 -13.10 29.03 36.90
CA ASP U 133 -14.55 29.12 36.94
C ASP U 133 -15.19 27.79 37.33
N ILE U 134 -14.57 26.68 36.94
CA ILE U 134 -15.12 25.37 37.30
C ILE U 134 -15.06 25.18 38.81
N GLU U 135 -13.99 25.68 39.44
CA GLU U 135 -13.85 25.59 40.89
C GLU U 135 -15.04 26.24 41.60
N ILE U 136 -15.50 27.38 41.08
CA ILE U 136 -16.64 28.08 41.68
C ILE U 136 -17.88 27.22 41.62
N HIS U 137 -18.21 26.72 40.42
CA HIS U 137 -19.40 25.88 40.28
C HIS U 137 -19.23 24.58 41.06
N ALA U 138 -18.00 24.06 41.13
CA ALA U 138 -17.76 22.84 41.90
C ALA U 138 -18.07 23.06 43.38
N ARG U 139 -17.73 24.23 43.91
CA ARG U 139 -18.01 24.52 45.30
C ARG U 139 -19.51 24.72 45.54
N GLU U 140 -20.19 25.41 44.62
CA GLU U 140 -21.62 25.64 44.78
C GLU U 140 -22.39 24.33 44.81
N ILE U 141 -22.16 23.46 43.82
CA ILE U 141 -22.86 22.18 43.80
C ILE U 141 -22.48 21.36 45.02
N LEU U 142 -21.22 21.46 45.47
CA LEU U 142 -20.80 20.74 46.66
C LEU U 142 -21.57 21.21 47.88
N LYS U 143 -21.76 22.53 48.03
CA LYS U 143 -22.48 23.05 49.17
C LYS U 143 -23.93 22.59 49.16
N VAL U 144 -24.55 22.53 47.97
CA VAL U 144 -25.94 22.06 47.87
C VAL U 144 -26.04 20.63 48.39
N LYS U 145 -25.04 19.80 48.10
CA LYS U 145 -25.04 18.43 48.58
C LYS U 145 -25.03 18.39 50.10
N GLY U 146 -24.15 19.19 50.72
CA GLY U 146 -24.11 19.24 52.16
C GLY U 146 -25.36 19.88 52.75
N ARG U 147 -25.84 20.94 52.12
CA ARG U 147 -27.03 21.64 52.61
C ARG U 147 -28.26 20.73 52.57
N MET U 148 -28.46 20.03 51.45
CA MET U 148 -29.62 19.15 51.34
C MET U 148 -29.57 18.02 52.36
N ASN U 149 -28.37 17.47 52.60
CA ASN U 149 -28.24 16.40 53.59
C ASN U 149 -28.66 16.86 54.97
N GLU U 150 -28.30 18.08 55.35
CA GLU U 150 -28.69 18.61 56.66
C GLU U 150 -30.20 18.69 56.79
N LEU U 151 -30.87 19.24 55.78
CA LEU U 151 -32.33 19.35 55.82
C LEU U 151 -32.98 17.99 55.81
N MET U 152 -32.49 17.07 54.97
CA MET U 152 -33.05 15.72 54.92
C MET U 152 -32.90 15.01 56.25
N ALA U 153 -31.72 15.13 56.87
CA ALA U 153 -31.50 14.50 58.17
C ALA U 153 -32.43 15.06 59.23
N LEU U 154 -32.70 16.37 59.18
CA LEU U 154 -33.57 17.00 60.15
C LEU U 154 -34.98 16.41 60.12
N HIS U 155 -35.58 16.33 58.92
CA HIS U 155 -36.93 15.79 58.81
C HIS U 155 -36.94 14.28 59.03
N THR U 156 -36.00 13.57 58.41
CA THR U 156 -35.94 12.12 58.57
C THR U 156 -35.53 11.73 59.98
N GLY U 157 -34.75 12.56 60.66
CA GLY U 157 -34.29 12.28 62.01
C GLY U 157 -33.07 11.37 62.10
N GLN U 158 -32.52 10.95 60.97
CA GLN U 158 -31.35 10.09 60.94
C GLN U 158 -30.08 10.94 61.03
N SER U 159 -28.96 10.28 61.32
CA SER U 159 -27.69 10.99 61.44
C SER U 159 -27.27 11.53 60.08
N LEU U 160 -26.51 12.64 60.11
CA LEU U 160 -26.04 13.27 58.89
C LEU U 160 -25.16 12.33 58.08
N GLU U 161 -24.28 11.59 58.75
CA GLU U 161 -23.38 10.67 58.04
C GLU U 161 -24.16 9.61 57.28
N GLN U 162 -25.22 9.07 57.87
CA GLN U 162 -26.03 8.07 57.19
C GLN U 162 -26.60 8.63 55.89
N ILE U 163 -27.08 9.87 55.93
CA ILE U 163 -27.63 10.50 54.73
C ILE U 163 -26.56 10.64 53.66
N GLU U 164 -25.34 11.06 54.07
CA GLU U 164 -24.26 11.24 53.12
C GLU U 164 -23.87 9.94 52.44
N ARG U 165 -23.79 8.85 53.21
CA ARG U 165 -23.42 7.56 52.65
C ARG U 165 -24.45 7.09 51.62
N ASP U 166 -25.74 7.23 51.93
CA ASP U 166 -26.78 6.78 51.02
C ASP U 166 -26.98 7.74 49.84
N THR U 167 -26.82 9.04 50.06
CA THR U 167 -27.00 9.99 48.97
C THR U 167 -25.87 9.99 47.95
N GLU U 168 -24.74 9.35 48.25
CA GLU U 168 -23.63 9.32 47.29
C GLU U 168 -24.07 8.67 45.97
N ARG U 169 -24.88 7.62 46.05
CA ARG U 169 -25.40 6.92 44.89
C ARG U 169 -26.92 6.84 45.03
N ASP U 170 -27.58 6.51 43.91
CA ASP U 170 -29.04 6.40 43.93
C ASP U 170 -29.47 5.37 44.96
N ARG U 171 -30.46 5.73 45.79
CA ARG U 171 -31.01 4.87 46.82
C ARG U 171 -32.51 4.74 46.59
N PHE U 172 -32.96 3.52 46.30
CA PHE U 172 -34.36 3.24 46.06
C PHE U 172 -35.01 2.76 47.35
N LEU U 173 -36.03 3.49 47.80
CA LEU U 173 -36.76 3.17 49.03
C LEU U 173 -38.21 2.89 48.68
N SER U 174 -38.70 1.72 49.07
CA SER U 174 -40.08 1.33 48.84
C SER U 174 -41.01 2.00 49.84
N ALA U 175 -42.31 1.82 49.62
CA ALA U 175 -43.32 2.39 50.53
C ALA U 175 -43.11 1.97 51.98
N PRO U 176 -43.01 0.67 52.32
CA PRO U 176 -42.78 0.34 53.74
C PRO U 176 -41.42 0.78 54.24
N GLU U 177 -40.42 0.89 53.37
CA GLU U 177 -39.10 1.34 53.77
C GLU U 177 -39.06 2.84 54.07
N ALA U 178 -40.00 3.61 53.51
CA ALA U 178 -39.99 5.05 53.72
C ALA U 178 -40.33 5.42 55.16
N VAL U 179 -41.31 4.73 55.76
CA VAL U 179 -41.67 5.04 57.15
C VAL U 179 -40.49 4.77 58.08
N GLU U 180 -39.76 3.68 57.85
CA GLU U 180 -38.61 3.37 58.68
C GLU U 180 -37.52 4.43 58.57
N TYR U 181 -37.39 5.03 57.38
CA TYR U 181 -36.37 6.05 57.15
C TYR U 181 -36.76 7.44 57.66
N GLY U 182 -38.00 7.63 58.09
CA GLY U 182 -38.44 8.93 58.57
C GLY U 182 -38.89 9.90 57.51
N LEU U 183 -38.99 9.45 56.25
CA LEU U 183 -39.43 10.32 55.17
C LEU U 183 -40.92 10.62 55.25
N VAL U 184 -41.72 9.66 55.71
CA VAL U 184 -43.16 9.78 55.81
C VAL U 184 -43.59 9.38 57.22
N ASP U 185 -44.90 9.42 57.45
CA ASP U 185 -45.50 9.11 58.75
C ASP U 185 -46.37 7.87 58.72
N SER U 186 -47.13 7.65 57.66
CA SER U 186 -48.01 6.49 57.56
C SER U 186 -48.28 6.19 56.10
N ILE U 187 -48.80 4.98 55.86
CA ILE U 187 -49.12 4.50 54.52
C ILE U 187 -50.63 4.49 54.37
N LEU U 188 -51.11 5.06 53.27
CA LEU U 188 -52.54 5.14 52.97
C LEU U 188 -52.91 3.98 52.07
N THR U 189 -53.59 2.98 52.64
CA THR U 189 -54.03 1.78 51.94
C THR U 189 -55.49 1.88 51.52
N HIS U 190 -56.38 2.13 52.49
CA HIS U 190 -57.81 2.26 52.22
C HIS U 190 -58.32 3.45 53.01
N ARG U 191 -59.38 4.08 52.49
CA ARG U 191 -59.94 5.25 53.15
C ARG U 191 -60.58 4.83 54.48
N ASN U 192 -60.32 5.62 55.52
CA ASN U 192 -60.84 5.37 56.87
C ASN U 192 -60.50 3.96 57.34
PG ATP V . 38.34 -31.30 13.48
O1G ATP V . 37.03 -30.85 14.07
O2G ATP V . 38.30 -32.68 12.86
O3G ATP V . 39.05 -30.26 12.65
PB ATP V . 39.01 -32.65 15.84
O1B ATP V . 37.61 -32.44 16.40
O2B ATP V . 39.39 -33.97 15.22
O3B ATP V . 39.30 -31.49 14.77
PA ATP V . 40.22 -33.30 18.27
O1A ATP V . 40.78 -34.60 17.78
O2A ATP V . 38.93 -33.30 19.06
O3A ATP V . 40.06 -32.32 17.01
O5' ATP V . 41.34 -32.55 19.15
C5' ATP V . 42.32 -33.32 19.84
C4' ATP V . 42.84 -32.55 21.05
O4' ATP V . 41.75 -32.24 21.92
C3' ATP V . 43.86 -33.37 21.82
O3' ATP V . 45.04 -32.60 22.07
C2' ATP V . 43.17 -33.75 23.12
O2' ATP V . 44.00 -33.51 24.25
C1' ATP V . 41.91 -32.88 23.20
N9 ATP V . 40.70 -33.71 23.47
C8 ATP V . 39.59 -33.74 22.69
N7 ATP V . 38.67 -34.58 23.23
C5 ATP V . 39.18 -35.10 24.36
C6 ATP V . 38.71 -36.04 25.40
N6 ATP V . 37.49 -36.62 25.32
N1 ATP V . 39.56 -36.31 26.42
C2 ATP V . 40.78 -35.74 26.50
N3 ATP V . 41.25 -34.88 25.59
C4 ATP V . 40.51 -34.51 24.52
H5'1 ATP V . 43.15 -33.56 19.17
H5'2 ATP V . 41.87 -34.26 20.18
H4' ATP V . 43.32 -31.62 20.70
H3' ATP V . 44.10 -34.28 21.26
HO3' ATP V . 45.73 -33.18 22.42
H2' ATP V . 42.89 -34.81 23.06
HO2' ATP V . 44.71 -34.16 24.27
H1' ATP V . 42.04 -32.13 23.98
H8 ATP V . 39.46 -33.19 21.78
HN61 ATP V . 36.89 -36.40 24.54
HN62 ATP V . 37.19 -37.27 26.03
H2 ATP V . 41.41 -36.00 27.35
MG MG W . 41.25 -33.69 16.03
PG ATP X . 49.79 -6.44 9.43
O1G ATP X . 48.37 -5.92 9.49
O2G ATP X . 50.15 -7.42 10.51
O3G ATP X . 50.25 -6.85 8.05
PB ATP X . 50.99 -4.71 11.26
O1B ATP X . 49.70 -4.24 11.89
O2B ATP X . 51.79 -5.81 11.92
O3B ATP X . 50.69 -5.14 9.75
PA ATP X . 52.98 -3.04 12.27
O1A ATP X . 53.89 -4.22 12.52
O2A ATP X . 52.21 -2.44 13.42
O3A ATP X . 51.96 -3.44 11.09
O5' ATP X . 53.87 -1.89 11.58
C5' ATP X . 55.28 -1.87 11.80
C4' ATP X . 55.83 -0.47 11.58
O4' ATP X . 55.18 0.44 12.46
C3' ATP X . 57.31 -0.43 11.89
O3' ATP X . 58.03 0.26 10.85
C2' ATP X . 57.43 0.31 13.22
O2' ATP X . 58.44 1.31 13.17
C1' ATP X . 56.06 0.93 13.47
N9 ATP X . 55.52 0.55 14.81
C8 ATP X . 54.32 -0.01 15.02
N7 ATP X . 54.10 -0.22 16.34
C5 ATP X . 55.18 0.23 17.00
C6 ATP X . 55.60 0.33 18.42
N6 ATP X . 54.80 -0.13 19.41
N1 ATP X . 56.81 0.87 18.69
C2 ATP X . 57.62 1.32 17.71
N3 ATP X . 57.29 1.28 16.40
C4 ATP X . 56.11 0.76 16.00
H5'1 ATP X . 55.76 -2.57 11.14
H5'2 ATP X . 55.49 -2.18 12.84
H4' ATP X . 55.67 -0.18 10.54
H3' ATP X . 57.69 -1.45 12.01
HO3' ATP X . 58.97 0.13 10.97
H2' ATP X . 57.67 -0.44 13.99
HO2' ATP X . 59.32 0.90 13.14
H1' ATP X . 56.15 2.03 13.39
H8 ATP X . 53.61 -0.29 14.24
HN61 ATP X . 53.90 -0.54 19.19
HN62 ATP X . 55.09 -0.07 20.37
H2 ATP X . 58.57 1.75 17.98
MG MG Y . 53.35 -5.14 10.77
PG ATP Z . 45.18 7.77 -15.07
O1G ATP Z . 44.64 8.64 -13.96
O2G ATP Z . 46.44 7.03 -14.71
O3G ATP Z . 44.14 6.95 -15.77
PB ATP Z . 46.78 9.93 -15.83
O1B ATP Z . 46.15 11.01 -14.98
O2B ATP Z . 48.01 9.20 -15.34
O3B ATP Z . 45.66 8.84 -16.18
PA ATP Z . 48.43 11.45 -17.48
O1A ATP Z . 49.63 10.65 -17.01
O2A ATP Z . 48.20 12.83 -16.90
O3A ATP Z . 47.11 10.56 -17.27
O5' ATP Z . 48.51 11.57 -19.08
C5' ATP Z . 49.78 11.57 -19.73
C4' ATP Z . 49.68 12.24 -21.10
O4' ATP Z . 49.15 13.56 -20.93
C3' ATP Z . 51.04 12.35 -21.74
O3' ATP Z . 51.00 11.87 -23.09
C2' ATP Z . 51.38 13.83 -21.70
O2' ATP Z . 51.87 14.29 -22.97
C1' ATP Z . 50.10 14.56 -21.32
N9 ATP Z . 50.31 15.48 -20.18
C8 ATP Z . 49.62 15.45 -19.02
N7 ATP Z . 50.05 16.44 -18.19
C5 ATP Z . 51.02 17.11 -18.81
C6 ATP Z . 51.90 18.27 -18.48
N6 ATP Z . 51.80 18.90 -17.29
N1 ATP Z . 52.79 18.66 -19.42
C2 ATP Z . 52.90 18.04 -20.61
N3 ATP Z . 52.14 16.99 -20.97
C4 ATP Z . 51.19 16.49 -20.13
H5'1 ATP Z . 50.12 10.53 -19.85
H5'2 ATP Z . 50.50 12.09 -19.12
H4' ATP Z . 49.02 11.65 -21.74
H3' ATP Z . 51.77 11.79 -21.15
HO3' ATP Z . 51.90 11.78 -23.44
H2' ATP Z . 52.15 13.97 -20.92
HO2' ATP Z . 52.75 13.93 -23.12
H1' ATP Z . 49.74 15.11 -22.20
H8 ATP Z . 48.84 14.75 -18.78
HN61 ATP Z . 51.11 18.58 -16.61
HN62 ATP Z . 52.39 19.68 -17.07
H2 ATP Z . 53.63 18.40 -21.31
MG MG AA . 47.31 7.62 -16.50
PB ADP BA . 26.27 -1.24 -37.44
O1B ADP BA . 27.64 -0.71 -37.76
O2B ADP BA . 26.23 -2.31 -36.37
O3B ADP BA . 25.21 -0.17 -37.29
PA ADP BA . 26.90 -3.07 -39.44
O1A ADP BA . 28.10 -2.31 -39.92
O2A ADP BA . 27.07 -4.22 -38.48
O3A ADP BA . 25.86 -2.03 -38.80
O5' ADP BA . 26.10 -3.60 -40.73
C5' ADP BA . 26.80 -4.29 -41.76
C4' ADP BA . 25.86 -4.61 -42.92
O4' ADP BA . 25.10 -3.45 -43.24
C3' ADP BA . 26.62 -5.04 -44.16
O3' ADP BA . 26.14 -6.32 -44.61
C2' ADP BA . 26.42 -3.92 -45.18
O2' ADP BA . 26.05 -4.37 -46.49
C1' ADP BA . 25.30 -3.05 -44.60
N9 ADP BA . 25.62 -1.60 -44.63
C8 ADP BA . 25.43 -0.75 -43.60
N7 ADP BA . 25.81 0.51 -43.93
C5 ADP BA . 26.24 0.48 -45.20
C6 ADP BA . 26.78 1.46 -46.16
N6 ADP BA . 26.93 2.76 -45.81
N1 ADP BA . 27.12 1.02 -47.39
C2 ADP BA . 26.98 -0.27 -47.75
N3 ADP BA . 26.49 -1.21 -46.92
C4 ADP BA . 26.11 -0.91 -45.66
H5'1 ADP BA . 27.23 -5.23 -41.36
H5'2 ADP BA . 27.62 -3.67 -42.12
H4' ADP BA . 25.18 -5.42 -42.62
H3' ADP BA . 27.69 -5.11 -43.93
HO3' ADP BA . 26.67 -6.61 -45.37
H2' ADP BA . 27.36 -3.35 -45.23
HO2' ADP BA . 25.33 -5.01 -46.45
H1' ADP BA . 24.39 -3.24 -45.17
H8 ADP BA . 25.03 -1.03 -42.63
HN61 ADP BA . 26.67 3.07 -44.88
HN62 ADP BA . 27.30 3.43 -46.46
H2 ADP BA . 27.27 -0.56 -48.75
MG MG CA . 28.01 -3.02 -37.08
PB ADP DA . 11.14 -28.37 -30.98
O1B ADP DA . 12.50 -28.70 -30.42
O2B ADP DA . 10.02 -28.41 -29.96
O3B ADP DA . 11.12 -27.16 -31.88
PA ADP DA . 11.33 -31.08 -31.59
O1A ADP DA . 12.77 -31.18 -32.02
O2A ADP DA . 10.95 -31.39 -30.16
O3A ADP DA . 10.80 -29.60 -31.96
O5' ADP DA . 10.45 -32.03 -32.55
C5' ADP DA . 11.00 -33.25 -33.02
C4' ADP DA . 9.95 -34.36 -33.02
O4' ADP DA . 8.78 -33.96 -33.72
C3' ADP DA . 10.47 -35.63 -33.66
O3' ADP DA . 10.55 -36.68 -32.71
C2' ADP DA . 9.47 -35.96 -34.76
O2' ADP DA . 9.08 -37.34 -34.73
C1' ADP DA . 8.27 -35.05 -34.50
N9 ADP DA . 7.66 -34.53 -35.76
C8 ADP DA . 7.17 -33.30 -35.90
N7 ADP DA . 6.66 -33.12 -37.15
C5 ADP DA . 6.83 -34.26 -37.82
C6 ADP DA . 6.52 -34.76 -39.18
N6 ADP DA . 5.93 -33.96 -40.10
N1 ADP DA . 6.87 -36.04 -39.48
C2 ADP DA . 7.45 -36.84 -38.59
N3 ADP DA . 7.76 -36.45 -37.33
C4 ADP DA . 7.48 -35.20 -36.90
H5'1 ADP DA . 11.85 -33.55 -32.38
H5'2 ADP DA . 11.39 -33.12 -34.03
H4' ADP DA . 9.70 -34.58 -31.97
H3' ADP DA . 11.45 -35.44 -34.11
HO3' ADP DA . 11.03 -37.44 -33.09
H2' ADP DA . 9.93 -35.72 -35.72
HO2' ADP DA . 9.81 -37.89 -35.03
H1' ADP DA . 7.53 -35.61 -33.92
H8 ADP DA . 7.18 -32.54 -35.12
HN61 ADP DA . 5.73 -34.31 -41.02
HN62 ADP DA . 5.68 -33.01 -39.85
H2 ADP DA . 7.71 -37.86 -38.88
PB ADP EA . 22.50 -50.06 -8.19
O1B ADP EA . 21.48 -50.54 -9.18
O2B ADP EA . 23.88 -49.85 -8.76
O3B ADP EA . 22.02 -48.95 -7.28
PA ADP EA . 23.22 -52.73 -7.76
O1A ADP EA . 22.16 -53.29 -8.67
O2A ADP EA . 24.62 -52.52 -8.30
O3A ADP EA . 22.68 -51.31 -7.20
O5' ADP EA . 23.31 -53.64 -6.46
C5' ADP EA . 23.82 -54.97 -6.55
C4' ADP EA . 23.53 -55.75 -5.27
O4' ADP EA . 22.16 -55.58 -4.90
C3' ADP EA . 23.77 -57.24 -5.46
O3' ADP EA . 24.72 -57.71 -4.49
C2' ADP EA . 22.42 -57.90 -5.29
O2' ADP EA . 22.51 -59.05 -4.42
C1' ADP EA . 21.52 -56.84 -4.68
N9 ADP EA . 20.17 -56.82 -5.31
C8 ADP EA . 19.54 -55.72 -5.74
N7 ADP EA . 18.33 -56.02 -6.26
C5 ADP EA . 18.16 -57.35 -6.15
C6 ADP EA . 17.10 -58.33 -6.51
N6 ADP EA . 15.96 -57.91 -7.09
N1 ADP EA . 17.32 -59.63 -6.23
C2 ADP EA . 18.46 -60.05 -5.64
N3 ADP EA . 19.47 -59.22 -5.30
C4 ADP EA . 19.37 -57.87 -5.52
H5'1 ADP EA . 24.89 -54.94 -6.73
H5'2 ADP EA . 23.35 -55.47 -7.41
H4' ADP EA . 24.19 -55.37 -4.48
H3' ADP EA . 24.15 -57.43 -6.48
HO3' ADP EA . 25.01 -58.60 -4.71
H2' ADP EA . 22.06 -58.20 -6.27
HO2' ADP EA . 22.99 -59.76 -4.88
H1' ADP EA . 21.42 -57.03 -3.60
H8 ADP EA . 19.94 -54.71 -5.69
HN61 ADP EA . 15.81 -56.93 -7.29
HN62 ADP EA . 15.24 -58.59 -7.33
H2 ADP EA . 18.58 -61.10 -5.45
N1 MTX FA . 65.99 -45.38 -25.58
C2 MTX FA . 64.84 -44.71 -25.22
NA2 MTX FA . 63.86 -45.35 -24.61
N3 MTX FA . 64.72 -43.36 -25.52
C4 MTX FA . 65.74 -42.68 -26.15
NA4 MTX FA . 65.77 -41.35 -26.04
C4A MTX FA . 66.90 -43.37 -26.51
N5 MTX FA . 67.92 -42.71 -27.15
C6 MTX FA . 69.08 -43.38 -27.51
C7 MTX FA . 69.20 -44.74 -27.20
N8 MTX FA . 68.17 -45.40 -26.56
C8A MTX FA . 67.02 -44.72 -26.21
C9 MTX FA . 70.18 -42.60 -28.21
N10 MTX FA . 71.16 -43.42 -28.92
CM MTX FA . 72.58 -43.07 -28.70
C11 MTX FA . 70.05 -45.82 -32.21
C12 MTX FA . 71.18 -46.13 -31.48
C13 MTX FA . 71.54 -45.34 -30.39
C14 MTX FA . 70.78 -44.23 -30.04
C15 MTX FA . 69.64 -43.93 -30.80
C16 MTX FA . 69.41 -44.61 -31.98
C MTX FA . 69.67 -46.69 -33.39
O MTX FA . 70.70 -47.28 -34.15
N MTX FA . 68.37 -46.85 -33.67
CA MTX FA . 67.90 -47.91 -34.55
CT MTX FA . 67.37 -47.35 -35.84
O1 MTX FA . 66.98 -46.18 -35.92
O2 MTX FA . 67.33 -48.08 -36.86
CB MTX FA . 66.79 -48.69 -33.85
CG MTX FA . 67.24 -50.09 -33.44
CD MTX FA . 67.27 -51.00 -34.65
OE1 MTX FA . 66.21 -51.47 -35.12
OE2 MTX FA . 68.36 -51.29 -35.19
HN21 MTX FA . 63.01 -44.84 -24.36
HN22 MTX FA . 63.99 -46.30 -24.30
HN41 MTX FA . 66.59 -40.84 -26.34
HN42 MTX FA . 65.10 -40.89 -25.43
H7 MTX FA . 70.02 -45.31 -27.62
H91 MTX FA . 70.69 -42.03 -27.43
H92 MTX FA . 69.73 -41.88 -28.88
HM1 MTX FA . 73.20 -43.34 -29.54
HM2 MTX FA . 72.94 -43.58 -27.80
HM3 MTX FA . 72.67 -41.98 -28.55
H12 MTX FA . 71.71 -47.07 -31.67
H13 MTX FA . 72.39 -45.62 -29.77
H15 MTX FA . 68.87 -43.29 -30.39
H16 MTX FA . 68.84 -44.14 -32.78
HN MTX FA . 67.68 -46.28 -33.20
HA MTX FA . 68.71 -48.59 -34.77
HB1 MTX FA . 65.93 -48.78 -34.52
HB2 MTX FA . 66.46 -48.15 -32.97
HG1 MTX FA . 66.55 -50.49 -32.70
HG2 MTX FA . 68.23 -50.03 -32.99
#